data_2JER
#
_entry.id   2JER
#
_cell.length_a   107.727
_cell.length_b   130.165
_cell.length_c   126.726
_cell.angle_alpha   90.00
_cell.angle_beta   93.61
_cell.angle_gamma   90.00
#
_symmetry.space_group_name_H-M   'P 1 21 1'
#
loop_
_entity.id
_entity.type
_entity.pdbx_description
1 polymer 'AGMATINE DEIMINASE'
2 water water
#
_entity_poly.entity_id   1
_entity_poly.type   'polypeptide(L)'
_entity_poly.pdbx_seq_one_letter_code
;MAKRIVGSTPKQDGFRMPGEFEPQEKVWMIWPERPDNWRDGGKPVQEAFTNVAKAISQFTPMNVVVSQQQFQNCRRQLPP
EITVYEMSNNDAWVRDCGPSFVINDHGEIRGVDWTFNAWGGLVDGLYFPWDQDDLVAQKICEIEHVDSYRTDDFVLEGGS
FHVDGQGTVLTTEMCLLSEGRNPQLSKEAIEQKLCDYLNVEKVLWLGDGIDPEETNGHVDDVACFIAPGEVACIYTEDQN
SPFYEAAQDAYQRLLKMTDAKGRQLKVHKLCCPVKNVTIKGSFKIDFVEGTMPREDGDICIASYMNFLITNDGVIVPQYG
DENDRLALEQVQTMFPDKKIVGVNTVEVVYGGGNIH(AGT)ITQQEPKRVGGKQNSSSVDKLAAALEHHHHHH
;
_entity_poly.pdbx_strand_id   A,B,C,D,E,F,G,H
#
# COMPACT_ATOMS: atom_id res chain seq x y z
N ALA A 2 10.06 -9.89 -39.49
CA ALA A 2 10.58 -8.89 -40.46
C ALA A 2 11.68 -9.49 -41.35
N LYS A 3 12.15 -8.69 -42.30
CA LYS A 3 13.05 -9.12 -43.38
C LYS A 3 14.41 -8.42 -43.26
N ARG A 4 15.49 -9.09 -43.63
CA ARG A 4 16.74 -8.38 -43.93
C ARG A 4 16.63 -7.82 -45.34
N ILE A 5 17.12 -6.59 -45.49
CA ILE A 5 17.21 -5.94 -46.79
C ILE A 5 18.60 -6.28 -47.32
N VAL A 6 18.68 -6.96 -48.46
CA VAL A 6 19.99 -7.39 -48.99
C VAL A 6 20.22 -6.77 -50.36
N GLY A 7 21.48 -6.37 -50.61
CA GLY A 7 21.85 -5.88 -51.93
C GLY A 7 21.62 -4.40 -52.17
N SER A 8 21.17 -3.68 -51.15
CA SER A 8 21.05 -2.23 -51.25
C SER A 8 21.45 -1.59 -49.94
N THR A 9 21.68 -0.28 -49.98
CA THR A 9 22.00 0.48 -48.74
C THR A 9 20.87 1.45 -48.45
N PRO A 10 20.79 1.95 -47.19
CA PRO A 10 19.88 3.05 -46.85
C PRO A 10 19.94 4.19 -47.88
N LYS A 11 21.13 4.63 -48.24
CA LYS A 11 21.25 5.74 -49.17
C LYS A 11 20.58 5.40 -50.53
N GLN A 12 20.84 4.20 -51.03
CA GLN A 12 20.25 3.84 -52.35
C GLN A 12 18.73 3.77 -52.25
N ASP A 13 18.25 3.36 -51.07
CA ASP A 13 16.82 3.08 -50.86
C ASP A 13 16.02 4.32 -50.40
N GLY A 14 16.73 5.43 -50.20
CA GLY A 14 16.07 6.69 -49.80
C GLY A 14 15.79 6.83 -48.31
N PHE A 15 16.54 6.11 -47.48
CA PHE A 15 16.40 6.18 -46.01
C PHE A 15 17.58 6.93 -45.42
N ARG A 16 17.35 7.68 -44.35
CA ARG A 16 18.41 8.47 -43.70
C ARG A 16 18.26 8.32 -42.21
N MET A 17 19.37 8.39 -41.48
CA MET A 17 19.22 8.50 -40.03
C MET A 17 18.87 9.96 -39.66
N PRO A 18 17.73 10.15 -39.00
CA PRO A 18 17.35 11.53 -38.64
C PRO A 18 18.14 12.01 -37.38
N GLY A 19 18.25 13.33 -37.18
CA GLY A 19 18.89 13.83 -35.97
C GLY A 19 18.14 13.33 -34.73
N GLU A 20 18.84 13.27 -33.61
CA GLU A 20 18.26 12.82 -32.37
C GLU A 20 17.22 13.85 -31.88
N PHE A 21 17.32 15.08 -32.38
CA PHE A 21 16.40 16.17 -32.05
C PHE A 21 15.15 16.15 -32.94
N GLU A 22 15.04 15.18 -33.85
CA GLU A 22 13.81 15.03 -34.63
C GLU A 22 12.81 14.15 -33.85
N PRO A 23 11.51 14.24 -34.19
CA PRO A 23 10.50 13.55 -33.34
C PRO A 23 10.71 12.05 -33.19
N GLN A 24 10.46 11.57 -31.96
CA GLN A 24 10.67 10.16 -31.61
C GLN A 24 9.38 9.46 -31.21
N GLU A 25 9.27 8.20 -31.64
CA GLU A 25 8.11 7.38 -31.34
C GLU A 25 8.28 6.74 -29.97
N LYS A 26 9.50 6.31 -29.68
CA LYS A 26 9.77 5.59 -28.43
C LYS A 26 11.27 5.51 -28.19
N VAL A 27 11.65 5.16 -26.96
CA VAL A 27 13.06 4.99 -26.59
C VAL A 27 13.26 3.61 -25.94
N TRP A 28 14.44 3.04 -26.16
CA TRP A 28 14.85 1.68 -25.70
C TRP A 28 15.98 1.77 -24.73
N MET A 29 16.06 0.73 -23.89
CA MET A 29 17.08 0.62 -22.86
C MET A 29 17.22 -0.85 -22.48
N ILE A 30 18.44 -1.27 -22.14
CA ILE A 30 18.65 -2.63 -21.58
C ILE A 30 18.81 -2.55 -20.06
N TRP A 31 18.24 -3.54 -19.34
CA TRP A 31 18.40 -3.57 -17.87
C TRP A 31 19.78 -4.11 -17.45
N PRO A 32 20.49 -3.38 -16.56
CA PRO A 32 21.87 -3.73 -16.21
C PRO A 32 21.94 -4.70 -15.03
N GLU A 33 22.98 -5.51 -15.00
CA GLU A 33 23.12 -6.52 -13.92
C GLU A 33 24.50 -7.15 -13.75
N ARG A 34 25.32 -7.20 -14.81
CA ARG A 34 26.52 -8.09 -14.70
C ARG A 34 27.49 -7.65 -13.57
N PRO A 35 27.82 -8.55 -12.64
CA PRO A 35 28.52 -8.17 -11.44
C PRO A 35 30.01 -7.92 -11.60
N ASP A 36 30.53 -8.17 -12.80
CA ASP A 36 31.95 -7.86 -13.11
C ASP A 36 32.06 -6.48 -13.78
N ASN A 37 30.93 -5.78 -13.88
CA ASN A 37 30.98 -4.35 -14.23
C ASN A 37 30.31 -3.56 -13.10
N TRP A 38 29.10 -3.96 -12.75
CA TRP A 38 28.24 -3.19 -11.86
C TRP A 38 28.38 -3.65 -10.42
N ARG A 39 28.68 -2.70 -9.52
CA ARG A 39 28.89 -3.04 -8.10
C ARG A 39 27.57 -3.53 -7.46
N ASP A 40 27.71 -4.33 -6.39
CA ASP A 40 26.53 -4.82 -5.67
C ASP A 40 25.51 -5.55 -6.58
N GLY A 41 26.00 -6.34 -7.51
CA GLY A 41 25.13 -7.13 -8.40
C GLY A 41 24.19 -6.25 -9.20
N GLY A 42 24.59 -4.99 -9.39
CA GLY A 42 23.78 -4.05 -10.15
C GLY A 42 22.65 -3.35 -9.39
N LYS A 43 22.55 -3.53 -8.07
CA LYS A 43 21.41 -2.89 -7.39
C LYS A 43 21.43 -1.34 -7.50
N PRO A 44 22.57 -0.69 -7.17
CA PRO A 44 22.61 0.79 -7.29
C PRO A 44 22.34 1.26 -8.74
N VAL A 45 22.98 0.61 -9.72
CA VAL A 45 22.79 1.04 -11.13
C VAL A 45 21.36 0.78 -11.61
N GLN A 46 20.73 -0.30 -11.13
CA GLN A 46 19.33 -0.53 -11.51
C GLN A 46 18.43 0.61 -11.08
N GLU A 47 18.64 1.17 -9.89
CA GLU A 47 17.89 2.34 -9.44
C GLU A 47 18.14 3.53 -10.39
N ALA A 48 19.41 3.73 -10.79
CA ALA A 48 19.74 4.84 -11.71
C ALA A 48 19.06 4.67 -13.09
N PHE A 49 19.14 3.46 -13.67
CA PHE A 49 18.49 3.20 -14.97
C PHE A 49 16.98 3.41 -14.83
N THR A 50 16.41 2.98 -13.71
CA THR A 50 14.97 3.19 -13.47
C THR A 50 14.65 4.67 -13.48
N ASN A 51 15.47 5.48 -12.78
CA ASN A 51 15.25 6.92 -12.77
C ASN A 51 15.37 7.56 -14.16
N VAL A 52 16.34 7.10 -14.96
CA VAL A 52 16.51 7.60 -16.32
C VAL A 52 15.30 7.22 -17.17
N ALA A 53 14.86 5.98 -17.06
CA ALA A 53 13.70 5.50 -17.83
C ALA A 53 12.44 6.29 -17.44
N LYS A 54 12.24 6.48 -16.12
CA LYS A 54 11.12 7.29 -15.62
C LYS A 54 11.13 8.71 -16.21
N ALA A 55 12.31 9.33 -16.24
CA ALA A 55 12.42 10.72 -16.71
C ALA A 55 12.07 10.76 -18.19
N ILE A 56 12.57 9.79 -18.95
CA ILE A 56 12.33 9.78 -20.39
C ILE A 56 10.82 9.64 -20.68
N SER A 57 10.18 8.76 -19.91
CA SER A 57 8.78 8.42 -20.13
C SER A 57 7.84 9.63 -20.04
N GLN A 58 8.27 10.71 -19.39
CA GLN A 58 7.41 11.90 -19.32
C GLN A 58 7.31 12.57 -20.68
N PHE A 59 8.30 12.31 -21.55
CA PHE A 59 8.38 12.93 -22.88
C PHE A 59 8.02 11.98 -24.02
N THR A 60 8.38 10.71 -23.84
CA THR A 60 8.44 9.75 -24.94
C THR A 60 8.23 8.36 -24.38
N PRO A 61 7.36 7.56 -25.01
CA PRO A 61 7.13 6.20 -24.51
C PRO A 61 8.45 5.43 -24.38
N MET A 62 8.58 4.69 -23.29
CA MET A 62 9.85 4.10 -22.89
C MET A 62 9.72 2.55 -22.80
N ASN A 63 10.82 1.89 -23.10
CA ASN A 63 10.86 0.43 -23.20
C ASN A 63 12.16 -0.09 -22.64
N VAL A 64 12.06 -1.13 -21.84
CA VAL A 64 13.25 -1.75 -21.26
C VAL A 64 13.27 -3.24 -21.61
N VAL A 65 14.44 -3.73 -22.02
CA VAL A 65 14.58 -5.16 -22.32
C VAL A 65 15.50 -5.78 -21.27
N VAL A 66 15.23 -7.03 -20.94
CA VAL A 66 15.86 -7.60 -19.75
C VAL A 66 16.06 -9.13 -19.83
N SER A 67 17.11 -9.62 -19.16
CA SER A 67 17.40 -11.06 -19.11
C SER A 67 16.26 -11.89 -18.51
N GLN A 68 16.29 -13.19 -18.78
CA GLN A 68 15.38 -14.14 -18.13
C GLN A 68 15.34 -13.93 -16.61
N GLN A 69 16.52 -13.89 -15.99
CA GLN A 69 16.57 -13.90 -14.52
C GLN A 69 16.01 -12.61 -13.94
N GLN A 70 16.30 -11.48 -14.59
CA GLN A 70 15.91 -10.16 -14.04
C GLN A 70 14.53 -9.69 -14.46
N PHE A 71 13.86 -10.45 -15.34
CA PHE A 71 12.57 -9.98 -15.86
C PHE A 71 11.59 -9.60 -14.76
N GLN A 72 11.35 -10.51 -13.81
CA GLN A 72 10.31 -10.19 -12.81
C GLN A 72 10.67 -8.99 -11.92
N ASN A 73 11.93 -8.91 -11.50
CA ASN A 73 12.39 -7.76 -10.72
C ASN A 73 12.27 -6.46 -11.50
N CYS A 74 12.73 -6.50 -12.76
CA CYS A 74 12.65 -5.36 -13.66
C CYS A 74 11.20 -4.84 -13.83
N ARG A 75 10.27 -5.75 -14.14
CA ARG A 75 8.88 -5.38 -14.30
C ARG A 75 8.31 -4.77 -12.99
N ARG A 76 8.75 -5.26 -11.83
CA ARG A 76 8.28 -4.72 -10.54
C ARG A 76 8.84 -3.32 -10.30
N GLN A 77 10.12 -3.11 -10.62
CA GLN A 77 10.75 -1.82 -10.36
C GLN A 77 10.25 -0.69 -11.24
N LEU A 78 9.97 -1.00 -12.50
CA LEU A 78 9.56 0.02 -13.47
C LEU A 78 8.04 0.26 -13.43
N PRO A 79 7.61 1.52 -13.54
CA PRO A 79 6.17 1.80 -13.57
C PRO A 79 5.53 1.21 -14.81
N PRO A 80 4.24 0.91 -14.76
CA PRO A 80 3.57 0.11 -15.82
C PRO A 80 3.55 0.73 -17.20
N GLU A 81 3.68 2.05 -17.29
CA GLU A 81 3.70 2.73 -18.60
C GLU A 81 4.98 2.39 -19.37
N ILE A 82 5.98 1.87 -18.66
CA ILE A 82 7.24 1.48 -19.32
C ILE A 82 7.07 0.02 -19.69
N THR A 83 7.14 -0.29 -20.98
CA THR A 83 6.93 -1.67 -21.47
C THR A 83 8.21 -2.47 -21.24
N VAL A 84 8.06 -3.72 -20.81
CA VAL A 84 9.23 -4.57 -20.52
C VAL A 84 9.19 -5.85 -21.36
N TYR A 85 10.31 -6.13 -22.04
CA TYR A 85 10.48 -7.30 -22.89
C TYR A 85 11.62 -8.16 -22.37
N GLU A 86 11.47 -9.49 -22.44
CA GLU A 86 12.65 -10.34 -22.20
C GLU A 86 13.58 -10.25 -23.41
N MET A 87 14.88 -10.11 -23.16
CA MET A 87 15.86 -10.11 -24.24
C MET A 87 17.21 -10.41 -23.66
N SER A 88 17.83 -11.47 -24.15
CA SER A 88 19.18 -11.82 -23.69
C SER A 88 20.15 -10.72 -24.08
N ASN A 89 21.18 -10.56 -23.26
CA ASN A 89 22.16 -9.50 -23.52
C ASN A 89 23.38 -9.83 -22.70
N ASN A 90 24.51 -9.22 -23.05
CA ASN A 90 25.74 -9.38 -22.26
C ASN A 90 26.02 -8.17 -21.36
N ASP A 91 25.67 -6.97 -21.81
CA ASP A 91 25.65 -5.80 -20.90
C ASP A 91 24.61 -4.81 -21.41
N ALA A 92 24.51 -3.66 -20.77
CA ALA A 92 23.31 -2.84 -20.88
C ALA A 92 23.51 -1.49 -21.61
N TRP A 93 24.06 -1.54 -22.83
CA TRP A 93 24.50 -0.29 -23.51
C TRP A 93 23.82 -0.23 -24.87
N VAL A 94 22.51 -0.02 -24.86
CA VAL A 94 21.75 -0.14 -26.09
C VAL A 94 22.04 0.98 -27.14
N ARG A 95 22.64 2.10 -26.72
CA ARG A 95 23.08 3.09 -27.69
C ARG A 95 24.05 2.44 -28.68
N ASP A 96 24.78 1.43 -28.19
CA ASP A 96 25.95 0.90 -28.89
C ASP A 96 25.70 -0.42 -29.55
N CYS A 97 24.87 -1.28 -28.93
CA CYS A 97 24.51 -2.55 -29.59
C CYS A 97 23.08 -2.51 -30.15
N GLY A 98 22.36 -1.41 -29.93
CA GLY A 98 21.01 -1.30 -30.47
C GLY A 98 21.03 -1.04 -31.98
N PRO A 99 19.84 -1.06 -32.63
CA PRO A 99 19.75 -0.73 -34.04
C PRO A 99 19.85 0.78 -34.17
N SER A 100 20.39 1.27 -35.29
CA SER A 100 20.30 2.71 -35.60
C SER A 100 19.19 2.86 -36.64
N PHE A 101 18.08 3.49 -36.24
CA PHE A 101 16.92 3.57 -37.14
C PHE A 101 17.09 4.65 -38.20
N VAL A 102 16.61 4.32 -39.40
CA VAL A 102 16.58 5.22 -40.53
C VAL A 102 15.15 5.32 -41.10
N ILE A 103 14.82 6.48 -41.63
CA ILE A 103 13.48 6.73 -42.15
C ILE A 103 13.52 7.30 -43.56
N ASN A 104 12.42 7.12 -44.29
CA ASN A 104 12.37 7.72 -45.61
C ASN A 104 11.34 8.84 -45.59
N ASP A 105 11.04 9.44 -46.73
CA ASP A 105 10.04 10.54 -46.72
C ASP A 105 8.57 10.13 -46.88
N HIS A 106 8.26 8.87 -46.59
CA HIS A 106 7.02 8.26 -47.07
C HIS A 106 6.42 7.34 -46.03
N GLY A 107 6.73 7.61 -44.76
CA GLY A 107 6.12 6.90 -43.64
C GLY A 107 6.75 5.57 -43.28
N GLU A 108 7.91 5.26 -43.85
CA GLU A 108 8.59 3.98 -43.53
C GLU A 108 9.83 4.17 -42.67
N ILE A 109 10.20 3.11 -41.98
CA ILE A 109 11.34 3.08 -41.07
C ILE A 109 12.01 1.71 -41.21
N ARG A 110 13.34 1.73 -41.23
CA ARG A 110 14.14 0.51 -41.24
C ARG A 110 15.22 0.63 -40.15
N GLY A 111 15.93 -0.46 -39.84
CA GLY A 111 16.98 -0.43 -38.85
C GLY A 111 18.29 -0.81 -39.49
N VAL A 112 19.37 -0.16 -39.04
CA VAL A 112 20.69 -0.58 -39.43
C VAL A 112 21.23 -1.37 -38.25
N ASP A 113 21.67 -2.59 -38.57
CA ASP A 113 22.15 -3.56 -37.57
C ASP A 113 23.65 -3.68 -37.83
N TRP A 114 24.43 -2.91 -37.07
CA TRP A 114 25.90 -2.93 -37.28
C TRP A 114 26.49 -4.17 -36.63
N THR A 115 27.70 -4.56 -37.02
CA THR A 115 28.32 -5.62 -36.24
C THR A 115 28.79 -5.04 -34.91
N PHE A 116 28.39 -5.66 -33.79
CA PHE A 116 28.86 -5.23 -32.46
C PHE A 116 29.94 -6.17 -31.94
N ASN A 117 30.98 -5.61 -31.31
CA ASN A 117 32.05 -6.44 -30.74
C ASN A 117 32.54 -5.99 -29.36
N ALA A 118 31.66 -5.38 -28.56
CA ALA A 118 32.01 -4.94 -27.20
C ALA A 118 33.22 -3.98 -27.22
N TRP A 119 33.17 -3.01 -28.15
CA TRP A 119 34.16 -1.89 -28.15
C TRP A 119 35.61 -2.40 -28.30
N GLY A 120 35.84 -3.28 -29.27
CA GLY A 120 37.19 -3.64 -29.67
C GLY A 120 37.43 -5.14 -29.72
N GLY A 121 36.38 -5.94 -29.48
CA GLY A 121 36.48 -7.39 -29.66
C GLY A 121 37.61 -8.03 -28.85
N LEU A 122 38.34 -8.91 -29.50
CA LEU A 122 39.43 -9.60 -28.79
C LEU A 122 40.74 -8.78 -28.75
N VAL A 123 40.75 -7.67 -29.45
CA VAL A 123 41.91 -6.76 -29.39
C VAL A 123 41.89 -5.95 -28.08
N ASP A 124 40.81 -5.19 -27.88
CA ASP A 124 40.71 -4.34 -26.67
C ASP A 124 39.28 -4.15 -26.18
N GLY A 125 38.41 -5.11 -26.51
CA GLY A 125 37.00 -5.09 -26.04
C GLY A 125 36.88 -5.23 -24.52
N LEU A 126 35.67 -4.92 -24.01
CA LEU A 126 35.43 -4.70 -22.59
C LEU A 126 34.96 -5.92 -21.81
N TYR A 127 34.63 -6.98 -22.56
CA TYR A 127 34.25 -8.30 -22.01
C TYR A 127 34.13 -9.29 -23.18
N PHE A 128 34.00 -10.56 -22.85
CA PHE A 128 33.86 -11.61 -23.83
C PHE A 128 32.98 -12.69 -23.23
N PRO A 129 31.94 -13.14 -23.93
CA PRO A 129 31.54 -12.77 -25.30
C PRO A 129 30.45 -11.69 -25.39
N TRP A 130 30.06 -11.39 -26.62
CA TRP A 130 29.10 -10.31 -26.88
C TRP A 130 28.05 -10.82 -27.87
N ASP A 131 27.93 -12.13 -27.96
CA ASP A 131 27.00 -12.74 -28.94
C ASP A 131 25.54 -12.36 -28.73
N GLN A 132 25.13 -12.23 -27.47
CA GLN A 132 23.73 -11.86 -27.21
C GLN A 132 23.53 -10.36 -27.44
N ASP A 133 24.48 -9.53 -27.03
CA ASP A 133 24.43 -8.11 -27.37
C ASP A 133 24.23 -7.93 -28.88
N ASP A 134 24.94 -8.73 -29.66
CA ASP A 134 24.93 -8.52 -31.12
C ASP A 134 23.59 -8.89 -31.78
N LEU A 135 22.73 -9.61 -31.03
CA LEU A 135 21.35 -9.92 -31.50
C LEU A 135 20.28 -8.91 -31.09
N VAL A 136 20.63 -7.97 -30.22
CA VAL A 136 19.64 -7.00 -29.72
C VAL A 136 19.04 -6.18 -30.84
N ALA A 137 19.87 -5.76 -31.80
CA ALA A 137 19.39 -4.88 -32.87
C ALA A 137 18.29 -5.60 -33.65
N GLN A 138 18.56 -6.85 -34.03
CA GLN A 138 17.54 -7.59 -34.78
C GLN A 138 16.27 -7.86 -33.97
N LYS A 139 16.43 -8.19 -32.67
CA LYS A 139 15.23 -8.49 -31.87
C LYS A 139 14.35 -7.24 -31.67
N ILE A 140 14.98 -6.09 -31.46
CA ILE A 140 14.21 -4.84 -31.38
C ILE A 140 13.51 -4.54 -32.71
N CYS A 141 14.22 -4.72 -33.83
CA CYS A 141 13.59 -4.54 -35.12
C CYS A 141 12.39 -5.49 -35.27
N GLU A 142 12.54 -6.76 -34.86
CA GLU A 142 11.40 -7.70 -34.94
C GLU A 142 10.20 -7.18 -34.15
N ILE A 143 10.44 -6.76 -32.90
CA ILE A 143 9.35 -6.22 -32.07
C ILE A 143 8.61 -5.13 -32.81
N GLU A 144 9.36 -4.27 -33.50
CA GLU A 144 8.79 -3.10 -34.21
C GLU A 144 8.27 -3.42 -35.64
N HIS A 145 8.39 -4.69 -36.03
CA HIS A 145 8.05 -5.13 -37.39
C HIS A 145 8.86 -4.33 -38.41
N VAL A 146 10.13 -4.08 -38.10
CA VAL A 146 10.97 -3.29 -39.01
C VAL A 146 12.05 -4.12 -39.68
N ASP A 147 12.14 -3.93 -40.99
CA ASP A 147 13.16 -4.58 -41.81
C ASP A 147 14.49 -3.93 -41.56
N SER A 148 15.59 -4.69 -41.70
CA SER A 148 16.90 -4.18 -41.29
C SER A 148 18.01 -4.50 -42.30
N TYR A 149 19.02 -3.62 -42.31
CA TYR A 149 20.25 -3.84 -43.06
C TYR A 149 21.28 -4.34 -42.05
N ARG A 150 21.94 -5.47 -42.34
CA ARG A 150 23.01 -5.96 -41.51
C ARG A 150 24.34 -5.60 -42.17
N THR A 151 25.24 -4.95 -41.44
CA THR A 151 26.53 -4.57 -42.02
C THR A 151 27.59 -5.65 -41.76
N ASP A 152 27.58 -6.65 -42.64
CA ASP A 152 28.49 -7.78 -42.53
C ASP A 152 29.92 -7.27 -42.47
N ASP A 153 30.65 -7.80 -41.50
CA ASP A 153 32.09 -7.48 -41.40
C ASP A 153 32.40 -6.00 -41.21
N PHE A 154 31.42 -5.19 -40.79
CA PHE A 154 31.66 -3.79 -40.48
C PHE A 154 31.15 -3.53 -39.05
N VAL A 155 32.07 -3.22 -38.15
CA VAL A 155 31.78 -3.00 -36.73
C VAL A 155 31.52 -1.52 -36.49
N LEU A 156 30.43 -1.22 -35.79
CA LEU A 156 30.14 0.16 -35.45
C LEU A 156 29.20 0.19 -34.24
N GLU A 157 29.31 1.25 -33.43
CA GLU A 157 28.34 1.51 -32.35
C GLU A 157 27.64 2.85 -32.56
N GLY A 158 26.34 2.91 -32.26
CA GLY A 158 25.61 4.16 -32.34
C GLY A 158 26.24 5.31 -31.58
N GLY A 159 26.91 5.04 -30.45
CA GLY A 159 27.52 6.14 -29.67
C GLY A 159 28.78 6.72 -30.27
N SER A 160 29.24 6.11 -31.37
CA SER A 160 30.52 6.54 -31.99
C SER A 160 30.38 7.60 -33.06
N PHE A 161 29.14 7.95 -33.38
CA PHE A 161 28.90 9.00 -34.38
C PHE A 161 27.66 9.78 -33.98
N HIS A 162 27.53 10.97 -34.56
CA HIS A 162 26.32 11.79 -34.41
C HIS A 162 25.94 12.35 -35.75
N VAL A 163 24.64 12.42 -36.01
CA VAL A 163 24.15 12.92 -37.30
C VAL A 163 23.30 14.17 -37.12
N ASP A 164 23.26 15.02 -38.16
CA ASP A 164 22.34 16.15 -38.14
C ASP A 164 21.04 15.88 -38.93
N GLY A 165 20.97 14.71 -39.56
CA GLY A 165 19.79 14.35 -40.40
C GLY A 165 19.78 15.11 -41.73
N GLN A 166 20.85 15.87 -41.99
CA GLN A 166 20.94 16.72 -43.16
C GLN A 166 22.27 16.53 -43.92
N GLY A 167 22.76 15.29 -43.91
CA GLY A 167 23.92 14.88 -44.73
C GLY A 167 25.27 14.88 -44.03
N THR A 168 25.30 15.24 -42.74
CA THR A 168 26.55 15.28 -42.00
C THR A 168 26.61 14.21 -40.92
N VAL A 169 27.82 13.64 -40.76
CA VAL A 169 28.10 12.83 -39.57
C VAL A 169 29.39 13.32 -38.90
N LEU A 170 29.37 13.33 -37.58
CA LEU A 170 30.47 13.78 -36.75
C LEU A 170 30.96 12.54 -35.98
N THR A 171 32.28 12.32 -35.96
CA THR A 171 32.82 11.13 -35.30
C THR A 171 34.26 11.38 -34.80
N THR A 172 34.93 10.35 -34.30
CA THR A 172 36.32 10.51 -33.83
C THR A 172 37.25 9.49 -34.51
N GLU A 173 38.43 9.98 -34.88
CA GLU A 173 39.49 9.10 -35.43
C GLU A 173 39.88 8.05 -34.38
N MET A 174 39.99 8.49 -33.13
CA MET A 174 40.47 7.60 -32.06
C MET A 174 39.64 6.32 -32.03
N CYS A 175 38.32 6.45 -32.22
CA CYS A 175 37.48 5.26 -32.14
C CYS A 175 37.47 4.48 -33.45
N LEU A 176 37.04 5.13 -34.54
CA LEU A 176 36.77 4.38 -35.79
C LEU A 176 38.01 3.81 -36.43
N LEU A 177 39.16 4.45 -36.21
CA LEU A 177 40.39 4.01 -36.80
C LEU A 177 41.24 3.09 -35.87
N SER A 178 40.67 2.67 -34.74
CA SER A 178 41.42 1.82 -33.81
C SER A 178 41.48 0.36 -34.27
N GLU A 179 42.49 -0.36 -33.79
CA GLU A 179 42.82 -1.70 -34.25
C GLU A 179 41.65 -2.68 -34.00
N GLY A 180 40.91 -2.46 -32.93
CA GLY A 180 39.88 -3.43 -32.50
C GLY A 180 38.55 -3.28 -33.24
N ARG A 181 38.46 -2.33 -34.17
CA ARG A 181 37.19 -2.09 -34.89
C ARG A 181 37.22 -2.69 -36.31
N ASN A 182 37.73 -1.92 -37.28
CA ASN A 182 37.75 -2.36 -38.68
C ASN A 182 39.15 -2.17 -39.27
N PRO A 183 40.14 -2.89 -38.73
CA PRO A 183 41.52 -2.60 -39.09
C PRO A 183 41.86 -2.87 -40.56
N GLN A 184 41.04 -3.69 -41.22
CA GLN A 184 41.28 -3.94 -42.66
C GLN A 184 40.82 -2.78 -43.55
N LEU A 185 40.02 -1.87 -42.99
CA LEU A 185 39.44 -0.76 -43.74
C LEU A 185 40.25 0.52 -43.58
N SER A 186 40.46 1.24 -44.67
CA SER A 186 41.02 2.58 -44.66
C SER A 186 40.00 3.58 -44.12
N LYS A 187 40.50 4.77 -43.77
CA LYS A 187 39.65 5.88 -43.37
C LYS A 187 38.59 6.13 -44.45
N GLU A 188 39.02 6.13 -45.70
CA GLU A 188 38.14 6.43 -46.84
C GLU A 188 37.04 5.34 -46.96
N ALA A 189 37.42 4.07 -46.78
CA ALA A 189 36.44 2.95 -46.80
C ALA A 189 35.41 3.07 -45.68
N ILE A 190 35.86 3.49 -44.50
CA ILE A 190 34.98 3.70 -43.35
C ILE A 190 34.03 4.86 -43.65
N GLU A 191 34.55 5.96 -44.22
CA GLU A 191 33.69 7.09 -44.63
C GLU A 191 32.59 6.61 -45.56
N GLN A 192 32.94 5.75 -46.54
CA GLN A 192 31.96 5.24 -47.50
C GLN A 192 30.84 4.44 -46.81
N LYS A 193 31.21 3.60 -45.85
CA LYS A 193 30.19 2.89 -45.07
C LYS A 193 29.24 3.85 -44.34
N LEU A 194 29.82 4.85 -43.67
CA LEU A 194 28.96 5.86 -42.97
C LEU A 194 28.03 6.56 -43.95
N CYS A 195 28.57 6.99 -45.08
CA CYS A 195 27.75 7.67 -46.08
C CYS A 195 26.62 6.78 -46.56
N ASP A 196 26.94 5.52 -46.84
CA ASP A 196 25.95 4.62 -47.41
C ASP A 196 24.85 4.24 -46.41
N TYR A 197 25.23 4.06 -45.15
CA TYR A 197 24.29 3.52 -44.13
C TYR A 197 23.53 4.57 -43.34
N LEU A 198 24.13 5.77 -43.21
CA LEU A 198 23.45 6.90 -42.55
C LEU A 198 22.78 7.83 -43.53
N ASN A 199 23.17 7.72 -44.82
CA ASN A 199 22.76 8.63 -45.89
C ASN A 199 23.35 10.04 -45.64
N VAL A 200 24.68 10.09 -45.64
CA VAL A 200 25.39 11.34 -45.41
C VAL A 200 26.39 11.54 -46.55
N GLU A 201 26.84 12.78 -46.70
CA GLU A 201 27.78 13.16 -47.74
C GLU A 201 29.08 13.72 -47.17
N LYS A 202 29.06 14.11 -45.90
CA LYS A 202 30.26 14.71 -45.28
C LYS A 202 30.54 14.11 -43.91
N VAL A 203 31.76 13.60 -43.74
CA VAL A 203 32.20 13.01 -42.49
C VAL A 203 33.15 13.98 -41.84
N LEU A 204 32.77 14.45 -40.64
CA LEU A 204 33.57 15.40 -39.89
C LEU A 204 34.35 14.62 -38.84
N TRP A 205 35.67 14.61 -38.98
CA TRP A 205 36.52 13.83 -38.10
C TRP A 205 37.10 14.68 -36.98
N LEU A 206 36.60 14.46 -35.78
CA LEU A 206 37.32 14.87 -34.58
C LEU A 206 38.48 13.88 -34.34
N GLY A 207 39.46 14.24 -33.51
CA GLY A 207 40.65 13.40 -33.32
C GLY A 207 40.40 12.48 -32.13
N ASP A 208 40.89 12.93 -30.96
CA ASP A 208 40.77 12.13 -29.74
C ASP A 208 39.41 12.24 -29.09
N GLY A 209 38.92 11.13 -28.54
CA GLY A 209 37.83 11.20 -27.56
C GLY A 209 38.44 11.27 -26.16
N ILE A 210 37.61 11.10 -25.12
CA ILE A 210 38.09 11.25 -23.74
C ILE A 210 38.23 9.92 -22.98
N ASP A 211 37.84 8.83 -23.62
CA ASP A 211 37.85 7.55 -22.96
C ASP A 211 38.57 6.48 -23.80
N PRO A 212 39.87 6.65 -24.02
CA PRO A 212 40.58 5.74 -24.90
C PRO A 212 40.52 4.28 -24.46
N GLU A 213 40.49 4.06 -23.14
CA GLU A 213 40.48 2.67 -22.64
C GLU A 213 39.11 2.02 -22.65
N GLU A 214 38.05 2.83 -22.67
CA GLU A 214 36.70 2.30 -22.52
C GLU A 214 36.10 2.07 -23.90
N THR A 215 35.52 3.09 -24.50
CA THR A 215 34.93 2.95 -25.86
C THR A 215 35.91 3.28 -27.00
N ASN A 216 37.14 3.61 -26.65
CA ASN A 216 38.14 4.19 -27.59
C ASN A 216 37.72 5.57 -28.07
N GLY A 217 37.08 6.35 -27.19
CA GLY A 217 36.85 7.76 -27.50
C GLY A 217 35.58 8.07 -28.27
N HIS A 218 34.47 7.43 -27.88
CA HIS A 218 33.16 7.75 -28.49
C HIS A 218 32.85 9.24 -28.57
N VAL A 219 32.44 9.69 -29.74
CA VAL A 219 32.06 11.11 -29.93
C VAL A 219 30.98 11.58 -28.95
N ASP A 220 30.09 10.68 -28.49
CA ASP A 220 28.92 11.14 -27.73
C ASP A 220 29.30 11.60 -26.29
N ASP A 221 30.57 11.45 -25.91
CA ASP A 221 31.08 12.08 -24.67
C ASP A 221 31.76 13.43 -24.93
N VAL A 222 31.89 13.79 -26.20
CA VAL A 222 32.71 14.94 -26.62
C VAL A 222 31.85 16.05 -27.27
N ALA A 223 31.03 15.69 -28.24
CA ALA A 223 30.29 16.71 -29.03
C ALA A 223 29.07 16.06 -29.65
N CYS A 224 28.03 16.87 -29.92
CA CYS A 224 26.84 16.33 -30.57
C CYS A 224 26.16 17.43 -31.33
N PHE A 225 25.14 17.07 -32.10
CA PHE A 225 24.34 18.09 -32.80
C PHE A 225 23.14 18.49 -31.94
N ILE A 226 22.98 19.79 -31.76
CA ILE A 226 21.77 20.28 -31.08
C ILE A 226 20.64 20.61 -32.05
N ALA A 227 21.02 20.91 -33.30
CA ALA A 227 20.08 21.26 -34.34
C ALA A 227 20.90 21.30 -35.62
N PRO A 228 20.26 21.32 -36.81
CA PRO A 228 21.11 21.45 -37.99
C PRO A 228 21.97 22.73 -37.91
N GLY A 229 23.27 22.55 -38.14
CA GLY A 229 24.26 23.65 -38.13
C GLY A 229 24.77 24.08 -36.78
N GLU A 230 24.36 23.34 -35.74
CA GLU A 230 24.70 23.70 -34.37
C GLU A 230 25.14 22.50 -33.55
N VAL A 231 26.31 22.63 -32.92
CA VAL A 231 26.87 21.56 -32.13
C VAL A 231 27.17 22.03 -30.71
N ALA A 232 27.19 21.07 -29.79
CA ALA A 232 27.68 21.33 -28.44
C ALA A 232 29.02 20.63 -28.36
N CYS A 233 29.96 21.21 -27.61
CA CYS A 233 31.30 20.60 -27.45
C CYS A 233 31.74 20.79 -26.01
N ILE A 234 32.30 19.73 -25.40
CA ILE A 234 32.81 19.86 -24.04
C ILE A 234 33.92 20.89 -23.98
N TYR A 235 34.09 21.51 -22.83
CA TYR A 235 35.10 22.55 -22.72
C TYR A 235 35.58 22.68 -21.30
N THR A 236 36.88 22.83 -21.15
CA THR A 236 37.47 23.08 -19.85
C THR A 236 38.77 23.80 -20.05
N GLU A 237 39.09 24.65 -19.10
CA GLU A 237 40.39 25.31 -19.06
C GLU A 237 41.27 24.76 -17.93
N ASP A 238 40.79 23.74 -17.24
CA ASP A 238 41.59 23.07 -16.22
C ASP A 238 42.59 22.12 -16.89
N GLN A 239 43.86 22.52 -16.89
CA GLN A 239 44.91 21.74 -17.54
C GLN A 239 45.16 20.38 -16.86
N ASN A 240 44.70 20.23 -15.62
CA ASN A 240 44.83 18.97 -14.90
C ASN A 240 43.73 17.99 -15.25
N SER A 241 42.66 18.50 -15.89
CA SER A 241 41.51 17.69 -16.28
C SER A 241 41.98 16.54 -17.15
N PRO A 242 41.45 15.35 -16.89
CA PRO A 242 41.75 14.29 -17.83
C PRO A 242 41.18 14.66 -19.24
N PHE A 243 40.21 15.58 -19.32
CA PHE A 243 39.49 15.86 -20.60
C PHE A 243 40.07 17.08 -21.36
N TYR A 244 41.05 17.74 -20.75
CA TYR A 244 41.60 19.00 -21.29
C TYR A 244 42.07 18.97 -22.76
N GLU A 245 43.07 18.13 -23.05
CA GLU A 245 43.70 18.06 -24.36
C GLU A 245 42.65 17.75 -25.43
N ALA A 246 41.83 16.74 -25.21
CA ALA A 246 40.83 16.34 -26.18
C ALA A 246 39.70 17.38 -26.34
N ALA A 247 39.28 18.00 -25.23
CA ALA A 247 38.23 19.04 -25.27
C ALA A 247 38.73 20.24 -26.06
N GLN A 248 39.97 20.63 -25.76
CA GLN A 248 40.59 21.75 -26.46
C GLN A 248 40.68 21.49 -27.98
N ASP A 249 41.11 20.28 -28.35
CA ASP A 249 41.31 20.00 -29.76
C ASP A 249 40.01 19.86 -30.54
N ALA A 250 39.01 19.23 -29.94
CA ALA A 250 37.69 19.08 -30.56
C ALA A 250 37.06 20.46 -30.81
N TYR A 251 37.16 21.34 -29.81
CA TYR A 251 36.63 22.68 -29.93
C TYR A 251 37.28 23.42 -31.09
N GLN A 252 38.61 23.40 -31.16
CA GLN A 252 39.36 24.06 -32.26
C GLN A 252 38.98 23.47 -33.63
N ARG A 253 38.84 22.15 -33.70
CA ARG A 253 38.46 21.56 -35.00
C ARG A 253 37.06 22.00 -35.38
N LEU A 254 36.12 21.97 -34.45
CA LEU A 254 34.73 22.34 -34.77
C LEU A 254 34.63 23.77 -35.26
N LEU A 255 35.44 24.66 -34.69
CA LEU A 255 35.43 26.08 -35.10
C LEU A 255 35.84 26.29 -36.57
N LYS A 256 36.48 25.29 -37.14
CA LYS A 256 36.95 25.34 -38.52
C LYS A 256 36.08 24.50 -39.46
N MET A 257 35.00 23.91 -38.94
CA MET A 257 34.20 22.95 -39.72
C MET A 257 32.92 23.51 -40.29
N THR A 258 32.61 23.07 -41.52
CA THR A 258 31.31 23.34 -42.13
C THR A 258 30.58 22.01 -42.35
N ASP A 259 29.26 22.04 -42.31
CA ASP A 259 28.47 20.82 -42.45
C ASP A 259 28.23 20.48 -43.93
N ALA A 260 27.44 19.43 -44.18
CA ALA A 260 27.19 19.00 -45.57
C ALA A 260 26.38 20.01 -46.40
N LYS A 261 25.78 21.00 -45.73
CA LYS A 261 25.05 22.05 -46.42
C LYS A 261 25.87 23.36 -46.48
N GLY A 262 27.13 23.29 -46.05
CA GLY A 262 28.04 24.43 -46.17
C GLY A 262 27.90 25.42 -45.03
N ARG A 263 27.16 25.07 -43.99
CA ARG A 263 27.01 25.97 -42.83
C ARG A 263 28.21 25.91 -41.91
N GLN A 264 28.74 27.07 -41.53
CA GLN A 264 29.77 27.13 -40.49
C GLN A 264 29.09 26.66 -39.20
N LEU A 265 29.64 25.65 -38.54
CA LEU A 265 29.03 25.16 -37.30
C LEU A 265 29.03 26.24 -36.24
N LYS A 266 27.86 26.46 -35.63
CA LYS A 266 27.79 27.23 -34.38
C LYS A 266 28.11 26.26 -33.24
N VAL A 267 29.13 26.60 -32.46
CA VAL A 267 29.63 25.71 -31.40
C VAL A 267 29.28 26.26 -30.04
N HIS A 268 28.55 25.45 -29.27
CA HIS A 268 28.09 25.79 -27.93
C HIS A 268 28.96 25.01 -26.94
N LYS A 269 29.61 25.74 -26.02
CA LYS A 269 30.39 25.08 -24.95
C LYS A 269 29.50 24.39 -23.90
N LEU A 270 29.99 23.24 -23.44
CA LEU A 270 29.40 22.53 -22.33
C LEU A 270 30.51 22.25 -21.32
N CYS A 271 30.29 22.64 -20.05
CA CYS A 271 31.27 22.40 -19.01
C CYS A 271 31.57 20.90 -18.78
N CYS A 272 32.64 20.66 -18.01
CA CYS A 272 33.01 19.34 -17.55
C CYS A 272 33.02 19.36 -16.03
N PRO A 273 32.86 18.17 -15.40
CA PRO A 273 32.91 18.15 -13.93
C PRO A 273 34.23 18.74 -13.42
N VAL A 274 34.17 19.49 -12.33
CA VAL A 274 35.37 20.04 -11.71
C VAL A 274 36.23 18.91 -11.12
N LYS A 275 35.60 17.96 -10.43
CA LYS A 275 36.32 16.87 -9.77
C LYS A 275 36.16 15.58 -10.57
N ASN A 276 37.17 14.72 -10.48
CA ASN A 276 37.11 13.41 -11.14
C ASN A 276 36.19 12.50 -10.35
N VAL A 277 35.36 11.75 -11.06
CA VAL A 277 34.58 10.67 -10.45
C VAL A 277 35.50 9.44 -10.50
N THR A 278 35.66 8.76 -9.37
CA THR A 278 36.54 7.60 -9.38
C THR A 278 35.90 6.34 -8.80
N ILE A 279 36.34 5.20 -9.32
CA ILE A 279 36.07 3.91 -8.68
C ILE A 279 36.71 3.87 -7.31
N LYS A 280 35.96 3.38 -6.34
CA LYS A 280 36.52 3.16 -5.02
C LYS A 280 36.86 1.68 -4.88
N GLY A 281 38.05 1.36 -4.33
CA GLY A 281 38.40 -0.03 -4.00
C GLY A 281 37.38 -0.79 -3.16
N SER A 282 36.56 -0.07 -2.39
CA SER A 282 35.48 -0.65 -1.56
C SER A 282 34.21 -1.03 -2.31
N PHE A 283 34.09 -0.59 -3.56
CA PHE A 283 33.01 -1.07 -4.45
C PHE A 283 33.12 -2.58 -4.63
N LYS A 284 31.98 -3.28 -4.53
CA LYS A 284 31.99 -4.74 -4.58
C LYS A 284 31.71 -5.17 -6.01
N ILE A 285 32.77 -5.30 -6.79
CA ILE A 285 32.69 -5.63 -8.22
C ILE A 285 33.61 -6.83 -8.50
N ASP A 286 33.10 -7.81 -9.25
CA ASP A 286 33.85 -9.03 -9.48
C ASP A 286 34.97 -8.72 -10.46
N PHE A 287 36.11 -9.36 -10.25
CA PHE A 287 37.15 -9.37 -11.28
C PHE A 287 37.06 -10.66 -12.10
N VAL A 288 37.02 -10.50 -13.41
CA VAL A 288 37.03 -11.63 -14.34
C VAL A 288 38.05 -11.32 -15.44
N GLU A 289 39.01 -12.22 -15.67
CA GLU A 289 39.98 -12.03 -16.74
C GLU A 289 39.24 -11.88 -18.07
N GLY A 290 39.51 -10.80 -18.80
CA GLY A 290 38.79 -10.55 -20.03
C GLY A 290 37.73 -9.47 -19.90
N THR A 291 37.30 -9.19 -18.67
CA THR A 291 36.35 -8.10 -18.42
C THR A 291 37.13 -6.89 -17.91
N MET A 292 36.85 -5.72 -18.49
CA MET A 292 37.54 -4.49 -18.07
C MET A 292 37.54 -4.36 -16.52
N PRO A 293 38.73 -4.36 -15.90
CA PRO A 293 38.77 -4.22 -14.44
C PRO A 293 38.25 -2.87 -13.92
N ARG A 294 37.67 -2.87 -12.72
CA ARG A 294 37.21 -1.63 -12.10
C ARG A 294 38.02 -1.51 -10.82
N GLU A 295 39.12 -0.78 -10.91
CA GLU A 295 40.09 -0.73 -9.84
C GLU A 295 40.07 0.60 -9.08
N ASP A 296 40.44 0.55 -7.80
CA ASP A 296 40.51 1.77 -6.99
C ASP A 296 41.27 2.88 -7.70
N GLY A 297 40.65 4.05 -7.73
CA GLY A 297 41.27 5.23 -8.31
C GLY A 297 41.08 5.39 -9.80
N ASP A 298 40.47 4.41 -10.45
CA ASP A 298 40.17 4.54 -11.87
C ASP A 298 39.33 5.78 -12.09
N ILE A 299 39.73 6.61 -13.05
CA ILE A 299 38.95 7.79 -13.39
C ILE A 299 37.81 7.43 -14.32
N CYS A 300 36.59 7.70 -13.86
CA CYS A 300 35.41 7.42 -14.67
C CYS A 300 35.11 8.54 -15.65
N ILE A 301 34.50 8.18 -16.78
CA ILE A 301 34.25 9.13 -17.89
C ILE A 301 32.99 9.93 -17.66
N ALA A 302 33.10 10.92 -16.80
CA ALA A 302 31.91 11.66 -16.41
C ALA A 302 31.82 12.88 -17.32
N SER A 303 31.07 12.75 -18.40
CA SER A 303 30.83 13.89 -19.31
C SER A 303 29.35 14.29 -19.28
N TYR A 304 29.09 15.59 -19.17
CA TYR A 304 27.70 16.07 -19.27
C TYR A 304 27.15 15.98 -20.70
N MET A 305 28.04 15.72 -21.67
CA MET A 305 27.65 15.66 -23.07
C MET A 305 26.79 14.43 -23.35
N ASN A 306 26.88 13.46 -22.44
CA ASN A 306 26.25 12.16 -22.69
C ASN A 306 24.77 12.24 -22.26
N PHE A 307 24.06 13.19 -22.87
CA PHE A 307 22.64 13.44 -22.56
C PHE A 307 21.81 12.93 -23.73
N LEU A 308 20.50 12.74 -23.47
CA LEU A 308 19.58 12.24 -24.51
C LEU A 308 18.62 13.38 -24.84
N ILE A 309 18.53 13.69 -26.14
CA ILE A 309 17.51 14.59 -26.61
C ILE A 309 16.31 13.72 -26.95
N THR A 310 15.14 14.07 -26.41
CA THR A 310 13.96 13.23 -26.64
C THR A 310 12.68 14.04 -26.68
N ASN A 311 12.20 14.30 -27.90
CA ASN A 311 11.02 15.14 -28.09
C ASN A 311 11.15 16.47 -27.32
N ASP A 312 10.21 16.78 -26.43
CA ASP A 312 10.21 18.07 -25.73
C ASP A 312 11.14 18.12 -24.52
N GLY A 313 11.89 17.04 -24.28
CA GLY A 313 12.78 16.94 -23.11
C GLY A 313 14.24 16.72 -23.48
N VAL A 314 15.13 17.05 -22.53
CA VAL A 314 16.52 16.67 -22.67
C VAL A 314 16.93 16.11 -21.32
N ILE A 315 17.48 14.91 -21.33
CA ILE A 315 17.77 14.20 -20.07
C ILE A 315 19.29 14.26 -19.85
N VAL A 316 19.71 14.98 -18.79
CA VAL A 316 21.12 15.38 -18.64
C VAL A 316 21.81 14.69 -17.44
N PRO A 317 23.02 14.14 -17.61
CA PRO A 317 23.73 13.54 -16.46
C PRO A 317 23.92 14.53 -15.31
N GLN A 318 23.79 14.02 -14.11
CA GLN A 318 24.20 14.73 -12.89
C GLN A 318 25.10 13.81 -12.09
N TYR A 319 26.29 14.31 -11.73
CA TYR A 319 27.35 13.46 -11.16
C TYR A 319 27.62 13.70 -9.69
N GLY A 320 26.88 14.66 -9.11
CA GLY A 320 27.12 15.12 -7.72
C GLY A 320 28.30 16.10 -7.68
N ASP A 321 28.58 16.70 -8.83
CA ASP A 321 29.70 17.64 -8.97
C ASP A 321 29.23 19.08 -8.79
N GLU A 322 30.14 19.96 -8.41
CA GLU A 322 29.76 21.37 -8.28
C GLU A 322 29.20 21.96 -9.59
N ASN A 323 29.59 21.40 -10.73
CA ASN A 323 29.12 21.88 -12.04
C ASN A 323 27.80 21.27 -12.52
N ASP A 324 27.11 20.51 -11.67
CA ASP A 324 25.87 19.85 -12.08
C ASP A 324 24.85 20.91 -12.55
N ARG A 325 24.69 21.96 -11.76
CA ARG A 325 23.72 23.02 -12.10
C ARG A 325 24.12 23.75 -13.35
N LEU A 326 25.41 24.08 -13.44
CA LEU A 326 25.89 24.79 -14.61
C LEU A 326 25.58 24.00 -15.89
N ALA A 327 25.81 22.68 -15.84
CA ALA A 327 25.51 21.82 -16.99
C ALA A 327 24.03 21.97 -17.39
N LEU A 328 23.13 21.93 -16.40
CA LEU A 328 21.68 22.10 -16.73
C LEU A 328 21.40 23.47 -17.36
N GLU A 329 22.02 24.52 -16.82
CA GLU A 329 21.87 25.87 -17.38
C GLU A 329 22.31 25.95 -18.84
N GLN A 330 23.47 25.35 -19.10
CA GLN A 330 24.04 25.39 -20.44
C GLN A 330 23.21 24.60 -21.42
N VAL A 331 22.73 23.43 -21.01
CA VAL A 331 21.90 22.63 -21.92
C VAL A 331 20.58 23.34 -22.14
N GLN A 332 20.03 23.98 -21.10
CA GLN A 332 18.79 24.74 -21.28
C GLN A 332 18.92 25.82 -22.35
N THR A 333 20.05 26.52 -22.35
CA THR A 333 20.22 27.58 -23.34
C THR A 333 20.41 27.02 -24.75
N MET A 334 20.95 25.80 -24.87
CA MET A 334 21.03 25.12 -26.17
C MET A 334 19.64 24.74 -26.72
N PHE A 335 18.72 24.42 -25.80
CA PHE A 335 17.35 23.95 -26.17
C PHE A 335 16.33 24.81 -25.40
N PRO A 336 16.20 26.09 -25.76
CA PRO A 336 15.42 27.02 -24.96
C PRO A 336 13.95 26.63 -24.80
N ASP A 337 13.42 25.83 -25.73
CA ASP A 337 12.00 25.46 -25.68
C ASP A 337 11.76 24.03 -25.15
N LYS A 338 12.81 23.37 -24.69
CA LYS A 338 12.65 22.02 -24.14
C LYS A 338 12.73 22.06 -22.62
N LYS A 339 12.21 21.03 -21.98
CA LYS A 339 12.33 20.86 -20.54
C LYS A 339 13.59 20.03 -20.27
N ILE A 340 14.49 20.59 -19.45
CA ILE A 340 15.76 19.97 -19.14
C ILE A 340 15.61 19.25 -17.81
N VAL A 341 15.95 17.96 -17.81
CA VAL A 341 15.80 17.14 -16.60
C VAL A 341 17.12 16.50 -16.27
N GLY A 342 17.65 16.84 -15.10
CA GLY A 342 18.89 16.21 -14.61
C GLY A 342 18.51 14.94 -13.85
N VAL A 343 19.33 13.91 -13.99
CA VAL A 343 19.14 12.65 -13.28
C VAL A 343 20.50 12.25 -12.68
N ASN A 344 20.48 11.79 -11.43
CA ASN A 344 21.70 11.37 -10.77
C ASN A 344 22.14 10.06 -11.35
N THR A 345 23.23 10.12 -12.12
CA THR A 345 23.71 8.96 -12.86
C THR A 345 25.17 8.58 -12.58
N VAL A 346 25.70 8.99 -11.44
CA VAL A 346 27.06 8.57 -11.10
C VAL A 346 27.13 7.01 -11.09
N GLU A 347 26.05 6.33 -10.70
CA GLU A 347 26.13 4.85 -10.65
C GLU A 347 26.29 4.24 -12.06
N VAL A 348 25.77 4.92 -13.07
CA VAL A 348 25.96 4.50 -14.47
C VAL A 348 27.42 4.74 -14.91
N VAL A 349 27.98 5.89 -14.50
CA VAL A 349 29.30 6.26 -14.99
C VAL A 349 30.40 5.31 -14.49
N TYR A 350 30.20 4.71 -13.32
CA TYR A 350 31.16 3.71 -12.82
C TYR A 350 31.35 2.56 -13.82
N GLY A 351 30.32 2.30 -14.62
CA GLY A 351 30.39 1.20 -15.60
C GLY A 351 30.80 1.59 -17.01
N GLY A 352 31.16 2.86 -17.20
CA GLY A 352 31.84 3.27 -18.46
C GLY A 352 31.11 4.23 -19.39
N GLY A 353 29.94 4.72 -18.99
CA GLY A 353 29.21 5.67 -19.82
C GLY A 353 28.05 6.31 -19.09
N ASN A 354 27.14 6.87 -19.87
CA ASN A 354 25.99 7.51 -19.22
C ASN A 354 24.66 7.48 -19.96
N ILE A 355 23.80 8.48 -19.71
CA ILE A 355 22.43 8.44 -20.21
C ILE A 355 22.36 8.19 -21.72
N HIS A 356 23.18 8.89 -22.49
CA HIS A 356 23.06 8.73 -23.95
C HIS A 356 23.45 7.29 -24.27
O AGT A 357 24.22 3.10 -24.05
C AGT A 357 24.06 4.24 -23.65
CA AGT A 357 25.04 5.37 -24.00
N AGT A 357 24.60 6.68 -23.50
CB AGT A 357 26.27 4.96 -23.27
SG AGT A 357 26.99 3.70 -24.35
CZ AGT A 357 28.44 4.76 -24.15
NH2 AGT A 357 27.92 6.01 -23.44
NE AGT A 357 29.37 3.98 -23.34
CD AGT A 357 29.29 2.53 -23.63
CG AGT A 357 30.59 2.00 -23.04
CK AGT A 357 30.29 1.55 -21.68
CJ AGT A 357 30.52 0.05 -21.67
NB AGT A 357 31.31 -0.17 -20.48
N ILE A 358 23.01 4.67 -22.59
CA ILE A 358 22.15 3.52 -22.15
C ILE A 358 20.79 3.56 -22.83
N THR A 359 20.67 4.41 -23.86
CA THR A 359 19.39 4.60 -24.54
C THR A 359 19.58 4.52 -26.04
N GLN A 360 18.50 4.20 -26.74
CA GLN A 360 18.48 4.25 -28.22
C GLN A 360 17.09 4.76 -28.62
N GLN A 361 17.03 5.90 -29.30
CA GLN A 361 15.73 6.42 -29.73
C GLN A 361 15.21 5.69 -30.97
N GLU A 362 13.89 5.72 -31.15
CA GLU A 362 13.29 5.22 -32.39
C GLU A 362 12.49 6.39 -32.95
N PRO A 363 12.87 6.91 -34.14
CA PRO A 363 12.22 8.12 -34.67
C PRO A 363 10.79 7.85 -35.13
N LYS A 364 9.95 8.89 -35.13
CA LYS A 364 8.62 8.77 -35.68
C LYS A 364 8.75 8.60 -37.18
N ARG A 365 7.92 7.73 -37.75
CA ARG A 365 7.73 7.65 -39.19
C ARG A 365 7.16 8.99 -39.65
N VAL A 366 7.64 9.51 -40.75
CA VAL A 366 7.11 10.77 -41.29
C VAL A 366 6.70 10.58 -42.75
N GLY A 367 5.53 11.10 -43.11
CA GLY A 367 4.99 10.98 -44.46
C GLY A 367 4.10 9.78 -44.66
N ALA B 2 2.89 -2.57 -19.23
CA ALA B 2 1.41 -2.69 -18.90
C ALA B 2 1.19 -2.94 -17.42
N LYS B 3 -0.08 -2.95 -17.00
CA LYS B 3 -0.47 -3.00 -15.61
C LYS B 3 -1.24 -4.29 -15.32
N ARG B 4 -1.13 -4.78 -14.10
CA ARG B 4 -2.05 -5.82 -13.61
C ARG B 4 -3.34 -5.09 -13.15
N ILE B 5 -4.49 -5.66 -13.50
CA ILE B 5 -5.78 -5.11 -13.06
C ILE B 5 -6.09 -5.89 -11.79
N VAL B 6 -6.28 -5.17 -10.69
CA VAL B 6 -6.47 -5.82 -9.38
C VAL B 6 -7.80 -5.37 -8.78
N GLY B 7 -8.46 -6.29 -8.09
CA GLY B 7 -9.70 -5.97 -7.40
C GLY B 7 -10.95 -5.96 -8.27
N SER B 8 -10.82 -6.44 -9.50
CA SER B 8 -11.98 -6.60 -10.38
C SER B 8 -11.74 -7.80 -11.30
N THR B 9 -12.80 -8.17 -12.01
CA THR B 9 -12.76 -9.27 -12.98
C THR B 9 -13.26 -8.79 -14.35
N PRO B 10 -12.96 -9.54 -15.42
CA PRO B 10 -13.48 -9.17 -16.74
C PRO B 10 -14.98 -8.92 -16.74
N LYS B 11 -15.77 -9.82 -16.13
CA LYS B 11 -17.21 -9.61 -16.13
C LYS B 11 -17.62 -8.28 -15.43
N GLN B 12 -17.00 -7.96 -14.31
CA GLN B 12 -17.28 -6.71 -13.61
C GLN B 12 -16.94 -5.49 -14.46
N ASP B 13 -15.86 -5.62 -15.24
CA ASP B 13 -15.33 -4.51 -16.03
C ASP B 13 -15.91 -4.39 -17.45
N GLY B 14 -16.78 -5.34 -17.81
CA GLY B 14 -17.42 -5.32 -19.13
C GLY B 14 -16.63 -5.93 -20.26
N PHE B 15 -15.68 -6.82 -19.92
CA PHE B 15 -14.90 -7.55 -20.93
C PHE B 15 -15.36 -8.98 -21.02
N ARG B 16 -15.28 -9.57 -22.24
CA ARG B 16 -15.67 -10.98 -22.43
C ARG B 16 -14.64 -11.65 -23.32
N MET B 17 -14.48 -12.97 -23.15
CA MET B 17 -13.69 -13.69 -24.14
C MET B 17 -14.57 -13.97 -25.37
N PRO B 18 -14.16 -13.43 -26.53
CA PRO B 18 -14.93 -13.72 -27.73
C PRO B 18 -14.76 -15.15 -28.26
N GLY B 19 -15.70 -15.59 -29.10
CA GLY B 19 -15.55 -16.91 -29.73
C GLY B 19 -14.30 -16.94 -30.60
N GLU B 20 -13.75 -18.14 -30.79
CA GLU B 20 -12.54 -18.27 -31.61
C GLU B 20 -12.88 -17.95 -33.07
N PHE B 21 -14.17 -17.97 -33.42
CA PHE B 21 -14.64 -17.72 -34.79
C PHE B 21 -14.90 -16.19 -35.00
N GLU B 22 -14.68 -15.38 -33.95
CA GLU B 22 -14.75 -13.92 -34.06
C GLU B 22 -13.41 -13.37 -34.63
N PRO B 23 -13.44 -12.16 -35.23
CA PRO B 23 -12.20 -11.72 -35.93
C PRO B 23 -10.97 -11.63 -35.05
N GLN B 24 -9.83 -11.97 -35.66
CA GLN B 24 -8.55 -12.04 -34.92
C GLN B 24 -7.54 -11.07 -35.50
N GLU B 25 -6.81 -10.42 -34.60
CA GLU B 25 -5.72 -9.51 -34.95
C GLU B 25 -4.44 -10.27 -35.28
N LYS B 26 -4.15 -11.29 -34.46
CA LYS B 26 -2.86 -11.99 -34.49
C LYS B 26 -3.04 -13.38 -33.92
N VAL B 27 -2.10 -14.25 -34.22
CA VAL B 27 -1.98 -15.54 -33.56
C VAL B 27 -0.54 -15.76 -33.05
N TRP B 28 -0.42 -16.48 -31.93
CA TRP B 28 0.83 -16.72 -31.20
C TRP B 28 1.13 -18.21 -31.16
N MET B 29 2.42 -18.53 -31.06
CA MET B 29 2.93 -19.89 -31.02
C MET B 29 4.28 -19.87 -30.30
N ILE B 30 4.60 -20.93 -29.58
CA ILE B 30 5.95 -21.11 -29.00
C ILE B 30 6.73 -22.13 -29.84
N TRP B 31 8.01 -21.85 -30.05
CA TRP B 31 8.87 -22.78 -30.81
C TRP B 31 9.29 -24.00 -29.95
N PRO B 32 9.09 -25.23 -30.47
CA PRO B 32 9.32 -26.46 -29.70
C PRO B 32 10.78 -26.91 -29.77
N GLU B 33 11.24 -27.57 -28.71
CA GLU B 33 12.61 -28.04 -28.70
C GLU B 33 12.94 -29.11 -27.65
N ARG B 34 12.22 -29.18 -26.53
CA ARG B 34 12.81 -29.98 -25.42
C ARG B 34 12.93 -31.46 -25.76
N PRO B 35 14.13 -32.04 -25.58
CA PRO B 35 14.39 -33.38 -26.13
C PRO B 35 13.80 -34.54 -25.33
N ASP B 36 13.25 -34.24 -24.14
CA ASP B 36 12.56 -35.26 -23.32
C ASP B 36 11.06 -35.27 -23.64
N ASN B 37 10.64 -34.50 -24.65
CA ASN B 37 9.28 -34.65 -25.20
C ASN B 37 9.42 -34.91 -26.71
N TRP B 38 10.21 -34.08 -27.37
CA TRP B 38 10.26 -34.07 -28.83
C TRP B 38 11.43 -34.90 -29.34
N ARG B 39 11.14 -35.86 -30.21
CA ARG B 39 12.22 -36.74 -30.75
C ARG B 39 13.22 -35.93 -31.58
N ASP B 40 14.47 -36.44 -31.68
CA ASP B 40 15.48 -35.81 -32.55
C ASP B 40 15.71 -34.33 -32.20
N GLY B 41 15.69 -34.02 -30.91
CA GLY B 41 15.91 -32.65 -30.41
C GLY B 41 14.96 -31.64 -31.01
N GLY B 42 13.76 -32.09 -31.35
CA GLY B 42 12.73 -31.24 -31.94
C GLY B 42 12.83 -30.96 -33.43
N LYS B 43 13.77 -31.56 -34.16
CA LYS B 43 13.83 -31.20 -35.61
C LYS B 43 12.55 -31.52 -36.40
N PRO B 44 12.02 -32.75 -36.30
CA PRO B 44 10.78 -33.02 -37.03
C PRO B 44 9.61 -32.13 -36.61
N VAL B 45 9.44 -31.91 -35.32
CA VAL B 45 8.31 -31.11 -34.86
C VAL B 45 8.49 -29.64 -35.23
N GLN B 46 9.73 -29.17 -35.26
CA GLN B 46 9.95 -27.76 -35.68
C GLN B 46 9.46 -27.56 -37.13
N GLU B 47 9.66 -28.56 -38.00
CA GLU B 47 9.15 -28.47 -39.38
C GLU B 47 7.63 -28.39 -39.34
N ALA B 48 6.98 -29.20 -38.48
CA ALA B 48 5.50 -29.20 -38.43
C ALA B 48 4.99 -27.84 -37.90
N PHE B 49 5.61 -27.33 -36.85
CA PHE B 49 5.19 -26.02 -36.28
C PHE B 49 5.39 -24.93 -37.35
N THR B 50 6.51 -24.99 -38.09
CA THR B 50 6.74 -24.04 -39.19
C THR B 50 5.61 -24.08 -40.22
N ASN B 51 5.18 -25.29 -40.61
CA ASN B 51 4.09 -25.46 -41.57
C ASN B 51 2.77 -24.95 -41.02
N VAL B 52 2.54 -25.19 -39.73
CA VAL B 52 1.30 -24.64 -39.10
C VAL B 52 1.33 -23.09 -39.09
N ALA B 53 2.46 -22.51 -38.69
CA ALA B 53 2.64 -21.05 -38.67
C ALA B 53 2.43 -20.47 -40.07
N LYS B 54 3.08 -21.08 -41.07
CA LYS B 54 2.86 -20.65 -42.46
C LYS B 54 1.41 -20.69 -42.89
N ALA B 55 0.71 -21.78 -42.59
CA ALA B 55 -0.71 -21.92 -42.97
C ALA B 55 -1.55 -20.79 -42.33
N ILE B 56 -1.30 -20.51 -41.05
CA ILE B 56 -2.06 -19.49 -40.33
C ILE B 56 -1.79 -18.13 -40.93
N SER B 57 -0.52 -17.87 -41.25
CA SER B 57 -0.11 -16.55 -41.78
C SER B 57 -0.82 -16.13 -43.07
N GLN B 58 -1.39 -17.08 -43.82
CA GLN B 58 -2.18 -16.75 -45.03
C GLN B 58 -3.48 -16.02 -44.67
N PHE B 59 -3.93 -16.21 -43.43
CA PHE B 59 -5.20 -15.68 -42.94
C PHE B 59 -5.07 -14.56 -41.92
N THR B 60 -4.02 -14.64 -41.10
CA THR B 60 -3.90 -13.83 -39.89
C THR B 60 -2.42 -13.62 -39.55
N PRO B 61 -2.02 -12.38 -39.17
CA PRO B 61 -0.62 -12.17 -38.80
C PRO B 61 -0.17 -13.14 -37.72
N MET B 62 1.00 -13.71 -37.94
CA MET B 62 1.49 -14.82 -37.13
C MET B 62 2.77 -14.44 -36.37
N ASN B 63 2.90 -14.99 -35.18
CA ASN B 63 3.96 -14.65 -34.24
C ASN B 63 4.46 -15.90 -33.55
N VAL B 64 5.78 -16.03 -33.47
CA VAL B 64 6.40 -17.17 -32.77
C VAL B 64 7.38 -16.65 -31.75
N VAL B 65 7.34 -17.23 -30.55
CA VAL B 65 8.26 -16.86 -29.49
C VAL B 65 9.18 -18.05 -29.22
N VAL B 66 10.44 -17.79 -28.85
CA VAL B 66 11.46 -18.85 -28.88
C VAL B 66 12.59 -18.59 -27.88
N SER B 67 13.15 -19.69 -27.35
CA SER B 67 14.28 -19.60 -26.40
C SER B 67 15.49 -18.85 -26.97
N GLN B 68 16.35 -18.38 -26.06
CA GLN B 68 17.64 -17.79 -26.45
C GLN B 68 18.36 -18.69 -27.46
N GLN B 69 18.50 -20.00 -27.14
CA GLN B 69 19.33 -20.88 -27.97
C GLN B 69 18.76 -21.08 -29.36
N GLN B 70 17.42 -21.19 -29.45
CA GLN B 70 16.81 -21.47 -30.75
C GLN B 70 16.41 -20.22 -31.56
N PHE B 71 16.62 -19.04 -30.99
CA PHE B 71 16.16 -17.82 -31.71
C PHE B 71 16.70 -17.74 -33.15
N GLN B 72 18.02 -17.88 -33.33
CA GLN B 72 18.55 -17.69 -34.68
C GLN B 72 18.01 -18.73 -35.68
N ASN B 73 18.00 -19.99 -35.28
CA ASN B 73 17.44 -21.02 -36.14
C ASN B 73 15.96 -20.77 -36.45
N CYS B 74 15.19 -20.43 -35.42
CA CYS B 74 13.77 -20.18 -35.57
C CYS B 74 13.52 -19.05 -36.58
N ARG B 75 14.25 -17.95 -36.42
CA ARG B 75 14.11 -16.83 -37.34
C ARG B 75 14.50 -17.22 -38.78
N ARG B 76 15.50 -18.09 -38.93
CA ARG B 76 15.88 -18.54 -40.28
C ARG B 76 14.80 -19.43 -40.90
N GLN B 77 14.23 -20.33 -40.10
CA GLN B 77 13.25 -21.31 -40.61
C GLN B 77 11.93 -20.68 -41.06
N LEU B 78 11.49 -19.66 -40.31
CA LEU B 78 10.21 -19.00 -40.55
C LEU B 78 10.32 -17.88 -41.58
N PRO B 79 9.33 -17.77 -42.49
CA PRO B 79 9.35 -16.66 -43.46
C PRO B 79 9.27 -15.29 -42.74
N PRO B 80 9.79 -14.23 -43.38
CA PRO B 80 9.95 -12.94 -42.68
C PRO B 80 8.61 -12.30 -42.24
N GLU B 81 7.51 -12.65 -42.89
CA GLU B 81 6.20 -12.10 -42.51
C GLU B 81 5.74 -12.58 -41.12
N ILE B 82 6.36 -13.64 -40.62
CA ILE B 82 6.08 -14.15 -39.29
C ILE B 82 7.07 -13.46 -38.35
N THR B 83 6.53 -12.80 -37.33
CA THR B 83 7.36 -12.07 -36.35
C THR B 83 7.90 -13.03 -35.29
N VAL B 84 9.17 -12.85 -34.93
CA VAL B 84 9.82 -13.75 -33.96
C VAL B 84 10.31 -12.95 -32.75
N TYR B 85 9.93 -13.42 -31.57
CA TYR B 85 10.37 -12.82 -30.29
C TYR B 85 11.16 -13.83 -29.46
N GLU B 86 12.20 -13.36 -28.75
CA GLU B 86 12.80 -14.20 -27.73
C GLU B 86 11.85 -14.31 -26.53
N MET B 87 11.67 -15.52 -26.03
CA MET B 87 10.86 -15.69 -24.80
C MET B 87 11.18 -17.02 -24.19
N SER B 88 11.63 -16.99 -22.95
CA SER B 88 11.88 -18.23 -22.23
C SER B 88 10.60 -19.04 -22.05
N ASN B 89 10.78 -20.37 -22.02
CA ASN B 89 9.63 -21.25 -21.91
C ASN B 89 10.14 -22.61 -21.50
N ASN B 90 9.23 -23.45 -21.02
CA ASN B 90 9.57 -24.83 -20.65
C ASN B 90 9.09 -25.85 -21.70
N ASP B 91 7.93 -25.61 -22.31
CA ASP B 91 7.54 -26.34 -23.51
C ASP B 91 6.64 -25.44 -24.37
N ALA B 92 6.14 -25.98 -25.49
CA ALA B 92 5.67 -25.15 -26.60
C ALA B 92 4.15 -25.21 -26.80
N TRP B 93 3.39 -25.01 -25.72
CA TRP B 93 1.91 -25.20 -25.77
C TRP B 93 1.18 -23.91 -25.39
N VAL B 94 1.22 -22.91 -26.28
CA VAL B 94 0.74 -21.56 -25.91
C VAL B 94 -0.79 -21.49 -25.79
N ARG B 95 -1.52 -22.48 -26.28
CA ARG B 95 -2.98 -22.51 -26.04
C ARG B 95 -3.20 -22.56 -24.54
N ASP B 96 -2.27 -23.22 -23.84
CA ASP B 96 -2.45 -23.59 -22.44
C ASP B 96 -1.73 -22.71 -21.46
N CYS B 97 -0.54 -22.21 -21.84
CA CYS B 97 0.16 -21.27 -20.97
C CYS B 97 0.06 -19.83 -21.47
N GLY B 98 -0.53 -19.63 -22.64
CA GLY B 98 -0.73 -18.27 -23.15
C GLY B 98 -1.80 -17.49 -22.37
N PRO B 99 -1.92 -16.19 -22.64
CA PRO B 99 -3.03 -15.42 -22.06
C PRO B 99 -4.32 -15.77 -22.81
N SER B 100 -5.48 -15.70 -22.13
CA SER B 100 -6.75 -15.72 -22.82
C SER B 100 -7.22 -14.27 -22.93
N PHE B 101 -7.33 -13.77 -24.15
CA PHE B 101 -7.67 -12.37 -24.33
C PHE B 101 -9.16 -12.11 -24.21
N VAL B 102 -9.48 -10.95 -23.63
CA VAL B 102 -10.89 -10.53 -23.46
C VAL B 102 -11.05 -9.13 -24.01
N ILE B 103 -12.23 -8.85 -24.56
CA ILE B 103 -12.49 -7.53 -25.19
C ILE B 103 -13.77 -6.90 -24.64
N ASN B 104 -13.87 -5.57 -24.66
CA ASN B 104 -15.11 -4.93 -24.22
C ASN B 104 -15.99 -4.42 -25.37
N ASP B 105 -15.61 -4.69 -26.62
CA ASP B 105 -16.46 -4.33 -27.77
C ASP B 105 -16.66 -2.78 -27.82
N HIS B 106 -15.77 -2.07 -27.13
CA HIS B 106 -15.65 -0.60 -27.17
C HIS B 106 -14.18 -0.18 -27.39
N GLY B 107 -13.47 -1.05 -28.10
CA GLY B 107 -12.11 -0.76 -28.55
C GLY B 107 -11.00 -1.23 -27.63
N GLU B 108 -11.35 -1.80 -26.47
CA GLU B 108 -10.31 -2.22 -25.51
C GLU B 108 -10.13 -3.73 -25.45
N ILE B 109 -8.93 -4.11 -25.03
CA ILE B 109 -8.57 -5.52 -24.90
C ILE B 109 -7.70 -5.69 -23.66
N ARG B 110 -7.96 -6.77 -22.94
CA ARG B 110 -7.14 -7.17 -21.77
C ARG B 110 -6.81 -8.64 -21.86
N GLY B 111 -5.88 -9.11 -21.03
CA GLY B 111 -5.53 -10.54 -21.02
C GLY B 111 -5.89 -11.13 -19.68
N VAL B 112 -6.26 -12.40 -19.69
CA VAL B 112 -6.40 -13.17 -18.46
C VAL B 112 -5.19 -14.08 -18.38
N ASP B 113 -4.48 -13.95 -17.26
CA ASP B 113 -3.25 -14.66 -17.03
C ASP B 113 -3.61 -15.70 -15.95
N TRP B 114 -3.89 -16.93 -16.38
CA TRP B 114 -4.32 -17.97 -15.42
C TRP B 114 -3.06 -18.50 -14.73
N THR B 115 -3.18 -19.14 -13.58
CA THR B 115 -2.02 -19.87 -13.08
C THR B 115 -1.80 -21.14 -13.91
N PHE B 116 -0.60 -21.29 -14.45
CA PHE B 116 -0.25 -22.50 -15.21
C PHE B 116 0.58 -23.45 -14.35
N ASN B 117 0.29 -24.76 -14.42
CA ASN B 117 1.12 -25.72 -13.66
C ASN B 117 1.50 -26.99 -14.43
N ALA B 118 1.63 -26.86 -15.76
CA ALA B 118 2.04 -28.03 -16.60
C ALA B 118 1.04 -29.18 -16.46
N TRP B 119 -0.25 -28.85 -16.45
CA TRP B 119 -1.35 -29.87 -16.52
C TRP B 119 -1.31 -30.83 -15.34
N GLY B 120 -1.25 -30.27 -14.13
CA GLY B 120 -1.41 -31.07 -12.92
C GLY B 120 -0.31 -30.91 -11.91
N GLY B 121 0.67 -30.02 -12.19
CA GLY B 121 1.69 -29.68 -11.19
C GLY B 121 2.43 -30.89 -10.68
N LEU B 122 2.65 -30.93 -9.36
CA LEU B 122 3.42 -32.03 -8.78
C LEU B 122 2.52 -33.25 -8.50
N VAL B 123 1.24 -33.14 -8.80
CA VAL B 123 0.34 -34.28 -8.61
C VAL B 123 0.42 -35.18 -9.84
N ASP B 124 0.16 -34.59 -11.02
CA ASP B 124 0.20 -35.36 -12.26
C ASP B 124 0.61 -34.55 -13.49
N GLY B 125 1.34 -33.46 -13.26
CA GLY B 125 1.84 -32.65 -14.36
C GLY B 125 2.86 -33.36 -15.25
N LEU B 126 3.17 -32.73 -16.37
CA LEU B 126 3.87 -33.41 -17.47
C LEU B 126 5.39 -33.19 -17.49
N TYR B 127 5.84 -32.21 -16.73
CA TYR B 127 7.27 -31.96 -16.49
C TYR B 127 7.41 -30.98 -15.31
N PHE B 128 8.65 -30.82 -14.84
CA PHE B 128 8.91 -29.89 -13.75
C PHE B 128 10.29 -29.30 -13.99
N PRO B 129 10.44 -27.96 -13.93
CA PRO B 129 9.45 -26.93 -13.59
C PRO B 129 8.75 -26.29 -14.80
N TRP B 130 7.81 -25.39 -14.49
CA TRP B 130 7.01 -24.69 -15.47
C TRP B 130 7.03 -23.19 -15.18
N ASP B 131 8.06 -22.74 -14.44
CA ASP B 131 8.17 -21.32 -14.06
C ASP B 131 8.25 -20.36 -15.24
N GLN B 132 8.95 -20.78 -16.32
CA GLN B 132 9.04 -19.88 -17.50
C GLN B 132 7.75 -19.91 -18.32
N ASP B 133 7.17 -21.11 -18.50
CA ASP B 133 5.85 -21.21 -19.13
C ASP B 133 4.86 -20.23 -18.46
N ASP B 134 4.91 -20.14 -17.13
CA ASP B 134 3.89 -19.39 -16.39
C ASP B 134 4.07 -17.87 -16.56
N LEU B 135 5.23 -17.46 -17.10
CA LEU B 135 5.49 -16.03 -17.43
C LEU B 135 5.12 -15.64 -18.85
N VAL B 136 4.81 -16.62 -19.69
CA VAL B 136 4.49 -16.34 -21.09
C VAL B 136 3.31 -15.39 -21.25
N ALA B 137 2.25 -15.63 -20.46
CA ALA B 137 1.04 -14.83 -20.62
C ALA B 137 1.35 -13.36 -20.36
N GLN B 138 2.09 -13.07 -19.29
CA GLN B 138 2.41 -11.66 -19.02
C GLN B 138 3.32 -11.07 -20.12
N LYS B 139 4.29 -11.85 -20.59
CA LYS B 139 5.25 -11.30 -21.57
C LYS B 139 4.54 -10.99 -22.89
N ILE B 140 3.63 -11.86 -23.30
CA ILE B 140 2.85 -11.58 -24.52
C ILE B 140 1.95 -10.36 -24.30
N CYS B 141 1.32 -10.25 -23.12
CA CYS B 141 0.53 -9.03 -22.82
C CYS B 141 1.39 -7.76 -22.87
N GLU B 142 2.61 -7.80 -22.31
CA GLU B 142 3.53 -6.64 -22.42
C GLU B 142 3.79 -6.28 -23.88
N ILE B 143 4.13 -7.27 -24.70
CA ILE B 143 4.37 -7.01 -26.14
C ILE B 143 3.18 -6.28 -26.77
N GLU B 144 1.98 -6.73 -26.40
CA GLU B 144 0.76 -6.16 -26.96
C GLU B 144 0.26 -4.88 -26.24
N HIS B 145 1.01 -4.44 -25.22
CA HIS B 145 0.63 -3.28 -24.38
C HIS B 145 -0.74 -3.50 -23.76
N VAL B 146 -1.00 -4.74 -23.34
CA VAL B 146 -2.29 -5.04 -22.75
C VAL B 146 -2.22 -5.33 -21.26
N ASP B 147 -3.14 -4.71 -20.52
CA ASP B 147 -3.26 -4.91 -19.09
C ASP B 147 -3.88 -6.29 -18.87
N SER B 148 -3.55 -6.90 -17.73
CA SER B 148 -3.95 -8.29 -17.51
C SER B 148 -4.48 -8.56 -16.10
N TYR B 149 -5.33 -9.58 -16.00
CA TYR B 149 -5.86 -10.04 -14.74
C TYR B 149 -5.10 -11.31 -14.44
N ARG B 150 -4.46 -11.38 -13.29
CA ARG B 150 -3.78 -12.61 -12.86
C ARG B 150 -4.73 -13.36 -11.91
N THR B 151 -5.01 -14.64 -12.19
CA THR B 151 -5.95 -15.41 -11.33
C THR B 151 -5.15 -16.14 -10.25
N ASP B 152 -4.86 -15.41 -9.17
CA ASP B 152 -4.06 -15.93 -8.07
C ASP B 152 -4.68 -17.22 -7.56
N ASP B 153 -3.85 -18.24 -7.39
CA ASP B 153 -4.28 -19.51 -6.79
C ASP B 153 -5.42 -20.21 -7.56
N PHE B 154 -5.57 -19.86 -8.83
CA PHE B 154 -6.53 -20.54 -9.69
C PHE B 154 -5.81 -21.00 -10.95
N VAL B 155 -5.70 -22.31 -11.10
CA VAL B 155 -5.00 -22.92 -12.25
C VAL B 155 -5.99 -23.18 -13.39
N LEU B 156 -5.63 -22.77 -14.60
CA LEU B 156 -6.44 -23.06 -15.77
C LEU B 156 -5.60 -22.98 -17.04
N GLU B 157 -6.01 -23.74 -18.07
CA GLU B 157 -5.38 -23.67 -19.40
C GLU B 157 -6.43 -23.31 -20.42
N GLY B 158 -6.07 -22.49 -21.39
CA GLY B 158 -6.99 -22.12 -22.47
C GLY B 158 -7.59 -23.31 -23.21
N GLY B 159 -6.86 -24.41 -23.32
CA GLY B 159 -7.34 -25.61 -24.05
C GLY B 159 -8.42 -26.40 -23.32
N SER B 160 -8.64 -26.05 -22.05
CA SER B 160 -9.59 -26.79 -21.19
C SER B 160 -11.03 -26.30 -21.27
N PHE B 161 -11.27 -25.23 -22.03
CA PHE B 161 -12.63 -24.70 -22.16
C PHE B 161 -12.81 -24.09 -23.55
N HIS B 162 -14.07 -23.95 -23.97
CA HIS B 162 -14.39 -23.28 -25.23
C HIS B 162 -15.57 -22.36 -24.97
N VAL B 163 -15.55 -21.19 -25.57
CA VAL B 163 -16.62 -20.19 -25.37
C VAL B 163 -17.35 -19.92 -26.68
N ASP B 164 -18.62 -19.55 -26.58
CA ASP B 164 -19.35 -19.04 -27.77
C ASP B 164 -19.35 -17.52 -27.90
N GLY B 165 -18.81 -16.83 -26.90
CA GLY B 165 -18.76 -15.36 -26.93
C GLY B 165 -20.10 -14.75 -26.54
N GLN B 166 -21.07 -15.59 -26.19
CA GLN B 166 -22.45 -15.16 -25.94
C GLN B 166 -22.95 -15.73 -24.63
N GLY B 167 -22.03 -15.87 -23.69
CA GLY B 167 -22.41 -16.21 -22.32
C GLY B 167 -22.29 -17.68 -21.92
N THR B 168 -21.78 -18.52 -22.81
CA THR B 168 -21.68 -19.95 -22.49
C THR B 168 -20.22 -20.40 -22.56
N VAL B 169 -19.85 -21.32 -21.66
CA VAL B 169 -18.56 -22.00 -21.75
C VAL B 169 -18.83 -23.51 -21.70
N LEU B 170 -18.00 -24.27 -22.43
CA LEU B 170 -18.06 -25.71 -22.51
C LEU B 170 -16.74 -26.24 -21.98
N THR B 171 -16.82 -27.24 -21.09
CA THR B 171 -15.58 -27.77 -20.49
C THR B 171 -15.75 -29.26 -20.11
N THR B 172 -14.74 -29.84 -19.45
CA THR B 172 -14.85 -31.22 -18.98
C THR B 172 -14.62 -31.34 -17.47
N GLU B 173 -15.44 -32.15 -16.84
CA GLU B 173 -15.22 -32.55 -15.43
C GLU B 173 -13.88 -33.23 -15.23
N MET B 174 -13.49 -34.11 -16.17
CA MET B 174 -12.24 -34.85 -16.01
C MET B 174 -11.05 -33.89 -15.78
N CYS B 175 -11.06 -32.76 -16.48
CA CYS B 175 -9.94 -31.82 -16.38
C CYS B 175 -10.10 -30.93 -15.15
N LEU B 176 -11.17 -30.15 -15.11
CA LEU B 176 -11.25 -29.08 -14.10
C LEU B 176 -11.44 -29.56 -12.69
N LEU B 177 -12.03 -30.75 -12.54
CA LEU B 177 -12.29 -31.30 -11.20
C LEU B 177 -11.15 -32.21 -10.69
N SER B 178 -10.06 -32.30 -11.45
CA SER B 178 -8.99 -33.23 -11.09
C SER B 178 -8.14 -32.69 -9.95
N GLU B 179 -7.52 -33.62 -9.23
CA GLU B 179 -6.72 -33.31 -8.03
C GLU B 179 -5.56 -32.35 -8.29
N GLY B 180 -4.96 -32.42 -9.48
CA GLY B 180 -3.78 -31.63 -9.78
C GLY B 180 -4.07 -30.20 -10.22
N ARG B 181 -5.35 -29.81 -10.28
CA ARG B 181 -5.72 -28.46 -10.75
C ARG B 181 -6.09 -27.53 -9.56
N ASN B 182 -7.36 -27.54 -9.15
CA ASN B 182 -7.82 -26.69 -8.05
C ASN B 182 -8.59 -27.51 -6.99
N PRO B 183 -7.88 -28.45 -6.33
CA PRO B 183 -8.58 -29.42 -5.47
C PRO B 183 -9.29 -28.79 -4.26
N GLN B 184 -8.87 -27.58 -3.88
CA GLN B 184 -9.48 -26.85 -2.77
C GLN B 184 -10.84 -26.26 -3.14
N LEU B 185 -11.10 -26.11 -4.45
CA LEU B 185 -12.33 -25.49 -4.93
C LEU B 185 -13.42 -26.50 -5.29
N SER B 186 -14.67 -26.16 -4.94
CA SER B 186 -15.84 -26.93 -5.35
C SER B 186 -16.08 -26.70 -6.84
N LYS B 187 -16.87 -27.60 -7.42
CA LYS B 187 -17.30 -27.41 -8.82
C LYS B 187 -17.96 -26.05 -9.01
N GLU B 188 -18.79 -25.65 -8.05
CA GLU B 188 -19.47 -24.35 -8.12
C GLU B 188 -18.51 -23.17 -8.07
N ALA B 189 -17.47 -23.26 -7.23
CA ALA B 189 -16.45 -22.19 -7.17
C ALA B 189 -15.69 -22.07 -8.50
N ILE B 190 -15.41 -23.21 -9.13
CA ILE B 190 -14.74 -23.23 -10.42
C ILE B 190 -15.66 -22.62 -11.48
N GLU B 191 -16.95 -23.01 -11.47
CA GLU B 191 -17.92 -22.34 -12.33
C GLU B 191 -17.87 -20.82 -12.18
N GLN B 192 -17.83 -20.34 -10.94
CA GLN B 192 -17.83 -18.90 -10.73
C GLN B 192 -16.55 -18.23 -11.29
N LYS B 193 -15.42 -18.92 -11.22
CA LYS B 193 -14.18 -18.34 -11.75
C LYS B 193 -14.33 -18.22 -13.27
N LEU B 194 -14.87 -19.25 -13.90
CA LEU B 194 -15.10 -19.22 -15.36
C LEU B 194 -16.05 -18.07 -15.70
N CYS B 195 -17.13 -17.93 -14.95
CA CYS B 195 -18.10 -16.85 -15.23
C CYS B 195 -17.41 -15.51 -15.11
N ASP B 196 -16.62 -15.34 -14.06
CA ASP B 196 -15.99 -14.02 -13.77
C ASP B 196 -14.96 -13.64 -14.81
N TYR B 197 -14.16 -14.61 -15.24
CA TYR B 197 -12.99 -14.31 -16.07
C TYR B 197 -13.24 -14.42 -17.58
N LEU B 198 -14.22 -15.23 -17.99
CA LEU B 198 -14.67 -15.32 -19.39
C LEU B 198 -15.86 -14.42 -19.70
N ASN B 199 -16.56 -13.97 -18.64
CA ASN B 199 -17.85 -13.28 -18.75
C ASN B 199 -18.89 -14.21 -19.38
N VAL B 200 -19.18 -15.28 -18.65
CA VAL B 200 -20.21 -16.22 -19.03
C VAL B 200 -21.21 -16.38 -17.89
N GLU B 201 -22.34 -16.98 -18.21
CA GLU B 201 -23.39 -17.25 -17.23
C GLU B 201 -23.81 -18.69 -17.16
N LYS B 202 -23.42 -19.50 -18.15
CA LYS B 202 -23.77 -20.92 -18.14
C LYS B 202 -22.55 -21.76 -18.42
N VAL B 203 -22.29 -22.71 -17.53
CA VAL B 203 -21.18 -23.67 -17.72
C VAL B 203 -21.73 -25.03 -18.13
N LEU B 204 -21.31 -25.50 -19.31
CA LEU B 204 -21.79 -26.79 -19.83
C LEU B 204 -20.69 -27.80 -19.54
N TRP B 205 -21.02 -28.79 -18.72
CA TRP B 205 -20.03 -29.76 -18.29
C TRP B 205 -20.18 -31.07 -19.10
N LEU B 206 -19.17 -31.33 -19.91
CA LEU B 206 -18.97 -32.70 -20.41
C LEU B 206 -18.27 -33.48 -19.29
N GLY B 207 -18.22 -34.80 -19.41
CA GLY B 207 -17.65 -35.62 -18.37
C GLY B 207 -16.19 -35.90 -18.68
N ASP B 208 -15.94 -37.04 -19.32
CA ASP B 208 -14.58 -37.44 -19.70
C ASP B 208 -14.06 -36.72 -20.95
N GLY B 209 -12.77 -36.41 -20.94
CA GLY B 209 -12.05 -36.11 -22.19
C GLY B 209 -11.39 -37.40 -22.68
N ILE B 210 -10.50 -37.28 -23.65
CA ILE B 210 -9.95 -38.48 -24.32
C ILE B 210 -8.47 -38.73 -23.97
N ASP B 211 -7.87 -37.80 -23.20
CA ASP B 211 -6.47 -37.92 -22.85
C ASP B 211 -6.27 -37.77 -21.33
N PRO B 212 -6.78 -38.72 -20.55
CA PRO B 212 -6.71 -38.59 -19.09
C PRO B 212 -5.28 -38.43 -18.56
N GLU B 213 -4.30 -39.06 -19.23
CA GLU B 213 -2.92 -39.04 -18.73
C GLU B 213 -2.16 -37.79 -19.17
N GLU B 214 -2.64 -37.13 -20.21
CA GLU B 214 -1.87 -36.02 -20.82
C GLU B 214 -2.35 -34.72 -20.20
N THR B 215 -3.43 -34.14 -20.75
CA THR B 215 -3.98 -32.88 -20.21
C THR B 215 -5.09 -33.10 -19.19
N ASN B 216 -5.40 -34.35 -18.89
CA ASN B 216 -6.55 -34.73 -18.04
C ASN B 216 -7.86 -34.43 -18.78
N GLY B 217 -7.87 -34.64 -20.09
CA GLY B 217 -9.13 -34.57 -20.84
C GLY B 217 -9.60 -33.21 -21.30
N HIS B 218 -8.69 -32.40 -21.85
CA HIS B 218 -9.05 -31.10 -22.39
C HIS B 218 -10.19 -31.17 -23.37
N VAL B 219 -11.15 -30.26 -23.20
CA VAL B 219 -12.28 -30.19 -24.09
C VAL B 219 -11.89 -29.97 -25.57
N ASP B 220 -10.74 -29.34 -25.83
CA ASP B 220 -10.43 -28.95 -27.23
C ASP B 220 -10.05 -30.16 -28.09
N ASP B 221 -9.95 -31.35 -27.50
CA ASP B 221 -9.81 -32.59 -28.29
C ASP B 221 -11.17 -33.28 -28.53
N VAL B 222 -12.21 -32.80 -27.86
CA VAL B 222 -13.51 -33.44 -27.84
C VAL B 222 -14.60 -32.68 -28.61
N ALA B 223 -14.73 -31.38 -28.31
CA ALA B 223 -15.85 -30.61 -28.86
C ALA B 223 -15.50 -29.15 -28.85
N CYS B 224 -16.09 -28.38 -29.77
CA CYS B 224 -15.85 -26.95 -29.79
C CYS B 224 -17.06 -26.23 -30.35
N PHE B 225 -17.07 -24.88 -30.23
CA PHE B 225 -18.11 -24.09 -30.87
C PHE B 225 -17.70 -23.73 -32.28
N ILE B 226 -18.59 -23.98 -33.24
CA ILE B 226 -18.34 -23.53 -34.60
C ILE B 226 -18.95 -22.13 -34.83
N ALA B 227 -20.01 -21.81 -34.08
CA ALA B 227 -20.68 -20.53 -34.19
C ALA B 227 -21.64 -20.49 -32.98
N PRO B 228 -22.21 -19.32 -32.65
CA PRO B 228 -23.12 -19.37 -31.51
C PRO B 228 -24.27 -20.40 -31.76
N GLY B 229 -24.51 -21.23 -30.76
CA GLY B 229 -25.57 -22.25 -30.85
C GLY B 229 -25.22 -23.55 -31.61
N GLU B 230 -23.98 -23.66 -32.08
CA GLU B 230 -23.56 -24.79 -32.95
C GLU B 230 -22.22 -25.34 -32.50
N VAL B 231 -22.17 -26.64 -32.26
CA VAL B 231 -20.93 -27.29 -31.81
C VAL B 231 -20.54 -28.44 -32.74
N ALA B 232 -19.26 -28.83 -32.69
CA ALA B 232 -18.82 -30.06 -33.32
C ALA B 232 -18.38 -30.97 -32.19
N CYS B 233 -18.60 -32.28 -32.36
CA CYS B 233 -18.20 -33.27 -31.34
C CYS B 233 -17.54 -34.45 -32.05
N ILE B 234 -16.43 -34.94 -31.51
CA ILE B 234 -15.83 -36.17 -32.05
C ILE B 234 -16.80 -37.33 -31.96
N TYR B 235 -16.72 -38.24 -32.94
CA TYR B 235 -17.56 -39.41 -32.91
C TYR B 235 -16.87 -40.59 -33.59
N THR B 236 -17.08 -41.75 -32.97
CA THR B 236 -16.61 -43.05 -33.52
C THR B 236 -17.52 -44.19 -33.11
N GLU B 237 -17.73 -45.12 -34.03
CA GLU B 237 -18.48 -46.33 -33.73
C GLU B 237 -17.58 -47.54 -33.41
N ASP B 238 -16.26 -47.34 -33.46
CA ASP B 238 -15.31 -48.39 -33.17
C ASP B 238 -15.14 -48.57 -31.66
N GLN B 239 -15.74 -49.63 -31.13
CA GLN B 239 -15.66 -49.93 -29.71
C GLN B 239 -14.26 -50.25 -29.21
N ASN B 240 -13.33 -50.51 -30.13
CA ASN B 240 -11.94 -50.71 -29.78
C ASN B 240 -11.12 -49.42 -29.68
N SER B 241 -11.71 -48.31 -30.12
CA SER B 241 -11.06 -47.00 -29.99
C SER B 241 -10.85 -46.63 -28.52
N PRO B 242 -9.66 -46.06 -28.18
CA PRO B 242 -9.55 -45.58 -26.81
C PRO B 242 -10.51 -44.41 -26.59
N PHE B 243 -11.03 -43.81 -27.66
CA PHE B 243 -11.90 -42.61 -27.51
C PHE B 243 -13.38 -43.00 -27.35
N TYR B 244 -13.71 -44.27 -27.56
CA TYR B 244 -15.13 -44.67 -27.77
C TYR B 244 -16.12 -44.17 -26.71
N GLU B 245 -15.91 -44.54 -25.44
CA GLU B 245 -16.90 -44.18 -24.41
C GLU B 245 -17.01 -42.68 -24.24
N ALA B 246 -15.87 -41.99 -24.18
CA ALA B 246 -15.87 -40.54 -24.01
C ALA B 246 -16.58 -39.80 -25.16
N ALA B 247 -16.32 -40.22 -26.41
CA ALA B 247 -16.94 -39.60 -27.58
C ALA B 247 -18.44 -39.79 -27.53
N GLN B 248 -18.83 -41.02 -27.22
CA GLN B 248 -20.24 -41.38 -27.13
C GLN B 248 -20.97 -40.55 -26.07
N ASP B 249 -20.37 -40.40 -24.88
CA ASP B 249 -21.04 -39.67 -23.79
C ASP B 249 -21.10 -38.16 -24.09
N ALA B 250 -20.02 -37.62 -24.66
CA ALA B 250 -19.97 -36.18 -24.99
C ALA B 250 -21.07 -35.86 -25.98
N TYR B 251 -21.18 -36.68 -27.02
CA TYR B 251 -22.21 -36.49 -28.03
C TYR B 251 -23.64 -36.50 -27.44
N GLN B 252 -23.92 -37.54 -26.65
CA GLN B 252 -25.21 -37.67 -25.97
C GLN B 252 -25.50 -36.49 -25.03
N ARG B 253 -24.49 -36.02 -24.28
CA ARG B 253 -24.71 -34.86 -23.42
C ARG B 253 -25.02 -33.60 -24.24
N LEU B 254 -24.25 -33.38 -25.30
CA LEU B 254 -24.43 -32.17 -26.10
C LEU B 254 -25.83 -32.10 -26.70
N LEU B 255 -26.39 -33.25 -27.10
CA LEU B 255 -27.74 -33.31 -27.69
C LEU B 255 -28.84 -32.87 -26.75
N LYS B 256 -28.51 -32.78 -25.46
CA LYS B 256 -29.48 -32.42 -24.40
C LYS B 256 -29.19 -31.03 -23.83
N MET B 257 -28.20 -30.33 -24.37
CA MET B 257 -27.81 -29.06 -23.80
C MET B 257 -28.36 -27.86 -24.52
N THR B 258 -28.69 -26.81 -23.75
CA THR B 258 -28.99 -25.51 -24.33
C THR B 258 -27.94 -24.53 -23.84
N ASP B 259 -27.66 -23.52 -24.65
CA ASP B 259 -26.70 -22.50 -24.27
C ASP B 259 -27.33 -21.39 -23.39
N ALA B 260 -26.54 -20.37 -23.05
CA ALA B 260 -27.01 -19.30 -22.17
C ALA B 260 -28.21 -18.55 -22.73
N LYS B 261 -28.31 -18.50 -24.07
CA LYS B 261 -29.45 -17.83 -24.73
C LYS B 261 -30.65 -18.73 -24.93
N GLY B 262 -30.55 -19.95 -24.41
CA GLY B 262 -31.66 -20.92 -24.47
C GLY B 262 -31.74 -21.70 -25.78
N ARG B 263 -30.70 -21.60 -26.61
CA ARG B 263 -30.69 -22.27 -27.90
C ARG B 263 -30.30 -23.72 -27.72
N GLN B 264 -31.10 -24.61 -28.29
CA GLN B 264 -30.70 -26.01 -28.35
C GLN B 264 -29.45 -26.12 -29.23
N LEU B 265 -28.38 -26.69 -28.70
CA LEU B 265 -27.17 -26.81 -29.53
C LEU B 265 -27.40 -27.71 -30.74
N LYS B 266 -26.97 -27.20 -31.90
CA LYS B 266 -26.86 -28.03 -33.13
C LYS B 266 -25.54 -28.79 -32.99
N VAL B 267 -25.58 -30.11 -33.16
CA VAL B 267 -24.37 -30.92 -32.86
C VAL B 267 -23.93 -31.69 -34.10
N HIS B 268 -22.76 -31.33 -34.62
CA HIS B 268 -22.19 -32.01 -35.79
C HIS B 268 -21.18 -33.04 -35.31
N LYS B 269 -21.18 -34.20 -35.94
CA LYS B 269 -20.16 -35.21 -35.63
C LYS B 269 -18.90 -35.00 -36.49
N LEU B 270 -17.74 -35.19 -35.87
CA LEU B 270 -16.46 -35.15 -36.57
C LEU B 270 -15.80 -36.52 -36.41
N CYS B 271 -15.26 -37.05 -37.50
CA CYS B 271 -14.61 -38.38 -37.46
C CYS B 271 -13.36 -38.35 -36.55
N CYS B 272 -12.84 -39.55 -36.29
CA CYS B 272 -11.62 -39.78 -35.53
C CYS B 272 -10.72 -40.60 -36.42
N PRO B 273 -9.40 -40.51 -36.21
CA PRO B 273 -8.52 -41.37 -37.01
C PRO B 273 -8.90 -42.85 -36.84
N VAL B 274 -8.90 -43.59 -37.95
CA VAL B 274 -9.18 -45.06 -37.94
C VAL B 274 -8.13 -45.83 -37.12
N LYS B 275 -6.86 -45.53 -37.37
CA LYS B 275 -5.75 -46.26 -36.73
C LYS B 275 -5.16 -45.42 -35.60
N ASN B 276 -4.77 -46.07 -34.51
CA ASN B 276 -4.03 -45.39 -33.43
C ASN B 276 -2.69 -44.92 -33.96
N VAL B 277 -2.38 -43.67 -33.64
CA VAL B 277 -1.03 -43.14 -33.77
C VAL B 277 -0.26 -43.56 -32.51
N THR B 278 0.94 -44.13 -32.67
CA THR B 278 1.68 -44.56 -31.50
C THR B 278 3.12 -44.07 -31.50
N ILE B 279 3.71 -43.90 -30.31
CA ILE B 279 5.15 -43.72 -30.19
C ILE B 279 5.88 -44.97 -30.64
N LYS B 280 6.88 -44.78 -31.50
CA LYS B 280 7.71 -45.88 -31.93
C LYS B 280 8.95 -46.04 -31.06
N GLY B 281 9.41 -47.27 -30.92
CA GLY B 281 10.57 -47.57 -30.07
C GLY B 281 11.80 -46.90 -30.62
N SER B 282 11.87 -46.85 -31.96
CA SER B 282 12.97 -46.19 -32.66
C SER B 282 13.04 -44.68 -32.43
N PHE B 283 11.97 -44.06 -31.94
CA PHE B 283 12.00 -42.60 -31.67
C PHE B 283 13.09 -42.24 -30.66
N LYS B 284 13.85 -41.19 -30.95
CA LYS B 284 14.98 -40.81 -30.12
C LYS B 284 14.56 -39.66 -29.19
N ILE B 285 14.01 -40.06 -28.03
CA ILE B 285 13.42 -39.13 -27.05
C ILE B 285 14.09 -39.40 -25.71
N ASP B 286 14.56 -38.36 -25.04
CA ASP B 286 15.26 -38.52 -23.76
C ASP B 286 14.22 -38.94 -22.70
N PHE B 287 14.64 -39.80 -21.77
CA PHE B 287 13.86 -40.06 -20.55
C PHE B 287 14.43 -39.24 -19.40
N VAL B 288 13.54 -38.53 -18.70
CA VAL B 288 13.92 -37.74 -17.51
C VAL B 288 12.84 -37.98 -16.45
N GLU B 289 13.25 -38.43 -15.26
CA GLU B 289 12.27 -38.63 -14.18
C GLU B 289 11.54 -37.32 -13.91
N GLY B 290 10.21 -37.38 -13.92
CA GLY B 290 9.38 -36.19 -13.74
C GLY B 290 8.80 -35.67 -15.05
N THR B 291 9.40 -36.05 -16.18
CA THR B 291 8.86 -35.69 -17.49
C THR B 291 8.08 -36.89 -18.02
N MET B 292 6.87 -36.61 -18.50
CA MET B 292 6.00 -37.64 -19.06
C MET B 292 6.78 -38.54 -20.03
N PRO B 293 6.94 -39.85 -19.72
CA PRO B 293 7.66 -40.74 -20.65
C PRO B 293 6.97 -40.91 -22.00
N ARG B 294 7.79 -41.03 -23.05
CA ARG B 294 7.29 -41.39 -24.36
C ARG B 294 7.80 -42.78 -24.73
N GLU B 295 6.97 -43.77 -24.46
CA GLU B 295 7.39 -45.16 -24.58
C GLU B 295 6.75 -45.87 -25.78
N ASP B 296 7.47 -46.87 -26.30
CA ASP B 296 6.96 -47.68 -27.40
C ASP B 296 5.54 -48.15 -27.18
N GLY B 297 4.68 -47.93 -28.18
CA GLY B 297 3.30 -48.37 -28.12
C GLY B 297 2.35 -47.41 -27.46
N ASP B 298 2.88 -46.33 -26.86
CA ASP B 298 2.00 -45.32 -26.27
C ASP B 298 1.03 -44.81 -27.34
N ILE B 299 -0.25 -44.80 -27.03
CA ILE B 299 -1.24 -44.26 -27.94
C ILE B 299 -1.27 -42.73 -27.84
N CYS B 300 -1.05 -42.06 -28.97
CA CYS B 300 -1.05 -40.60 -29.01
C CYS B 300 -2.45 -40.08 -29.28
N ILE B 301 -2.78 -38.96 -28.63
CA ILE B 301 -4.13 -38.35 -28.70
C ILE B 301 -4.38 -37.63 -30.01
N ALA B 302 -4.75 -38.39 -31.04
CA ALA B 302 -4.86 -37.79 -32.32
C ALA B 302 -6.34 -37.49 -32.57
N SER B 303 -6.71 -36.24 -32.34
CA SER B 303 -8.07 -35.79 -32.63
C SER B 303 -8.08 -34.74 -33.73
N TYR B 304 -8.99 -34.89 -34.69
CA TYR B 304 -9.22 -33.86 -35.70
C TYR B 304 -9.88 -32.59 -35.12
N MET B 305 -10.43 -32.71 -33.91
CA MET B 305 -11.09 -31.56 -33.27
C MET B 305 -10.11 -30.45 -32.90
N ASN B 306 -8.83 -30.81 -32.82
CA ASN B 306 -7.81 -29.88 -32.33
C ASN B 306 -7.35 -28.94 -33.47
N PHE B 307 -8.34 -28.26 -34.07
CA PHE B 307 -8.10 -27.34 -35.19
C PHE B 307 -8.21 -25.90 -34.70
N LEU B 308 -7.65 -24.97 -35.46
CA LEU B 308 -7.70 -23.55 -35.12
C LEU B 308 -8.61 -22.83 -36.12
N ILE B 309 -9.63 -22.14 -35.61
CA ILE B 309 -10.43 -21.23 -36.44
C ILE B 309 -9.71 -19.88 -36.43
N THR B 310 -9.38 -19.36 -37.61
CA THR B 310 -8.66 -18.10 -37.67
C THR B 310 -9.11 -17.22 -38.86
N ASN B 311 -9.96 -16.24 -38.56
CA ASN B 311 -10.52 -15.38 -39.62
C ASN B 311 -11.13 -16.21 -40.78
N ASP B 312 -10.67 -16.04 -42.01
CA ASP B 312 -11.26 -16.74 -43.15
C ASP B 312 -10.76 -18.17 -43.36
N GLY B 313 -9.96 -18.67 -42.41
CA GLY B 313 -9.35 -20.00 -42.54
C GLY B 313 -9.62 -20.89 -41.34
N VAL B 314 -9.54 -22.20 -41.55
CA VAL B 314 -9.56 -23.17 -40.46
C VAL B 314 -8.39 -24.11 -40.74
N ILE B 315 -7.51 -24.25 -39.76
CA ILE B 315 -6.29 -25.05 -39.88
C ILE B 315 -6.51 -26.38 -39.15
N VAL B 316 -6.53 -27.47 -39.91
CA VAL B 316 -7.00 -28.77 -39.42
C VAL B 316 -5.87 -29.84 -39.38
N PRO B 317 -5.76 -30.59 -38.26
CA PRO B 317 -4.77 -31.65 -38.18
C PRO B 317 -4.90 -32.70 -39.31
N GLN B 318 -3.75 -33.18 -39.76
CA GLN B 318 -3.70 -34.30 -40.70
C GLN B 318 -2.69 -35.27 -40.10
N TYR B 319 -3.12 -36.51 -39.90
CA TYR B 319 -2.30 -37.49 -39.16
C TYR B 319 -1.64 -38.57 -40.02
N GLY B 320 -1.91 -38.52 -41.33
CA GLY B 320 -1.53 -39.62 -42.23
C GLY B 320 -2.47 -40.79 -42.14
N ASP B 321 -3.69 -40.53 -41.65
CA ASP B 321 -4.71 -41.55 -41.46
C ASP B 321 -5.65 -41.59 -42.66
N GLU B 322 -6.28 -42.75 -42.89
CA GLU B 322 -7.28 -42.85 -43.97
C GLU B 322 -8.39 -41.79 -43.90
N ASN B 323 -8.69 -41.31 -42.69
CA ASN B 323 -9.77 -40.30 -42.48
C ASN B 323 -9.30 -38.86 -42.61
N ASP B 324 -8.04 -38.64 -43.03
CA ASP B 324 -7.55 -37.26 -43.13
C ASP B 324 -8.41 -36.41 -44.05
N ARG B 325 -8.71 -36.91 -45.25
CA ARG B 325 -9.53 -36.15 -46.19
C ARG B 325 -10.98 -35.96 -45.70
N LEU B 326 -11.56 -37.01 -45.09
CA LEU B 326 -12.92 -36.92 -44.53
C LEU B 326 -13.01 -35.80 -43.49
N ALA B 327 -12.00 -35.71 -42.64
CA ALA B 327 -11.95 -34.65 -41.63
C ALA B 327 -12.01 -33.27 -42.30
N LEU B 328 -11.24 -33.08 -43.37
CA LEU B 328 -11.26 -31.79 -44.07
C LEU B 328 -12.65 -31.51 -44.67
N GLU B 329 -13.27 -32.53 -45.23
CA GLU B 329 -14.62 -32.43 -45.76
C GLU B 329 -15.66 -32.01 -44.73
N GLN B 330 -15.60 -32.67 -43.57
CA GLN B 330 -16.52 -32.41 -42.47
C GLN B 330 -16.33 -30.99 -41.92
N VAL B 331 -15.08 -30.56 -41.77
CA VAL B 331 -14.82 -29.22 -41.29
C VAL B 331 -15.27 -28.17 -42.31
N GLN B 332 -15.05 -28.45 -43.59
CA GLN B 332 -15.55 -27.54 -44.63
C GLN B 332 -17.07 -27.33 -44.54
N THR B 333 -17.83 -28.37 -44.25
CA THR B 333 -19.28 -28.21 -44.16
C THR B 333 -19.67 -27.42 -42.90
N MET B 334 -18.86 -27.49 -41.85
CA MET B 334 -19.10 -26.69 -40.63
C MET B 334 -18.86 -25.21 -40.88
N PHE B 335 -17.91 -24.91 -41.78
CA PHE B 335 -17.51 -23.53 -42.09
C PHE B 335 -17.55 -23.37 -43.61
N PRO B 336 -18.75 -23.32 -44.17
CA PRO B 336 -18.86 -23.34 -45.64
C PRO B 336 -18.21 -22.16 -46.36
N ASP B 337 -18.06 -21.03 -45.67
CA ASP B 337 -17.43 -19.85 -46.28
C ASP B 337 -15.97 -19.65 -45.92
N LYS B 338 -15.39 -20.60 -45.22
CA LYS B 338 -13.97 -20.50 -44.90
C LYS B 338 -13.12 -21.44 -45.76
N LYS B 339 -11.84 -21.13 -45.87
CA LYS B 339 -10.84 -22.00 -46.51
C LYS B 339 -10.28 -22.96 -45.47
N ILE B 340 -10.40 -24.25 -45.75
CA ILE B 340 -9.97 -25.29 -44.82
C ILE B 340 -8.62 -25.78 -45.28
N VAL B 341 -7.63 -25.72 -44.39
CA VAL B 341 -6.27 -26.10 -44.75
C VAL B 341 -5.78 -27.19 -43.83
N GLY B 342 -5.48 -28.37 -44.39
CA GLY B 342 -4.89 -29.43 -43.60
C GLY B 342 -3.38 -29.28 -43.53
N VAL B 343 -2.80 -29.59 -42.37
CA VAL B 343 -1.34 -29.58 -42.19
C VAL B 343 -0.94 -30.90 -41.56
N ASN B 344 0.14 -31.50 -42.08
CA ASN B 344 0.65 -32.73 -41.53
C ASN B 344 1.25 -32.48 -40.15
N THR B 345 0.56 -32.95 -39.12
CA THR B 345 0.95 -32.64 -37.74
C THR B 345 1.13 -33.86 -36.82
N VAL B 346 1.33 -35.03 -37.41
CA VAL B 346 1.61 -36.21 -36.58
C VAL B 346 2.81 -35.96 -35.66
N GLU B 347 3.79 -35.18 -36.12
CA GLU B 347 4.95 -34.88 -35.25
C GLU B 347 4.60 -34.10 -33.99
N VAL B 348 3.54 -33.30 -34.08
CA VAL B 348 3.07 -32.53 -32.93
C VAL B 348 2.37 -33.49 -31.98
N VAL B 349 1.61 -34.42 -32.55
CA VAL B 349 0.77 -35.29 -31.71
C VAL B 349 1.59 -36.25 -30.83
N TYR B 350 2.78 -36.62 -31.30
CA TYR B 350 3.67 -37.42 -30.47
C TYR B 350 3.99 -36.73 -29.14
N GLY B 351 3.94 -35.39 -29.11
CA GLY B 351 4.26 -34.61 -27.91
C GLY B 351 3.06 -34.25 -27.05
N GLY B 352 1.88 -34.76 -27.43
CA GLY B 352 0.68 -34.69 -26.57
C GLY B 352 -0.49 -33.80 -26.97
N GLY B 353 -0.47 -33.19 -28.15
CA GLY B 353 -1.59 -32.36 -28.61
C GLY B 353 -1.42 -31.98 -30.05
N ASN B 354 -2.13 -30.93 -30.46
CA ASN B 354 -2.08 -30.59 -31.86
C ASN B 354 -2.26 -29.09 -32.17
N ILE B 355 -2.76 -28.78 -33.36
CA ILE B 355 -2.76 -27.40 -33.85
C ILE B 355 -3.43 -26.45 -32.87
N HIS B 356 -4.60 -26.82 -32.35
CA HIS B 356 -5.29 -25.91 -31.45
C HIS B 356 -4.41 -25.65 -30.19
O AGT B 357 -1.07 -25.36 -27.53
C AGT B 357 -1.73 -25.67 -28.53
CA AGT B 357 -2.96 -26.60 -28.40
N AGT B 357 -3.66 -26.81 -29.69
CB AGT B 357 -2.43 -27.88 -27.89
SG AGT B 357 -2.28 -27.59 -26.09
CZ AGT B 357 -3.13 -29.15 -25.83
NH2 AGT B 357 -3.61 -29.50 -27.23
NE AGT B 357 -2.18 -30.15 -25.33
CD AGT B 357 -1.08 -29.75 -24.45
CG AGT B 357 -0.18 -30.97 -24.31
CK AGT B 357 1.01 -30.50 -23.50
CJ AGT B 357 1.66 -31.62 -22.78
NB AGT B 357 2.37 -32.35 -23.77
N ILE B 358 -1.17 -25.65 -29.88
CA ILE B 358 0.12 -24.94 -30.09
C ILE B 358 -0.08 -23.50 -30.54
N THR B 359 -1.34 -23.04 -30.49
CA THR B 359 -1.67 -21.69 -30.91
C THR B 359 -2.49 -20.96 -29.84
N GLN B 360 -2.42 -19.62 -29.89
CA GLN B 360 -3.32 -18.77 -29.08
C GLN B 360 -3.73 -17.57 -29.92
N GLN B 361 -5.01 -17.39 -30.16
CA GLN B 361 -5.46 -16.22 -30.94
C GLN B 361 -5.54 -14.98 -30.09
N GLU B 362 -5.45 -13.84 -30.77
CA GLU B 362 -5.62 -12.54 -30.16
C GLU B 362 -6.72 -11.83 -30.96
N PRO B 363 -7.88 -11.58 -30.35
CA PRO B 363 -9.03 -11.07 -31.09
C PRO B 363 -8.82 -9.62 -31.52
N LYS B 364 -9.51 -9.21 -32.59
CA LYS B 364 -9.57 -7.79 -32.91
C LYS B 364 -10.34 -7.07 -31.83
N ARG B 365 -9.87 -5.89 -31.51
CA ARG B 365 -10.58 -4.97 -30.63
C ARG B 365 -11.87 -4.47 -31.27
N ALA C 2 -22.80 15.43 -5.45
CA ALA C 2 -23.75 14.55 -6.26
C ALA C 2 -25.16 15.10 -6.30
N LYS C 3 -26.03 14.44 -7.08
CA LYS C 3 -27.38 14.92 -7.37
C LYS C 3 -28.46 14.09 -6.67
N ARG C 4 -29.58 14.71 -6.30
CA ARG C 4 -30.80 13.99 -5.91
C ARG C 4 -31.49 13.64 -7.26
N ILE C 5 -31.87 12.38 -7.44
CA ILE C 5 -32.65 11.99 -8.62
C ILE C 5 -34.13 12.17 -8.26
N VAL C 6 -34.82 13.00 -9.03
CA VAL C 6 -36.23 13.33 -8.77
C VAL C 6 -37.12 12.98 -9.96
N GLY C 7 -38.31 12.48 -9.67
CA GLY C 7 -39.31 12.19 -10.69
C GLY C 7 -39.17 10.85 -11.38
N SER C 8 -38.34 9.97 -10.82
CA SER C 8 -38.22 8.60 -11.33
C SER C 8 -37.84 7.67 -10.17
N THR C 9 -37.91 6.37 -10.40
CA THR C 9 -37.54 5.38 -9.38
C THR C 9 -36.35 4.59 -9.90
N PRO C 10 -35.63 3.93 -8.98
CA PRO C 10 -34.57 3.00 -9.41
C PRO C 10 -35.04 2.05 -10.52
N LYS C 11 -36.20 1.43 -10.35
CA LYS C 11 -36.66 0.51 -11.39
C LYS C 11 -36.80 1.20 -12.74
N GLN C 12 -37.46 2.34 -12.76
CA GLN C 12 -37.70 3.01 -14.02
C GLN C 12 -36.40 3.45 -14.67
N ASP C 13 -35.35 3.59 -13.86
CA ASP C 13 -34.03 4.03 -14.36
C ASP C 13 -33.08 2.84 -14.62
N GLY C 14 -33.57 1.62 -14.40
CA GLY C 14 -32.80 0.40 -14.70
C GLY C 14 -31.78 0.01 -13.63
N PHE C 15 -31.97 0.53 -12.41
CA PHE C 15 -31.15 0.19 -11.24
C PHE C 15 -31.84 -0.83 -10.32
N ARG C 16 -31.05 -1.73 -9.75
CA ARG C 16 -31.57 -2.76 -8.84
C ARG C 16 -30.67 -2.88 -7.62
N MET C 17 -31.22 -3.29 -6.47
CA MET C 17 -30.33 -3.58 -5.36
C MET C 17 -29.80 -5.00 -5.55
N PRO C 18 -28.47 -5.15 -5.66
CA PRO C 18 -27.96 -6.50 -5.83
C PRO C 18 -27.96 -7.29 -4.52
N GLY C 19 -27.91 -8.61 -4.61
CA GLY C 19 -27.79 -9.39 -3.39
C GLY C 19 -26.52 -9.07 -2.62
N GLU C 20 -26.54 -9.33 -1.32
CA GLU C 20 -25.38 -9.05 -0.48
C GLU C 20 -24.20 -9.95 -0.85
N PHE C 21 -24.51 -11.08 -1.51
CA PHE C 21 -23.50 -12.06 -1.95
C PHE C 21 -22.93 -11.68 -3.32
N GLU C 22 -23.38 -10.58 -3.90
CA GLU C 22 -22.76 -10.08 -5.14
C GLU C 22 -21.51 -9.25 -4.79
N PRO C 23 -20.58 -9.09 -5.75
CA PRO C 23 -19.29 -8.45 -5.41
C PRO C 23 -19.44 -7.05 -4.81
N GLN C 24 -18.59 -6.75 -3.85
CA GLN C 24 -18.61 -5.48 -3.09
C GLN C 24 -17.32 -4.68 -3.29
N GLU C 25 -17.50 -3.37 -3.49
CA GLU C 25 -16.37 -2.43 -3.60
C GLU C 25 -15.83 -2.05 -2.24
N LYS C 26 -16.73 -1.85 -1.29
CA LYS C 26 -16.32 -1.44 0.05
C LYS C 26 -17.44 -1.67 1.05
N VAL C 27 -17.11 -1.57 2.34
CA VAL C 27 -18.09 -1.70 3.40
C VAL C 27 -17.93 -0.48 4.36
N TRP C 28 -19.05 -0.11 4.97
CA TRP C 28 -19.21 1.09 5.82
C TRP C 28 -19.65 0.67 7.20
N MET C 29 -19.28 1.50 8.16
CA MET C 29 -19.59 1.29 9.59
C MET C 29 -19.57 2.65 10.27
N ILE C 30 -20.42 2.83 11.28
CA ILE C 30 -20.33 4.05 12.15
C ILE C 30 -19.66 3.65 13.48
N TRP C 31 -18.81 4.52 14.00
CA TRP C 31 -18.15 4.27 15.29
C TRP C 31 -19.12 4.54 16.46
N PRO C 32 -19.24 3.57 17.38
CA PRO C 32 -20.19 3.66 18.50
C PRO C 32 -19.66 4.39 19.70
N GLU C 33 -20.57 5.05 20.44
CA GLU C 33 -20.14 5.81 21.61
C GLU C 33 -21.22 6.21 22.60
N ARG C 34 -22.48 6.34 22.18
CA ARG C 34 -23.43 7.04 23.09
C ARG C 34 -23.63 6.27 24.41
N PRO C 35 -23.45 6.97 25.55
CA PRO C 35 -23.38 6.25 26.84
C PRO C 35 -24.74 5.81 27.40
N ASP C 36 -25.83 6.26 26.79
CA ASP C 36 -27.18 5.82 27.17
C ASP C 36 -27.62 4.59 26.37
N ASN C 37 -26.71 4.06 25.54
CA ASN C 37 -26.89 2.72 24.95
C ASN C 37 -25.71 1.83 25.37
N TRP C 38 -24.48 2.31 25.13
CA TRP C 38 -23.29 1.50 25.25
C TRP C 38 -22.65 1.68 26.61
N ARG C 39 -22.42 0.56 27.31
CA ARG C 39 -21.83 0.62 28.65
C ARG C 39 -20.40 1.16 28.61
N ASP C 40 -19.97 1.76 29.72
CA ASP C 40 -18.57 2.21 29.84
C ASP C 40 -18.20 3.21 28.76
N GLY C 41 -19.14 4.07 28.39
CA GLY C 41 -18.89 5.12 27.40
C GLY C 41 -18.45 4.55 26.04
N GLY C 42 -18.91 3.35 25.76
CA GLY C 42 -18.60 2.67 24.51
C GLY C 42 -17.26 1.94 24.43
N LYS C 43 -16.47 1.89 25.48
CA LYS C 43 -15.12 1.32 25.31
C LYS C 43 -15.19 -0.17 24.90
N PRO C 44 -15.97 -0.98 25.61
CA PRO C 44 -16.04 -2.40 25.19
C PRO C 44 -16.58 -2.59 23.77
N VAL C 45 -17.66 -1.89 23.41
CA VAL C 45 -18.22 -2.04 22.07
C VAL C 45 -17.28 -1.50 21.00
N GLN C 46 -16.49 -0.45 21.33
CA GLN C 46 -15.53 0.06 20.34
C GLN C 46 -14.54 -1.02 19.96
N GLU C 47 -14.08 -1.80 20.94
CA GLU C 47 -13.16 -2.92 20.67
C GLU C 47 -13.83 -3.94 19.74
N ALA C 48 -15.11 -4.23 20.01
CA ALA C 48 -15.84 -5.19 19.15
C ALA C 48 -15.98 -4.67 17.71
N PHE C 49 -16.43 -3.43 17.55
CA PHE C 49 -16.55 -2.84 16.19
C PHE C 49 -15.18 -2.84 15.51
N THR C 50 -14.12 -2.57 16.26
CA THR C 50 -12.74 -2.59 15.69
C THR C 50 -12.43 -4.00 15.12
N ASN C 51 -12.74 -5.02 15.92
CA ASN C 51 -12.52 -6.41 15.50
C ASN C 51 -13.34 -6.79 14.27
N VAL C 52 -14.60 -6.32 14.23
CA VAL C 52 -15.45 -6.57 13.06
C VAL C 52 -14.86 -5.88 11.82
N ALA C 53 -14.50 -4.59 11.96
CA ALA C 53 -13.90 -3.84 10.84
C ALA C 53 -12.61 -4.53 10.35
N LYS C 54 -11.77 -4.99 11.28
CA LYS C 54 -10.55 -5.69 10.94
C LYS C 54 -10.85 -6.96 10.16
N ALA C 55 -11.85 -7.71 10.62
CA ALA C 55 -12.21 -8.98 9.95
C ALA C 55 -12.66 -8.71 8.52
N ILE C 56 -13.49 -7.69 8.35
CA ILE C 56 -14.04 -7.36 7.03
C ILE C 56 -12.91 -6.94 6.07
N SER C 57 -11.99 -6.13 6.59
CA SER C 57 -10.89 -5.57 5.79
C SER C 57 -10.01 -6.65 5.13
N GLN C 58 -9.99 -7.88 5.65
CA GLN C 58 -9.21 -8.91 4.98
C GLN C 58 -9.84 -9.32 3.63
N PHE C 59 -11.13 -9.02 3.46
CA PHE C 59 -11.89 -9.40 2.24
C PHE C 59 -12.25 -8.22 1.34
N THR C 60 -12.48 -7.05 1.97
CA THR C 60 -13.12 -5.93 1.26
C THR C 60 -12.68 -4.62 1.91
N PRO C 61 -12.34 -3.59 1.11
CA PRO C 61 -11.96 -2.30 1.69
C PRO C 61 -12.99 -1.79 2.69
N MET C 62 -12.50 -1.33 3.84
CA MET C 62 -13.36 -1.08 4.97
C MET C 62 -13.30 0.43 5.32
N ASN C 63 -14.42 0.95 5.81
CA ASN C 63 -14.59 2.41 6.09
C ASN C 63 -15.36 2.61 7.36
N VAL C 64 -14.88 3.54 8.19
CA VAL C 64 -15.58 3.85 9.45
C VAL C 64 -15.77 5.35 9.49
N VAL C 65 -16.97 5.76 9.86
CA VAL C 65 -17.30 7.19 9.99
C VAL C 65 -17.55 7.46 11.47
N VAL C 66 -17.21 8.66 11.92
CA VAL C 66 -17.11 8.89 13.38
C VAL C 66 -17.34 10.37 13.72
N SER C 67 -17.88 10.61 14.92
CA SER C 67 -18.10 11.98 15.41
C SER C 67 -16.83 12.80 15.50
N GLN C 68 -17.02 14.12 15.57
CA GLN C 68 -15.93 15.04 15.85
C GLN C 68 -15.08 14.57 17.05
N GLN C 69 -15.72 14.25 18.18
CA GLN C 69 -15.00 13.99 19.40
C GLN C 69 -14.20 12.70 19.30
N GLN C 70 -14.77 11.69 18.65
CA GLN C 70 -14.13 10.38 18.61
C GLN C 70 -13.15 10.18 17.44
N PHE C 71 -13.10 11.14 16.54
CA PHE C 71 -12.28 10.97 15.34
C PHE C 71 -10.84 10.52 15.63
N GLN C 72 -10.13 11.24 16.50
CA GLN C 72 -8.72 10.91 16.74
C GLN C 72 -8.55 9.54 17.36
N ASN C 73 -9.38 9.23 18.35
CA ASN C 73 -9.31 7.89 18.97
C ASN C 73 -9.63 6.79 17.94
N CYS C 74 -10.71 6.99 17.18
CA CYS C 74 -11.11 6.02 16.15
C CYS C 74 -9.95 5.74 15.18
N ARG C 75 -9.33 6.81 14.68
CA ARG C 75 -8.24 6.69 13.72
C ARG C 75 -7.05 5.93 14.34
N ARG C 76 -6.79 6.17 15.62
CA ARG C 76 -5.73 5.47 16.34
C ARG C 76 -6.03 3.99 16.51
N GLN C 77 -7.29 3.67 16.81
CA GLN C 77 -7.66 2.28 17.12
C GLN C 77 -7.65 1.39 15.88
N LEU C 78 -8.05 1.96 14.75
CA LEU C 78 -8.20 1.18 13.51
C LEU C 78 -6.89 1.15 12.69
N PRO C 79 -6.57 -0.01 12.09
CA PRO C 79 -5.36 -0.06 11.25
C PRO C 79 -5.50 0.86 10.04
N PRO C 80 -4.35 1.34 9.53
CA PRO C 80 -4.36 2.39 8.49
C PRO C 80 -5.05 2.01 7.18
N GLU C 81 -5.13 0.71 6.87
CA GLU C 81 -5.84 0.29 5.64
C GLU C 81 -7.37 0.56 5.71
N ILE C 82 -7.87 0.83 6.90
CA ILE C 82 -9.28 1.14 7.10
C ILE C 82 -9.34 2.68 7.06
N THR C 83 -10.17 3.20 6.16
CA THR C 83 -10.34 4.65 5.96
C THR C 83 -11.29 5.19 7.00
N VAL C 84 -10.97 6.36 7.54
CA VAL C 84 -11.81 6.98 8.58
C VAL C 84 -12.27 8.37 8.11
N TYR C 85 -13.59 8.60 8.23
CA TYR C 85 -14.19 9.90 7.89
C TYR C 85 -14.88 10.50 9.11
N GLU C 86 -14.86 11.82 9.23
CA GLU C 86 -15.72 12.44 10.22
C GLU C 86 -17.15 12.43 9.69
N MET C 87 -18.09 12.07 10.56
CA MET C 87 -19.50 12.16 10.15
C MET C 87 -20.36 12.17 11.40
N SER C 88 -21.16 13.23 11.57
CA SER C 88 -22.11 13.30 12.71
C SER C 88 -23.13 12.16 12.65
N ASN C 89 -23.57 11.72 13.84
CA ASN C 89 -24.48 10.59 13.90
C ASN C 89 -25.11 10.58 15.27
N ASN C 90 -26.23 9.89 15.40
CA ASN C 90 -26.86 9.75 16.72
C ASN C 90 -26.59 8.39 17.37
N ASP C 91 -26.53 7.33 16.55
CA ASP C 91 -26.00 6.03 17.04
C ASP C 91 -25.35 5.31 15.86
N ALA C 92 -24.91 4.07 16.08
CA ALA C 92 -23.89 3.44 15.20
C ALA C 92 -24.44 2.27 14.37
N TRP C 93 -25.58 2.46 13.71
CA TRP C 93 -26.26 1.32 13.03
C TRP C 93 -26.43 1.61 11.54
N VAL C 94 -25.31 1.55 10.80
CA VAL C 94 -25.31 2.00 9.40
C VAL C 94 -26.06 1.04 8.48
N ARG C 95 -26.31 -0.20 8.89
CA ARG C 95 -27.23 -1.06 8.09
C ARG C 95 -28.60 -0.36 7.90
N ASP C 96 -29.00 0.38 8.92
CA ASP C 96 -30.34 0.92 9.03
C ASP C 96 -30.48 2.38 8.65
N CYS C 97 -29.47 3.21 8.95
CA CYS C 97 -29.52 4.61 8.51
C CYS C 97 -28.63 4.87 7.29
N GLY C 98 -27.83 3.87 6.89
CA GLY C 98 -27.05 4.00 5.66
C GLY C 98 -27.88 4.04 4.38
N PRO C 99 -27.20 4.33 3.25
CA PRO C 99 -27.91 4.24 1.96
C PRO C 99 -28.01 2.78 1.57
N SER C 100 -29.04 2.45 0.79
CA SER C 100 -29.11 1.15 0.12
C SER C 100 -28.67 1.34 -1.34
N PHE C 101 -27.49 0.82 -1.68
CA PHE C 101 -26.97 1.05 -3.03
C PHE C 101 -27.64 0.18 -4.07
N VAL C 102 -27.87 0.79 -5.23
CA VAL C 102 -28.44 0.09 -6.37
C VAL C 102 -27.51 0.23 -7.60
N ILE C 103 -27.48 -0.78 -8.46
CA ILE C 103 -26.57 -0.72 -9.62
C ILE C 103 -27.34 -1.02 -10.90
N ASN C 104 -26.83 -0.52 -12.02
CA ASN C 104 -27.48 -0.83 -13.29
C ASN C 104 -26.77 -1.87 -14.15
N ASP C 105 -25.71 -2.48 -13.65
CA ASP C 105 -25.03 -3.44 -14.55
C ASP C 105 -24.58 -2.86 -15.96
N HIS C 106 -24.61 -1.51 -16.12
CA HIS C 106 -23.92 -0.73 -17.14
C HIS C 106 -22.83 0.17 -16.51
N GLY C 107 -22.24 -0.27 -15.41
CA GLY C 107 -21.14 0.45 -14.78
C GLY C 107 -21.50 1.60 -13.85
N GLU C 108 -22.79 1.76 -13.56
CA GLU C 108 -23.24 2.89 -12.71
C GLU C 108 -23.83 2.40 -11.40
N ILE C 109 -23.78 3.29 -10.42
CA ILE C 109 -24.28 3.00 -9.07
C ILE C 109 -25.00 4.25 -8.55
N ARG C 110 -26.13 4.03 -7.88
CA ARG C 110 -26.89 5.12 -7.21
C ARG C 110 -27.22 4.64 -5.78
N GLY C 111 -27.72 5.54 -4.97
CA GLY C 111 -28.05 5.21 -3.57
C GLY C 111 -29.54 5.49 -3.34
N VAL C 112 -30.18 4.65 -2.52
CA VAL C 112 -31.50 4.93 -2.01
C VAL C 112 -31.34 5.42 -0.58
N ASP C 113 -31.90 6.59 -0.35
CA ASP C 113 -31.82 7.30 0.93
C ASP C 113 -33.25 7.28 1.50
N TRP C 114 -33.51 6.31 2.37
CA TRP C 114 -34.86 6.13 2.92
C TRP C 114 -35.02 7.13 4.05
N THR C 115 -36.26 7.44 4.42
CA THR C 115 -36.44 8.23 5.67
C THR C 115 -36.10 7.34 6.87
N PHE C 116 -35.20 7.81 7.73
CA PHE C 116 -34.83 7.11 8.94
C PHE C 116 -35.50 7.78 10.16
N ASN C 117 -36.05 6.97 11.08
CA ASN C 117 -36.69 7.56 12.27
C ASN C 117 -36.35 6.83 13.59
N ALA C 118 -35.17 6.19 13.63
CA ALA C 118 -34.73 5.49 14.86
C ALA C 118 -35.72 4.38 15.26
N TRP C 119 -36.17 3.61 14.25
CA TRP C 119 -36.97 2.39 14.49
C TRP C 119 -38.27 2.69 15.23
N GLY C 120 -38.99 3.69 14.75
CA GLY C 120 -40.36 3.92 15.23
C GLY C 120 -40.64 5.34 15.65
N GLY C 121 -39.65 6.21 15.53
CA GLY C 121 -39.84 7.64 15.74
C GLY C 121 -40.37 7.94 17.12
N LEU C 122 -41.37 8.83 17.20
CA LEU C 122 -41.95 9.21 18.49
C LEU C 122 -43.02 8.23 18.96
N VAL C 123 -43.34 7.23 18.14
CA VAL C 123 -44.28 6.19 18.54
C VAL C 123 -43.57 5.16 19.43
N ASP C 124 -42.53 4.51 18.88
CA ASP C 124 -41.78 3.52 19.64
C ASP C 124 -40.31 3.47 19.25
N GLY C 125 -39.78 4.61 18.80
CA GLY C 125 -38.34 4.70 18.47
C GLY C 125 -37.42 4.56 19.67
N LEU C 126 -36.12 4.39 19.37
CA LEU C 126 -35.17 3.97 20.41
C LEU C 126 -34.41 5.12 21.07
N TYR C 127 -34.50 6.30 20.48
CA TYR C 127 -33.93 7.54 21.03
C TYR C 127 -34.46 8.74 20.25
N PHE C 128 -34.22 9.93 20.80
CA PHE C 128 -34.61 11.16 20.11
C PHE C 128 -33.53 12.20 20.43
N PRO C 129 -33.04 12.93 19.41
CA PRO C 129 -33.45 12.87 18.00
C PRO C 129 -32.56 11.95 17.14
N TRP C 130 -32.86 11.93 15.84
CA TRP C 130 -32.18 11.06 14.89
C TRP C 130 -31.83 11.86 13.63
N ASP C 131 -31.83 13.19 13.78
CA ASP C 131 -31.55 14.08 12.62
C ASP C 131 -30.19 13.88 11.98
N GLN C 132 -29.15 13.59 12.77
CA GLN C 132 -27.82 13.35 12.16
C GLN C 132 -27.77 11.97 11.53
N ASP C 133 -28.30 10.95 12.22
CA ASP C 133 -28.46 9.63 11.56
C ASP C 133 -29.09 9.74 10.17
N ASP C 134 -30.12 10.56 10.07
CA ASP C 134 -30.88 10.65 8.82
C ASP C 134 -30.10 11.30 7.68
N LEU C 135 -28.99 11.95 7.99
CA LEU C 135 -28.12 12.58 6.95
C LEU C 135 -26.96 11.65 6.50
N VAL C 136 -26.75 10.55 7.22
CA VAL C 136 -25.60 9.65 6.93
C VAL C 136 -25.70 9.11 5.51
N ALA C 137 -26.90 8.73 5.07
CA ALA C 137 -27.04 8.16 3.73
C ALA C 137 -26.57 9.14 2.65
N GLN C 138 -27.03 10.39 2.72
CA GLN C 138 -26.60 11.39 1.75
C GLN C 138 -25.09 11.66 1.84
N LYS C 139 -24.55 11.73 3.07
CA LYS C 139 -23.12 12.01 3.20
C LYS C 139 -22.24 10.90 2.62
N ILE C 140 -22.63 9.64 2.86
CA ILE C 140 -21.88 8.52 2.28
C ILE C 140 -22.01 8.56 0.76
N CYS C 141 -23.22 8.86 0.24
CA CYS C 141 -23.36 8.99 -1.23
C CYS C 141 -22.47 10.10 -1.79
N GLU C 142 -22.43 11.25 -1.12
CA GLU C 142 -21.50 12.33 -1.52
C GLU C 142 -20.05 11.85 -1.62
N ILE C 143 -19.56 11.18 -0.58
CA ILE C 143 -18.18 10.67 -0.55
C ILE C 143 -17.94 9.82 -1.81
N GLU C 144 -18.93 9.01 -2.13
CA GLU C 144 -18.81 8.10 -3.28
C GLU C 144 -19.13 8.73 -4.65
N HIS C 145 -19.45 10.04 -4.67
CA HIS C 145 -19.90 10.75 -5.87
C HIS C 145 -21.15 10.06 -6.47
N VAL C 146 -22.01 9.58 -5.59
CA VAL C 146 -23.19 8.84 -6.02
C VAL C 146 -24.49 9.60 -5.88
N ASP C 147 -25.22 9.63 -6.99
CA ASP C 147 -26.55 10.28 -7.03
C ASP C 147 -27.53 9.41 -6.27
N SER C 148 -28.52 10.04 -5.62
CA SER C 148 -29.41 9.30 -4.72
C SER C 148 -30.87 9.65 -4.89
N TYR C 149 -31.71 8.69 -4.56
CA TYR C 149 -33.17 8.85 -4.54
C TYR C 149 -33.53 9.00 -3.05
N ARG C 150 -34.20 10.09 -2.70
CA ARG C 150 -34.71 10.24 -1.33
C ARG C 150 -36.19 9.83 -1.31
N THR C 151 -36.56 8.95 -0.36
CA THR C 151 -37.95 8.48 -0.32
C THR C 151 -38.76 9.34 0.69
N ASP C 152 -39.23 10.47 0.16
CA ASP C 152 -39.95 11.42 0.98
C ASP C 152 -41.11 10.73 1.66
N ASP C 153 -41.22 10.92 2.96
CA ASP C 153 -42.37 10.44 3.73
C ASP C 153 -42.51 8.91 3.75
N PHE C 154 -41.42 8.20 3.41
CA PHE C 154 -41.44 6.74 3.47
C PHE C 154 -40.24 6.30 4.32
N VAL C 155 -40.55 5.74 5.48
CA VAL C 155 -39.55 5.30 6.43
C VAL C 155 -39.16 3.85 6.18
N LEU C 156 -37.85 3.58 6.12
CA LEU C 156 -37.37 2.20 5.95
C LEU C 156 -35.94 2.10 6.45
N GLU C 157 -35.53 0.90 6.86
CA GLU C 157 -34.15 0.61 7.25
C GLU C 157 -33.62 -0.55 6.42
N GLY C 158 -32.37 -0.50 6.02
CA GLY C 158 -31.81 -1.62 5.26
C GLY C 158 -31.88 -2.97 5.96
N GLY C 159 -31.90 -2.97 7.29
CA GLY C 159 -31.95 -4.24 8.04
C GLY C 159 -33.31 -4.92 8.03
N SER C 160 -34.32 -4.21 7.50
CA SER C 160 -35.71 -4.70 7.53
C SER C 160 -36.12 -5.54 6.33
N PHE C 161 -35.22 -5.65 5.36
CA PHE C 161 -35.53 -6.44 4.16
C PHE C 161 -34.24 -7.09 3.63
N HIS C 162 -34.41 -8.15 2.85
CA HIS C 162 -33.29 -8.81 2.17
C HIS C 162 -33.67 -9.08 0.75
N VAL C 163 -32.70 -8.88 -0.16
CA VAL C 163 -32.95 -9.09 -1.58
C VAL C 163 -32.12 -10.24 -2.16
N ASP C 164 -32.63 -10.89 -3.20
CA ASP C 164 -31.83 -11.90 -3.90
C ASP C 164 -31.15 -11.32 -5.15
N GLY C 165 -31.43 -10.05 -5.46
CA GLY C 165 -30.89 -9.42 -6.69
C GLY C 165 -31.54 -9.86 -7.98
N GLN C 166 -32.58 -10.69 -7.87
CA GLN C 166 -33.23 -11.26 -9.06
C GLN C 166 -34.74 -11.14 -8.92
N GLY C 167 -35.17 -10.05 -8.30
CA GLY C 167 -36.58 -9.67 -8.36
C GLY C 167 -37.39 -10.00 -7.12
N THR C 168 -36.74 -10.52 -6.08
CA THR C 168 -37.44 -10.85 -4.83
C THR C 168 -36.92 -10.06 -3.65
N VAL C 169 -37.83 -9.73 -2.75
CA VAL C 169 -37.48 -9.17 -1.45
C VAL C 169 -38.18 -9.96 -0.35
N LEU C 170 -37.47 -10.15 0.75
CA LEU C 170 -37.99 -10.85 1.94
C LEU C 170 -38.04 -9.85 3.09
N THR C 171 -39.16 -9.83 3.80
CA THR C 171 -39.30 -8.86 4.90
C THR C 171 -40.24 -9.41 5.98
N THR C 172 -40.58 -8.57 6.98
CA THR C 172 -41.48 -9.00 8.07
C THR C 172 -42.65 -8.03 8.21
N GLU C 173 -43.84 -8.59 8.40
CA GLU C 173 -45.02 -7.79 8.72
C GLU C 173 -44.85 -7.05 10.04
N MET C 174 -44.22 -7.70 11.01
CA MET C 174 -44.04 -7.09 12.34
C MET C 174 -43.37 -5.71 12.23
N CYS C 175 -42.39 -5.60 11.34
CA CYS C 175 -41.65 -4.34 11.19
C CYS C 175 -42.41 -3.36 10.30
N LEU C 176 -42.62 -3.74 9.03
CA LEU C 176 -43.09 -2.77 8.04
C LEU C 176 -44.49 -2.27 8.24
N LEU C 177 -45.33 -3.09 8.90
CA LEU C 177 -46.73 -2.73 9.13
C LEU C 177 -46.98 -2.10 10.50
N SER C 178 -45.89 -1.83 11.23
CA SER C 178 -46.03 -1.28 12.59
C SER C 178 -46.42 0.21 12.58
N GLU C 179 -47.07 0.64 13.66
CA GLU C 179 -47.58 2.00 13.77
C GLU C 179 -46.49 3.08 13.65
N GLY C 180 -45.27 2.78 14.09
CA GLY C 180 -44.22 3.80 14.14
C GLY C 180 -43.44 3.96 12.85
N ARG C 181 -43.82 3.19 11.80
CA ARG C 181 -43.12 3.29 10.52
C ARG C 181 -43.91 4.12 9.50
N ASN C 182 -44.80 3.47 8.76
CA ASN C 182 -45.60 4.15 7.74
C ASN C 182 -47.09 3.86 7.91
N PRO C 183 -47.68 4.32 9.03
CA PRO C 183 -49.02 3.87 9.40
C PRO C 183 -50.09 4.30 8.41
N GLN C 184 -49.80 5.31 7.60
CA GLN C 184 -50.78 5.87 6.65
C GLN C 184 -50.83 5.03 5.37
N LEU C 185 -49.84 4.14 5.20
CA LEU C 185 -49.73 3.28 4.02
C LEU C 185 -50.33 1.89 4.21
N SER C 186 -51.00 1.39 3.18
CA SER C 186 -51.49 0.01 3.17
C SER C 186 -50.32 -0.94 2.89
N LYS C 187 -50.55 -2.23 3.13
CA LYS C 187 -49.52 -3.22 2.83
C LYS C 187 -49.17 -3.14 1.36
N GLU C 188 -50.18 -2.96 0.52
CA GLU C 188 -49.94 -2.90 -0.93
C GLU C 188 -49.12 -1.68 -1.32
N ALA C 189 -49.39 -0.54 -0.70
CA ALA C 189 -48.62 0.68 -0.96
C ALA C 189 -47.15 0.52 -0.56
N ILE C 190 -46.90 -0.18 0.57
CA ILE C 190 -45.54 -0.49 1.01
C ILE C 190 -44.87 -1.46 0.01
N GLU C 191 -45.57 -2.48 -0.45
CA GLU C 191 -45.04 -3.38 -1.48
C GLU C 191 -44.62 -2.60 -2.72
N GLN C 192 -45.46 -1.66 -3.15
CA GLN C 192 -45.15 -0.84 -4.34
C GLN C 192 -43.83 -0.08 -4.16
N LYS C 193 -43.63 0.52 -2.98
CA LYS C 193 -42.36 1.21 -2.72
C LYS C 193 -41.16 0.27 -2.78
N LEU C 194 -41.29 -0.92 -2.19
CA LEU C 194 -40.19 -1.88 -2.23
C LEU C 194 -39.91 -2.25 -3.67
N CYS C 195 -40.96 -2.51 -4.42
CA CYS C 195 -40.79 -2.88 -5.84
C CYS C 195 -40.09 -1.79 -6.64
N ASP C 196 -40.56 -0.55 -6.49
CA ASP C 196 -40.00 0.58 -7.22
C ASP C 196 -38.55 0.90 -6.85
N TYR C 197 -38.21 0.81 -5.57
CA TYR C 197 -36.89 1.29 -5.11
C TYR C 197 -35.81 0.21 -5.03
N LEU C 198 -36.24 -1.05 -4.84
CA LEU C 198 -35.29 -2.17 -4.85
C LEU C 198 -35.19 -2.81 -6.23
N ASN C 199 -36.16 -2.51 -7.09
CA ASN C 199 -36.33 -3.17 -8.40
C ASN C 199 -36.67 -4.64 -8.16
N VAL C 200 -37.82 -4.86 -7.52
CA VAL C 200 -38.31 -6.23 -7.31
C VAL C 200 -39.74 -6.36 -7.79
N GLU C 201 -40.19 -7.62 -7.92
CA GLU C 201 -41.54 -7.92 -8.43
C GLU C 201 -42.34 -8.74 -7.42
N LYS C 202 -41.65 -9.39 -6.48
CA LYS C 202 -42.34 -10.23 -5.49
C LYS C 202 -41.85 -9.88 -4.11
N VAL C 203 -42.81 -9.63 -3.22
CA VAL C 203 -42.50 -9.35 -1.81
C VAL C 203 -42.95 -10.55 -0.99
N LEU C 204 -41.98 -11.19 -0.33
CA LEU C 204 -42.22 -12.34 0.54
C LEU C 204 -42.37 -11.86 1.98
N TRP C 205 -43.56 -12.06 2.55
CA TRP C 205 -43.83 -11.58 3.91
C TRP C 205 -43.70 -12.68 4.96
N LEU C 206 -42.67 -12.55 5.79
CA LEU C 206 -42.65 -13.27 7.04
C LEU C 206 -43.55 -12.50 8.02
N GLY C 207 -43.93 -13.14 9.11
CA GLY C 207 -44.83 -12.51 10.10
C GLY C 207 -43.99 -11.80 11.14
N ASP C 208 -43.79 -12.48 12.28
CA ASP C 208 -43.00 -11.94 13.38
C ASP C 208 -41.49 -11.99 13.17
N GLY C 209 -40.81 -10.96 13.67
CA GLY C 209 -39.39 -11.02 13.91
C GLY C 209 -39.16 -11.43 15.36
N ILE C 210 -37.92 -11.34 15.81
CA ILE C 210 -37.57 -11.79 17.15
C ILE C 210 -37.30 -10.68 18.18
N ASP C 211 -37.33 -9.43 17.71
CA ASP C 211 -37.03 -8.29 18.57
C ASP C 211 -38.13 -7.23 18.47
N PRO C 212 -39.34 -7.57 18.94
CA PRO C 212 -40.45 -6.62 18.75
C PRO C 212 -40.21 -5.23 19.39
N GLU C 213 -39.47 -5.19 20.50
CA GLU C 213 -39.23 -3.94 21.24
C GLU C 213 -38.08 -3.12 20.66
N GLU C 214 -37.18 -3.77 19.93
CA GLU C 214 -35.96 -3.09 19.48
C GLU C 214 -36.20 -2.53 18.07
N THR C 215 -36.03 -3.35 17.05
CA THR C 215 -36.26 -2.88 15.69
C THR C 215 -37.67 -3.14 15.16
N ASN C 216 -38.52 -3.71 16.01
CA ASN C 216 -39.83 -4.22 15.58
C ASN C 216 -39.70 -5.41 14.63
N GLY C 217 -38.70 -6.28 14.86
CA GLY C 217 -38.70 -7.56 14.17
C GLY C 217 -38.01 -7.53 12.82
N HIS C 218 -36.86 -6.85 12.74
CA HIS C 218 -36.08 -6.87 11.50
C HIS C 218 -35.83 -8.28 10.96
N VAL C 219 -36.01 -8.43 9.64
CA VAL C 219 -35.79 -9.72 8.99
C VAL C 219 -34.33 -10.22 9.15
N ASP C 220 -33.37 -9.32 9.31
CA ASP C 220 -31.96 -9.71 9.23
C ASP C 220 -31.49 -10.46 10.48
N ASP C 221 -32.37 -10.55 11.50
CA ASP C 221 -32.15 -11.46 12.63
C ASP C 221 -32.80 -12.81 12.47
N VAL C 222 -33.59 -12.96 11.40
CA VAL C 222 -34.45 -14.12 11.22
C VAL C 222 -34.03 -15.00 10.01
N ALA C 223 -33.86 -14.34 8.84
CA ALA C 223 -33.62 -15.09 7.62
C ALA C 223 -32.96 -14.19 6.61
N CYS C 224 -32.20 -14.77 5.69
CA CYS C 224 -31.57 -13.98 4.63
C CYS C 224 -31.39 -14.83 3.39
N PHE C 225 -30.95 -14.19 2.30
CA PHE C 225 -30.61 -14.96 1.09
C PHE C 225 -29.15 -15.33 1.08
N ILE C 226 -28.87 -16.60 0.85
CA ILE C 226 -27.46 -16.99 0.72
C ILE C 226 -27.00 -17.01 -0.74
N ALA C 227 -27.95 -17.14 -1.65
CA ALA C 227 -27.72 -17.16 -3.10
C ALA C 227 -29.13 -17.05 -3.73
N PRO C 228 -29.22 -16.77 -5.03
CA PRO C 228 -30.57 -16.79 -5.59
C PRO C 228 -31.25 -18.17 -5.38
N GLY C 229 -32.48 -18.14 -4.88
CA GLY C 229 -33.27 -19.37 -4.65
C GLY C 229 -32.94 -20.11 -3.36
N GLU C 230 -32.03 -19.54 -2.55
CA GLU C 230 -31.60 -20.19 -1.30
C GLU C 230 -31.61 -19.22 -0.15
N VAL C 231 -32.20 -19.67 0.97
CA VAL C 231 -32.29 -18.86 2.18
C VAL C 231 -31.78 -19.60 3.40
N ALA C 232 -31.27 -18.84 4.38
CA ALA C 232 -30.97 -19.36 5.72
C ALA C 232 -32.09 -18.88 6.63
N CYS C 233 -32.50 -19.72 7.59
CA CYS C 233 -33.55 -19.34 8.56
C CYS C 233 -33.15 -19.83 9.93
N ILE C 234 -33.25 -18.98 10.96
CA ILE C 234 -33.02 -19.42 12.35
C ILE C 234 -33.99 -20.55 12.71
N TYR C 235 -33.50 -21.46 13.56
CA TYR C 235 -34.31 -22.57 14.01
C TYR C 235 -33.90 -23.03 15.40
N THR C 236 -34.90 -23.44 16.16
CA THR C 236 -34.68 -23.98 17.48
C THR C 236 -35.87 -24.82 17.86
N GLU C 237 -35.60 -25.87 18.63
CA GLU C 237 -36.63 -26.76 19.14
C GLU C 237 -36.86 -26.51 20.62
N ASP C 238 -36.15 -25.53 21.18
CA ASP C 238 -36.32 -25.22 22.60
C ASP C 238 -37.51 -24.32 22.77
N GLN C 239 -38.60 -24.87 23.30
CA GLN C 239 -39.85 -24.12 23.45
C GLN C 239 -39.79 -23.00 24.50
N ASN C 240 -38.72 -22.95 25.28
CA ASN C 240 -38.54 -21.86 26.23
C ASN C 240 -37.79 -20.68 25.64
N SER C 241 -37.20 -20.87 24.45
CA SER C 241 -36.53 -19.80 23.75
C SER C 241 -37.49 -18.65 23.48
N PRO C 242 -37.03 -17.40 23.71
CA PRO C 242 -37.85 -16.27 23.31
C PRO C 242 -38.04 -16.24 21.77
N PHE C 243 -37.17 -16.95 21.02
CA PHE C 243 -37.21 -16.96 19.55
C PHE C 243 -38.07 -18.09 18.96
N TYR C 244 -38.50 -19.03 19.81
CA TYR C 244 -39.16 -20.25 19.33
C TYR C 244 -40.32 -20.07 18.33
N GLU C 245 -41.37 -19.36 18.75
CA GLU C 245 -42.55 -19.15 17.89
C GLU C 245 -42.22 -18.52 16.54
N ALA C 246 -41.47 -17.42 16.59
CA ALA C 246 -41.14 -16.69 15.37
C ALA C 246 -40.24 -17.52 14.45
N ALA C 247 -39.29 -18.27 15.02
CA ALA C 247 -38.41 -19.12 14.22
C ALA C 247 -39.20 -20.22 13.53
N GLN C 248 -40.07 -20.90 14.29
CA GLN C 248 -40.88 -21.97 13.73
C GLN C 248 -41.80 -21.43 12.65
N ASP C 249 -42.39 -20.26 12.87
CA ASP C 249 -43.30 -19.75 11.88
C ASP C 249 -42.57 -19.29 10.62
N ALA C 250 -41.43 -18.65 10.78
CA ALA C 250 -40.70 -18.17 9.60
C ALA C 250 -40.25 -19.36 8.74
N TYR C 251 -39.74 -20.40 9.40
CA TYR C 251 -39.31 -21.63 8.73
C TYR C 251 -40.46 -22.26 7.90
N GLN C 252 -41.61 -22.42 8.54
CA GLN C 252 -42.78 -22.98 7.89
C GLN C 252 -43.24 -22.16 6.69
N ARG C 253 -43.25 -20.82 6.83
CA ARG C 253 -43.59 -19.96 5.70
C ARG C 253 -42.63 -20.12 4.53
N LEU C 254 -41.32 -20.11 4.81
CA LEU C 254 -40.30 -20.16 3.78
C LEU C 254 -40.40 -21.45 2.96
N LEU C 255 -40.75 -22.56 3.62
CA LEU C 255 -40.84 -23.85 2.93
C LEU C 255 -41.96 -23.86 1.89
N LYS C 256 -42.88 -22.91 2.00
CA LYS C 256 -44.02 -22.79 1.08
C LYS C 256 -43.87 -21.65 0.04
N MET C 257 -42.73 -20.95 0.08
CA MET C 257 -42.54 -19.78 -0.79
C MET C 257 -41.77 -20.07 -2.07
N THR C 258 -42.20 -19.42 -3.14
CA THR C 258 -41.40 -19.37 -4.36
C THR C 258 -40.91 -17.93 -4.58
N ASP C 259 -39.71 -17.78 -5.17
CA ASP C 259 -39.18 -16.45 -5.49
C ASP C 259 -39.78 -15.90 -6.79
N ALA C 260 -39.36 -14.70 -7.20
CA ALA C 260 -39.91 -14.05 -8.39
C ALA C 260 -39.68 -14.86 -9.67
N LYS C 261 -38.67 -15.74 -9.63
CA LYS C 261 -38.35 -16.54 -10.82
C LYS C 261 -39.05 -17.88 -10.75
N GLY C 262 -39.86 -18.08 -9.71
CA GLY C 262 -40.68 -19.28 -9.57
C GLY C 262 -39.95 -20.45 -8.92
N ARG C 263 -38.74 -20.20 -8.43
CA ARG C 263 -37.93 -21.22 -7.74
C ARG C 263 -38.47 -21.47 -6.33
N GLN C 264 -38.73 -22.74 -6.02
CA GLN C 264 -39.04 -23.10 -4.63
C GLN C 264 -37.83 -22.82 -3.75
N LEU C 265 -38.00 -22.02 -2.69
CA LEU C 265 -36.83 -21.65 -1.89
C LEU C 265 -36.24 -22.89 -1.21
N LYS C 266 -34.91 -22.99 -1.25
CA LYS C 266 -34.19 -24.02 -0.51
C LYS C 266 -33.85 -23.38 0.83
N VAL C 267 -34.30 -24.01 1.90
CA VAL C 267 -34.21 -23.38 3.23
C VAL C 267 -33.19 -24.13 4.06
N HIS C 268 -32.20 -23.38 4.56
CA HIS C 268 -31.09 -23.93 5.33
C HIS C 268 -31.27 -23.46 6.78
N LYS C 269 -31.39 -24.40 7.73
CA LYS C 269 -31.48 -24.02 9.16
C LYS C 269 -30.19 -23.43 9.72
N LEU C 270 -30.32 -22.42 10.58
CA LEU C 270 -29.17 -21.94 11.36
C LEU C 270 -29.55 -22.02 12.82
N CYS C 271 -28.63 -22.55 13.63
CA CYS C 271 -28.87 -22.68 15.09
C CYS C 271 -29.01 -21.32 15.77
N CYS C 272 -29.53 -21.37 17.00
CA CYS C 272 -29.69 -20.20 17.86
C CYS C 272 -28.84 -20.45 19.11
N PRO C 273 -28.41 -19.37 19.79
CA PRO C 273 -27.68 -19.61 21.04
C PRO C 273 -28.55 -20.41 22.03
N VAL C 274 -27.94 -21.32 22.76
CA VAL C 274 -28.67 -22.14 23.75
C VAL C 274 -29.14 -21.26 24.94
N LYS C 275 -28.22 -20.41 25.42
CA LYS C 275 -28.49 -19.54 26.57
C LYS C 275 -28.82 -18.14 26.11
N ASN C 276 -29.74 -17.50 26.83
CA ASN C 276 -30.03 -16.09 26.63
C ASN C 276 -28.85 -15.22 27.02
N VAL C 277 -28.59 -14.21 26.19
CA VAL C 277 -27.66 -13.14 26.54
C VAL C 277 -28.51 -12.07 27.21
N THR C 278 -28.07 -11.60 28.37
CA THR C 278 -28.87 -10.62 29.13
C THR C 278 -28.05 -9.40 29.55
N ILE C 279 -28.73 -8.25 29.65
CA ILE C 279 -28.12 -7.09 30.27
C ILE C 279 -27.95 -7.36 31.75
N LYS C 280 -26.83 -6.92 32.30
CA LYS C 280 -26.61 -7.03 33.75
C LYS C 280 -26.83 -5.66 34.38
N GLY C 281 -27.55 -5.62 35.50
CA GLY C 281 -27.75 -4.34 36.21
C GLY C 281 -26.47 -3.56 36.52
N SER C 282 -25.37 -4.28 36.74
CA SER C 282 -24.03 -3.70 36.98
C SER C 282 -23.42 -3.00 35.75
N PHE C 283 -23.98 -3.21 34.56
CA PHE C 283 -23.48 -2.50 33.38
C PHE C 283 -23.63 -0.99 33.59
N LYS C 284 -22.59 -0.23 33.23
CA LYS C 284 -22.58 1.21 33.51
C LYS C 284 -23.12 1.97 32.28
N ILE C 285 -24.44 2.08 32.21
CA ILE C 285 -25.18 2.65 31.07
C ILE C 285 -26.07 3.77 31.62
N ASP C 286 -26.04 4.94 30.99
CA ASP C 286 -26.84 6.08 31.42
C ASP C 286 -28.32 5.80 31.11
N PHE C 287 -29.21 6.20 32.03
CA PHE C 287 -30.62 6.29 31.70
C PHE C 287 -30.98 7.70 31.28
N VAL C 288 -31.67 7.78 30.14
CA VAL C 288 -32.21 9.04 29.62
C VAL C 288 -33.64 8.78 29.15
N GLU C 289 -34.60 9.55 29.67
CA GLU C 289 -35.98 9.43 29.23
C GLU C 289 -36.06 9.63 27.71
N GLY C 290 -36.67 8.66 27.04
CA GLY C 290 -36.78 8.70 25.59
C GLY C 290 -35.76 7.80 24.90
N THR C 291 -34.71 7.40 25.63
CA THR C 291 -33.75 6.40 25.11
C THR C 291 -34.09 5.03 25.68
N MET C 292 -34.14 4.02 24.80
CA MET C 292 -34.46 2.65 25.20
C MET C 292 -33.64 2.26 26.45
N PRO C 293 -34.34 1.99 27.58
CA PRO C 293 -33.58 1.53 28.75
C PRO C 293 -32.86 0.19 28.56
N ARG C 294 -31.74 0.03 29.25
CA ARG C 294 -31.01 -1.22 29.29
C ARG C 294 -30.99 -1.67 30.74
N GLU C 295 -31.94 -2.56 31.05
CA GLU C 295 -32.20 -2.93 32.45
C GLU C 295 -31.76 -4.34 32.77
N ASP C 296 -31.39 -4.58 34.03
CA ASP C 296 -30.99 -5.91 34.46
C ASP C 296 -31.98 -6.97 34.01
N GLY C 297 -31.47 -8.02 33.40
CA GLY C 297 -32.29 -9.14 32.97
C GLY C 297 -32.90 -9.01 31.60
N ASP C 298 -32.77 -7.83 30.98
CA ASP C 298 -33.25 -7.67 29.60
C ASP C 298 -32.61 -8.72 28.70
N ILE C 299 -33.43 -9.46 27.95
CA ILE C 299 -32.91 -10.44 27.01
C ILE C 299 -32.46 -9.76 25.71
N CYS C 300 -31.19 -9.96 25.36
CA CYS C 300 -30.63 -9.33 24.17
C CYS C 300 -30.86 -10.22 22.96
N ILE C 301 -31.03 -9.60 21.80
CA ILE C 301 -31.36 -10.30 20.55
C ILE C 301 -30.12 -10.94 19.93
N ALA C 302 -29.70 -12.07 20.48
CA ALA C 302 -28.50 -12.70 20.01
C ALA C 302 -28.86 -13.73 18.94
N SER C 303 -28.75 -13.29 17.69
CA SER C 303 -29.00 -14.18 16.56
C SER C 303 -27.73 -14.37 15.72
N TYR C 304 -27.43 -15.63 15.37
CA TYR C 304 -26.30 -15.88 14.46
C TYR C 304 -26.58 -15.46 13.03
N MET C 305 -27.86 -15.19 12.71
CA MET C 305 -28.24 -14.79 11.35
C MET C 305 -27.72 -13.39 10.99
N ASN C 306 -27.39 -12.61 12.01
CA ASN C 306 -26.96 -11.21 11.80
C ASN C 306 -25.48 -11.15 11.39
N PHE C 307 -25.16 -11.90 10.32
CA PHE C 307 -23.81 -11.96 9.73
C PHE C 307 -23.75 -11.12 8.47
N LEU C 308 -22.52 -10.79 8.07
CA LEU C 308 -22.28 -10.00 6.85
C LEU C 308 -21.61 -10.92 5.83
N ILE C 309 -22.23 -11.02 4.65
CA ILE C 309 -21.58 -11.66 3.51
C ILE C 309 -20.75 -10.56 2.83
N THR C 310 -19.48 -10.83 2.60
CA THR C 310 -18.63 -9.80 1.98
C THR C 310 -17.55 -10.42 1.08
N ASN C 311 -17.82 -10.43 -0.24
CA ASN C 311 -16.86 -11.01 -1.19
C ASN C 311 -16.51 -12.44 -0.76
N ASP C 312 -15.23 -12.74 -0.52
CA ASP C 312 -14.80 -14.14 -0.28
C ASP C 312 -14.89 -14.52 1.22
N GLY C 313 -15.50 -13.64 2.02
CA GLY C 313 -15.62 -13.88 3.46
C GLY C 313 -17.06 -13.77 3.97
N VAL C 314 -17.30 -14.37 5.14
CA VAL C 314 -18.59 -14.19 5.81
C VAL C 314 -18.21 -13.94 7.27
N ILE C 315 -18.72 -12.82 7.83
CA ILE C 315 -18.35 -12.41 9.18
C ILE C 315 -19.52 -12.71 10.12
N VAL C 316 -19.30 -13.65 11.06
CA VAL C 316 -20.41 -14.24 11.80
C VAL C 316 -20.33 -13.90 13.31
N PRO C 317 -21.48 -13.55 13.92
CA PRO C 317 -21.50 -13.26 15.36
C PRO C 317 -21.02 -14.45 16.20
N GLN C 318 -20.31 -14.15 17.30
CA GLN C 318 -19.97 -15.14 18.31
C GLN C 318 -20.36 -14.51 19.63
N TYR C 319 -21.16 -15.22 20.42
CA TYR C 319 -21.76 -14.64 21.63
C TYR C 319 -21.19 -15.21 22.91
N GLY C 320 -20.23 -16.12 22.80
CA GLY C 320 -19.70 -16.84 23.96
C GLY C 320 -20.63 -17.98 24.37
N ASP C 321 -21.47 -18.42 23.43
CA ASP C 321 -22.46 -19.48 23.67
C ASP C 321 -21.90 -20.84 23.26
N GLU C 322 -22.43 -21.92 23.86
CA GLU C 322 -22.02 -23.26 23.46
C GLU C 322 -22.22 -23.54 21.95
N ASN C 323 -23.17 -22.85 21.33
CA ASN C 323 -23.44 -22.99 19.89
C ASN C 323 -22.60 -22.13 18.94
N ASP C 324 -21.60 -21.42 19.49
CA ASP C 324 -20.77 -20.52 18.66
C ASP C 324 -20.07 -21.29 17.52
N ARG C 325 -19.46 -22.44 17.86
CA ARG C 325 -18.77 -23.22 16.82
C ARG C 325 -19.73 -23.82 15.79
N LEU C 326 -20.85 -24.35 16.29
CA LEU C 326 -21.91 -24.88 15.43
C LEU C 326 -22.37 -23.85 14.38
N ALA C 327 -22.58 -22.62 14.83
CA ALA C 327 -22.96 -21.53 13.93
C ALA C 327 -21.96 -21.34 12.78
N LEU C 328 -20.67 -21.32 13.12
CA LEU C 328 -19.64 -21.17 12.11
C LEU C 328 -19.63 -22.35 11.14
N GLU C 329 -19.81 -23.57 11.66
CA GLU C 329 -19.94 -24.76 10.81
C GLU C 329 -21.10 -24.68 9.84
N GLN C 330 -22.25 -24.26 10.33
CA GLN C 330 -23.45 -24.19 9.49
C GLN C 330 -23.28 -23.11 8.41
N VAL C 331 -22.75 -21.95 8.81
CA VAL C 331 -22.53 -20.89 7.83
C VAL C 331 -21.51 -21.34 6.80
N GLN C 332 -20.50 -22.10 7.24
CA GLN C 332 -19.53 -22.61 6.27
C GLN C 332 -20.20 -23.44 5.17
N THR C 333 -21.11 -24.31 5.56
CA THR C 333 -21.78 -25.18 4.57
C THR C 333 -22.69 -24.37 3.63
N MET C 334 -23.26 -23.27 4.12
CA MET C 334 -24.03 -22.35 3.28
C MET C 334 -23.17 -21.64 2.25
N PHE C 335 -21.90 -21.41 2.60
CA PHE C 335 -20.95 -20.72 1.71
C PHE C 335 -19.66 -21.53 1.66
N PRO C 336 -19.70 -22.70 0.99
CA PRO C 336 -18.61 -23.69 1.06
C PRO C 336 -17.27 -23.14 0.55
N ASP C 337 -17.30 -22.12 -0.32
CA ASP C 337 -16.07 -21.60 -0.93
C ASP C 337 -15.60 -20.26 -0.30
N LYS C 338 -16.28 -19.83 0.76
CA LYS C 338 -15.89 -18.60 1.43
C LYS C 338 -15.17 -18.91 2.73
N LYS C 339 -14.48 -17.91 3.26
CA LYS C 339 -13.78 -18.02 4.55
C LYS C 339 -14.72 -17.43 5.59
N ILE C 340 -15.06 -18.26 6.58
CA ILE C 340 -16.02 -17.91 7.63
C ILE C 340 -15.22 -17.45 8.81
N VAL C 341 -15.48 -16.21 9.24
CA VAL C 341 -14.75 -15.62 10.33
C VAL C 341 -15.70 -15.24 11.46
N GLY C 342 -15.57 -15.90 12.61
CA GLY C 342 -16.33 -15.52 13.81
C GLY C 342 -15.66 -14.36 14.52
N VAL C 343 -16.47 -13.42 15.02
CA VAL C 343 -15.94 -12.29 15.83
C VAL C 343 -16.77 -12.21 17.12
N ASN C 344 -16.12 -12.01 18.27
CA ASN C 344 -16.82 -11.90 19.54
C ASN C 344 -17.57 -10.58 19.59
N THR C 345 -18.89 -10.68 19.50
CA THR C 345 -19.71 -9.47 19.36
C THR C 345 -20.84 -9.36 20.41
N VAL C 346 -20.64 -10.03 21.54
CA VAL C 346 -21.62 -9.89 22.61
C VAL C 346 -21.76 -8.40 23.01
N GLU C 347 -20.66 -7.66 22.97
CA GLU C 347 -20.74 -6.24 23.35
C GLU C 347 -21.64 -5.42 22.39
N VAL C 348 -21.73 -5.84 21.13
CA VAL C 348 -22.61 -5.17 20.17
C VAL C 348 -24.06 -5.55 20.49
N VAL C 349 -24.28 -6.81 20.83
CA VAL C 349 -25.66 -7.26 21.06
C VAL C 349 -26.32 -6.57 22.26
N TYR C 350 -25.55 -6.18 23.27
CA TYR C 350 -26.13 -5.44 24.39
C TYR C 350 -26.85 -4.16 23.91
N GLY C 351 -26.40 -3.61 22.79
CA GLY C 351 -27.01 -2.38 22.27
C GLY C 351 -28.09 -2.54 21.23
N GLY C 352 -28.48 -3.79 20.97
CA GLY C 352 -29.68 -4.07 20.19
C GLY C 352 -29.54 -4.74 18.83
N GLY C 353 -28.33 -5.14 18.46
CA GLY C 353 -28.16 -5.86 17.16
C GLY C 353 -26.77 -6.40 17.04
N ASN C 354 -26.35 -6.66 15.79
CA ASN C 354 -25.05 -7.28 15.60
C ASN C 354 -24.35 -6.94 14.28
N ILE C 355 -23.47 -7.83 13.81
CA ILE C 355 -22.56 -7.52 12.71
C ILE C 355 -23.31 -7.00 11.49
N HIS C 356 -24.39 -7.68 11.11
CA HIS C 356 -25.10 -7.23 9.91
C HIS C 356 -25.62 -5.80 10.10
O AGT C 357 -26.23 -1.84 11.61
C AGT C 357 -25.84 -3.00 11.72
CA AGT C 357 -26.85 -4.14 11.59
N AGT C 357 -26.23 -5.46 11.45
CB AGT C 357 -27.48 -4.09 12.94
SG AGT C 357 -28.71 -2.79 12.73
CZ AGT C 357 -29.83 -4.00 13.47
NH2 AGT C 357 -29.03 -5.31 13.48
NE AGT C 357 -30.21 -3.53 14.81
CD AGT C 357 -30.28 -2.07 15.00
CG AGT C 357 -30.53 -1.84 16.51
CK AGT C 357 -30.88 -0.38 16.72
CJ AGT C 357 -31.36 -0.11 18.12
NB AGT C 357 -30.26 -0.31 18.99
N ILE C 358 -24.43 -3.42 11.95
CA ILE C 358 -23.48 -2.29 12.11
C ILE C 358 -22.69 -2.05 10.83
N THR C 359 -23.10 -2.70 9.73
CA THR C 359 -22.37 -2.57 8.48
C THR C 359 -23.33 -2.24 7.35
N GLN C 360 -22.79 -1.67 6.27
CA GLN C 360 -23.55 -1.47 5.05
C GLN C 360 -22.59 -1.69 3.88
N GLN C 361 -22.89 -2.71 3.06
CA GLN C 361 -22.04 -2.94 1.89
C GLN C 361 -22.30 -1.93 0.76
N GLU C 362 -21.25 -1.73 -0.06
CA GLU C 362 -21.37 -0.96 -1.30
C GLU C 362 -20.96 -1.89 -2.44
N PRO C 363 -21.91 -2.23 -3.31
CA PRO C 363 -21.63 -3.22 -4.35
C PRO C 363 -20.68 -2.63 -5.39
N LYS C 364 -19.92 -3.48 -6.06
CA LYS C 364 -19.15 -3.07 -7.24
C LYS C 364 -20.08 -2.66 -8.40
N ARG C 365 -19.64 -1.65 -9.14
CA ARG C 365 -20.21 -1.35 -10.43
C ARG C 365 -19.95 -2.57 -11.29
N VAL C 366 -20.95 -2.99 -12.01
CA VAL C 366 -20.71 -4.04 -12.97
C VAL C 366 -21.09 -3.61 -14.35
N GLY C 367 -20.31 -4.04 -15.34
CA GLY C 367 -20.61 -3.76 -16.72
C GLY C 367 -19.83 -2.61 -17.28
N GLY C 368 -19.81 -2.51 -18.61
CA GLY C 368 -19.11 -1.42 -19.26
C GLY C 368 -19.95 -0.15 -19.27
N ALA D 2 -5.83 5.53 5.79
CA ALA D 2 -4.44 5.76 5.25
C ALA D 2 -3.41 5.75 6.41
N LYS D 3 -2.12 5.82 6.08
CA LYS D 3 -1.03 5.70 7.03
C LYS D 3 -0.24 6.99 7.13
N ARG D 4 0.29 7.25 8.32
CA ARG D 4 1.35 8.24 8.51
C ARG D 4 2.67 7.63 8.08
N ILE D 5 3.42 8.38 7.29
CA ILE D 5 4.75 7.98 6.88
C ILE D 5 5.72 8.52 7.92
N VAL D 6 6.49 7.63 8.56
CA VAL D 6 7.37 8.04 9.67
C VAL D 6 8.80 7.66 9.37
N GLY D 7 9.72 8.53 9.77
CA GLY D 7 11.14 8.29 9.58
C GLY D 7 11.73 8.47 8.19
N SER D 8 11.00 9.16 7.32
CA SER D 8 11.51 9.51 5.99
C SER D 8 10.86 10.83 5.57
N THR D 9 11.39 11.43 4.51
CA THR D 9 10.87 12.70 4.00
C THR D 9 10.45 12.51 2.55
N PRO D 10 9.57 13.42 2.03
CA PRO D 10 9.26 13.37 0.60
C PRO D 10 10.50 13.32 -0.28
N LYS D 11 11.51 14.16 0.03
CA LYS D 11 12.74 14.13 -0.77
C LYS D 11 13.38 12.72 -0.78
N GLN D 12 13.52 12.14 0.40
CA GLN D 12 14.13 10.82 0.49
C GLN D 12 13.31 9.79 -0.27
N ASP D 13 12.00 9.98 -0.30
CA ASP D 13 11.08 8.99 -0.87
C ASP D 13 10.77 9.22 -2.32
N GLY D 14 11.33 10.28 -2.90
CA GLY D 14 11.14 10.57 -4.32
C GLY D 14 9.84 11.28 -4.66
N PHE D 15 9.29 12.02 -3.71
CA PHE D 15 8.06 12.81 -3.92
C PHE D 15 8.40 14.29 -3.91
N ARG D 16 7.70 15.05 -4.72
CA ARG D 16 7.92 16.51 -4.81
C ARG D 16 6.58 17.22 -4.86
N MET D 17 6.54 18.44 -4.35
CA MET D 17 5.33 19.24 -4.58
C MET D 17 5.39 19.83 -5.99
N PRO D 18 4.42 19.50 -6.85
CA PRO D 18 4.45 20.05 -8.21
C PRO D 18 3.97 21.50 -8.22
N GLY D 19 4.32 22.23 -9.27
CA GLY D 19 3.82 23.62 -9.42
C GLY D 19 2.30 23.63 -9.50
N GLU D 20 1.70 24.75 -9.08
CA GLU D 20 0.23 24.88 -9.10
C GLU D 20 -0.29 24.90 -10.53
N PHE D 21 0.62 25.16 -11.48
CA PHE D 21 0.29 25.17 -12.93
C PHE D 21 0.41 23.78 -13.57
N GLU D 22 0.77 22.76 -12.77
CA GLU D 22 0.82 21.36 -13.24
C GLU D 22 -0.62 20.78 -13.12
N PRO D 23 -0.95 19.75 -13.92
CA PRO D 23 -2.35 19.26 -13.94
C PRO D 23 -2.90 18.88 -12.56
N GLN D 24 -4.20 19.15 -12.37
CA GLN D 24 -4.87 18.89 -11.10
C GLN D 24 -5.99 17.89 -11.25
N GLU D 25 -6.12 17.02 -10.25
CA GLU D 25 -7.24 16.09 -10.19
C GLU D 25 -8.51 16.73 -9.63
N LYS D 26 -8.34 17.55 -8.60
CA LYS D 26 -9.48 18.17 -7.93
C LYS D 26 -8.99 19.32 -7.07
N VAL D 27 -9.93 20.10 -6.56
CA VAL D 27 -9.62 21.23 -5.68
C VAL D 27 -10.54 21.16 -4.46
N TRP D 28 -10.02 21.68 -3.36
CA TRP D 28 -10.70 21.67 -2.05
C TRP D 28 -10.96 23.08 -1.54
N MET D 29 -11.95 23.19 -0.64
CA MET D 29 -12.37 24.46 -0.07
C MET D 29 -13.13 24.14 1.21
N ILE D 30 -13.03 25.01 2.20
CA ILE D 30 -13.84 24.91 3.43
C ILE D 30 -14.97 25.94 3.38
N TRP D 31 -16.17 25.57 3.85
CA TRP D 31 -17.31 26.52 3.86
C TRP D 31 -17.20 27.49 5.05
N PRO D 32 -17.34 28.81 4.78
CA PRO D 32 -17.12 29.84 5.80
C PRO D 32 -18.39 30.13 6.61
N GLU D 33 -18.22 30.53 7.86
CA GLU D 33 -19.38 30.83 8.70
C GLU D 33 -19.09 31.62 9.99
N ARG D 34 -17.87 31.57 10.53
CA ARG D 34 -17.73 32.11 11.92
C ARG D 34 -18.07 33.60 12.00
N PRO D 35 -18.98 33.97 12.94
CA PRO D 35 -19.50 35.35 12.94
C PRO D 35 -18.60 36.42 13.55
N ASP D 36 -17.49 35.99 14.17
CA ASP D 36 -16.46 36.90 14.68
C ASP D 36 -15.38 37.17 13.64
N ASN D 37 -15.55 36.62 12.43
CA ASN D 37 -14.73 37.05 11.29
C ASN D 37 -15.67 37.57 10.20
N TRP D 38 -16.68 36.76 9.86
CA TRP D 38 -17.52 37.01 8.68
C TRP D 38 -18.80 37.74 9.06
N ARG D 39 -19.04 38.87 8.40
CA ARG D 39 -20.22 39.69 8.72
C ARG D 39 -21.51 38.93 8.37
N ASP D 40 -22.59 39.29 9.04
CA ASP D 40 -23.91 38.71 8.75
C ASP D 40 -23.92 37.18 8.86
N GLY D 41 -23.21 36.64 9.86
CA GLY D 41 -23.15 35.19 10.07
C GLY D 41 -22.64 34.41 8.85
N GLY D 42 -21.84 35.09 8.03
CA GLY D 42 -21.24 34.52 6.82
C GLY D 42 -22.13 34.52 5.59
N LYS D 43 -23.33 35.11 5.63
CA LYS D 43 -24.19 34.98 4.43
C LYS D 43 -23.55 35.60 3.14
N PRO D 44 -23.01 36.84 3.22
CA PRO D 44 -22.39 37.41 2.02
C PRO D 44 -21.19 36.59 1.53
N VAL D 45 -20.34 36.17 2.45
CA VAL D 45 -19.14 35.45 2.05
C VAL D 45 -19.47 34.06 1.52
N GLN D 46 -20.53 33.43 2.03
CA GLN D 46 -20.94 32.13 1.50
C GLN D 46 -21.31 32.23 0.01
N GLU D 47 -21.96 33.32 -0.36
CA GLU D 47 -22.27 33.53 -1.77
C GLU D 47 -20.97 33.67 -2.59
N ALA D 48 -20.00 34.42 -2.06
CA ALA D 48 -18.69 34.56 -2.74
C ALA D 48 -17.96 33.20 -2.91
N PHE D 49 -17.87 32.41 -1.83
CA PHE D 49 -17.22 31.09 -1.89
C PHE D 49 -17.96 30.18 -2.88
N THR D 50 -19.31 30.26 -2.90
CA THR D 50 -20.12 29.52 -3.87
C THR D 50 -19.71 29.89 -5.31
N ASN D 51 -19.58 31.18 -5.59
CA ASN D 51 -19.18 31.66 -6.92
C ASN D 51 -17.77 31.22 -7.29
N VAL D 52 -16.87 31.22 -6.31
CA VAL D 52 -15.50 30.75 -6.56
C VAL D 52 -15.51 29.24 -6.87
N ALA D 53 -16.21 28.47 -6.03
CA ALA D 53 -16.33 27.02 -6.27
C ALA D 53 -16.94 26.72 -7.65
N LYS D 54 -18.00 27.46 -8.00
CA LYS D 54 -18.65 27.28 -9.31
C LYS D 54 -17.66 27.58 -10.44
N ALA D 55 -16.89 28.66 -10.28
CA ALA D 55 -15.92 29.03 -11.35
C ALA D 55 -14.86 27.92 -11.53
N ILE D 56 -14.35 27.42 -10.42
CA ILE D 56 -13.33 26.36 -10.45
C ILE D 56 -13.86 25.11 -11.14
N SER D 57 -15.11 24.77 -10.81
CA SER D 57 -15.72 23.50 -11.25
C SER D 57 -15.83 23.41 -12.78
N GLN D 58 -15.82 24.56 -13.48
CA GLN D 58 -15.78 24.57 -14.96
C GLN D 58 -14.50 23.95 -15.51
N PHE D 59 -13.44 23.97 -14.71
CA PHE D 59 -12.11 23.49 -15.12
C PHE D 59 -11.68 22.20 -14.44
N THR D 60 -12.05 22.04 -13.17
CA THR D 60 -11.51 21.00 -12.32
C THR D 60 -12.56 20.56 -11.30
N PRO D 61 -12.69 19.23 -11.07
CA PRO D 61 -13.63 18.75 -10.04
C PRO D 61 -13.42 19.47 -8.72
N MET D 62 -14.53 19.92 -8.13
CA MET D 62 -14.49 20.81 -6.98
C MET D 62 -15.14 20.15 -5.74
N ASN D 63 -14.61 20.49 -4.56
CA ASN D 63 -15.02 19.82 -3.31
C ASN D 63 -15.07 20.88 -2.21
N VAL D 64 -16.13 20.82 -1.42
CA VAL D 64 -16.29 21.73 -0.29
C VAL D 64 -16.57 20.92 0.97
N VAL D 65 -15.89 21.28 2.07
CA VAL D 65 -16.04 20.61 3.36
C VAL D 65 -16.67 21.60 4.33
N VAL D 66 -17.53 21.10 5.19
CA VAL D 66 -18.42 22.00 5.94
C VAL D 66 -18.80 21.43 7.30
N SER D 67 -19.04 22.33 8.26
CA SER D 67 -19.47 21.94 9.62
C SER D 67 -20.79 21.17 9.64
N GLN D 68 -21.01 20.48 10.76
CA GLN D 68 -22.28 19.80 11.01
C GLN D 68 -23.46 20.74 10.75
N GLN D 69 -23.42 21.96 11.30
CA GLN D 69 -24.58 22.85 11.26
C GLN D 69 -24.84 23.37 9.88
N GLN D 70 -23.78 23.68 9.13
CA GLN D 70 -23.97 24.27 7.80
C GLN D 70 -24.07 23.24 6.67
N PHE D 71 -23.89 21.96 6.98
CA PHE D 71 -23.91 20.96 5.91
C PHE D 71 -25.13 21.08 4.98
N GLN D 72 -26.33 21.08 5.54
CA GLN D 72 -27.52 21.05 4.66
C GLN D 72 -27.64 22.31 3.80
N ASN D 73 -27.41 23.46 4.42
CA ASN D 73 -27.40 24.72 3.67
C ASN D 73 -26.35 24.69 2.54
N CYS D 74 -25.14 24.30 2.90
CA CYS D 74 -24.01 24.23 1.96
C CYS D 74 -24.34 23.35 0.77
N ARG D 75 -24.87 22.16 1.05
CA ARG D 75 -25.28 21.25 -0.03
C ARG D 75 -26.37 21.85 -0.94
N ARG D 76 -27.32 22.59 -0.35
CA ARG D 76 -28.34 23.25 -1.18
C ARG D 76 -27.75 24.35 -2.03
N GLN D 77 -26.80 25.11 -1.47
CA GLN D 77 -26.30 26.31 -2.19
C GLN D 77 -25.42 25.92 -3.40
N LEU D 78 -24.67 24.84 -3.25
CA LEU D 78 -23.69 24.41 -4.26
C LEU D 78 -24.36 23.49 -5.29
N PRO D 79 -24.00 23.66 -6.58
CA PRO D 79 -24.56 22.74 -7.58
C PRO D 79 -24.07 21.32 -7.34
N PRO D 80 -24.85 20.32 -7.81
CA PRO D 80 -24.58 18.92 -7.47
C PRO D 80 -23.26 18.37 -7.97
N GLU D 81 -22.67 18.99 -9.00
CA GLU D 81 -21.37 18.51 -9.49
C GLU D 81 -20.23 18.81 -8.50
N ILE D 82 -20.50 19.72 -7.55
CA ILE D 82 -19.53 19.98 -6.47
C ILE D 82 -19.84 19.03 -5.31
N THR D 83 -18.83 18.26 -4.89
CA THR D 83 -19.02 17.25 -3.82
C THR D 83 -18.92 17.96 -2.49
N VAL D 84 -19.75 17.55 -1.53
CA VAL D 84 -19.76 18.18 -0.20
C VAL D 84 -19.52 17.12 0.88
N TYR D 85 -18.55 17.39 1.76
CA TYR D 85 -18.21 16.53 2.90
C TYR D 85 -18.45 17.26 4.21
N GLU D 86 -18.95 16.55 5.21
CA GLU D 86 -18.88 17.10 6.56
C GLU D 86 -17.43 17.11 7.06
N MET D 87 -17.02 18.21 7.68
CA MET D 87 -15.69 18.27 8.28
C MET D 87 -15.64 19.44 9.24
N SER D 88 -15.37 19.15 10.52
CA SER D 88 -15.20 20.21 11.49
C SER D 88 -14.00 21.11 11.14
N ASN D 89 -14.14 22.38 11.51
CA ASN D 89 -13.11 23.34 11.19
C ASN D 89 -13.33 24.54 12.09
N ASN D 90 -12.32 25.37 12.19
CA ASN D 90 -12.43 26.61 12.99
C ASN D 90 -12.61 27.85 12.10
N ASP D 91 -11.96 27.87 10.94
CA ASP D 91 -12.30 28.87 9.91
C ASP D 91 -11.99 28.27 8.53
N ALA D 92 -12.18 29.06 7.46
CA ALA D 92 -12.36 28.51 6.11
C ALA D 92 -11.19 28.78 5.16
N TRP D 93 -9.97 28.45 5.58
CA TRP D 93 -8.77 28.81 4.81
C TRP D 93 -7.93 27.59 4.46
N VAL D 94 -8.45 26.78 3.53
CA VAL D 94 -7.84 25.46 3.28
C VAL D 94 -6.48 25.54 2.54
N ARG D 95 -6.15 26.69 1.96
CA ARG D 95 -4.78 26.87 1.43
C ARG D 95 -3.78 26.67 2.56
N ASP D 96 -4.20 27.08 3.77
CA ASP D 96 -3.28 27.22 4.89
C ASP D 96 -3.33 26.11 5.90
N CYS D 97 -4.52 25.53 6.13
CA CYS D 97 -4.61 24.35 7.01
C CYS D 97 -4.79 23.05 6.21
N GLY D 98 -4.93 23.15 4.90
CA GLY D 98 -5.04 21.96 4.06
C GLY D 98 -3.72 21.19 3.98
N PRO D 99 -3.74 19.98 3.38
CA PRO D 99 -2.48 19.25 3.12
C PRO D 99 -1.82 19.87 1.89
N SER D 100 -0.49 19.83 1.85
CA SER D 100 0.24 20.14 0.62
C SER D 100 0.59 18.83 -0.04
N PHE D 101 -0.02 18.58 -1.20
CA PHE D 101 0.16 17.26 -1.85
C PHE D 101 1.50 17.19 -2.59
N VAL D 102 2.13 16.02 -2.52
CA VAL D 102 3.38 15.75 -3.23
C VAL D 102 3.21 14.48 -4.07
N ILE D 103 3.90 14.43 -5.21
CA ILE D 103 3.69 13.32 -6.15
C ILE D 103 5.05 12.73 -6.55
N ASN D 104 5.06 11.43 -6.89
CA ASN D 104 6.29 10.78 -7.42
C ASN D 104 6.33 10.67 -8.96
N ASP D 105 5.31 11.23 -9.62
CA ASP D 105 5.22 11.36 -11.11
C ASP D 105 5.01 10.02 -11.84
N HIS D 106 4.69 8.97 -11.07
CA HIS D 106 4.51 7.60 -11.58
C HIS D 106 3.43 6.94 -10.76
N GLY D 107 2.36 7.69 -10.60
CA GLY D 107 1.11 7.13 -10.17
C GLY D 107 0.83 7.29 -8.69
N GLU D 108 1.82 7.74 -7.91
CA GLU D 108 1.65 7.87 -6.45
C GLU D 108 1.54 9.32 -5.98
N ILE D 109 0.78 9.51 -4.90
CA ILE D 109 0.57 10.82 -4.29
C ILE D 109 0.54 10.66 -2.77
N ARG D 110 1.21 11.60 -2.07
CA ARG D 110 1.17 11.65 -0.61
C ARG D 110 0.84 13.08 -0.19
N GLY D 111 0.49 13.26 1.09
CA GLY D 111 0.25 14.60 1.59
C GLY D 111 1.23 15.00 2.66
N VAL D 112 1.54 16.30 2.71
CA VAL D 112 2.32 16.85 3.81
C VAL D 112 1.34 17.61 4.71
N ASP D 113 1.33 17.19 5.98
CA ASP D 113 0.43 17.68 6.99
C ASP D 113 1.31 18.54 7.91
N TRP D 114 1.36 19.85 7.66
CA TRP D 114 2.18 20.75 8.49
C TRP D 114 1.47 20.99 9.82
N THR D 115 2.20 21.46 10.83
CA THR D 115 1.47 21.90 12.04
C THR D 115 0.80 23.25 11.71
N PHE D 116 -0.49 23.36 11.98
CA PHE D 116 -1.20 24.63 11.77
C PHE D 116 -1.45 25.28 13.12
N ASN D 117 -1.30 26.60 13.17
CA ASN D 117 -1.55 27.30 14.44
C ASN D 117 -2.29 28.64 14.28
N ALA D 118 -3.12 28.75 13.26
CA ALA D 118 -3.91 29.98 13.01
C ALA D 118 -3.00 31.21 12.84
N TRP D 119 -1.94 31.06 12.05
CA TRP D 119 -1.09 32.18 11.66
C TRP D 119 -0.49 32.90 12.87
N GLY D 120 0.10 32.14 13.78
CA GLY D 120 0.89 32.73 14.85
C GLY D 120 0.55 32.23 16.25
N GLY D 121 -0.42 31.31 16.34
CA GLY D 121 -0.71 30.66 17.62
C GLY D 121 -1.10 31.66 18.70
N LEU D 122 -0.59 31.43 19.90
CA LEU D 122 -0.87 32.32 21.04
C LEU D 122 0.00 33.57 21.06
N VAL D 123 0.96 33.65 20.15
CA VAL D 123 1.78 34.85 20.02
C VAL D 123 1.01 35.92 19.25
N ASP D 124 0.64 35.64 17.99
CA ASP D 124 -0.10 36.61 17.19
C ASP D 124 -1.08 35.98 16.22
N GLY D 125 -1.55 34.79 16.57
CA GLY D 125 -2.58 34.09 15.77
C GLY D 125 -3.93 34.82 15.74
N LEU D 126 -4.78 34.38 14.83
CA LEU D 126 -5.99 35.15 14.45
C LEU D 126 -7.28 34.73 15.18
N TYR D 127 -7.22 33.58 15.86
CA TYR D 127 -8.29 33.09 16.73
C TYR D 127 -7.76 31.89 17.54
N PHE D 128 -8.55 31.46 18.53
CA PHE D 128 -8.20 30.32 19.35
C PHE D 128 -9.51 29.64 19.76
N PRO D 129 -9.57 28.31 19.63
CA PRO D 129 -8.53 27.38 19.17
C PRO D 129 -8.58 27.08 17.65
N TRP D 130 -7.61 26.26 17.22
CA TRP D 130 -7.45 25.86 15.82
C TRP D 130 -7.27 24.33 15.76
N ASP D 131 -7.77 23.64 16.79
CA ASP D 131 -7.61 22.15 16.87
C ASP D 131 -8.36 21.44 15.74
N GLN D 132 -9.51 21.97 15.33
CA GLN D 132 -10.22 21.33 14.22
C GLN D 132 -9.60 21.67 12.88
N ASP D 133 -9.20 22.92 12.70
CA ASP D 133 -8.41 23.28 11.50
C ASP D 133 -7.22 22.34 11.34
N ASP D 134 -6.55 22.01 12.44
CA ASP D 134 -5.30 21.26 12.35
C ASP D 134 -5.51 19.81 11.96
N LEU D 135 -6.77 19.34 12.01
CA LEU D 135 -7.11 17.96 11.58
C LEU D 135 -7.57 17.90 10.12
N VAL D 136 -7.83 19.05 9.50
CA VAL D 136 -8.33 19.05 8.12
C VAL D 136 -7.40 18.31 7.13
N ALA D 137 -6.10 18.54 7.29
CA ALA D 137 -5.12 17.94 6.37
C ALA D 137 -5.23 16.42 6.40
N GLN D 138 -5.24 15.84 7.61
CA GLN D 138 -5.38 14.39 7.70
C GLN D 138 -6.73 13.91 7.18
N LYS D 139 -7.81 14.63 7.46
CA LYS D 139 -9.14 14.19 7.02
C LYS D 139 -9.26 14.17 5.49
N ILE D 140 -8.76 15.22 4.85
CA ILE D 140 -8.74 15.25 3.38
C ILE D 140 -7.86 14.09 2.85
N CYS D 141 -6.69 13.87 3.47
CA CYS D 141 -5.87 12.72 3.05
C CYS D 141 -6.62 11.40 3.19
N GLU D 142 -7.32 11.20 4.32
CA GLU D 142 -8.11 9.98 4.50
C GLU D 142 -9.14 9.81 3.35
N ILE D 143 -9.90 10.88 3.07
CA ILE D 143 -10.86 10.84 1.96
C ILE D 143 -10.21 10.34 0.68
N GLU D 144 -8.99 10.84 0.43
CA GLU D 144 -8.26 10.51 -0.80
C GLU D 144 -7.49 9.21 -0.75
N HIS D 145 -7.53 8.50 0.40
CA HIS D 145 -6.74 7.29 0.65
C HIS D 145 -5.26 7.59 0.49
N VAL D 146 -4.83 8.78 0.94
CA VAL D 146 -3.45 9.18 0.76
C VAL D 146 -2.69 9.21 2.07
N ASP D 147 -1.52 8.58 2.04
CA ASP D 147 -0.62 8.52 3.18
C ASP D 147 0.02 9.89 3.35
N SER D 148 0.36 10.24 4.59
CA SER D 148 0.82 11.59 4.86
C SER D 148 2.03 11.67 5.77
N TYR D 149 2.80 12.75 5.61
CA TYR D 149 3.91 13.05 6.50
C TYR D 149 3.42 14.14 7.45
N ARG D 150 3.52 13.91 8.75
CA ARG D 150 3.19 14.98 9.70
C ARG D 150 4.49 15.65 10.14
N THR D 151 4.53 16.98 10.06
CA THR D 151 5.75 17.70 10.45
C THR D 151 5.65 18.15 11.90
N ASP D 152 6.04 17.22 12.78
CA ASP D 152 5.97 17.42 14.23
C ASP D 152 6.76 18.67 14.59
N ASP D 153 6.14 19.52 15.40
CA ASP D 153 6.80 20.72 15.93
C ASP D 153 7.30 21.70 14.84
N PHE D 154 6.78 21.56 13.62
CA PHE D 154 7.07 22.51 12.55
C PHE D 154 5.79 23.12 11.98
N VAL D 155 5.60 24.41 12.20
CA VAL D 155 4.40 25.14 11.76
C VAL D 155 4.59 25.72 10.35
N LEU D 156 3.61 25.52 9.48
CA LEU D 156 3.69 26.05 8.12
C LEU D 156 2.29 26.07 7.53
N GLU D 157 2.05 27.05 6.63
CA GLU D 157 0.83 27.14 5.85
C GLU D 157 1.17 27.08 4.35
N GLY D 158 0.33 26.41 3.57
CA GLY D 158 0.51 26.36 2.13
C GLY D 158 0.61 27.75 1.47
N GLY D 159 -0.10 28.75 2.01
CA GLY D 159 -0.07 30.08 1.38
C GLY D 159 1.23 30.86 1.57
N SER D 160 2.13 30.31 2.38
CA SER D 160 3.35 31.02 2.80
C SER D 160 4.53 30.72 1.88
N PHE D 161 4.32 29.83 0.90
CA PHE D 161 5.41 29.49 -0.03
C PHE D 161 4.82 29.16 -1.40
N HIS D 162 5.66 29.27 -2.43
CA HIS D 162 5.25 28.85 -3.77
C HIS D 162 6.38 28.03 -4.37
N VAL D 163 6.03 26.98 -5.11
CA VAL D 163 7.05 26.13 -5.75
C VAL D 163 6.97 26.16 -7.27
N ASP D 164 8.11 25.90 -7.91
CA ASP D 164 8.10 25.76 -9.37
C ASP D 164 8.02 24.31 -9.85
N GLY D 165 8.10 23.36 -8.92
CA GLY D 165 8.09 21.92 -9.26
C GLY D 165 9.43 21.43 -9.83
N GLN D 166 10.44 22.29 -9.82
CA GLN D 166 11.76 22.01 -10.39
C GLN D 166 12.86 22.47 -9.44
N GLY D 167 12.59 22.26 -8.15
CA GLY D 167 13.64 22.39 -7.14
C GLY D 167 13.73 23.74 -6.44
N THR D 168 12.79 24.66 -6.73
CA THR D 168 12.85 26.02 -6.12
C THR D 168 11.62 26.28 -5.27
N VAL D 169 11.78 26.99 -4.16
CA VAL D 169 10.63 27.49 -3.39
C VAL D 169 10.85 29.00 -3.15
N LEU D 170 9.76 29.75 -3.20
CA LEU D 170 9.75 31.19 -2.99
C LEU D 170 8.92 31.46 -1.73
N THR D 171 9.44 32.30 -0.82
CA THR D 171 8.74 32.55 0.44
C THR D 171 9.11 33.94 0.95
N THR D 172 8.62 34.30 2.15
CA THR D 172 8.94 35.59 2.77
C THR D 172 9.58 35.41 4.15
N GLU D 173 10.60 36.23 4.44
CA GLU D 173 11.21 36.27 5.76
C GLU D 173 10.18 36.74 6.80
N MET D 174 9.36 37.72 6.43
CA MET D 174 8.38 38.28 7.37
C MET D 174 7.51 37.18 7.98
N CYS D 175 7.09 36.24 7.15
CA CYS D 175 6.25 35.16 7.64
C CYS D 175 7.03 34.07 8.40
N LEU D 176 7.95 33.41 7.68
CA LEU D 176 8.56 32.19 8.24
C LEU D 176 9.47 32.45 9.44
N LEU D 177 10.02 33.67 9.52
CA LEU D 177 10.95 34.00 10.58
C LEU D 177 10.28 34.71 11.77
N SER D 178 8.95 34.80 11.73
CA SER D 178 8.22 35.47 12.81
C SER D 178 8.13 34.64 14.09
N GLU D 179 7.99 35.35 15.22
CA GLU D 179 7.99 34.75 16.54
C GLU D 179 6.90 33.69 16.73
N GLY D 180 5.76 33.88 16.08
CA GLY D 180 4.61 33.01 16.30
C GLY D 180 4.61 31.72 15.50
N ARG D 181 5.65 31.52 14.66
CA ARG D 181 5.72 30.31 13.82
C ARG D 181 6.69 29.27 14.41
N ASN D 182 7.98 29.37 14.09
CA ASN D 182 8.98 28.41 14.58
C ASN D 182 10.17 29.15 15.20
N PRO D 183 9.91 29.88 16.29
CA PRO D 183 10.95 30.78 16.85
C PRO D 183 12.21 30.05 17.31
N GLN D 184 12.09 28.75 17.58
CA GLN D 184 13.21 27.92 18.05
C GLN D 184 14.15 27.51 16.88
N LEU D 185 13.68 27.69 15.65
CA LEU D 185 14.45 27.33 14.46
C LEU D 185 15.19 28.48 13.79
N SER D 186 16.41 28.21 13.35
CA SER D 186 17.18 29.18 12.57
C SER D 186 16.58 29.24 11.16
N LYS D 187 16.92 30.29 10.42
CA LYS D 187 16.58 30.38 8.99
C LYS D 187 17.06 29.15 8.26
N GLU D 188 18.29 28.74 8.56
CA GLU D 188 18.86 27.55 7.93
C GLU D 188 18.10 26.25 8.22
N ALA D 189 17.71 26.06 9.49
CA ALA D 189 16.84 24.93 9.84
C ALA D 189 15.48 24.96 9.14
N ILE D 190 14.88 26.15 8.99
CA ILE D 190 13.63 26.29 8.25
C ILE D 190 13.84 25.95 6.77
N GLU D 191 14.91 26.47 6.17
CA GLU D 191 15.27 26.05 4.79
C GLU D 191 15.34 24.53 4.62
N GLN D 192 15.97 23.85 5.58
CA GLN D 192 16.11 22.39 5.49
C GLN D 192 14.74 21.70 5.49
N LYS D 193 13.82 22.16 6.32
CA LYS D 193 12.46 21.59 6.36
C LYS D 193 11.79 21.77 5.02
N LEU D 194 11.89 22.97 4.45
CA LEU D 194 11.32 23.22 3.12
C LEU D 194 11.91 22.29 2.08
N CYS D 195 13.23 22.15 2.11
CA CYS D 195 13.88 21.30 1.13
C CYS D 195 13.43 19.86 1.27
N ASP D 196 13.36 19.38 2.51
CA ASP D 196 13.05 17.98 2.77
C ASP D 196 11.59 17.64 2.40
N TYR D 197 10.67 18.57 2.68
CA TYR D 197 9.24 18.27 2.56
C TYR D 197 8.60 18.70 1.24
N LEU D 198 9.19 19.70 0.60
CA LEU D 198 8.76 20.10 -0.77
C LEU D 198 9.56 19.41 -1.88
N ASN D 199 10.72 18.88 -1.51
CA ASN D 199 11.74 18.34 -2.45
C ASN D 199 12.27 19.49 -3.32
N VAL D 200 12.88 20.45 -2.64
CA VAL D 200 13.55 21.56 -3.29
C VAL D 200 15.01 21.64 -2.83
N GLU D 201 15.78 22.45 -3.56
CA GLU D 201 17.21 22.66 -3.24
C GLU D 201 17.56 24.13 -3.10
N LYS D 202 16.68 25.03 -3.52
CA LYS D 202 16.96 26.46 -3.40
C LYS D 202 15.75 27.17 -2.82
N VAL D 203 16.00 27.94 -1.75
CA VAL D 203 14.96 28.74 -1.10
C VAL D 203 15.24 30.19 -1.43
N LEU D 204 14.26 30.81 -2.10
CA LEU D 204 14.35 32.23 -2.47
C LEU D 204 13.56 33.03 -1.46
N TRP D 205 14.26 33.94 -0.77
CA TRP D 205 13.66 34.69 0.33
C TRP D 205 13.34 36.10 -0.12
N LEU D 206 12.05 36.36 -0.29
CA LEU D 206 11.56 37.74 -0.31
C LEU D 206 11.57 38.23 1.15
N GLY D 207 11.45 39.54 1.34
CA GLY D 207 11.57 40.11 2.68
C GLY D 207 10.18 40.25 3.28
N ASP D 208 9.61 41.44 3.12
CA ASP D 208 8.28 41.73 3.68
C ASP D 208 7.17 41.23 2.77
N GLY D 209 6.11 40.71 3.37
CA GLY D 209 4.83 40.55 2.68
C GLY D 209 4.00 41.83 2.90
N ILE D 210 2.74 41.77 2.50
CA ILE D 210 1.89 42.96 2.53
C ILE D 210 0.84 42.99 3.63
N ASP D 211 0.71 41.88 4.37
CA ASP D 211 -0.25 41.81 5.47
C ASP D 211 0.41 41.34 6.78
N PRO D 212 1.27 42.19 7.37
CA PRO D 212 2.01 41.80 8.58
C PRO D 212 1.10 41.38 9.73
N GLU D 213 -0.07 42.00 9.83
CA GLU D 213 -0.97 41.76 10.98
C GLU D 213 -1.87 40.54 10.78
N GLU D 214 -2.02 40.11 9.53
CA GLU D 214 -2.98 39.04 9.25
C GLU D 214 -2.20 37.72 9.19
N THR D 215 -1.61 37.39 8.03
CA THR D 215 -0.85 36.13 7.92
C THR D 215 0.62 36.29 8.21
N ASN D 216 1.05 37.51 8.58
CA ASN D 216 2.49 37.87 8.71
C ASN D 216 3.18 37.84 7.36
N GLY D 217 2.46 38.25 6.31
CA GLY D 217 3.09 38.48 5.01
C GLY D 217 3.23 37.29 4.10
N HIS D 218 2.15 36.51 3.99
CA HIS D 218 2.17 35.36 3.07
C HIS D 218 2.61 35.74 1.65
N VAL D 219 3.48 34.91 1.08
CA VAL D 219 4.01 35.15 -0.25
C VAL D 219 2.90 35.17 -1.31
N ASP D 220 1.80 34.46 -1.06
CA ASP D 220 0.79 34.30 -2.09
C ASP D 220 -0.03 35.58 -2.36
N ASP D 221 0.19 36.65 -1.58
CA ASP D 221 -0.36 37.98 -1.89
C ASP D 221 0.63 38.86 -2.65
N VAL D 222 1.86 38.37 -2.81
CA VAL D 222 2.97 39.19 -3.34
C VAL D 222 3.49 38.68 -4.68
N ALA D 223 3.80 37.39 -4.76
CA ALA D 223 4.42 36.83 -5.99
C ALA D 223 4.16 35.35 -6.06
N CYS D 224 4.17 34.81 -7.28
CA CYS D 224 3.95 33.38 -7.44
C CYS D 224 4.66 32.94 -8.72
N PHE D 225 4.73 31.62 -8.92
CA PHE D 225 5.27 31.06 -10.17
C PHE D 225 4.16 30.87 -11.21
N ILE D 226 4.37 31.41 -12.41
CA ILE D 226 3.40 31.19 -13.47
C ILE D 226 3.81 29.97 -14.30
N ALA D 227 5.10 29.65 -14.29
CA ALA D 227 5.64 28.51 -15.03
C ALA D 227 7.07 28.36 -14.53
N PRO D 228 7.75 27.24 -14.84
CA PRO D 228 9.16 27.20 -14.41
C PRO D 228 9.96 28.38 -14.99
N GLY D 229 10.73 29.04 -14.12
CA GLY D 229 11.56 30.19 -14.53
C GLY D 229 10.82 31.51 -14.70
N GLU D 230 9.51 31.54 -14.38
CA GLU D 230 8.71 32.74 -14.57
C GLU D 230 7.84 33.02 -13.35
N VAL D 231 7.90 34.26 -12.87
CA VAL D 231 7.12 34.67 -11.70
C VAL D 231 6.26 35.89 -12.04
N ALA D 232 5.16 36.03 -11.31
CA ALA D 232 4.40 37.26 -11.29
C ALA D 232 4.70 38.00 -9.99
N CYS D 233 4.75 39.32 -10.05
CA CYS D 233 5.00 40.16 -8.86
C CYS D 233 4.05 41.35 -8.86
N ILE D 234 3.45 41.68 -7.70
CA ILE D 234 2.62 42.90 -7.58
C ILE D 234 3.46 44.17 -7.79
N TYR D 235 2.81 45.24 -8.24
CA TYR D 235 3.48 46.53 -8.42
C TYR D 235 2.48 47.61 -8.14
N THR D 236 2.95 48.69 -7.51
CA THR D 236 2.17 49.93 -7.32
C THR D 236 3.13 51.12 -7.28
N GLU D 237 2.72 52.22 -7.89
CA GLU D 237 3.49 53.47 -7.87
C GLU D 237 2.91 54.44 -6.85
N ASP D 238 1.87 54.02 -6.15
CA ASP D 238 1.23 54.86 -5.14
C ASP D 238 1.97 54.79 -3.81
N GLN D 239 2.71 55.84 -3.51
CA GLN D 239 3.49 55.89 -2.27
C GLN D 239 2.63 55.90 -1.01
N ASN D 240 1.33 56.12 -1.17
CA ASN D 240 0.39 56.05 -0.06
C ASN D 240 -0.15 54.64 0.17
N SER D 241 0.13 53.74 -0.76
CA SER D 241 -0.23 52.32 -0.56
C SER D 241 0.36 51.78 0.74
N PRO D 242 -0.44 51.01 1.50
CA PRO D 242 0.07 50.40 2.74
C PRO D 242 1.37 49.58 2.54
N PHE D 243 1.56 49.06 1.34
CA PHE D 243 2.67 48.15 1.04
C PHE D 243 3.50 48.59 -0.17
N TYR D 244 3.53 49.90 -0.38
CA TYR D 244 4.35 50.46 -1.45
C TYR D 244 5.77 49.90 -1.41
N GLU D 245 6.39 49.94 -0.22
CA GLU D 245 7.79 49.54 -0.10
C GLU D 245 7.98 48.03 -0.30
N ALA D 246 7.08 47.24 0.28
CA ALA D 246 7.16 45.79 0.12
C ALA D 246 7.06 45.35 -1.36
N ALA D 247 6.16 45.98 -2.12
CA ALA D 247 6.02 45.68 -3.56
C ALA D 247 7.31 46.02 -4.31
N GLN D 248 7.87 47.19 -4.00
CA GLN D 248 9.10 47.67 -4.65
C GLN D 248 10.23 46.72 -4.33
N ASP D 249 10.32 46.30 -3.07
CA ASP D 249 11.44 45.46 -2.65
C ASP D 249 11.36 44.07 -3.26
N ALA D 250 10.14 43.51 -3.28
CA ALA D 250 9.95 42.18 -3.83
C ALA D 250 10.35 42.12 -5.31
N TYR D 251 9.90 43.10 -6.08
CA TYR D 251 10.30 43.23 -7.49
C TYR D 251 11.82 43.33 -7.67
N GLN D 252 12.48 44.22 -6.92
CA GLN D 252 13.96 44.34 -6.91
C GLN D 252 14.67 43.03 -6.55
N ARG D 253 14.15 42.29 -5.56
CA ARG D 253 14.80 41.03 -5.19
C ARG D 253 14.64 40.02 -6.31
N LEU D 254 13.42 39.90 -6.85
CA LEU D 254 13.13 38.94 -7.92
C LEU D 254 13.99 39.18 -9.14
N LEU D 255 14.23 40.45 -9.47
CA LEU D 255 15.09 40.79 -10.62
C LEU D 255 16.52 40.28 -10.48
N LYS D 256 16.95 39.96 -9.25
CA LYS D 256 18.32 39.48 -9.00
C LYS D 256 18.36 37.99 -8.66
N MET D 257 17.23 37.30 -8.80
CA MET D 257 17.18 35.89 -8.41
C MET D 257 17.31 34.91 -9.57
N THR D 258 17.98 33.80 -9.29
CA THR D 258 17.98 32.67 -10.21
C THR D 258 17.36 31.47 -9.49
N ASP D 259 16.69 30.60 -10.24
CA ASP D 259 16.10 29.41 -9.63
C ASP D 259 17.15 28.27 -9.45
N ALA D 260 16.67 27.12 -8.98
CA ALA D 260 17.52 25.96 -8.70
C ALA D 260 18.17 25.41 -9.98
N LYS D 261 17.55 25.70 -11.13
CA LYS D 261 18.11 25.32 -12.45
C LYS D 261 19.06 26.38 -13.03
N GLY D 262 19.21 27.48 -12.30
CA GLY D 262 20.10 28.57 -12.71
C GLY D 262 19.50 29.53 -13.72
N ARG D 263 18.18 29.44 -13.93
CA ARG D 263 17.49 30.39 -14.80
C ARG D 263 17.29 31.71 -14.08
N GLN D 264 17.60 32.80 -14.76
CA GLN D 264 17.25 34.14 -14.27
C GLN D 264 15.74 34.29 -14.35
N LEU D 265 15.08 34.66 -13.25
CA LEU D 265 13.59 34.66 -13.27
C LEU D 265 13.08 35.74 -14.23
N LYS D 266 12.07 35.39 -15.03
CA LYS D 266 11.35 36.38 -15.82
C LYS D 266 10.20 36.91 -14.95
N VAL D 267 10.15 38.23 -14.79
CA VAL D 267 9.17 38.84 -13.87
C VAL D 267 8.04 39.53 -14.63
N HIS D 268 6.82 39.06 -14.42
CA HIS D 268 5.60 39.64 -14.98
C HIS D 268 4.92 40.50 -13.91
N LYS D 269 4.58 41.73 -14.25
CA LYS D 269 4.00 42.66 -13.27
C LYS D 269 2.48 42.55 -13.19
N LEU D 270 1.94 42.66 -11.97
CA LEU D 270 0.51 42.64 -11.76
C LEU D 270 0.11 43.80 -10.88
N CYS D 271 -0.88 44.55 -11.33
CA CYS D 271 -1.36 45.74 -10.60
C CYS D 271 -1.97 45.37 -9.25
N CYS D 272 -2.25 46.42 -8.47
CA CYS D 272 -2.95 46.30 -7.18
C CYS D 272 -4.21 47.17 -7.20
N PRO D 273 -5.21 46.87 -6.34
CA PRO D 273 -6.36 47.78 -6.27
C PRO D 273 -5.93 49.22 -5.99
N VAL D 274 -6.52 50.16 -6.70
CA VAL D 274 -6.27 51.59 -6.52
C VAL D 274 -6.75 52.09 -5.15
N LYS D 275 -7.95 51.69 -4.76
CA LYS D 275 -8.56 52.13 -3.50
C LYS D 275 -8.39 51.10 -2.39
N ASN D 276 -8.13 51.58 -1.18
CA ASN D 276 -8.13 50.66 -0.05
C ASN D 276 -9.52 50.06 0.11
N VAL D 277 -9.55 48.74 0.30
CA VAL D 277 -10.75 48.07 0.78
C VAL D 277 -10.74 48.19 2.30
N THR D 278 -11.86 48.60 2.89
CA THR D 278 -11.93 48.74 4.35
C THR D 278 -13.16 48.08 4.97
N ILE D 279 -13.01 47.67 6.22
CA ILE D 279 -14.16 47.27 7.03
C ILE D 279 -15.05 48.49 7.29
N LYS D 280 -16.32 48.37 6.95
CA LYS D 280 -17.29 49.45 7.25
C LYS D 280 -17.84 49.35 8.67
N GLY D 281 -18.12 50.50 9.28
CA GLY D 281 -18.71 50.56 10.62
C GLY D 281 -20.04 49.80 10.66
N SER D 282 -20.72 49.87 9.52
CA SER D 282 -21.97 49.17 9.23
C SER D 282 -21.92 47.63 9.33
N PHE D 283 -20.73 47.05 9.21
CA PHE D 283 -20.60 45.59 9.11
C PHE D 283 -20.94 44.93 10.44
N LYS D 284 -21.74 43.87 10.39
CA LYS D 284 -22.23 43.23 11.61
C LYS D 284 -21.36 42.01 11.91
N ILE D 285 -20.27 42.24 12.65
CA ILE D 285 -19.27 41.22 12.95
C ILE D 285 -19.10 41.18 14.47
N ASP D 286 -19.13 39.98 15.05
CA ASP D 286 -18.96 39.83 16.49
C ASP D 286 -17.53 40.15 16.90
N PHE D 287 -17.38 40.81 18.05
CA PHE D 287 -16.09 40.92 18.70
C PHE D 287 -15.95 39.82 19.77
N VAL D 288 -14.83 39.11 19.71
CA VAL D 288 -14.47 38.12 20.70
C VAL D 288 -13.00 38.29 21.03
N GLU D 289 -12.67 38.44 22.32
CA GLU D 289 -11.26 38.57 22.73
C GLU D 289 -10.48 37.34 22.27
N GLY D 290 -9.37 37.58 21.59
CA GLY D 290 -8.56 36.51 21.03
C GLY D 290 -8.81 36.28 19.55
N THR D 291 -9.93 36.77 19.03
CA THR D 291 -10.20 36.76 17.59
C THR D 291 -9.82 38.11 17.02
N MET D 292 -9.05 38.08 15.92
CA MET D 292 -8.67 39.32 15.22
C MET D 292 -9.86 40.26 15.06
N PRO D 293 -9.82 41.45 15.69
CA PRO D 293 -10.93 42.40 15.50
C PRO D 293 -11.09 42.88 14.06
N ARG D 294 -12.34 43.09 13.65
CA ARG D 294 -12.64 43.71 12.36
C ARG D 294 -13.28 45.05 12.65
N GLU D 295 -12.45 46.10 12.63
CA GLU D 295 -12.87 47.43 13.06
C GLU D 295 -13.02 48.41 11.89
N ASP D 296 -13.89 49.41 12.08
CA ASP D 296 -14.08 50.44 11.06
C ASP D 296 -12.76 51.01 10.59
N GLY D 297 -12.61 51.12 9.28
CA GLY D 297 -11.39 51.68 8.68
C GLY D 297 -10.22 50.74 8.55
N ASP D 298 -10.36 49.50 9.08
CA ASP D 298 -9.29 48.54 8.88
C ASP D 298 -9.06 48.37 7.38
N ILE D 299 -7.82 48.48 6.93
CA ILE D 299 -7.47 48.22 5.54
C ILE D 299 -7.39 46.73 5.33
N CYS D 300 -8.19 46.25 4.38
CA CYS D 300 -8.21 44.82 4.06
C CYS D 300 -7.19 44.60 2.96
N ILE D 301 -6.35 43.59 3.14
CA ILE D 301 -5.34 43.31 2.10
C ILE D 301 -5.87 42.67 0.85
N ALA D 302 -6.08 43.52 -0.16
CA ALA D 302 -6.72 43.09 -1.36
C ALA D 302 -5.63 43.01 -2.43
N SER D 303 -5.23 41.80 -2.79
CA SER D 303 -4.23 41.59 -3.83
C SER D 303 -4.80 40.75 -4.96
N TYR D 304 -4.55 41.18 -6.19
CA TYR D 304 -4.92 40.37 -7.34
C TYR D 304 -4.02 39.15 -7.49
N MET D 305 -2.89 39.12 -6.79
CA MET D 305 -1.99 37.97 -6.86
C MET D 305 -2.58 36.70 -6.25
N ASN D 306 -3.61 36.87 -5.40
CA ASN D 306 -4.18 35.73 -4.67
C ASN D 306 -5.16 34.99 -5.59
N PHE D 307 -4.67 34.57 -6.76
CA PHE D 307 -5.48 33.84 -7.75
C PHE D 307 -5.13 32.35 -7.72
N LEU D 308 -6.04 31.51 -8.21
CA LEU D 308 -5.78 30.08 -8.29
C LEU D 308 -5.53 29.66 -9.72
N ILE D 309 -4.42 28.96 -9.97
CA ILE D 309 -4.21 28.41 -11.30
C ILE D 309 -4.80 27.00 -11.21
N THR D 310 -5.68 26.64 -12.14
CA THR D 310 -6.31 25.33 -12.08
C THR D 310 -6.56 24.74 -13.48
N ASN D 311 -5.66 23.84 -13.91
CA ASN D 311 -5.81 23.24 -15.24
C ASN D 311 -5.93 24.33 -16.30
N ASP D 312 -7.00 24.34 -17.11
CA ASP D 312 -7.09 25.29 -18.23
C ASP D 312 -7.67 26.63 -17.81
N GLY D 313 -7.84 26.85 -16.50
CA GLY D 313 -8.41 28.11 -16.03
C GLY D 313 -7.53 28.80 -15.01
N VAL D 314 -7.75 30.10 -14.84
CA VAL D 314 -7.15 30.83 -13.72
C VAL D 314 -8.26 31.68 -13.13
N ILE D 315 -8.43 31.57 -11.82
CA ILE D 315 -9.57 32.20 -11.12
C ILE D 315 -8.99 33.40 -10.35
N VAL D 316 -9.39 34.60 -10.75
CA VAL D 316 -8.73 35.83 -10.31
C VAL D 316 -9.65 36.71 -9.44
N PRO D 317 -9.11 37.24 -8.33
CA PRO D 317 -9.92 38.16 -7.50
C PRO D 317 -10.45 39.36 -8.28
N GLN D 318 -11.67 39.76 -7.94
CA GLN D 318 -12.20 41.03 -8.40
C GLN D 318 -12.78 41.72 -7.18
N TYR D 319 -12.36 42.97 -6.94
CA TYR D 319 -12.65 43.70 -5.68
C TYR D 319 -13.66 44.84 -5.85
N GLY D 320 -14.14 45.06 -7.08
CA GLY D 320 -14.97 46.22 -7.41
C GLY D 320 -14.12 47.48 -7.53
N ASP D 321 -12.84 47.30 -7.85
CA ASP D 321 -11.89 48.39 -8.01
C ASP D 321 -11.75 48.77 -9.49
N GLU D 322 -11.32 50.00 -9.77
CA GLU D 322 -11.09 50.44 -11.16
C GLU D 322 -10.10 49.50 -11.89
N ASN D 323 -9.17 48.89 -11.15
CA ASN D 323 -8.15 47.99 -11.77
C ASN D 323 -8.60 46.54 -11.96
N ASP D 324 -9.88 46.26 -11.71
CA ASP D 324 -10.34 44.85 -11.80
C ASP D 324 -10.09 44.29 -13.20
N ARG D 325 -10.47 45.05 -14.23
CA ARG D 325 -10.29 44.58 -15.59
C ARG D 325 -8.82 44.51 -15.98
N LEU D 326 -8.02 45.53 -15.63
CA LEU D 326 -6.57 45.50 -15.88
C LEU D 326 -5.93 44.20 -15.33
N ALA D 327 -6.34 43.82 -14.11
CA ALA D 327 -5.80 42.61 -13.49
C ALA D 327 -6.07 41.39 -14.36
N LEU D 328 -7.31 41.27 -14.85
CA LEU D 328 -7.65 40.12 -15.71
C LEU D 328 -6.82 40.12 -17.00
N GLU D 329 -6.60 41.31 -17.55
CA GLU D 329 -5.78 41.44 -18.78
C GLU D 329 -4.33 41.01 -18.54
N GLN D 330 -3.78 41.45 -17.41
CA GLN D 330 -2.40 41.13 -17.07
C GLN D 330 -2.21 39.63 -16.79
N VAL D 331 -3.17 39.02 -16.10
CA VAL D 331 -3.10 37.60 -15.85
C VAL D 331 -3.27 36.81 -17.17
N GLN D 332 -4.12 37.33 -18.07
CA GLN D 332 -4.30 36.64 -19.36
C GLN D 332 -2.97 36.52 -20.11
N THR D 333 -2.18 37.59 -20.11
CA THR D 333 -0.90 37.55 -20.83
C THR D 333 0.11 36.60 -20.16
N MET D 334 -0.01 36.41 -18.84
CA MET D 334 0.82 35.44 -18.13
C MET D 334 0.46 33.99 -18.54
N PHE D 335 -0.82 33.78 -18.85
CA PHE D 335 -1.35 32.42 -19.17
C PHE D 335 -2.14 32.50 -20.49
N PRO D 336 -1.43 32.71 -21.61
CA PRO D 336 -2.13 33.01 -22.86
C PRO D 336 -3.08 31.92 -23.33
N ASP D 337 -2.81 30.69 -22.93
CA ASP D 337 -3.66 29.57 -23.37
C ASP D 337 -4.70 29.13 -22.34
N LYS D 338 -4.82 29.88 -21.25
CA LYS D 338 -5.83 29.57 -20.23
C LYS D 338 -6.99 30.54 -20.29
N LYS D 339 -8.14 30.11 -19.77
CA LYS D 339 -9.32 30.95 -19.61
C LYS D 339 -9.24 31.66 -18.27
N ILE D 340 -9.28 32.99 -18.31
CA ILE D 340 -9.14 33.79 -17.09
C ILE D 340 -10.53 34.19 -16.64
N VAL D 341 -10.88 33.79 -15.41
CA VAL D 341 -12.21 34.06 -14.87
C VAL D 341 -12.11 34.93 -13.62
N GLY D 342 -12.67 36.12 -13.69
CA GLY D 342 -12.75 36.97 -12.49
C GLY D 342 -13.97 36.58 -11.66
N VAL D 343 -13.83 36.64 -10.34
CA VAL D 343 -14.97 36.40 -9.44
C VAL D 343 -15.00 37.54 -8.43
N ASN D 344 -16.18 38.07 -8.13
CA ASN D 344 -16.30 39.15 -7.13
C ASN D 344 -16.08 38.56 -5.73
N THR D 345 -14.95 38.92 -5.13
CA THR D 345 -14.52 38.33 -3.88
C THR D 345 -14.15 39.35 -2.80
N VAL D 346 -14.70 40.56 -2.89
CA VAL D 346 -14.47 41.53 -1.82
C VAL D 346 -14.96 40.98 -0.46
N GLU D 347 -16.04 40.18 -0.49
CA GLU D 347 -16.58 39.63 0.78
C GLU D 347 -15.59 38.65 1.43
N VAL D 348 -14.73 38.03 0.62
CA VAL D 348 -13.72 37.12 1.16
C VAL D 348 -12.56 37.95 1.76
N VAL D 349 -12.23 39.06 1.11
CA VAL D 349 -11.10 39.86 1.54
C VAL D 349 -11.35 40.57 2.90
N TYR D 350 -12.60 40.86 3.23
CA TYR D 350 -12.91 41.40 4.57
C TYR D 350 -12.43 40.47 5.69
N GLY D 351 -12.37 39.17 5.39
CA GLY D 351 -11.94 38.16 6.38
C GLY D 351 -10.46 37.80 6.35
N GLY D 352 -9.68 38.49 5.51
CA GLY D 352 -8.22 38.40 5.60
C GLY D 352 -7.46 37.75 4.46
N GLY D 353 -8.15 37.36 3.38
CA GLY D 353 -7.46 36.78 2.21
C GLY D 353 -8.37 36.63 1.03
N ASN D 354 -7.96 35.78 0.07
CA ASN D 354 -8.76 35.66 -1.11
C ASN D 354 -8.75 34.29 -1.79
N ILE D 355 -8.97 34.26 -3.09
CA ILE D 355 -9.25 32.99 -3.79
C ILE D 355 -8.15 31.95 -3.54
N HIS D 356 -6.88 32.36 -3.62
CA HIS D 356 -5.81 31.39 -3.48
C HIS D 356 -5.84 30.83 -2.07
O AGT D 357 -7.26 29.75 1.80
C AGT D 357 -7.25 30.35 0.73
CA AGT D 357 -6.09 31.28 0.37
N AGT D 357 -6.27 31.84 -0.99
CB AGT D 357 -6.31 32.35 1.38
SG AGT D 357 -5.47 31.77 2.88
CZ AGT D 357 -4.59 33.33 2.87
NH2 AGT D 357 -4.91 33.91 1.48
NE AGT D 357 -5.13 34.11 4.00
CD AGT D 357 -5.59 33.41 5.21
CG AGT D 357 -6.24 34.48 6.12
CK AGT D 357 -6.77 33.82 7.37
CJ AGT D 357 -6.97 34.83 8.42
NB AGT D 357 -8.22 35.45 8.16
N ILE D 358 -8.37 30.36 -0.14
CA ILE D 358 -9.54 29.54 0.30
C ILE D 358 -9.61 28.27 -0.51
N THR D 359 -8.55 27.96 -1.25
CA THR D 359 -8.50 26.73 -2.04
C THR D 359 -7.24 25.92 -1.77
N GLN D 360 -7.29 24.62 -2.09
CA GLN D 360 -6.10 23.78 -2.08
C GLN D 360 -6.20 22.78 -3.21
N GLN D 361 -5.28 22.85 -4.17
CA GLN D 361 -5.30 21.88 -5.29
C GLN D 361 -4.78 20.51 -4.91
N GLU D 362 -5.23 19.53 -5.67
CA GLU D 362 -4.74 18.17 -5.51
C GLU D 362 -4.26 17.79 -6.92
N PRO D 363 -2.93 17.63 -7.08
CA PRO D 363 -2.36 17.42 -8.41
C PRO D 363 -2.66 16.03 -8.94
N LYS D 364 -2.69 15.94 -10.27
CA LYS D 364 -2.80 14.62 -10.93
C LYS D 364 -1.56 13.78 -10.67
N ARG D 365 -1.78 12.48 -10.45
CA ARG D 365 -0.69 11.56 -10.09
C ARG D 365 -0.21 10.74 -11.27
N VAL D 366 -0.93 10.87 -12.39
CA VAL D 366 -0.67 10.00 -13.55
C VAL D 366 0.79 10.04 -13.93
N GLY D 367 1.29 8.89 -14.38
CA GLY D 367 2.71 8.74 -14.77
C GLY D 367 3.03 9.11 -16.22
N GLY D 368 4.02 8.44 -16.83
CA GLY D 368 4.54 8.83 -18.15
C GLY D 368 3.72 8.32 -19.33
N LYS D 369 4.23 8.58 -20.54
CA LYS D 369 3.55 8.26 -21.78
C LYS D 369 3.51 6.77 -22.05
N GLN D 370 2.41 6.27 -22.59
CA GLN D 370 2.32 4.86 -22.95
C GLN D 370 2.72 4.56 -24.40
N ASN D 371 3.29 3.38 -24.62
CA ASN D 371 3.71 2.96 -25.95
C ASN D 371 2.54 2.64 -26.85
N SER D 372 2.70 2.91 -28.15
CA SER D 372 1.73 2.50 -29.16
C SER D 372 2.17 1.21 -29.86
N SER D 373 1.21 0.48 -30.41
CA SER D 373 1.46 -0.85 -30.96
C SER D 373 1.97 -0.83 -32.41
N MET E 1 31.40 -42.31 -10.50
CA MET E 1 30.79 -43.59 -10.87
C MET E 1 29.26 -43.41 -10.62
N ALA E 2 28.85 -43.55 -9.37
CA ALA E 2 27.48 -43.50 -9.06
C ALA E 2 26.52 -44.38 -9.94
N LYS E 3 26.11 -45.39 -9.23
CA LYS E 3 24.88 -46.06 -9.50
C LYS E 3 23.89 -45.61 -8.44
N ARG E 4 22.61 -45.68 -8.76
CA ARG E 4 21.58 -45.68 -7.72
C ARG E 4 21.47 -47.08 -7.10
N ILE E 5 21.29 -47.11 -5.78
CA ILE E 5 21.00 -48.34 -5.06
C ILE E 5 19.48 -48.42 -4.96
N VAL E 6 18.92 -49.49 -5.50
CA VAL E 6 17.45 -49.63 -5.57
C VAL E 6 17.01 -50.92 -4.88
N GLY E 7 15.82 -50.91 -4.30
CA GLY E 7 15.25 -52.09 -3.65
C GLY E 7 15.86 -52.43 -2.29
N SER E 8 16.70 -51.56 -1.74
CA SER E 8 17.19 -51.75 -0.37
C SER E 8 17.34 -50.42 0.36
N THR E 9 17.64 -50.47 1.66
CA THR E 9 17.84 -49.24 2.45
C THR E 9 19.25 -49.27 3.04
N PRO E 10 19.76 -48.10 3.45
CA PRO E 10 21.02 -48.08 4.18
C PRO E 10 21.05 -49.08 5.35
N LYS E 11 20.02 -49.08 6.20
CA LYS E 11 20.00 -50.02 7.34
C LYS E 11 20.12 -51.50 6.90
N GLN E 12 19.36 -51.89 5.88
CA GLN E 12 19.41 -53.27 5.35
C GLN E 12 20.79 -53.63 4.80
N ASP E 13 21.49 -52.61 4.29
CA ASP E 13 22.79 -52.80 3.64
C ASP E 13 23.98 -52.57 4.57
N GLY E 14 23.68 -52.34 5.84
CA GLY E 14 24.75 -52.16 6.85
C GLY E 14 25.45 -50.81 6.83
N PHE E 15 24.77 -49.79 6.28
CA PHE E 15 25.32 -48.41 6.28
C PHE E 15 24.59 -47.58 7.34
N ARG E 16 25.29 -46.61 7.93
CA ARG E 16 24.68 -45.71 8.93
C ARG E 16 25.18 -44.27 8.67
N MET E 17 24.36 -43.28 8.99
CA MET E 17 24.89 -41.92 9.03
C MET E 17 25.71 -41.69 10.30
N PRO E 18 27.02 -41.40 10.14
CA PRO E 18 27.83 -41.17 11.36
C PRO E 18 27.53 -39.79 11.96
N GLY E 19 27.85 -39.62 13.25
CA GLY E 19 27.67 -38.31 13.88
C GLY E 19 28.56 -37.28 13.20
N GLU E 20 28.15 -36.01 13.26
CA GLU E 20 28.91 -34.94 12.61
C GLU E 20 30.27 -34.72 13.28
N PHE E 21 30.41 -35.22 14.53
CA PHE E 21 31.66 -35.20 15.29
C PHE E 21 32.60 -36.39 14.97
N GLU E 22 32.18 -37.30 14.08
CA GLU E 22 33.08 -38.36 13.61
C GLU E 22 33.95 -37.81 12.48
N PRO E 23 35.09 -38.46 12.22
CA PRO E 23 36.05 -37.92 11.23
C PRO E 23 35.48 -37.62 9.83
N GLN E 24 35.92 -36.51 9.24
CA GLN E 24 35.43 -36.07 7.93
C GLN E 24 36.54 -36.00 6.90
N GLU E 25 36.23 -36.46 5.69
CA GLU E 25 37.12 -36.40 4.55
C GLU E 25 37.10 -35.02 3.87
N LYS E 26 35.92 -34.45 3.73
CA LYS E 26 35.70 -33.20 2.96
C LYS E 26 34.48 -32.49 3.50
N VAL E 27 34.37 -31.20 3.19
CA VAL E 27 33.14 -30.44 3.40
C VAL E 27 32.72 -29.73 2.10
N TRP E 28 31.41 -29.60 1.92
CA TRP E 28 30.81 -29.02 0.71
C TRP E 28 30.03 -27.76 1.05
N MET E 29 29.91 -26.87 0.04
CA MET E 29 29.21 -25.59 0.18
C MET E 29 28.78 -25.17 -1.22
N ILE E 30 27.64 -24.49 -1.31
CA ILE E 30 27.20 -23.87 -2.57
C ILE E 30 27.47 -22.36 -2.51
N TRP E 31 27.89 -21.75 -3.62
CA TRP E 31 28.16 -20.33 -3.66
C TRP E 31 26.82 -19.56 -3.84
N PRO E 32 26.58 -18.54 -2.98
CA PRO E 32 25.30 -17.81 -2.96
C PRO E 32 25.27 -16.66 -3.94
N GLU E 33 24.07 -16.33 -4.46
CA GLU E 33 23.97 -15.23 -5.42
C GLU E 33 22.56 -14.69 -5.67
N ARG E 34 21.52 -15.49 -5.43
CA ARG E 34 20.22 -15.04 -5.97
C ARG E 34 19.74 -13.72 -5.35
N PRO E 35 19.40 -12.73 -6.21
CA PRO E 35 19.20 -11.35 -5.68
C PRO E 35 17.83 -11.14 -5.00
N ASP E 36 16.93 -12.12 -5.12
CA ASP E 36 15.64 -12.08 -4.38
C ASP E 36 15.73 -12.73 -3.00
N ASN E 37 16.95 -13.10 -2.61
CA ASN E 37 17.21 -13.51 -1.21
C ASN E 37 18.33 -12.63 -0.66
N TRP E 38 19.43 -12.57 -1.42
CA TRP E 38 20.67 -11.96 -0.94
C TRP E 38 20.78 -10.53 -1.41
N ARG E 39 20.94 -9.64 -0.45
CA ARG E 39 21.07 -8.21 -0.79
C ARG E 39 22.30 -7.93 -1.63
N ASP E 40 22.25 -6.85 -2.42
CA ASP E 40 23.41 -6.39 -3.23
C ASP E 40 23.92 -7.50 -4.15
N GLY E 41 22.99 -8.27 -4.73
CA GLY E 41 23.37 -9.33 -5.68
C GLY E 41 24.28 -10.38 -5.06
N GLY E 42 24.21 -10.53 -3.74
CA GLY E 42 25.01 -11.49 -3.01
C GLY E 42 26.43 -11.06 -2.63
N LYS E 43 26.84 -9.83 -2.94
CA LYS E 43 28.23 -9.50 -2.66
C LYS E 43 28.59 -9.63 -1.17
N PRO E 44 27.77 -9.04 -0.25
CA PRO E 44 28.11 -9.20 1.19
C PRO E 44 28.11 -10.66 1.66
N VAL E 45 27.11 -11.44 1.25
CA VAL E 45 27.08 -12.83 1.70
C VAL E 45 28.19 -13.67 1.07
N GLN E 46 28.60 -13.34 -0.15
CA GLN E 46 29.71 -14.08 -0.77
C GLN E 46 30.99 -13.92 0.08
N GLU E 47 31.21 -12.72 0.63
CA GLU E 47 32.34 -12.52 1.52
C GLU E 47 32.21 -13.41 2.78
N ALA E 48 31.01 -13.48 3.36
CA ALA E 48 30.76 -14.33 4.53
C ALA E 48 30.98 -15.83 4.24
N PHE E 49 30.44 -16.33 3.12
CA PHE E 49 30.65 -17.76 2.75
C PHE E 49 32.14 -18.02 2.50
N THR E 50 32.83 -17.08 1.85
CA THR E 50 34.29 -17.18 1.69
C THR E 50 35.01 -17.34 3.04
N ASN E 51 34.66 -16.50 4.01
CA ASN E 51 35.23 -16.59 5.35
C ASN E 51 34.93 -17.91 6.06
N VAL E 52 33.71 -18.41 5.87
CA VAL E 52 33.32 -19.70 6.43
C VAL E 52 34.15 -20.80 5.79
N ALA E 53 34.21 -20.79 4.45
CA ALA E 53 35.01 -21.79 3.69
C ALA E 53 36.47 -21.79 4.11
N LYS E 54 37.06 -20.59 4.23
CA LYS E 54 38.43 -20.45 4.70
C LYS E 54 38.64 -21.05 6.09
N ALA E 55 37.69 -20.81 7.00
CA ALA E 55 37.78 -21.29 8.37
C ALA E 55 37.76 -22.82 8.41
N ILE E 56 36.88 -23.39 7.60
CA ILE E 56 36.74 -24.85 7.54
C ILE E 56 38.02 -25.49 7.02
N SER E 57 38.58 -24.85 5.96
CA SER E 57 39.77 -25.39 5.29
C SER E 57 40.99 -25.60 6.19
N GLN E 58 41.04 -24.87 7.30
CA GLN E 58 42.13 -25.05 8.30
C GLN E 58 42.08 -26.47 8.95
N PHE E 59 40.90 -27.08 8.93
CA PHE E 59 40.63 -28.36 9.59
C PHE E 59 40.37 -29.52 8.64
N THR E 60 39.76 -29.22 7.50
CA THR E 60 39.17 -30.24 6.62
C THR E 60 39.16 -29.73 5.17
N PRO E 61 39.57 -30.58 4.19
CA PRO E 61 39.48 -30.12 2.80
C PRO E 61 38.11 -29.58 2.41
N MET E 62 38.10 -28.45 1.72
CA MET E 62 36.87 -27.70 1.51
C MET E 62 36.55 -27.58 0.02
N ASN E 63 35.26 -27.56 -0.30
CA ASN E 63 34.79 -27.60 -1.68
C ASN E 63 33.63 -26.69 -1.83
N VAL E 64 33.64 -25.91 -2.90
CA VAL E 64 32.52 -25.00 -3.19
C VAL E 64 32.02 -25.26 -4.61
N VAL E 65 30.71 -25.35 -4.77
CA VAL E 65 30.11 -25.55 -6.07
C VAL E 65 29.35 -24.28 -6.45
N VAL E 66 29.30 -23.98 -7.76
CA VAL E 66 28.92 -22.62 -8.17
C VAL E 66 28.32 -22.61 -9.57
N SER E 67 27.37 -21.69 -9.81
CA SER E 67 26.76 -21.54 -11.11
C SER E 67 27.75 -21.25 -12.24
N GLN E 68 27.30 -21.49 -13.48
CA GLN E 68 28.06 -21.04 -14.65
C GLN E 68 28.55 -19.59 -14.52
N GLN E 69 27.63 -18.66 -14.22
CA GLN E 69 27.94 -17.23 -14.25
C GLN E 69 28.94 -16.86 -13.17
N GLN E 70 28.80 -17.45 -11.99
CA GLN E 70 29.68 -17.05 -10.85
C GLN E 70 30.98 -17.85 -10.75
N PHE E 71 31.14 -18.86 -11.60
CA PHE E 71 32.32 -19.73 -11.50
C PHE E 71 33.63 -18.92 -11.43
N GLN E 72 33.84 -18.02 -12.40
CA GLN E 72 35.15 -17.31 -12.44
C GLN E 72 35.37 -16.43 -11.22
N ASN E 73 34.32 -15.69 -10.82
CA ASN E 73 34.45 -14.87 -9.61
C ASN E 73 34.71 -15.73 -8.39
N CYS E 74 33.93 -16.80 -8.24
CA CYS E 74 34.05 -17.70 -7.08
C CYS E 74 35.49 -18.24 -6.98
N ARG E 75 36.02 -18.71 -8.10
CA ARG E 75 37.39 -19.27 -8.12
C ARG E 75 38.41 -18.19 -7.74
N ARG E 76 38.16 -16.96 -8.15
CA ARG E 76 39.08 -15.89 -7.83
C ARG E 76 39.03 -15.57 -6.32
N GLN E 77 37.82 -15.58 -5.77
CA GLN E 77 37.64 -15.16 -4.36
C GLN E 77 38.20 -16.15 -3.38
N LEU E 78 38.09 -17.44 -3.71
CA LEU E 78 38.52 -18.51 -2.80
C LEU E 78 39.99 -18.85 -2.96
N PRO E 79 40.70 -19.10 -1.83
CA PRO E 79 42.09 -19.54 -1.95
C PRO E 79 42.19 -20.87 -2.71
N PRO E 80 43.34 -21.12 -3.36
CA PRO E 80 43.45 -22.26 -4.25
C PRO E 80 43.31 -23.64 -3.60
N GLU E 81 43.60 -23.75 -2.29
CA GLU E 81 43.40 -25.03 -1.57
C GLU E 81 41.92 -25.45 -1.47
N ILE E 82 41.01 -24.51 -1.75
CA ILE E 82 39.57 -24.82 -1.78
C ILE E 82 39.24 -25.15 -3.24
N THR E 83 38.71 -26.35 -3.46
CA THR E 83 38.37 -26.83 -4.79
C THR E 83 37.02 -26.25 -5.23
N VAL E 84 36.93 -25.86 -6.50
CA VAL E 84 35.73 -25.22 -7.02
C VAL E 84 35.18 -26.02 -8.20
N TYR E 85 33.90 -26.37 -8.11
CA TYR E 85 33.19 -27.09 -9.19
C TYR E 85 32.06 -26.25 -9.75
N GLU E 86 31.81 -26.36 -11.04
CA GLU E 86 30.55 -25.80 -11.58
C GLU E 86 29.40 -26.74 -11.19
N MET E 87 28.29 -26.16 -10.74
CA MET E 87 27.12 -26.94 -10.43
C MET E 87 25.92 -26.00 -10.38
N SER E 88 24.91 -26.29 -11.20
CA SER E 88 23.70 -25.50 -11.18
C SER E 88 23.00 -25.65 -9.83
N ASN E 89 22.28 -24.60 -9.44
CA ASN E 89 21.59 -24.61 -8.17
C ASN E 89 20.57 -23.48 -8.20
N ASN E 90 19.61 -23.55 -7.29
CA ASN E 90 18.61 -22.48 -7.12
C ASN E 90 18.89 -21.54 -5.94
N ASP E 91 19.41 -22.11 -4.83
CA ASP E 91 19.99 -21.29 -3.75
C ASP E 91 21.10 -22.11 -3.06
N ALA E 92 21.71 -21.53 -2.02
CA ALA E 92 23.02 -22.00 -1.54
C ALA E 92 22.96 -22.67 -0.18
N TRP E 93 22.07 -23.68 -0.04
CA TRP E 93 21.86 -24.30 1.29
C TRP E 93 22.13 -25.80 1.23
N VAL E 94 23.41 -26.15 1.15
CA VAL E 94 23.78 -27.55 0.83
C VAL E 94 23.58 -28.50 2.01
N ARG E 95 23.36 -27.97 3.23
CA ARG E 95 23.00 -28.85 4.36
C ARG E 95 21.67 -29.52 4.03
N ASP E 96 20.83 -28.77 3.31
CA ASP E 96 19.43 -29.15 3.08
C ASP E 96 19.15 -29.80 1.74
N CYS E 97 19.86 -29.42 0.66
CA CYS E 97 19.71 -30.10 -0.62
C CYS E 97 20.87 -31.03 -0.93
N GLY E 98 21.91 -31.03 -0.12
CA GLY E 98 23.02 -31.93 -0.33
C GLY E 98 22.66 -33.39 0.00
N PRO E 99 23.58 -34.30 -0.29
CA PRO E 99 23.40 -35.69 0.09
C PRO E 99 23.70 -35.85 1.58
N SER E 100 23.04 -36.81 2.22
CA SER E 100 23.43 -37.19 3.58
C SER E 100 24.26 -38.47 3.44
N PHE E 101 25.56 -38.40 3.75
CA PHE E 101 26.43 -39.55 3.52
C PHE E 101 26.30 -40.60 4.62
N VAL E 102 26.38 -41.87 4.21
CA VAL E 102 26.34 -42.99 5.15
C VAL E 102 27.52 -43.93 4.87
N ILE E 103 28.01 -44.58 5.92
CA ILE E 103 29.18 -45.45 5.79
C ILE E 103 28.91 -46.82 6.38
N ASN E 104 29.66 -47.81 5.91
CA ASN E 104 29.59 -49.12 6.54
C ASN E 104 30.89 -49.43 7.26
N ASP E 105 31.03 -50.66 7.74
CA ASP E 105 32.34 -50.98 8.37
C ASP E 105 33.34 -51.69 7.45
N HIS E 106 33.22 -51.49 6.15
CA HIS E 106 34.14 -52.13 5.21
C HIS E 106 34.84 -51.10 4.36
N GLY E 107 34.83 -49.85 4.81
CA GLY E 107 35.49 -48.77 4.10
C GLY E 107 34.72 -48.20 2.93
N GLU E 108 33.41 -48.47 2.90
CA GLU E 108 32.58 -47.95 1.83
C GLU E 108 31.72 -46.81 2.30
N ILE E 109 31.24 -46.03 1.33
CA ILE E 109 30.43 -44.84 1.59
C ILE E 109 29.37 -44.74 0.52
N ARG E 110 28.15 -44.39 0.93
CA ARG E 110 27.04 -44.15 -0.01
C ARG E 110 26.36 -42.83 0.36
N GLY E 111 25.56 -42.28 -0.56
CA GLY E 111 24.80 -41.04 -0.27
C GLY E 111 23.32 -41.32 -0.20
N VAL E 112 22.62 -40.59 0.68
CA VAL E 112 21.17 -40.60 0.69
C VAL E 112 20.75 -39.31 0.02
N ASP E 113 19.97 -39.47 -1.05
CA ASP E 113 19.49 -38.37 -1.87
C ASP E 113 18.00 -38.22 -1.55
N TRP E 114 17.67 -37.27 -0.68
CA TRP E 114 16.27 -37.11 -0.26
C TRP E 114 15.54 -36.29 -1.32
N THR E 115 14.21 -36.34 -1.35
CA THR E 115 13.54 -35.40 -2.25
C THR E 115 13.61 -34.00 -1.60
N PHE E 116 14.11 -33.02 -2.36
CA PHE E 116 14.16 -31.64 -1.87
C PHE E 116 13.00 -30.83 -2.47
N ASN E 117 12.39 -29.98 -1.66
CA ASN E 117 11.28 -29.12 -2.19
C ASN E 117 11.28 -27.66 -1.73
N ALA E 118 12.48 -27.16 -1.44
CA ALA E 118 12.63 -25.76 -0.99
C ALA E 118 11.79 -25.47 0.27
N TRP E 119 11.86 -26.42 1.23
CA TRP E 119 11.27 -26.22 2.58
C TRP E 119 9.76 -25.97 2.53
N GLY E 120 9.04 -26.84 1.80
CA GLY E 120 7.58 -26.79 1.81
C GLY E 120 6.93 -26.73 0.46
N GLY E 121 7.73 -26.72 -0.61
CA GLY E 121 7.22 -26.80 -1.97
C GLY E 121 6.20 -25.72 -2.27
N LEU E 122 5.11 -26.10 -2.92
CA LEU E 122 4.10 -25.11 -3.30
C LEU E 122 3.11 -24.82 -2.17
N VAL E 123 3.28 -25.50 -1.04
CA VAL E 123 2.45 -25.21 0.14
C VAL E 123 3.02 -23.99 0.87
N ASP E 124 4.28 -24.10 1.30
CA ASP E 124 4.93 -23.02 2.03
C ASP E 124 6.44 -22.93 1.80
N GLY E 125 6.89 -23.40 0.64
CA GLY E 125 8.30 -23.31 0.29
C GLY E 125 8.77 -21.89 0.05
N LEU E 126 10.09 -21.74 -0.07
CA LEU E 126 10.74 -20.42 0.01
C LEU E 126 11.03 -19.78 -1.35
N TYR E 127 10.92 -20.57 -2.40
CA TYR E 127 11.04 -20.10 -3.79
C TYR E 127 10.60 -21.21 -4.73
N PHE E 128 10.46 -20.86 -6.00
CA PHE E 128 10.04 -21.84 -7.03
C PHE E 128 10.73 -21.43 -8.34
N PRO E 129 11.38 -22.38 -9.03
CA PRO E 129 11.55 -23.81 -8.75
C PRO E 129 12.80 -24.19 -7.95
N TRP E 130 12.94 -25.48 -7.69
CA TRP E 130 14.04 -26.03 -6.92
C TRP E 130 14.61 -27.26 -7.65
N ASP E 131 14.35 -27.35 -8.97
CA ASP E 131 14.79 -28.49 -9.78
C ASP E 131 16.31 -28.67 -9.84
N GLN E 132 17.05 -27.55 -9.85
CA GLN E 132 18.51 -27.67 -9.86
C GLN E 132 19.05 -28.01 -8.47
N ASP E 133 18.53 -27.36 -7.42
CA ASP E 133 18.86 -27.78 -6.05
C ASP E 133 18.68 -29.29 -5.89
N ASP E 134 17.61 -29.84 -6.45
CA ASP E 134 17.26 -31.26 -6.18
C ASP E 134 18.22 -32.21 -6.87
N LEU E 135 19.06 -31.70 -7.80
CA LEU E 135 20.09 -32.53 -8.47
C LEU E 135 21.47 -32.44 -7.79
N VAL E 136 21.63 -31.52 -6.85
CA VAL E 136 22.95 -31.34 -6.19
C VAL E 136 23.45 -32.59 -5.51
N ALA E 137 22.56 -33.30 -4.82
CA ALA E 137 22.99 -34.50 -4.06
C ALA E 137 23.58 -35.54 -5.03
N GLN E 138 22.92 -35.77 -6.16
CA GLN E 138 23.45 -36.76 -7.13
C GLN E 138 24.77 -36.29 -7.75
N LYS E 139 24.88 -34.99 -8.03
CA LYS E 139 26.10 -34.48 -8.66
C LYS E 139 27.29 -34.57 -7.72
N ILE E 140 27.09 -34.21 -6.46
CA ILE E 140 28.18 -34.37 -5.49
C ILE E 140 28.56 -35.86 -5.34
N CYS E 141 27.56 -36.75 -5.26
CA CYS E 141 27.86 -38.18 -5.22
C CYS E 141 28.66 -38.62 -6.46
N GLU E 142 28.28 -38.12 -7.65
CA GLU E 142 29.04 -38.46 -8.85
C GLU E 142 30.51 -38.06 -8.71
N ILE E 143 30.73 -36.80 -8.32
CA ILE E 143 32.11 -36.29 -8.12
C ILE E 143 32.90 -37.24 -7.22
N GLU E 144 32.23 -37.72 -6.16
CA GLU E 144 32.87 -38.63 -5.19
C GLU E 144 32.90 -40.11 -5.59
N HIS E 145 32.35 -40.43 -6.77
CA HIS E 145 32.20 -41.84 -7.21
C HIS E 145 31.39 -42.64 -6.20
N VAL E 146 30.41 -41.98 -5.59
CA VAL E 146 29.57 -42.67 -4.59
C VAL E 146 28.17 -43.00 -5.06
N ASP E 147 27.78 -44.24 -4.80
CA ASP E 147 26.45 -44.71 -5.15
C ASP E 147 25.47 -44.13 -4.14
N SER E 148 24.22 -43.97 -4.57
CA SER E 148 23.25 -43.26 -3.73
C SER E 148 21.88 -43.92 -3.71
N TYR E 149 21.19 -43.73 -2.58
CA TYR E 149 19.76 -44.09 -2.46
C TYR E 149 18.93 -42.84 -2.68
N ARG E 150 17.96 -42.92 -3.59
CA ARG E 150 17.02 -41.81 -3.77
C ARG E 150 15.73 -42.16 -3.01
N THR E 151 15.25 -41.24 -2.19
CA THR E 151 14.02 -41.47 -1.46
C THR E 151 12.82 -40.94 -2.25
N ASP E 152 12.33 -41.78 -3.16
CA ASP E 152 11.21 -41.41 -4.02
C ASP E 152 10.03 -40.99 -3.17
N ASP E 153 9.45 -39.85 -3.52
CA ASP E 153 8.24 -39.36 -2.88
C ASP E 153 8.37 -39.13 -1.37
N PHE E 154 9.61 -38.93 -0.89
CA PHE E 154 9.82 -38.63 0.52
C PHE E 154 10.73 -37.40 0.60
N VAL E 155 10.17 -36.31 1.13
CA VAL E 155 10.88 -35.04 1.21
C VAL E 155 11.60 -34.93 2.56
N LEU E 156 12.89 -34.58 2.52
CA LEU E 156 13.62 -34.35 3.77
C LEU E 156 14.81 -33.44 3.48
N GLU E 157 15.24 -32.70 4.50
CA GLU E 157 16.47 -31.91 4.43
C GLU E 157 17.43 -32.33 5.54
N GLY E 158 18.71 -32.37 5.24
CA GLY E 158 19.73 -32.69 6.23
C GLY E 158 19.67 -31.85 7.50
N GLY E 159 19.28 -30.59 7.39
CA GLY E 159 19.20 -29.70 8.56
C GLY E 159 18.07 -30.00 9.53
N SER E 160 17.16 -30.89 9.10
CA SER E 160 15.94 -31.15 9.88
C SER E 160 16.10 -32.28 10.91
N PHE E 161 17.24 -32.94 10.90
CA PHE E 161 17.50 -33.99 11.88
C PHE E 161 18.97 -33.96 12.31
N HIS E 162 19.25 -34.54 13.47
CA HIS E 162 20.64 -34.72 13.91
C HIS E 162 20.80 -36.15 14.44
N VAL E 163 21.95 -36.76 14.17
CA VAL E 163 22.18 -38.17 14.57
C VAL E 163 23.34 -38.29 15.54
N ASP E 164 23.36 -39.34 16.36
CA ASP E 164 24.52 -39.57 17.25
C ASP E 164 25.45 -40.65 16.70
N GLY E 165 25.09 -41.23 15.56
CA GLY E 165 25.91 -42.28 14.95
C GLY E 165 25.75 -43.63 15.68
N GLN E 166 24.88 -43.65 16.69
CA GLN E 166 24.70 -44.81 17.58
C GLN E 166 23.22 -45.18 17.79
N GLY E 167 22.43 -44.96 16.74
CA GLY E 167 21.05 -45.43 16.70
C GLY E 167 19.97 -44.43 17.04
N THR E 168 20.34 -43.16 17.23
CA THR E 168 19.36 -42.16 17.62
C THR E 168 19.36 -41.03 16.62
N VAL E 169 18.15 -40.54 16.38
CA VAL E 169 17.98 -39.30 15.62
C VAL E 169 17.13 -38.35 16.45
N LEU E 170 17.46 -37.06 16.34
CA LEU E 170 16.74 -35.98 17.00
C LEU E 170 16.15 -35.07 15.92
N THR E 171 14.86 -34.74 16.05
CA THR E 171 14.18 -33.96 15.02
C THR E 171 13.05 -33.12 15.65
N THR E 172 12.31 -32.38 14.82
CA THR E 172 11.18 -31.58 15.30
C THR E 172 9.86 -31.93 14.61
N GLU E 173 8.79 -31.96 15.41
CA GLU E 173 7.45 -32.18 14.88
C GLU E 173 7.06 -31.02 13.98
N MET E 174 7.44 -29.81 14.37
CA MET E 174 7.05 -28.62 13.59
C MET E 174 7.46 -28.80 12.12
N CYS E 175 8.66 -29.37 11.91
CA CYS E 175 9.16 -29.51 10.54
C CYS E 175 8.58 -30.74 9.85
N LEU E 176 8.86 -31.92 10.40
CA LEU E 176 8.58 -33.15 9.65
C LEU E 176 7.11 -33.46 9.49
N LEU E 177 6.28 -32.99 10.42
CA LEU E 177 4.83 -33.23 10.35
C LEU E 177 4.03 -32.13 9.67
N SER E 178 4.70 -31.17 9.06
CA SER E 178 4.03 -30.04 8.40
C SER E 178 3.43 -30.42 7.05
N GLU E 179 2.42 -29.65 6.66
CA GLU E 179 1.67 -29.93 5.46
C GLU E 179 2.52 -29.93 4.20
N GLY E 180 3.53 -29.06 4.13
CA GLY E 180 4.34 -28.88 2.91
C GLY E 180 5.44 -29.92 2.73
N ARG E 181 5.53 -30.92 3.62
CA ARG E 181 6.61 -31.93 3.52
C ARG E 181 6.04 -33.26 3.00
N ASN E 182 5.50 -34.09 3.90
CA ASN E 182 5.00 -35.42 3.53
C ASN E 182 3.59 -35.66 4.11
N PRO E 183 2.62 -34.85 3.69
CA PRO E 183 1.33 -34.82 4.39
C PRO E 183 0.54 -36.12 4.26
N GLN E 184 0.89 -36.96 3.29
CA GLN E 184 0.20 -38.24 3.12
C GLN E 184 0.71 -39.30 4.07
N LEU E 185 1.84 -39.03 4.73
CA LEU E 185 2.45 -39.99 5.65
C LEU E 185 2.11 -39.72 7.12
N SER E 186 1.90 -40.82 7.85
CA SER E 186 1.74 -40.80 9.31
C SER E 186 3.07 -40.49 9.97
N LYS E 187 3.04 -40.07 11.25
CA LYS E 187 4.26 -39.87 12.01
C LYS E 187 5.09 -41.18 12.04
N GLU E 188 4.41 -42.32 12.18
CA GLU E 188 5.08 -43.62 12.18
C GLU E 188 5.77 -43.93 10.85
N ALA E 189 5.13 -43.60 9.73
CA ALA E 189 5.76 -43.78 8.41
C ALA E 189 7.02 -42.92 8.28
N ILE E 190 6.94 -41.71 8.79
CA ILE E 190 8.09 -40.79 8.76
C ILE E 190 9.25 -41.32 9.65
N GLU E 191 8.90 -41.78 10.85
CA GLU E 191 9.88 -42.45 11.70
C GLU E 191 10.59 -43.61 10.97
N GLN E 192 9.81 -44.43 10.25
CA GLN E 192 10.34 -45.60 9.52
C GLN E 192 11.38 -45.14 8.47
N LYS E 193 11.08 -44.05 7.76
CA LYS E 193 12.01 -43.54 6.75
C LYS E 193 13.33 -43.13 7.43
N LEU E 194 13.22 -42.45 8.56
CA LEU E 194 14.42 -42.01 9.29
C LEU E 194 15.24 -43.23 9.75
N CYS E 195 14.55 -44.21 10.28
CA CYS E 195 15.22 -45.40 10.77
C CYS E 195 15.93 -46.15 9.61
N ASP E 196 15.23 -46.31 8.50
CA ASP E 196 15.74 -47.08 7.38
C ASP E 196 16.91 -46.39 6.69
N TYR E 197 16.83 -45.06 6.54
CA TYR E 197 17.82 -44.33 5.75
C TYR E 197 19.01 -43.80 6.56
N LEU E 198 18.81 -43.56 7.86
CA LEU E 198 19.90 -43.12 8.70
C LEU E 198 20.53 -44.28 9.47
N ASN E 199 19.83 -45.41 9.50
CA ASN E 199 20.18 -46.54 10.36
C ASN E 199 20.09 -46.15 11.85
N VAL E 200 18.87 -45.86 12.27
CA VAL E 200 18.56 -45.53 13.66
C VAL E 200 17.40 -46.37 14.15
N GLU E 201 17.24 -46.43 15.48
CA GLU E 201 16.21 -47.25 16.13
C GLU E 201 15.27 -46.41 16.98
N LYS E 202 15.70 -45.19 17.31
CA LYS E 202 14.93 -44.34 18.19
C LYS E 202 14.89 -42.93 17.63
N VAL E 203 13.68 -42.41 17.48
CA VAL E 203 13.44 -41.07 16.96
C VAL E 203 12.99 -40.23 18.15
N LEU E 204 13.81 -39.22 18.48
CA LEU E 204 13.49 -38.28 19.56
C LEU E 204 12.81 -37.06 18.95
N TRP E 205 11.56 -36.83 19.36
CA TRP E 205 10.78 -35.73 18.80
C TRP E 205 10.76 -34.52 19.72
N LEU E 206 11.46 -33.47 19.32
CA LEU E 206 11.18 -32.13 19.85
C LEU E 206 9.90 -31.62 19.19
N GLY E 207 9.30 -30.59 19.78
CA GLY E 207 8.05 -30.05 19.26
C GLY E 207 8.32 -28.94 18.26
N ASP E 208 8.27 -27.71 18.74
CA ASP E 208 8.53 -26.52 17.91
C ASP E 208 10.01 -26.27 17.65
N GLY E 209 10.30 -25.76 16.46
CA GLY E 209 11.60 -25.13 16.17
C GLY E 209 11.41 -23.64 16.37
N ILE E 210 12.39 -22.86 15.92
CA ILE E 210 12.37 -21.41 16.17
C ILE E 210 12.12 -20.58 14.91
N ASP E 211 12.02 -21.26 13.76
CA ASP E 211 11.81 -20.54 12.48
C ASP E 211 10.65 -21.14 11.69
N PRO E 212 9.42 -21.00 12.22
CA PRO E 212 8.25 -21.64 11.59
C PRO E 212 8.02 -21.22 10.14
N GLU E 213 8.34 -19.96 9.82
CA GLU E 213 8.10 -19.44 8.46
C GLU E 213 9.21 -19.78 7.48
N GLU E 214 10.41 -20.06 7.97
CA GLU E 214 11.55 -20.25 7.07
C GLU E 214 11.68 -21.75 6.75
N THR E 215 12.33 -22.52 7.63
CA THR E 215 12.50 -23.99 7.40
C THR E 215 11.41 -24.85 8.04
N ASN E 216 10.41 -24.19 8.66
CA ASN E 216 9.41 -24.85 9.51
C ASN E 216 10.05 -25.49 10.75
N GLY E 217 11.06 -24.84 11.30
CA GLY E 217 11.57 -25.26 12.59
C GLY E 217 12.63 -26.33 12.57
N HIS E 218 13.63 -26.19 11.70
CA HIS E 218 14.75 -27.14 11.65
C HIS E 218 15.42 -27.36 13.00
N VAL E 219 15.65 -28.62 13.33
CA VAL E 219 16.29 -28.94 14.60
C VAL E 219 17.69 -28.29 14.74
N ASP E 220 18.37 -28.02 13.61
CA ASP E 220 19.77 -27.57 13.68
C ASP E 220 19.95 -26.13 14.17
N ASP E 221 18.83 -25.43 14.36
CA ASP E 221 18.84 -24.11 15.04
C ASP E 221 18.52 -24.23 16.53
N VAL E 222 18.16 -25.44 16.96
CA VAL E 222 17.63 -25.66 18.31
C VAL E 222 18.54 -26.53 19.19
N ALA E 223 18.96 -27.66 18.65
CA ALA E 223 19.70 -28.65 19.46
C ALA E 223 20.49 -29.55 18.53
N CYS E 224 21.61 -30.09 19.02
CA CYS E 224 22.42 -31.03 18.24
C CYS E 224 23.14 -32.00 19.17
N PHE E 225 23.77 -33.01 18.58
CA PHE E 225 24.61 -33.94 19.35
C PHE E 225 26.05 -33.45 19.37
N ILE E 226 26.62 -33.34 20.57
CA ILE E 226 28.05 -32.99 20.65
C ILE E 226 28.93 -34.24 20.70
N ALA E 227 28.33 -35.34 21.16
CA ALA E 227 29.00 -36.62 21.28
C ALA E 227 27.90 -37.65 21.60
N PRO E 228 28.21 -38.96 21.47
CA PRO E 228 27.16 -39.90 21.90
C PRO E 228 26.71 -39.66 23.36
N GLY E 229 25.39 -39.51 23.56
CA GLY E 229 24.80 -39.30 24.88
C GLY E 229 24.81 -37.86 25.35
N GLU E 230 25.29 -36.94 24.50
CA GLU E 230 25.45 -35.54 24.91
C GLU E 230 24.86 -34.63 23.86
N VAL E 231 23.98 -33.72 24.29
CA VAL E 231 23.37 -32.72 23.40
C VAL E 231 23.61 -31.28 23.85
N ALA E 232 23.60 -30.36 22.89
CA ALA E 232 23.54 -28.95 23.21
C ALA E 232 22.14 -28.46 22.86
N CYS E 233 21.63 -27.51 23.65
CA CYS E 233 20.30 -26.95 23.45
C CYS E 233 20.34 -25.45 23.66
N ILE E 234 19.72 -24.72 22.75
CA ILE E 234 19.56 -23.27 22.97
C ILE E 234 18.80 -22.96 24.27
N TYR E 235 19.12 -21.83 24.86
CA TYR E 235 18.53 -21.47 26.14
C TYR E 235 18.48 -19.95 26.28
N THR E 236 17.34 -19.45 26.77
CA THR E 236 17.21 -18.05 27.13
C THR E 236 16.15 -17.94 28.22
N GLU E 237 16.31 -16.92 29.05
CA GLU E 237 15.31 -16.60 30.06
C GLU E 237 14.62 -15.28 29.70
N ASP E 238 14.98 -14.70 28.55
CA ASP E 238 14.23 -13.56 28.02
C ASP E 238 12.87 -13.97 27.46
N GLN E 239 11.80 -13.63 28.19
CA GLN E 239 10.45 -13.98 27.74
C GLN E 239 9.97 -13.14 26.54
N ASN E 240 10.73 -12.11 26.18
CA ASN E 240 10.46 -11.32 24.98
C ASN E 240 11.08 -11.88 23.72
N SER E 241 12.00 -12.83 23.89
CA SER E 241 12.67 -13.50 22.78
C SER E 241 11.63 -14.24 21.92
N PRO E 242 11.74 -14.14 20.58
CA PRO E 242 10.82 -14.97 19.82
C PRO E 242 11.17 -16.47 20.00
N PHE E 243 12.35 -16.77 20.57
CA PHE E 243 12.83 -18.16 20.72
C PHE E 243 12.41 -18.79 22.06
N TYR E 244 11.93 -17.96 23.00
CA TYR E 244 11.67 -18.37 24.39
C TYR E 244 10.89 -19.68 24.59
N GLU E 245 9.65 -19.73 24.13
CA GLU E 245 8.77 -20.88 24.35
C GLU E 245 9.37 -22.17 23.77
N ALA E 246 9.83 -22.09 22.52
CA ALA E 246 10.44 -23.23 21.85
C ALA E 246 11.73 -23.67 22.53
N ALA E 247 12.57 -22.71 22.96
CA ALA E 247 13.81 -23.04 23.67
C ALA E 247 13.54 -23.74 25.01
N GLN E 248 12.63 -23.16 25.78
CA GLN E 248 12.27 -23.75 27.08
C GLN E 248 11.70 -25.17 26.94
N ASP E 249 10.82 -25.39 25.96
CA ASP E 249 10.21 -26.70 25.76
C ASP E 249 11.19 -27.77 25.27
N ALA E 250 12.06 -27.40 24.33
CA ALA E 250 13.09 -28.30 23.83
C ALA E 250 13.96 -28.76 24.98
N TYR E 251 14.38 -27.79 25.81
CA TYR E 251 15.22 -28.05 26.97
C TYR E 251 14.53 -29.03 27.91
N GLN E 252 13.27 -28.77 28.26
CA GLN E 252 12.51 -29.66 29.17
C GLN E 252 12.36 -31.08 28.61
N ARG E 253 12.05 -31.20 27.32
CA ARG E 253 11.94 -32.51 26.67
C ARG E 253 13.23 -33.31 26.75
N LEU E 254 14.34 -32.63 26.44
CA LEU E 254 15.65 -33.28 26.35
C LEU E 254 16.11 -33.84 27.69
N LEU E 255 15.74 -33.14 28.78
CA LEU E 255 16.06 -33.57 30.14
C LEU E 255 15.27 -34.80 30.58
N LYS E 256 14.28 -35.17 29.78
CA LYS E 256 13.47 -36.36 30.04
C LYS E 256 13.79 -37.48 29.05
N MET E 257 14.72 -37.23 28.12
CA MET E 257 15.00 -38.17 27.02
C MET E 257 16.20 -39.11 27.20
N THR E 258 16.05 -40.34 26.73
CA THR E 258 17.14 -41.31 26.71
C THR E 258 17.38 -41.68 25.24
N ASP E 259 18.64 -41.92 24.90
CA ASP E 259 18.97 -42.32 23.53
C ASP E 259 18.71 -43.82 23.30
N ALA E 260 19.04 -44.30 22.09
CA ALA E 260 18.80 -45.69 21.69
C ALA E 260 19.55 -46.69 22.54
N LYS E 261 20.68 -46.27 23.12
CA LYS E 261 21.45 -47.14 24.01
C LYS E 261 21.03 -46.97 25.47
N GLY E 262 19.96 -46.21 25.70
CA GLY E 262 19.39 -46.08 27.05
C GLY E 262 20.09 -45.05 27.94
N ARG E 263 21.01 -44.28 27.35
CA ARG E 263 21.72 -43.26 28.11
C ARG E 263 20.83 -42.04 28.31
N GLN E 264 20.75 -41.57 29.56
CA GLN E 264 20.05 -40.31 29.84
C GLN E 264 20.85 -39.21 29.19
N LEU E 265 20.18 -38.38 28.37
CA LEU E 265 20.88 -37.31 27.67
C LEU E 265 21.43 -36.27 28.64
N LYS E 266 22.71 -35.97 28.45
CA LYS E 266 23.37 -34.87 29.11
C LYS E 266 23.10 -33.63 28.27
N VAL E 267 22.47 -32.61 28.84
CA VAL E 267 22.10 -31.42 28.07
C VAL E 267 23.02 -30.25 28.42
N HIS E 268 23.64 -29.67 27.39
CA HIS E 268 24.52 -28.50 27.55
C HIS E 268 23.78 -27.26 27.00
N LYS E 269 23.67 -26.22 27.82
CA LYS E 269 23.03 -24.96 27.42
C LYS E 269 23.91 -24.17 26.47
N LEU E 270 23.28 -23.64 25.42
CA LEU E 270 23.90 -22.65 24.53
C LEU E 270 23.08 -21.36 24.54
N CYS E 271 23.74 -20.22 24.76
CA CYS E 271 23.04 -18.94 24.82
C CYS E 271 22.45 -18.56 23.45
N CYS E 272 21.61 -17.52 23.46
CA CYS E 272 21.04 -16.93 22.25
C CYS E 272 21.46 -15.47 22.17
N PRO E 273 21.50 -14.89 20.97
CA PRO E 273 21.75 -13.44 20.90
C PRO E 273 20.80 -12.62 21.80
N VAL E 274 21.32 -11.60 22.46
CA VAL E 274 20.50 -10.73 23.31
C VAL E 274 19.51 -9.89 22.46
N LYS E 275 20.03 -9.38 21.35
CA LYS E 275 19.28 -8.49 20.46
C LYS E 275 18.83 -9.26 19.23
N ASN E 276 17.62 -8.97 18.74
CA ASN E 276 17.19 -9.53 17.46
C ASN E 276 18.02 -8.97 16.32
N VAL E 277 18.31 -9.82 15.35
CA VAL E 277 18.86 -9.44 14.07
C VAL E 277 17.64 -9.24 13.17
N THR E 278 17.59 -8.12 12.49
CA THR E 278 16.47 -7.81 11.61
C THR E 278 16.90 -7.39 10.20
N ILE E 279 16.05 -7.69 9.23
CA ILE E 279 16.16 -7.10 7.90
C ILE E 279 15.90 -5.62 8.01
N LYS E 280 16.72 -4.83 7.33
CA LYS E 280 16.42 -3.39 7.10
C LYS E 280 15.71 -3.42 5.73
N GLY E 281 14.57 -2.76 5.49
CA GLY E 281 14.47 -1.39 5.21
C GLY E 281 15.20 -1.21 3.87
N SER E 282 16.39 -0.67 4.05
CA SER E 282 17.32 -0.22 3.05
C SER E 282 18.11 -1.35 2.34
N PHE E 283 17.93 -2.60 2.74
CA PHE E 283 18.63 -3.68 2.02
C PHE E 283 18.09 -3.78 0.59
N LYS E 284 19.01 -3.94 -0.36
CA LYS E 284 18.63 -3.96 -1.79
C LYS E 284 18.42 -5.41 -2.20
N ILE E 285 17.18 -5.87 -2.01
CA ILE E 285 16.80 -7.28 -2.27
C ILE E 285 15.59 -7.25 -3.21
N ASP E 286 15.62 -8.07 -4.27
CA ASP E 286 14.53 -8.05 -5.24
C ASP E 286 13.30 -8.71 -4.61
N PHE E 287 12.11 -8.16 -4.89
CA PHE E 287 10.87 -8.88 -4.55
C PHE E 287 10.42 -9.66 -5.77
N VAL E 288 10.14 -10.95 -5.59
CA VAL E 288 9.59 -11.80 -6.64
C VAL E 288 8.45 -12.63 -6.01
N GLU E 289 7.27 -12.56 -6.61
CA GLU E 289 6.14 -13.35 -6.10
C GLU E 289 6.51 -14.83 -6.08
N GLY E 290 6.36 -15.45 -4.91
CA GLY E 290 6.72 -16.86 -4.76
C GLY E 290 8.04 -17.05 -4.08
N THR E 291 8.84 -15.98 -4.03
CA THR E 291 10.07 -16.02 -3.21
C THR E 291 9.80 -15.35 -1.84
N MET E 292 10.22 -16.00 -0.76
CA MET E 292 10.06 -15.48 0.60
C MET E 292 10.50 -14.00 0.64
N PRO E 293 9.56 -13.07 0.94
CA PRO E 293 9.94 -11.65 1.05
C PRO E 293 10.91 -11.37 2.19
N ARG E 294 11.76 -10.37 1.99
CA ARG E 294 12.69 -9.93 3.03
C ARG E 294 12.32 -8.49 3.32
N GLU E 295 11.50 -8.32 4.35
CA GLU E 295 10.87 -7.01 4.59
C GLU E 295 11.42 -6.35 5.85
N ASP E 296 11.36 -5.03 5.87
CA ASP E 296 11.88 -4.26 7.01
C ASP E 296 11.31 -4.76 8.32
N GLY E 297 12.18 -5.00 9.29
CA GLY E 297 11.77 -5.46 10.60
C GLY E 297 11.61 -6.96 10.76
N ASP E 298 11.72 -7.73 9.67
CA ASP E 298 11.68 -9.17 9.76
C ASP E 298 12.74 -9.63 10.74
N ILE E 299 12.35 -10.44 11.70
CA ILE E 299 13.30 -11.04 12.63
C ILE E 299 14.02 -12.24 12.00
N CYS E 300 15.34 -12.15 11.92
CA CYS E 300 16.16 -13.21 11.34
C CYS E 300 16.52 -14.25 12.41
N ILE E 301 16.60 -15.48 11.96
CA ILE E 301 16.78 -16.62 12.85
C ILE E 301 18.24 -16.78 13.23
N ALA E 302 18.67 -15.98 14.20
CA ALA E 302 20.06 -15.95 14.55
C ALA E 302 20.27 -16.86 15.76
N SER E 303 20.69 -18.10 15.47
CA SER E 303 21.00 -19.05 16.54
C SER E 303 22.48 -19.43 16.51
N TYR E 304 23.12 -19.47 17.69
CA TYR E 304 24.50 -19.93 17.78
C TYR E 304 24.60 -21.45 17.58
N MET E 305 23.46 -22.14 17.64
CA MET E 305 23.44 -23.60 17.52
C MET E 305 23.80 -24.06 16.10
N ASN E 306 23.68 -23.14 15.14
CA ASN E 306 23.87 -23.46 13.72
C ASN E 306 25.36 -23.44 13.38
N PHE E 307 26.14 -24.22 14.15
CA PHE E 307 27.57 -24.34 13.96
C PHE E 307 27.92 -25.66 13.26
N LEU E 308 29.13 -25.75 12.72
CA LEU E 308 29.60 -26.98 12.07
C LEU E 308 30.70 -27.57 12.91
N ILE E 309 30.52 -28.85 13.26
CA ILE E 309 31.62 -29.64 13.82
C ILE E 309 32.41 -30.23 12.67
N THR E 310 33.72 -30.00 12.65
CA THR E 310 34.55 -30.54 11.54
C THR E 310 35.97 -30.95 11.98
N ASN E 311 36.15 -32.26 12.23
CA ASN E 311 37.44 -32.77 12.66
C ASN E 311 37.87 -32.03 13.93
N ASP E 312 39.04 -31.38 13.93
CA ASP E 312 39.57 -30.77 15.13
C ASP E 312 39.05 -29.35 15.37
N GLY E 313 38.08 -28.92 14.57
CA GLY E 313 37.53 -27.56 14.69
C GLY E 313 36.03 -27.52 14.81
N VAL E 314 35.54 -26.40 15.36
CA VAL E 314 34.11 -26.11 15.38
C VAL E 314 33.97 -24.69 14.88
N ILE E 315 33.12 -24.49 13.87
CA ILE E 315 32.95 -23.20 13.23
C ILE E 315 31.62 -22.63 13.69
N VAL E 316 31.69 -21.52 14.45
CA VAL E 316 30.53 -21.00 15.17
C VAL E 316 30.03 -19.63 14.66
N PRO E 317 28.70 -19.49 14.50
CA PRO E 317 28.19 -18.17 14.08
C PRO E 317 28.60 -17.04 15.03
N GLN E 318 28.84 -15.87 14.45
CA GLN E 318 28.99 -14.63 15.22
C GLN E 318 28.10 -13.60 14.55
N TYR E 319 27.27 -12.93 15.35
CA TYR E 319 26.20 -12.08 14.78
C TYR E 319 26.42 -10.60 15.03
N GLY E 320 27.50 -10.26 15.74
CA GLY E 320 27.73 -8.89 16.17
C GLY E 320 26.95 -8.59 17.45
N ASP E 321 26.57 -9.63 18.18
CA ASP E 321 25.76 -9.50 19.38
C ASP E 321 26.66 -9.52 20.59
N GLU E 322 26.15 -8.96 21.70
CA GLU E 322 26.90 -8.97 22.94
C GLU E 322 27.25 -10.39 23.41
N ASN E 323 26.44 -11.37 23.04
CA ASN E 323 26.68 -12.77 23.43
C ASN E 323 27.62 -13.55 22.49
N ASP E 324 28.22 -12.88 21.51
CA ASP E 324 29.11 -13.60 20.56
C ASP E 324 30.25 -14.33 21.28
N ARG E 325 30.92 -13.67 22.22
CA ARG E 325 32.03 -14.30 22.92
C ARG E 325 31.56 -15.41 23.86
N LEU E 326 30.46 -15.18 24.57
CA LEU E 326 29.85 -16.20 25.42
C LEU E 326 29.56 -17.47 24.64
N ALA E 327 29.03 -17.31 23.43
CA ALA E 327 28.74 -18.46 22.57
C ALA E 327 30.01 -19.26 22.32
N LEU E 328 31.09 -18.59 21.95
CA LEU E 328 32.37 -19.26 21.72
C LEU E 328 32.88 -20.01 22.96
N GLU E 329 32.75 -19.37 24.13
CA GLU E 329 33.15 -19.96 25.41
C GLU E 329 32.36 -21.25 25.70
N GLN E 330 31.06 -21.17 25.49
CA GLN E 330 30.17 -22.30 25.75
C GLN E 330 30.47 -23.47 24.80
N VAL E 331 30.69 -23.16 23.54
CA VAL E 331 31.01 -24.21 22.58
C VAL E 331 32.37 -24.84 22.91
N GLN E 332 33.33 -24.01 23.33
CA GLN E 332 34.63 -24.53 23.70
C GLN E 332 34.51 -25.56 24.82
N THR E 333 33.66 -25.29 25.80
CA THR E 333 33.50 -26.24 26.91
C THR E 333 32.83 -27.56 26.47
N MET E 334 31.99 -27.48 25.43
CA MET E 334 31.36 -28.67 24.85
C MET E 334 32.38 -29.54 24.12
N PHE E 335 33.37 -28.90 23.51
CA PHE E 335 34.40 -29.58 22.73
C PHE E 335 35.77 -29.11 23.25
N PRO E 336 36.16 -29.56 24.46
CA PRO E 336 37.36 -28.99 25.11
C PRO E 336 38.65 -29.17 24.31
N ASP E 337 38.72 -30.20 23.47
CA ASP E 337 39.93 -30.51 22.73
C ASP E 337 39.91 -30.01 21.28
N LYS E 338 38.87 -29.28 20.90
CA LYS E 338 38.77 -28.76 19.54
C LYS E 338 39.11 -27.28 19.55
N LYS E 339 39.50 -26.76 18.38
CA LYS E 339 39.68 -25.33 18.17
C LYS E 339 38.36 -24.70 17.72
N ILE E 340 37.90 -23.71 18.49
CA ILE E 340 36.61 -23.05 18.22
C ILE E 340 36.86 -21.77 17.44
N VAL E 341 36.26 -21.66 16.26
CA VAL E 341 36.48 -20.51 15.40
C VAL E 341 35.17 -19.79 15.15
N GLY E 342 35.07 -18.55 15.61
CA GLY E 342 33.91 -17.75 15.24
C GLY E 342 34.08 -17.08 13.88
N VAL E 343 33.00 -17.00 13.12
CA VAL E 343 33.04 -16.29 11.83
C VAL E 343 31.82 -15.34 11.76
N ASN E 344 32.05 -14.11 11.32
CA ASN E 344 30.98 -13.12 11.24
C ASN E 344 30.01 -13.54 10.12
N THR E 345 28.83 -14.00 10.52
CA THR E 345 27.90 -14.55 9.55
C THR E 345 26.52 -13.90 9.58
N VAL E 346 26.43 -12.66 10.07
CA VAL E 346 25.12 -11.97 10.01
C VAL E 346 24.59 -11.88 8.56
N GLU E 347 25.50 -11.73 7.60
CA GLU E 347 25.06 -11.64 6.20
C GLU E 347 24.38 -12.94 5.70
N VAL E 348 24.76 -14.09 6.27
CA VAL E 348 24.13 -15.34 5.95
C VAL E 348 22.77 -15.42 6.62
N VAL E 349 22.69 -14.94 7.86
CA VAL E 349 21.42 -15.05 8.60
C VAL E 349 20.27 -14.25 7.97
N TYR E 350 20.58 -13.16 7.25
CA TYR E 350 19.54 -12.40 6.55
C TYR E 350 18.79 -13.28 5.54
N GLY E 351 19.49 -14.30 5.02
CA GLY E 351 18.94 -15.20 3.99
C GLY E 351 18.26 -16.44 4.54
N GLY E 352 18.22 -16.57 5.88
CA GLY E 352 17.38 -17.60 6.50
C GLY E 352 18.07 -18.72 7.26
N GLY E 353 19.39 -18.65 7.39
CA GLY E 353 20.11 -19.70 8.13
C GLY E 353 21.54 -19.34 8.41
N ASN E 354 22.36 -20.34 8.70
CA ASN E 354 23.74 -20.02 9.02
C ASN E 354 24.75 -21.12 8.70
N ILE E 355 25.87 -21.15 9.43
CA ILE E 355 27.00 -21.97 9.01
C ILE E 355 26.61 -23.44 8.84
N HIS E 356 25.83 -23.97 9.77
CA HIS E 356 25.49 -25.39 9.62
C HIS E 356 24.65 -25.63 8.33
O AGT E 357 22.93 -25.04 4.55
C AGT E 357 23.46 -24.70 5.60
CA AGT E 357 22.77 -24.82 6.95
N AGT E 357 23.65 -24.50 8.11
CB AGT E 357 21.71 -23.79 6.87
SG AGT E 357 20.38 -24.62 5.90
CZ AGT E 357 19.27 -24.02 7.17
NH2 AGT E 357 20.21 -23.52 8.26
NE AGT E 357 18.48 -22.93 6.58
CD AGT E 357 18.07 -23.08 5.17
CG AGT E 357 17.25 -21.80 4.92
CK AGT E 357 17.05 -21.66 3.43
CJ AGT E 357 15.94 -20.71 3.26
NB AGT E 357 16.55 -19.46 3.12
N ILE E 358 24.80 -23.98 5.53
CA ILE E 358 25.46 -23.75 4.22
C ILE E 358 26.56 -24.76 3.95
N THR E 359 26.62 -25.79 4.81
CA THR E 359 27.65 -26.81 4.68
C THR E 359 27.05 -28.21 4.69
N GLN E 360 27.84 -29.15 4.19
CA GLN E 360 27.51 -30.60 4.27
C GLN E 360 28.82 -31.37 4.36
N GLN E 361 29.00 -32.09 5.46
CA GLN E 361 30.23 -32.87 5.66
C GLN E 361 30.16 -34.16 4.89
N GLU E 362 31.36 -34.69 4.56
CA GLU E 362 31.47 -36.02 3.93
C GLU E 362 32.39 -36.80 4.88
N PRO E 363 31.86 -37.85 5.51
CA PRO E 363 32.64 -38.55 6.53
C PRO E 363 33.78 -39.34 5.89
N LYS E 364 34.84 -39.59 6.66
CA LYS E 364 35.88 -40.54 6.26
C LYS E 364 35.34 -41.97 6.21
N ARG E 365 35.77 -42.72 5.20
CA ARG E 365 35.54 -44.17 5.13
C ARG E 365 36.29 -44.84 6.27
N VAL E 366 35.69 -45.86 6.84
CA VAL E 366 36.32 -46.57 7.95
C VAL E 366 36.18 -48.08 7.74
N GLY E 367 37.27 -48.82 7.87
CA GLY E 367 37.17 -50.28 7.69
C GLY E 367 37.83 -50.97 6.51
N GLY E 368 38.35 -50.25 5.53
CA GLY E 368 37.98 -48.86 5.26
C GLY E 368 39.10 -47.87 5.00
N ALA F 2 42.39 -25.65 -6.78
CA ALA F 2 43.82 -25.76 -7.27
C ALA F 2 44.36 -24.39 -7.64
N LYS F 3 45.66 -24.35 -8.00
CA LYS F 3 46.36 -23.08 -8.19
C LYS F 3 46.82 -22.92 -9.63
N ARG F 4 46.90 -21.67 -10.12
CA ARG F 4 47.69 -21.40 -11.34
C ARG F 4 49.18 -21.32 -11.01
N ILE F 5 50.01 -21.90 -11.88
CA ILE F 5 51.47 -21.83 -11.76
C ILE F 5 51.89 -20.65 -12.64
N VAL F 6 52.53 -19.67 -12.02
CA VAL F 6 52.85 -18.42 -12.70
C VAL F 6 54.35 -18.19 -12.64
N GLY F 7 54.90 -17.65 -13.72
CA GLY F 7 56.30 -17.24 -13.73
C GLY F 7 57.27 -18.36 -14.07
N SER F 8 56.74 -19.54 -14.41
CA SER F 8 57.60 -20.65 -14.81
C SER F 8 56.92 -21.51 -15.89
N THR F 9 57.73 -22.31 -16.58
CA THR F 9 57.23 -23.24 -17.59
C THR F 9 57.31 -24.71 -17.12
N PRO F 10 56.49 -25.59 -17.71
CA PRO F 10 56.63 -27.00 -17.44
C PRO F 10 58.08 -27.46 -17.54
N LYS F 11 58.78 -27.06 -18.61
CA LYS F 11 60.16 -27.48 -18.80
C LYS F 11 61.01 -27.10 -17.61
N GLN F 12 60.92 -25.82 -17.20
CA GLN F 12 61.71 -25.33 -16.08
C GLN F 12 61.40 -26.07 -14.79
N ASP F 13 60.14 -26.47 -14.65
CA ASP F 13 59.66 -27.13 -13.44
C ASP F 13 59.81 -28.65 -13.45
N GLY F 14 60.31 -29.20 -14.55
CA GLY F 14 60.60 -30.63 -14.64
C GLY F 14 59.40 -31.49 -15.02
N PHE F 15 58.39 -30.88 -15.64
CA PHE F 15 57.19 -31.61 -16.09
C PHE F 15 57.26 -31.79 -17.61
N ARG F 16 56.70 -32.88 -18.10
CA ARG F 16 56.71 -33.19 -19.55
C ARG F 16 55.35 -33.76 -19.92
N MET F 17 54.93 -33.55 -21.17
CA MET F 17 53.72 -34.27 -21.62
C MET F 17 54.14 -35.67 -22.03
N PRO F 18 53.61 -36.70 -21.34
CA PRO F 18 53.99 -38.07 -21.72
C PRO F 18 53.30 -38.48 -23.04
N GLY F 19 53.81 -39.52 -23.69
CA GLY F 19 53.16 -40.06 -24.89
C GLY F 19 51.78 -40.60 -24.56
N GLU F 20 50.88 -40.58 -25.54
CA GLU F 20 49.52 -41.08 -25.32
C GLU F 20 49.52 -42.58 -25.03
N PHE F 21 50.61 -43.26 -25.41
CA PHE F 21 50.80 -44.69 -25.19
C PHE F 21 51.40 -44.98 -23.79
N GLU F 22 51.63 -43.94 -22.99
CA GLU F 22 52.07 -44.14 -21.60
C GLU F 22 50.83 -44.36 -20.73
N PRO F 23 51.00 -44.99 -19.55
CA PRO F 23 49.82 -45.35 -18.72
C PRO F 23 48.91 -44.16 -18.34
N GLN F 24 47.59 -44.42 -18.37
CA GLN F 24 46.58 -43.40 -18.12
C GLN F 24 45.73 -43.74 -16.90
N GLU F 25 45.45 -42.70 -16.12
CA GLU F 25 44.61 -42.78 -14.94
C GLU F 25 43.13 -42.77 -15.32
N LYS F 26 42.80 -41.86 -16.24
CA LYS F 26 41.41 -41.73 -16.68
C LYS F 26 41.34 -41.01 -18.03
N VAL F 27 40.15 -41.02 -18.59
CA VAL F 27 39.91 -40.32 -19.88
C VAL F 27 38.66 -39.46 -19.74
N TRP F 28 38.67 -38.32 -20.45
CA TRP F 28 37.62 -37.30 -20.42
C TRP F 28 36.98 -37.15 -21.78
N MET F 29 35.71 -36.72 -21.74
CA MET F 29 34.89 -36.49 -22.92
C MET F 29 33.81 -35.45 -22.58
N ILE F 30 33.41 -34.64 -23.57
CA ILE F 30 32.24 -33.74 -23.43
C ILE F 30 31.04 -34.33 -24.17
N TRP F 31 29.84 -34.20 -23.59
CA TRP F 31 28.63 -34.69 -24.21
C TRP F 31 28.15 -33.71 -25.30
N PRO F 32 27.88 -34.22 -26.51
CA PRO F 32 27.56 -33.40 -27.68
C PRO F 32 26.06 -33.08 -27.74
N GLU F 33 25.71 -31.92 -28.31
CA GLU F 33 24.29 -31.56 -28.40
C GLU F 33 23.96 -30.41 -29.38
N ARG F 34 24.93 -29.51 -29.68
CA ARG F 34 24.48 -28.25 -30.36
C ARG F 34 23.88 -28.56 -31.74
N PRO F 35 22.66 -28.06 -31.99
CA PRO F 35 21.93 -28.46 -33.20
C PRO F 35 22.35 -27.79 -34.52
N ASP F 36 23.27 -26.82 -34.43
CA ASP F 36 23.84 -26.20 -35.61
C ASP F 36 25.15 -26.88 -35.99
N ASN F 37 25.48 -27.97 -35.30
CA ASN F 37 26.54 -28.86 -35.78
C ASN F 37 25.97 -30.26 -35.94
N TRP F 38 25.37 -30.76 -34.87
CA TRP F 38 24.89 -32.14 -34.82
C TRP F 38 23.44 -32.29 -35.29
N ARG F 39 23.22 -33.18 -36.27
CA ARG F 39 21.86 -33.44 -36.75
C ARG F 39 20.95 -34.02 -35.67
N ASP F 40 19.66 -33.76 -35.83
CA ASP F 40 18.62 -34.38 -34.97
C ASP F 40 18.90 -34.01 -33.50
N GLY F 41 19.31 -32.77 -33.27
CA GLY F 41 19.54 -32.30 -31.89
C GLY F 41 20.57 -33.13 -31.13
N GLY F 42 21.48 -33.77 -31.89
CA GLY F 42 22.52 -34.61 -31.34
C GLY F 42 22.13 -36.03 -30.96
N LYS F 43 20.90 -36.45 -31.25
CA LYS F 43 20.54 -37.82 -30.80
C LYS F 43 21.45 -38.91 -31.43
N PRO F 44 21.64 -38.89 -32.76
CA PRO F 44 22.55 -39.93 -33.32
C PRO F 44 23.99 -39.86 -32.78
N VAL F 45 24.57 -38.65 -32.71
CA VAL F 45 25.96 -38.54 -32.23
C VAL F 45 26.05 -38.87 -30.71
N GLN F 46 24.99 -38.62 -29.94
CA GLN F 46 25.03 -39.00 -28.51
C GLN F 46 25.20 -40.52 -28.37
N GLU F 47 24.53 -41.29 -29.25
CA GLU F 47 24.68 -42.74 -29.22
C GLU F 47 26.13 -43.13 -29.54
N ALA F 48 26.73 -42.41 -30.50
CA ALA F 48 28.11 -42.74 -30.92
C ALA F 48 29.09 -42.41 -29.79
N PHE F 49 28.93 -41.22 -29.18
CA PHE F 49 29.79 -40.87 -28.03
C PHE F 49 29.59 -41.88 -26.88
N THR F 50 28.34 -42.28 -26.61
CA THR F 50 28.12 -43.30 -25.57
C THR F 50 28.89 -44.60 -25.89
N ASN F 51 28.86 -45.03 -27.14
CA ASN F 51 29.60 -46.24 -27.53
C ASN F 51 31.11 -46.09 -27.40
N VAL F 52 31.63 -44.91 -27.74
CA VAL F 52 33.06 -44.63 -27.57
C VAL F 52 33.41 -44.67 -26.07
N ALA F 53 32.62 -43.97 -25.25
CA ALA F 53 32.82 -43.97 -23.79
C ALA F 53 32.82 -45.38 -23.21
N LYS F 54 31.84 -46.20 -23.63
CA LYS F 54 31.76 -47.57 -23.14
C LYS F 54 33.01 -48.37 -23.54
N ALA F 55 33.45 -48.19 -24.77
CA ALA F 55 34.63 -48.91 -25.29
C ALA F 55 35.86 -48.55 -24.47
N ILE F 56 36.03 -47.26 -24.19
CA ILE F 56 37.21 -46.81 -23.44
C ILE F 56 37.17 -47.37 -22.03
N SER F 57 35.98 -47.36 -21.40
CA SER F 57 35.80 -47.76 -20.01
C SER F 57 36.21 -49.22 -19.72
N GLN F 58 36.28 -50.05 -20.76
CA GLN F 58 36.80 -51.40 -20.52
C GLN F 58 38.30 -51.42 -20.21
N PHE F 59 39.00 -50.35 -20.62
CA PHE F 59 40.46 -50.23 -20.42
C PHE F 59 40.89 -49.22 -19.36
N THR F 60 40.11 -48.15 -19.21
CA THR F 60 40.50 -46.96 -18.47
C THR F 60 39.25 -46.26 -17.88
N PRO F 61 39.30 -45.87 -16.60
CA PRO F 61 38.16 -45.11 -16.03
C PRO F 61 37.75 -43.94 -16.92
N MET F 62 36.46 -43.83 -17.14
CA MET F 62 35.93 -42.89 -18.13
C MET F 62 35.02 -41.84 -17.48
N ASN F 63 35.06 -40.63 -18.05
CA ASN F 63 34.38 -39.46 -17.48
C ASN F 63 33.77 -38.64 -18.58
N VAL F 64 32.53 -38.22 -18.36
CA VAL F 64 31.84 -37.39 -19.35
C VAL F 64 31.33 -36.13 -18.64
N VAL F 65 31.55 -34.98 -19.29
CA VAL F 65 31.04 -33.73 -18.73
C VAL F 65 29.96 -33.21 -19.64
N VAL F 66 28.97 -32.52 -19.07
CA VAL F 66 27.75 -32.26 -19.79
C VAL F 66 27.03 -31.00 -19.30
N SER F 67 26.33 -30.32 -20.22
CA SER F 67 25.54 -29.12 -19.87
C SER F 67 24.47 -29.37 -18.79
N GLN F 68 24.01 -28.29 -18.18
CA GLN F 68 22.88 -28.32 -17.26
C GLN F 68 21.70 -29.09 -17.87
N GLN F 69 21.34 -28.75 -19.13
CA GLN F 69 20.11 -29.29 -19.71
C GLN F 69 20.25 -30.77 -20.00
N GLN F 70 21.42 -31.20 -20.50
CA GLN F 70 21.58 -32.62 -20.88
C GLN F 70 22.04 -33.53 -19.74
N PHE F 71 22.32 -32.94 -18.58
CA PHE F 71 22.88 -33.75 -17.48
C PHE F 71 22.04 -35.02 -17.19
N GLN F 72 20.74 -34.85 -16.94
CA GLN F 72 19.93 -36.03 -16.58
C GLN F 72 19.89 -37.10 -17.68
N ASN F 73 19.68 -36.68 -18.94
CA ASN F 73 19.71 -37.64 -20.05
C ASN F 73 21.08 -38.33 -20.17
N CYS F 74 22.15 -37.55 -20.12
CA CYS F 74 23.51 -38.09 -20.20
C CYS F 74 23.76 -39.17 -19.13
N ARG F 75 23.39 -38.85 -17.89
CA ARG F 75 23.58 -39.80 -16.80
C ARG F 75 22.75 -41.07 -17.02
N ARG F 76 21.54 -40.93 -17.58
CA ARG F 76 20.71 -42.10 -17.88
C ARG F 76 21.32 -42.97 -19.00
N GLN F 77 21.87 -42.33 -20.04
CA GLN F 77 22.39 -43.05 -21.21
C GLN F 77 23.65 -43.82 -20.92
N LEU F 78 24.52 -43.25 -20.07
CA LEU F 78 25.83 -43.85 -19.80
C LEU F 78 25.75 -44.84 -18.64
N PRO F 79 26.49 -45.98 -18.74
CA PRO F 79 26.52 -46.93 -17.62
C PRO F 79 27.16 -46.30 -16.38
N PRO F 80 26.77 -46.80 -15.19
CA PRO F 80 27.15 -46.11 -13.94
C PRO F 80 28.66 -46.05 -13.66
N GLU F 81 29.42 -46.97 -14.24
CA GLU F 81 30.89 -46.94 -14.04
C GLU F 81 31.54 -45.73 -14.74
N ILE F 82 30.80 -45.07 -15.64
CA ILE F 82 31.27 -43.82 -16.25
C ILE F 82 30.75 -42.68 -15.38
N THR F 83 31.68 -41.85 -14.88
CA THR F 83 31.35 -40.72 -14.02
C THR F 83 30.86 -39.54 -14.86
N VAL F 84 29.83 -38.86 -14.37
CA VAL F 84 29.27 -37.72 -15.11
C VAL F 84 29.34 -36.47 -14.25
N TYR F 85 29.88 -35.40 -14.85
CA TYR F 85 29.95 -34.07 -14.21
C TYR F 85 29.16 -33.05 -14.99
N GLU F 86 28.52 -32.10 -14.28
CA GLU F 86 28.01 -30.92 -15.01
C GLU F 86 29.18 -29.99 -15.38
N MET F 87 29.18 -29.52 -16.62
CA MET F 87 30.18 -28.56 -17.06
C MET F 87 29.67 -27.85 -18.29
N SER F 88 29.58 -26.51 -18.23
CA SER F 88 29.19 -25.76 -19.42
C SER F 88 30.24 -25.89 -20.53
N ASN F 89 29.76 -25.79 -21.77
CA ASN F 89 30.63 -25.99 -22.91
C ASN F 89 29.87 -25.41 -24.10
N ASN F 90 30.61 -25.14 -25.18
CA ASN F 90 30.02 -24.68 -26.44
C ASN F 90 29.92 -25.77 -27.49
N ASP F 91 30.91 -26.67 -27.53
CA ASP F 91 30.79 -27.92 -28.30
C ASP F 91 31.65 -29.00 -27.64
N ALA F 92 31.68 -30.20 -28.23
CA ALA F 92 32.08 -31.40 -27.50
C ALA F 92 33.41 -31.97 -27.96
N TRP F 93 34.47 -31.15 -27.98
CA TRP F 93 35.75 -31.57 -28.55
C TRP F 93 36.89 -31.43 -27.52
N VAL F 94 36.87 -32.31 -26.52
CA VAL F 94 37.74 -32.10 -25.34
C VAL F 94 39.23 -32.37 -25.66
N ARG F 95 39.52 -33.02 -26.79
CA ARG F 95 40.92 -33.15 -27.22
C ARG F 95 41.51 -31.78 -27.38
N ASP F 96 40.65 -30.83 -27.78
CA ASP F 96 41.09 -29.54 -28.30
C ASP F 96 40.89 -28.39 -27.32
N CYS F 97 39.81 -28.47 -26.53
CA CYS F 97 39.67 -27.48 -25.45
C CYS F 97 40.01 -28.01 -24.08
N GLY F 98 40.33 -29.29 -23.98
CA GLY F 98 40.74 -29.85 -22.69
C GLY F 98 42.14 -29.42 -22.27
N PRO F 99 42.52 -29.79 -21.04
CA PRO F 99 43.90 -29.52 -20.60
C PRO F 99 44.80 -30.58 -21.21
N SER F 100 46.04 -30.20 -21.51
CA SER F 100 47.09 -31.15 -21.86
C SER F 100 47.89 -31.45 -20.59
N PHE F 101 47.77 -32.66 -20.05
CA PHE F 101 48.41 -32.97 -18.79
C PHE F 101 49.90 -33.24 -18.95
N VAL F 102 50.67 -32.76 -17.98
CA VAL F 102 52.09 -32.99 -17.92
C VAL F 102 52.46 -33.61 -16.57
N ILE F 103 53.52 -34.44 -16.55
CA ILE F 103 53.92 -35.11 -15.32
C ILE F 103 55.42 -34.97 -15.10
N ASN F 104 55.83 -35.07 -13.83
CA ASN F 104 57.26 -35.07 -13.55
C ASN F 104 57.74 -36.46 -13.15
N ASP F 105 58.97 -36.55 -12.67
CA ASP F 105 59.56 -37.85 -12.34
C ASP F 105 59.18 -38.38 -10.95
N HIS F 106 58.27 -37.69 -10.27
CA HIS F 106 58.20 -37.80 -8.82
C HIS F 106 56.77 -37.76 -8.32
N GLY F 107 55.84 -38.20 -9.18
CA GLY F 107 54.49 -38.51 -8.73
C GLY F 107 53.58 -37.30 -8.75
N GLU F 108 54.02 -36.24 -9.42
CA GLU F 108 53.15 -35.08 -9.56
C GLU F 108 52.65 -34.93 -10.99
N ILE F 109 51.51 -34.25 -11.12
CA ILE F 109 50.87 -33.97 -12.40
C ILE F 109 50.32 -32.54 -12.39
N ARG F 110 50.45 -31.85 -13.53
CA ARG F 110 49.92 -30.52 -13.72
C ARG F 110 49.21 -30.48 -15.07
N GLY F 111 48.44 -29.42 -15.33
CA GLY F 111 47.76 -29.28 -16.61
C GLY F 111 48.28 -28.07 -17.34
N VAL F 112 48.35 -28.17 -18.67
CA VAL F 112 48.54 -26.99 -19.50
C VAL F 112 47.19 -26.57 -20.08
N ASP F 113 46.85 -25.32 -19.82
CA ASP F 113 45.58 -24.71 -20.20
C ASP F 113 45.89 -23.73 -21.32
N TRP F 114 45.74 -24.19 -22.56
CA TRP F 114 46.08 -23.34 -23.70
C TRP F 114 44.95 -22.34 -23.92
N THR F 115 45.21 -21.25 -24.62
CA THR F 115 44.06 -20.43 -25.04
C THR F 115 43.31 -21.18 -26.16
N PHE F 116 42.02 -21.39 -25.98
CA PHE F 116 41.18 -21.98 -27.04
C PHE F 116 40.39 -20.92 -27.78
N ASN F 117 40.26 -21.07 -29.11
CA ASN F 117 39.47 -20.10 -29.86
C ASN F 117 38.59 -20.71 -30.95
N ALA F 118 38.16 -21.96 -30.75
CA ALA F 118 37.25 -22.64 -31.71
C ALA F 118 37.92 -22.73 -33.10
N TRP F 119 39.21 -23.08 -33.11
CA TRP F 119 39.92 -23.41 -34.36
C TRP F 119 39.94 -22.23 -35.32
N GLY F 120 40.35 -21.06 -34.81
CA GLY F 120 40.57 -19.92 -35.69
C GLY F 120 39.84 -18.66 -35.31
N GLY F 121 39.07 -18.71 -34.22
CA GLY F 121 38.46 -17.50 -33.65
C GLY F 121 37.61 -16.79 -34.66
N LEU F 122 37.72 -15.47 -34.69
CA LEU F 122 36.90 -14.68 -35.61
C LEU F 122 37.46 -14.58 -37.02
N VAL F 123 38.64 -15.16 -37.24
CA VAL F 123 39.21 -15.23 -38.58
C VAL F 123 38.55 -16.37 -39.35
N ASP F 124 38.68 -17.59 -38.83
CA ASP F 124 38.10 -18.76 -39.49
C ASP F 124 37.65 -19.85 -38.54
N GLY F 125 37.32 -19.46 -37.31
CA GLY F 125 36.78 -20.42 -36.31
C GLY F 125 35.42 -20.99 -36.68
N LEU F 126 35.00 -22.00 -35.92
CA LEU F 126 33.87 -22.86 -36.34
C LEU F 126 32.52 -22.50 -35.73
N TYR F 127 32.56 -21.63 -34.72
CA TYR F 127 31.37 -21.07 -34.08
C TYR F 127 31.79 -19.92 -33.17
N PHE F 128 30.79 -19.15 -32.72
CA PHE F 128 31.07 -18.07 -31.80
C PHE F 128 29.87 -18.01 -30.83
N PRO F 129 30.13 -17.89 -29.52
CA PRO F 129 31.42 -17.83 -28.80
C PRO F 129 31.93 -19.21 -28.31
N TRP F 130 33.10 -19.18 -27.69
CA TRP F 130 33.77 -20.36 -27.18
C TRP F 130 34.24 -20.13 -25.74
N ASP F 131 33.60 -19.19 -25.04
CA ASP F 131 34.00 -18.81 -23.69
C ASP F 131 33.85 -19.94 -22.70
N GLN F 132 32.78 -20.74 -22.86
CA GLN F 132 32.62 -21.87 -21.94
C GLN F 132 33.61 -23.01 -22.29
N ASP F 133 33.78 -23.30 -23.57
CA ASP F 133 34.85 -24.26 -23.99
C ASP F 133 36.18 -23.89 -23.33
N ASP F 134 36.50 -22.60 -23.32
CA ASP F 134 37.82 -22.14 -22.87
C ASP F 134 38.04 -22.32 -21.35
N LEU F 135 36.94 -22.60 -20.62
CA LEU F 135 37.02 -22.86 -19.18
C LEU F 135 37.08 -24.35 -18.83
N VAL F 136 36.81 -25.23 -19.80
CA VAL F 136 36.85 -26.68 -19.56
C VAL F 136 38.20 -27.13 -18.98
N ALA F 137 39.30 -26.62 -19.50
CA ALA F 137 40.60 -27.08 -19.04
C ALA F 137 40.76 -26.82 -17.54
N GLN F 138 40.46 -25.59 -17.09
CA GLN F 138 40.56 -25.28 -15.68
C GLN F 138 39.59 -26.09 -14.82
N LYS F 139 38.36 -26.27 -15.27
CA LYS F 139 37.38 -27.03 -14.49
C LYS F 139 37.78 -28.49 -14.32
N ILE F 140 38.29 -29.11 -15.38
CA ILE F 140 38.79 -30.49 -15.26
C ILE F 140 39.99 -30.53 -14.29
N CYS F 141 40.92 -29.59 -14.42
CA CYS F 141 42.03 -29.53 -13.45
C CYS F 141 41.52 -29.39 -12.01
N GLU F 142 40.51 -28.53 -11.78
CA GLU F 142 39.95 -28.38 -10.42
C GLU F 142 39.43 -29.71 -9.90
N ILE F 143 38.62 -30.40 -10.71
CA ILE F 143 38.11 -31.75 -10.36
C ILE F 143 39.23 -32.66 -9.87
N GLU F 144 40.34 -32.62 -10.59
CA GLU F 144 41.50 -33.49 -10.33
C GLU F 144 42.46 -32.95 -9.25
N HIS F 145 42.15 -31.76 -8.71
CA HIS F 145 43.02 -31.05 -7.75
C HIS F 145 44.38 -30.80 -8.36
N VAL F 146 44.39 -30.51 -9.65
CA VAL F 146 45.64 -30.27 -10.36
C VAL F 146 45.89 -28.80 -10.69
N ASP F 147 47.11 -28.36 -10.35
CA ASP F 147 47.56 -27.00 -10.68
C ASP F 147 47.86 -26.90 -12.16
N SER F 148 47.68 -25.70 -12.72
CA SER F 148 47.75 -25.55 -14.17
C SER F 148 48.53 -24.33 -14.61
N TYR F 149 49.12 -24.45 -15.79
CA TYR F 149 49.77 -23.32 -16.48
C TYR F 149 48.79 -22.79 -17.51
N ARG F 150 48.52 -21.48 -17.48
CA ARG F 150 47.68 -20.90 -18.53
C ARG F 150 48.58 -20.17 -19.54
N THR F 151 48.43 -20.47 -20.83
CA THR F 151 49.31 -19.86 -21.85
C THR F 151 48.63 -18.61 -22.39
N ASP F 152 48.86 -17.51 -21.67
CA ASP F 152 48.25 -16.22 -22.01
C ASP F 152 48.61 -15.85 -23.43
N ASP F 153 47.60 -15.44 -24.20
CA ASP F 153 47.80 -14.95 -25.55
C ASP F 153 48.45 -15.95 -26.50
N PHE F 154 48.41 -17.24 -26.14
CA PHE F 154 48.88 -18.28 -27.05
C PHE F 154 47.78 -19.32 -27.25
N VAL F 155 47.29 -19.41 -28.49
CA VAL F 155 46.22 -20.34 -28.85
C VAL F 155 46.80 -21.68 -29.29
N LEU F 156 46.25 -22.77 -28.76
CA LEU F 156 46.66 -24.12 -29.19
C LEU F 156 45.54 -25.12 -28.83
N GLU F 157 45.49 -26.21 -29.58
CA GLU F 157 44.59 -27.32 -29.28
C GLU F 157 45.42 -28.59 -29.13
N GLY F 158 45.04 -29.45 -28.19
CA GLY F 158 45.70 -30.74 -28.05
C GLY F 158 45.74 -31.59 -29.31
N GLY F 159 44.75 -31.47 -30.20
CA GLY F 159 44.72 -32.27 -31.44
C GLY F 159 45.70 -31.83 -32.51
N SER F 160 46.32 -30.66 -32.28
CA SER F 160 47.23 -30.06 -33.28
C SER F 160 48.69 -30.53 -33.17
N PHE F 161 48.99 -31.32 -32.16
CA PHE F 161 50.36 -31.82 -31.98
C PHE F 161 50.32 -33.22 -31.40
N HIS F 162 51.42 -33.95 -31.56
CA HIS F 162 51.57 -35.27 -30.96
C HIS F 162 52.96 -35.35 -30.38
N VAL F 163 53.06 -35.94 -29.19
CA VAL F 163 54.36 -36.05 -28.51
C VAL F 163 54.77 -37.51 -28.37
N ASP F 164 56.09 -37.75 -28.29
CA ASP F 164 56.59 -39.09 -28.00
C ASP F 164 57.00 -39.28 -26.53
N GLY F 165 56.93 -38.20 -25.74
CA GLY F 165 57.29 -38.24 -24.31
C GLY F 165 58.80 -38.24 -24.09
N GLN F 166 59.57 -38.16 -25.18
CA GLN F 166 61.02 -38.25 -25.14
C GLN F 166 61.68 -37.12 -25.93
N GLY F 167 61.08 -35.95 -25.86
CA GLY F 167 61.72 -34.73 -26.36
C GLY F 167 61.29 -34.26 -27.73
N THR F 168 60.33 -34.95 -28.36
CA THR F 168 59.86 -34.62 -29.71
C THR F 168 58.38 -34.28 -29.77
N VAL F 169 58.05 -33.31 -30.62
CA VAL F 169 56.64 -33.03 -30.95
C VAL F 169 56.50 -33.01 -32.48
N LEU F 170 55.38 -33.51 -32.96
CA LEU F 170 55.08 -33.58 -34.37
C LEU F 170 53.83 -32.72 -34.58
N THR F 171 53.86 -31.85 -35.59
CA THR F 171 52.74 -30.92 -35.82
C THR F 171 52.62 -30.56 -37.30
N THR F 172 51.70 -29.65 -37.65
CA THR F 172 51.55 -29.23 -39.04
C THR F 172 51.67 -27.72 -39.18
N GLU F 173 52.35 -27.30 -40.25
CA GLU F 173 52.42 -25.86 -40.60
C GLU F 173 51.03 -25.33 -40.93
N MET F 174 50.20 -26.12 -41.60
CA MET F 174 48.91 -25.63 -42.03
C MET F 174 48.11 -25.11 -40.83
N CYS F 175 48.21 -25.80 -39.71
CA CYS F 175 47.46 -25.41 -38.52
C CYS F 175 48.16 -24.30 -37.76
N LEU F 176 49.37 -24.56 -37.25
CA LEU F 176 49.99 -23.63 -36.29
C LEU F 176 50.38 -22.29 -36.90
N LEU F 177 50.65 -22.25 -38.21
CA LEU F 177 51.10 -21.01 -38.86
C LEU F 177 49.94 -20.23 -39.48
N SER F 178 48.72 -20.70 -39.26
CA SER F 178 47.54 -20.06 -39.86
C SER F 178 47.14 -18.72 -39.23
N GLU F 179 46.48 -17.89 -40.02
CA GLU F 179 46.11 -16.53 -39.60
C GLU F 179 45.24 -16.50 -38.33
N GLY F 180 44.36 -17.49 -38.18
CA GLY F 180 43.39 -17.51 -37.07
C GLY F 180 43.93 -18.01 -35.76
N ARG F 181 45.22 -18.41 -35.73
CA ARG F 181 45.80 -18.95 -34.49
C ARG F 181 46.67 -17.94 -33.73
N ASN F 182 47.96 -17.88 -34.07
CA ASN F 182 48.87 -16.93 -33.42
C ASN F 182 49.62 -16.14 -34.48
N PRO F 183 48.89 -15.32 -35.26
CA PRO F 183 49.46 -14.73 -36.46
C PRO F 183 50.63 -13.77 -36.21
N GLN F 184 50.79 -13.27 -34.97
CA GLN F 184 51.84 -12.29 -34.65
C GLN F 184 53.15 -13.01 -34.40
N LEU F 185 53.08 -14.33 -34.22
CA LEU F 185 54.28 -15.10 -33.84
C LEU F 185 55.02 -15.69 -35.03
N SER F 186 56.35 -15.64 -35.00
CA SER F 186 57.14 -16.37 -35.98
C SER F 186 57.08 -17.86 -35.70
N LYS F 187 57.51 -18.65 -36.69
CA LYS F 187 57.56 -20.10 -36.52
C LYS F 187 58.45 -20.43 -35.32
N GLU F 188 59.57 -19.70 -35.20
CA GLU F 188 60.52 -19.89 -34.09
C GLU F 188 59.88 -19.61 -32.73
N ALA F 189 59.09 -18.54 -32.64
CA ALA F 189 58.38 -18.21 -31.39
C ALA F 189 57.40 -19.31 -30.99
N ILE F 190 56.68 -19.86 -32.00
CA ILE F 190 55.76 -20.98 -31.77
C ILE F 190 56.52 -22.23 -31.30
N GLU F 191 57.64 -22.52 -31.96
CA GLU F 191 58.49 -23.64 -31.53
C GLU F 191 58.89 -23.51 -30.06
N GLN F 192 59.25 -22.30 -29.64
CA GLN F 192 59.66 -22.09 -28.24
C GLN F 192 58.54 -22.38 -27.28
N LYS F 193 57.31 -21.96 -27.62
CA LYS F 193 56.15 -22.25 -26.76
C LYS F 193 55.96 -23.76 -26.62
N LEU F 194 56.09 -24.51 -27.72
CA LEU F 194 55.91 -25.98 -27.65
C LEU F 194 56.99 -26.60 -26.81
N CYS F 195 58.22 -26.15 -27.00
CA CYS F 195 59.31 -26.67 -26.22
C CYS F 195 59.10 -26.42 -24.74
N ASP F 196 58.71 -25.18 -24.41
CA ASP F 196 58.58 -24.79 -23.02
C ASP F 196 57.46 -25.52 -22.31
N TYR F 197 56.34 -25.71 -23.02
CA TYR F 197 55.12 -26.20 -22.38
C TYR F 197 54.91 -27.71 -22.46
N LEU F 198 55.48 -28.33 -23.48
CA LEU F 198 55.41 -29.79 -23.62
C LEU F 198 56.65 -30.46 -23.05
N ASN F 199 57.69 -29.65 -22.82
CA ASN F 199 59.05 -30.13 -22.47
C ASN F 199 59.66 -30.96 -23.62
N VAL F 200 59.83 -30.30 -24.76
CA VAL F 200 60.45 -30.95 -25.92
C VAL F 200 61.61 -30.12 -26.43
N GLU F 201 62.47 -30.74 -27.24
CA GLU F 201 63.60 -30.03 -27.83
C GLU F 201 63.61 -30.07 -29.35
N LYS F 202 62.77 -30.92 -29.95
CA LYS F 202 62.69 -30.98 -31.41
C LYS F 202 61.24 -30.90 -31.89
N VAL F 203 60.98 -29.99 -32.81
CA VAL F 203 59.67 -29.81 -33.43
C VAL F 203 59.76 -30.31 -34.86
N LEU F 204 58.98 -31.35 -35.14
CA LEU F 204 58.91 -31.92 -36.47
C LEU F 204 57.71 -31.32 -37.20
N TRP F 205 57.99 -30.59 -38.29
CA TRP F 205 56.91 -29.94 -39.04
C TRP F 205 56.50 -30.72 -40.27
N LEU F 206 55.29 -31.28 -40.22
CA LEU F 206 54.62 -31.65 -41.43
C LEU F 206 54.06 -30.37 -42.08
N GLY F 207 53.69 -30.45 -43.34
CA GLY F 207 53.16 -29.31 -44.08
C GLY F 207 51.64 -29.26 -43.93
N ASP F 208 50.94 -29.79 -44.93
CA ASP F 208 49.48 -29.77 -44.95
C ASP F 208 48.86 -30.85 -44.06
N GLY F 209 47.74 -30.51 -43.42
CA GLY F 209 46.83 -31.52 -42.90
C GLY F 209 45.76 -31.81 -43.96
N ILE F 210 44.73 -32.56 -43.57
CA ILE F 210 43.70 -32.99 -44.52
C ILE F 210 42.35 -32.26 -44.37
N ASP F 211 42.26 -31.37 -43.38
CA ASP F 211 40.99 -30.65 -43.12
C ASP F 211 41.22 -29.13 -43.01
N PRO F 212 41.63 -28.50 -44.12
CA PRO F 212 41.98 -27.09 -44.06
C PRO F 212 40.85 -26.19 -43.56
N GLU F 213 39.61 -26.56 -43.86
CA GLU F 213 38.44 -25.73 -43.48
C GLU F 213 37.94 -25.98 -42.07
N GLU F 214 38.29 -27.12 -41.50
CA GLU F 214 37.72 -27.51 -40.22
C GLU F 214 38.69 -27.09 -39.12
N THR F 215 39.70 -27.90 -38.85
CA THR F 215 40.67 -27.56 -37.80
C THR F 215 41.93 -26.85 -38.33
N ASN F 216 41.95 -26.61 -39.64
CA ASN F 216 43.14 -26.12 -40.36
C ASN F 216 44.25 -27.18 -40.36
N GLY F 217 43.88 -28.45 -40.51
CA GLY F 217 44.88 -29.50 -40.73
C GLY F 217 45.54 -30.07 -39.50
N HIS F 218 44.76 -30.35 -38.46
CA HIS F 218 45.30 -31.02 -37.27
C HIS F 218 46.10 -32.27 -37.61
N VAL F 219 47.24 -32.38 -36.97
CA VAL F 219 48.11 -33.54 -37.17
C VAL F 219 47.43 -34.86 -36.77
N ASP F 220 46.47 -34.81 -35.83
CA ASP F 220 45.87 -36.08 -35.34
C ASP F 220 44.98 -36.82 -36.36
N ASP F 221 44.69 -36.19 -37.49
CA ASP F 221 44.06 -36.88 -38.63
C ASP F 221 45.08 -37.45 -39.63
N VAL F 222 46.36 -37.11 -39.43
CA VAL F 222 47.40 -37.44 -40.40
C VAL F 222 48.41 -38.47 -39.88
N ALA F 223 48.96 -38.23 -38.70
CA ALA F 223 50.06 -39.05 -38.19
C ALA F 223 50.10 -38.97 -36.68
N CYS F 224 50.60 -40.01 -36.04
CA CYS F 224 50.77 -40.00 -34.58
C CYS F 224 51.95 -40.86 -34.16
N PHE F 225 52.32 -40.79 -32.87
CA PHE F 225 53.35 -41.69 -32.34
C PHE F 225 52.72 -42.95 -31.78
N ILE F 226 53.20 -44.10 -32.23
CA ILE F 226 52.72 -45.36 -31.67
C ILE F 226 53.58 -45.78 -30.49
N ALA F 227 54.86 -45.37 -30.50
CA ALA F 227 55.81 -45.67 -29.45
C ALA F 227 57.02 -44.77 -29.71
N PRO F 228 57.95 -44.62 -28.74
CA PRO F 228 59.12 -43.79 -29.08
C PRO F 228 59.81 -44.33 -30.35
N GLY F 229 60.08 -43.41 -31.28
CA GLY F 229 60.76 -43.70 -32.54
C GLY F 229 59.88 -44.32 -33.61
N GLU F 230 58.57 -44.43 -33.34
CA GLU F 230 57.61 -45.11 -34.24
C GLU F 230 56.36 -44.28 -34.46
N VAL F 231 56.02 -44.05 -35.72
CA VAL F 231 54.84 -43.25 -36.08
C VAL F 231 53.91 -44.03 -37.03
N ALA F 232 52.61 -43.73 -36.95
CA ALA F 232 51.66 -44.16 -37.97
C ALA F 232 51.36 -42.99 -38.89
N CYS F 233 51.17 -43.27 -40.17
CA CYS F 233 50.88 -42.19 -41.13
C CYS F 233 49.82 -42.64 -42.12
N ILE F 234 48.81 -41.81 -42.35
CA ILE F 234 47.83 -42.14 -43.38
C ILE F 234 48.49 -42.30 -44.76
N TYR F 235 47.90 -43.16 -45.58
CA TYR F 235 48.43 -43.45 -46.89
C TYR F 235 47.31 -43.87 -47.84
N THR F 236 47.42 -43.41 -49.09
CA THR F 236 46.50 -43.79 -50.14
C THR F 236 47.23 -43.58 -51.46
N GLU F 237 46.85 -44.37 -52.45
CA GLU F 237 47.40 -44.20 -53.80
C GLU F 237 46.29 -43.75 -54.75
N ASP F 238 45.10 -43.47 -54.19
CA ASP F 238 43.99 -42.95 -54.97
C ASP F 238 44.15 -41.44 -55.20
N GLN F 239 44.61 -41.08 -56.39
CA GLN F 239 44.86 -39.67 -56.69
C GLN F 239 43.61 -38.80 -56.73
N ASN F 240 42.44 -39.43 -56.71
CA ASN F 240 41.18 -38.69 -56.59
C ASN F 240 40.79 -38.36 -55.15
N SER F 241 41.45 -39.02 -54.19
CA SER F 241 41.17 -38.76 -52.79
C SER F 241 41.45 -37.31 -52.42
N PRO F 242 40.56 -36.71 -51.61
CA PRO F 242 40.88 -35.37 -51.15
C PRO F 242 42.12 -35.37 -50.25
N PHE F 243 42.51 -36.55 -49.73
CA PHE F 243 43.64 -36.67 -48.80
C PHE F 243 44.94 -37.00 -49.53
N TYR F 244 44.88 -37.22 -50.84
CA TYR F 244 46.03 -37.77 -51.56
C TYR F 244 47.34 -36.99 -51.38
N GLU F 245 47.35 -35.71 -51.75
CA GLU F 245 48.60 -34.93 -51.73
C GLU F 245 49.19 -34.81 -50.33
N ALA F 246 48.34 -34.47 -49.36
CA ALA F 246 48.75 -34.35 -47.96
C ALA F 246 49.27 -35.66 -47.36
N ALA F 247 48.59 -36.78 -47.64
CA ALA F 247 49.05 -38.10 -47.16
C ALA F 247 50.43 -38.44 -47.75
N GLN F 248 50.55 -38.29 -49.07
CA GLN F 248 51.81 -38.50 -49.76
C GLN F 248 52.97 -37.66 -49.22
N ASP F 249 52.74 -36.37 -49.02
CA ASP F 249 53.82 -35.49 -48.53
C ASP F 249 54.19 -35.82 -47.09
N ALA F 250 53.19 -36.13 -46.25
CA ALA F 250 53.48 -36.42 -44.84
C ALA F 250 54.34 -37.68 -44.76
N TYR F 251 53.98 -38.67 -45.58
CA TYR F 251 54.62 -39.96 -45.58
C TYR F 251 56.08 -39.81 -45.96
N GLN F 252 56.33 -39.09 -47.07
CA GLN F 252 57.68 -38.84 -47.54
C GLN F 252 58.53 -38.06 -46.54
N ARG F 253 57.94 -37.05 -45.89
CA ARG F 253 58.64 -36.27 -44.85
C ARG F 253 59.04 -37.16 -43.66
N LEU F 254 58.09 -37.96 -43.17
CA LEU F 254 58.31 -38.80 -42.00
C LEU F 254 59.43 -39.84 -42.18
N LEU F 255 59.55 -40.36 -43.39
CA LEU F 255 60.55 -41.39 -43.66
C LEU F 255 61.96 -40.93 -43.30
N LYS F 256 62.22 -39.63 -43.45
CA LYS F 256 63.58 -39.09 -43.27
C LYS F 256 63.72 -38.23 -42.01
N MET F 257 62.65 -38.16 -41.22
CA MET F 257 62.73 -37.45 -39.97
C MET F 257 63.40 -38.26 -38.87
N THR F 258 64.15 -37.58 -38.01
CA THR F 258 64.67 -38.18 -36.79
C THR F 258 64.03 -37.50 -35.61
N ASP F 259 63.84 -38.24 -34.53
CA ASP F 259 63.29 -37.68 -33.31
C ASP F 259 64.41 -37.03 -32.49
N ALA F 260 64.06 -36.54 -31.29
CA ALA F 260 65.03 -35.85 -30.42
C ALA F 260 66.20 -36.73 -29.98
N LYS F 261 65.99 -38.05 -30.01
CA LYS F 261 67.04 -39.00 -29.63
C LYS F 261 67.82 -39.52 -30.85
N GLY F 262 67.51 -38.99 -32.03
CA GLY F 262 68.29 -39.28 -33.24
C GLY F 262 67.85 -40.56 -33.95
N ARG F 263 66.72 -41.11 -33.52
CA ARG F 263 66.16 -42.29 -34.16
C ARG F 263 65.45 -41.90 -35.46
N GLN F 264 65.79 -42.60 -36.54
CA GLN F 264 65.06 -42.41 -37.76
C GLN F 264 63.71 -43.05 -37.53
N LEU F 265 62.64 -42.30 -37.82
CA LEU F 265 61.28 -42.75 -37.51
C LEU F 265 60.93 -43.98 -38.30
N LYS F 266 60.35 -44.97 -37.62
CA LYS F 266 59.79 -46.16 -38.26
C LYS F 266 58.36 -45.79 -38.59
N VAL F 267 58.01 -45.76 -39.87
CA VAL F 267 56.71 -45.24 -40.32
C VAL F 267 55.82 -46.41 -40.71
N HIS F 268 54.65 -46.50 -40.06
CA HIS F 268 53.70 -47.57 -40.33
C HIS F 268 52.52 -46.96 -41.09
N LYS F 269 52.17 -47.53 -42.25
CA LYS F 269 51.06 -46.99 -43.06
C LYS F 269 49.72 -47.36 -42.44
N LEU F 270 48.79 -46.42 -42.51
CA LEU F 270 47.41 -46.67 -42.13
C LEU F 270 46.54 -46.30 -43.32
N CYS F 271 45.67 -47.22 -43.75
CA CYS F 271 44.78 -46.93 -44.88
C CYS F 271 43.83 -45.74 -44.63
N CYS F 272 43.17 -45.31 -45.71
CA CYS F 272 42.09 -44.32 -45.67
C CYS F 272 40.83 -44.97 -46.24
N PRO F 273 39.65 -44.42 -45.87
CA PRO F 273 38.38 -44.92 -46.44
C PRO F 273 38.40 -44.86 -47.96
N VAL F 274 37.87 -45.89 -48.62
CA VAL F 274 37.84 -45.93 -50.09
C VAL F 274 36.88 -44.85 -50.62
N LYS F 275 35.74 -44.71 -49.94
CA LYS F 275 34.68 -43.82 -50.35
C LYS F 275 34.62 -42.61 -49.43
N ASN F 276 34.33 -41.45 -50.00
CA ASN F 276 34.14 -40.23 -49.20
C ASN F 276 32.90 -40.36 -48.32
N VAL F 277 33.03 -39.94 -47.07
CA VAL F 277 31.87 -39.78 -46.19
C VAL F 277 31.40 -38.34 -46.42
N THR F 278 30.11 -38.15 -46.71
CA THR F 278 29.60 -36.80 -47.01
C THR F 278 28.38 -36.43 -46.20
N ILE F 279 28.23 -35.13 -45.96
CA ILE F 279 26.98 -34.57 -45.44
C ILE F 279 25.89 -34.72 -46.49
N LYS F 280 24.70 -35.11 -46.04
CA LYS F 280 23.52 -35.17 -46.89
C LYS F 280 22.65 -33.95 -46.58
N GLY F 281 22.10 -33.33 -47.61
CA GLY F 281 21.16 -32.22 -47.44
C GLY F 281 19.97 -32.58 -46.55
N SER F 282 19.57 -33.85 -46.58
CA SER F 282 18.51 -34.35 -45.71
C SER F 282 18.81 -34.31 -44.20
N PHE F 283 20.07 -34.16 -43.81
CA PHE F 283 20.40 -34.04 -42.38
C PHE F 283 19.75 -32.81 -41.78
N LYS F 284 19.13 -33.01 -40.61
CA LYS F 284 18.41 -31.92 -39.94
C LYS F 284 19.34 -31.16 -38.98
N ILE F 285 20.05 -30.17 -39.53
CA ILE F 285 21.09 -29.42 -38.84
C ILE F 285 20.73 -27.95 -39.01
N ASP F 286 20.77 -27.19 -37.92
CA ASP F 286 20.41 -25.77 -37.99
C ASP F 286 21.49 -25.00 -38.72
N PHE F 287 21.11 -24.00 -39.52
CA PHE F 287 22.09 -23.03 -40.03
C PHE F 287 22.06 -21.79 -39.14
N VAL F 288 23.25 -21.36 -38.72
CA VAL F 288 23.43 -20.17 -37.90
C VAL F 288 24.62 -19.43 -38.46
N GLU F 289 24.44 -18.17 -38.84
CA GLU F 289 25.57 -17.37 -39.37
C GLU F 289 26.68 -17.35 -38.35
N GLY F 290 27.88 -17.74 -38.76
CA GLY F 290 29.00 -17.79 -37.80
C GLY F 290 29.37 -19.19 -37.36
N THR F 291 28.41 -20.12 -37.51
CA THR F 291 28.67 -21.54 -37.28
C THR F 291 28.94 -22.20 -38.62
N MET F 292 30.01 -22.99 -38.65
CA MET F 292 30.38 -23.75 -39.87
C MET F 292 29.19 -24.48 -40.48
N PRO F 293 28.81 -24.08 -41.71
CA PRO F 293 27.68 -24.79 -42.32
C PRO F 293 27.95 -26.26 -42.60
N ARG F 294 26.88 -27.06 -42.57
CA ARG F 294 26.97 -28.49 -42.93
C ARG F 294 26.04 -28.68 -44.12
N GLU F 295 26.62 -28.63 -45.32
CA GLU F 295 25.84 -28.59 -46.56
C GLU F 295 25.94 -29.88 -47.34
N ASP F 296 24.88 -30.20 -48.09
CA ASP F 296 24.87 -31.37 -48.95
C ASP F 296 26.15 -31.53 -49.76
N GLY F 297 26.76 -32.70 -49.66
CA GLY F 297 27.93 -33.03 -50.45
C GLY F 297 29.24 -32.62 -49.79
N ASP F 298 29.18 -31.93 -48.64
CA ASP F 298 30.41 -31.60 -47.92
C ASP F 298 31.18 -32.90 -47.63
N ILE F 299 32.47 -32.92 -47.96
CA ILE F 299 33.27 -34.10 -47.67
C ILE F 299 33.74 -34.05 -46.23
N CYS F 300 33.39 -35.09 -45.46
CA CYS F 300 33.76 -35.18 -44.04
C CYS F 300 35.14 -35.77 -43.90
N ILE F 301 35.85 -35.37 -42.83
CA ILE F 301 37.25 -35.76 -42.65
C ILE F 301 37.33 -37.12 -41.98
N ALA F 302 37.11 -38.16 -42.76
CA ALA F 302 37.05 -39.48 -42.17
C ALA F 302 38.43 -40.10 -42.26
N SER F 303 39.19 -39.98 -41.17
CA SER F 303 40.51 -40.60 -41.06
C SER F 303 40.54 -41.68 -40.00
N TYR F 304 41.12 -42.84 -40.33
CA TYR F 304 41.31 -43.87 -39.32
C TYR F 304 42.39 -43.50 -38.29
N MET F 305 43.20 -42.47 -38.58
CA MET F 305 44.30 -42.07 -37.70
C MET F 305 43.73 -41.45 -36.41
N ASN F 306 42.47 -41.04 -36.45
CA ASN F 306 41.88 -40.32 -35.29
C ASN F 306 41.39 -41.30 -34.22
N PHE F 307 42.33 -42.15 -33.79
CA PHE F 307 42.09 -43.18 -32.78
C PHE F 307 42.68 -42.78 -31.44
N LEU F 308 42.19 -43.42 -30.38
CA LEU F 308 42.71 -43.14 -29.05
C LEU F 308 43.50 -44.33 -28.54
N ILE F 309 44.74 -44.09 -28.14
CA ILE F 309 45.50 -45.13 -27.43
C ILE F 309 45.19 -44.98 -25.96
N THR F 310 44.75 -46.05 -25.31
CA THR F 310 44.41 -45.95 -23.89
C THR F 310 44.75 -47.25 -23.11
N ASN F 311 45.87 -47.23 -22.39
CA ASN F 311 46.34 -48.39 -21.65
C ASN F 311 46.41 -49.63 -22.56
N ASP F 312 45.72 -50.71 -22.21
CA ASP F 312 45.79 -51.95 -23.00
C ASP F 312 44.89 -51.97 -24.23
N GLY F 313 44.25 -50.84 -24.52
CA GLY F 313 43.32 -50.73 -25.64
C GLY F 313 43.63 -49.66 -26.65
N VAL F 314 43.15 -49.85 -27.87
CA VAL F 314 43.17 -48.81 -28.89
C VAL F 314 41.77 -48.72 -29.49
N ILE F 315 41.20 -47.52 -29.46
CA ILE F 315 39.80 -47.31 -29.89
C ILE F 315 39.83 -46.63 -31.27
N VAL F 316 39.36 -47.35 -32.29
CA VAL F 316 39.61 -46.98 -33.69
C VAL F 316 38.30 -46.63 -34.42
N PRO F 317 38.31 -45.52 -35.20
CA PRO F 317 37.12 -45.16 -36.00
C PRO F 317 36.70 -46.26 -36.97
N GLN F 318 35.39 -46.43 -37.09
CA GLN F 318 34.81 -47.25 -38.14
C GLN F 318 33.76 -46.39 -38.81
N TYR F 319 33.85 -46.28 -40.14
CA TYR F 319 33.01 -45.33 -40.89
C TYR F 319 31.96 -45.99 -41.77
N GLY F 320 31.88 -47.32 -41.72
CA GLY F 320 31.00 -48.07 -42.61
C GLY F 320 31.62 -48.25 -43.99
N ASP F 321 32.93 -48.11 -44.06
CA ASP F 321 33.67 -48.18 -45.32
C ASP F 321 34.23 -49.58 -45.55
N GLU F 322 34.48 -49.91 -46.81
CA GLU F 322 35.09 -51.21 -47.11
C GLU F 322 36.43 -51.42 -46.40
N ASN F 323 37.15 -50.34 -46.10
CA ASN F 323 38.44 -50.42 -45.40
C ASN F 323 38.34 -50.47 -43.86
N ASP F 324 37.12 -50.53 -43.30
CA ASP F 324 36.99 -50.57 -41.82
C ASP F 324 37.81 -51.72 -41.18
N ARG F 325 37.67 -52.92 -41.74
CA ARG F 325 38.40 -54.09 -41.23
C ARG F 325 39.91 -53.95 -41.40
N LEU F 326 40.34 -53.49 -42.58
CA LEU F 326 41.76 -53.29 -42.85
C LEU F 326 42.40 -52.34 -41.84
N ALA F 327 41.69 -51.24 -41.53
CA ALA F 327 42.16 -50.28 -40.53
C ALA F 327 42.40 -50.97 -39.20
N LEU F 328 41.45 -51.80 -38.75
CA LEU F 328 41.63 -52.52 -37.48
C LEU F 328 42.83 -53.47 -37.51
N GLU F 329 43.02 -54.15 -38.65
CA GLU F 329 44.16 -55.04 -38.85
C GLU F 329 45.49 -54.31 -38.77
N GLN F 330 45.54 -53.15 -39.43
CA GLN F 330 46.75 -52.35 -39.47
C GLN F 330 47.11 -51.80 -38.10
N VAL F 331 46.12 -51.28 -37.38
CA VAL F 331 46.35 -50.79 -36.02
C VAL F 331 46.76 -51.92 -35.08
N GLN F 332 46.16 -53.11 -35.25
CA GLN F 332 46.59 -54.25 -34.45
C GLN F 332 48.09 -54.55 -34.61
N THR F 333 48.59 -54.46 -35.83
CA THR F 333 49.99 -54.76 -36.05
C THR F 333 50.91 -53.69 -35.43
N MET F 334 50.42 -52.44 -35.37
CA MET F 334 51.11 -51.33 -34.70
C MET F 334 51.20 -51.54 -33.19
N PHE F 335 50.17 -52.18 -32.62
CA PHE F 335 50.07 -52.41 -31.18
C PHE F 335 49.77 -53.87 -30.92
N PRO F 336 50.76 -54.76 -31.18
CA PRO F 336 50.49 -56.19 -31.18
C PRO F 336 49.98 -56.73 -29.84
N ASP F 337 50.30 -56.04 -28.74
CA ASP F 337 49.89 -56.53 -27.43
C ASP F 337 48.68 -55.82 -26.84
N LYS F 338 48.05 -54.95 -27.64
CA LYS F 338 46.84 -54.29 -27.20
C LYS F 338 45.57 -54.88 -27.85
N LYS F 339 44.43 -54.64 -27.21
CA LYS F 339 43.14 -54.98 -27.80
C LYS F 339 42.62 -53.80 -28.62
N ILE F 340 42.34 -54.07 -29.89
CA ILE F 340 41.90 -53.06 -30.83
C ILE F 340 40.37 -53.12 -30.92
N VAL F 341 39.73 -52.00 -30.61
CA VAL F 341 38.27 -51.95 -30.61
C VAL F 341 37.78 -50.93 -31.63
N GLY F 342 37.08 -51.39 -32.66
CA GLY F 342 36.42 -50.44 -33.58
C GLY F 342 35.08 -49.99 -33.04
N VAL F 343 34.76 -48.73 -33.26
CA VAL F 343 33.44 -48.19 -32.85
C VAL F 343 32.88 -47.43 -34.05
N ASN F 344 31.60 -47.63 -34.35
CA ASN F 344 30.96 -46.93 -35.45
C ASN F 344 30.80 -45.45 -35.10
N THR F 345 31.60 -44.63 -35.77
CA THR F 345 31.66 -43.21 -35.41
C THR F 345 31.41 -42.28 -36.60
N VAL F 346 30.69 -42.75 -37.62
CA VAL F 346 30.37 -41.86 -38.73
C VAL F 346 29.56 -40.64 -38.24
N GLU F 347 28.72 -40.83 -37.21
CA GLU F 347 27.91 -39.71 -36.70
C GLU F 347 28.78 -38.61 -36.06
N VAL F 348 29.93 -38.98 -35.52
CA VAL F 348 30.91 -38.01 -34.98
C VAL F 348 31.58 -37.26 -36.13
N VAL F 349 31.92 -38.00 -37.19
CA VAL F 349 32.67 -37.39 -38.31
C VAL F 349 31.88 -36.31 -39.06
N TYR F 350 30.54 -36.41 -39.08
CA TYR F 350 29.71 -35.36 -39.68
C TYR F 350 29.96 -34.02 -39.00
N GLY F 351 30.40 -34.05 -37.74
CA GLY F 351 30.60 -32.81 -36.99
C GLY F 351 32.01 -32.28 -36.99
N GLY F 352 32.90 -32.97 -37.73
CA GLY F 352 34.25 -32.43 -38.01
C GLY F 352 35.45 -33.16 -37.44
N GLY F 353 35.23 -34.30 -36.79
CA GLY F 353 36.39 -35.04 -36.25
C GLY F 353 36.00 -36.41 -35.78
N ASN F 354 36.83 -37.02 -34.94
CA ASN F 354 36.52 -38.36 -34.51
C ASN F 354 36.98 -38.74 -33.10
N ILE F 355 37.21 -40.03 -32.85
CA ILE F 355 37.44 -40.53 -31.50
C ILE F 355 38.56 -39.76 -30.78
N HIS F 356 39.67 -39.54 -31.48
CA HIS F 356 40.78 -38.86 -30.83
C HIS F 356 40.39 -37.42 -30.40
O AGT F 357 38.03 -34.01 -29.41
C AGT F 357 38.18 -35.10 -29.99
CA AGT F 357 39.22 -35.30 -31.13
N AGT F 357 39.50 -36.73 -31.45
CB AGT F 357 38.55 -34.65 -32.26
SG AGT F 357 38.96 -32.91 -31.99
CZ AGT F 357 39.44 -32.98 -33.71
NH2 AGT F 357 39.42 -34.47 -34.08
NE AGT F 357 38.43 -32.19 -34.43
CD AGT F 357 37.71 -31.14 -33.70
CG AGT F 357 36.74 -30.55 -34.72
CK AGT F 357 35.86 -29.59 -33.98
CJ AGT F 357 35.20 -28.67 -34.94
NB AGT F 357 34.02 -29.33 -35.42
N ILE F 358 37.45 -36.38 -29.58
CA ILE F 358 36.40 -36.18 -28.56
C ILE F 358 36.87 -36.67 -27.19
N THR F 359 38.17 -36.98 -27.10
CA THR F 359 38.71 -37.52 -25.85
C THR F 359 39.93 -36.74 -25.42
N GLN F 360 40.22 -36.80 -24.12
CA GLN F 360 41.47 -36.28 -23.56
C GLN F 360 41.92 -37.23 -22.45
N GLN F 361 43.09 -37.84 -22.63
CA GLN F 361 43.63 -38.72 -21.57
C GLN F 361 44.24 -37.94 -20.41
N GLU F 362 44.27 -38.59 -19.25
CA GLU F 362 44.93 -38.05 -18.07
C GLU F 362 45.94 -39.12 -17.68
N PRO F 363 47.23 -38.81 -17.83
CA PRO F 363 48.25 -39.84 -17.54
C PRO F 363 48.35 -40.23 -16.05
N LYS F 364 48.76 -41.46 -15.75
CA LYS F 364 49.10 -41.81 -14.37
C LYS F 364 50.30 -40.97 -13.90
N ARG F 365 50.29 -40.59 -12.62
CA ARG F 365 51.47 -40.02 -11.97
C ARG F 365 52.48 -41.12 -11.77
N VAL F 366 53.74 -40.80 -11.98
CA VAL F 366 54.80 -41.80 -11.86
C VAL F 366 55.92 -41.27 -10.95
N GLY F 367 56.47 -42.13 -10.10
CA GLY F 367 57.54 -41.74 -9.17
C GLY F 367 57.06 -41.30 -7.80
N GLY F 368 58.01 -40.86 -6.97
CA GLY F 368 57.71 -40.41 -5.62
C GLY F 368 57.49 -41.58 -4.68
N ALA G 2 -32.50 20.74 42.00
CA ALA G 2 -33.97 20.74 42.30
C ALA G 2 -34.60 19.38 41.98
N LYS G 3 -35.86 19.18 42.37
CA LYS G 3 -36.49 17.87 42.16
C LYS G 3 -37.69 17.99 41.24
N ARG G 4 -38.09 16.86 40.64
CA ARG G 4 -39.37 16.79 39.97
C ARG G 4 -40.45 16.48 40.98
N ILE G 5 -41.61 17.13 40.83
CA ILE G 5 -42.79 16.81 41.64
C ILE G 5 -43.61 15.78 40.86
N VAL G 6 -43.80 14.61 41.46
CA VAL G 6 -44.48 13.51 40.79
C VAL G 6 -45.72 13.10 41.59
N GLY G 7 -46.73 12.62 40.88
CA GLY G 7 -47.94 12.09 41.50
C GLY G 7 -48.90 13.15 42.02
N SER G 8 -48.63 14.41 41.71
CA SER G 8 -49.54 15.50 42.07
C SER G 8 -49.52 16.59 41.00
N THR G 9 -50.43 17.56 41.14
CA THR G 9 -50.56 18.66 40.19
C THR G 9 -50.50 19.99 40.97
N PRO G 10 -50.19 21.09 40.26
CA PRO G 10 -50.26 22.41 40.93
C PRO G 10 -51.57 22.64 41.68
N LYS G 11 -52.71 22.36 41.06
CA LYS G 11 -54.00 22.57 41.76
C LYS G 11 -54.09 21.79 43.10
N GLN G 12 -53.68 20.53 43.07
CA GLN G 12 -53.74 19.66 44.25
C GLN G 12 -52.81 20.13 45.36
N ASP G 13 -51.68 20.74 44.93
CA ASP G 13 -50.65 21.21 45.86
C ASP G 13 -50.79 22.67 46.28
N GLY G 14 -51.86 23.32 45.83
CA GLY G 14 -52.12 24.72 46.23
C GLY G 14 -51.29 25.78 45.50
N PHE G 15 -50.81 25.45 44.31
CA PHE G 15 -50.06 26.39 43.45
C PHE G 15 -50.93 26.84 42.27
N ARG G 16 -50.72 28.07 41.79
CA ARG G 16 -51.50 28.65 40.73
C ARG G 16 -50.54 29.43 39.84
N MET G 17 -50.81 29.46 38.54
CA MET G 17 -50.09 30.43 37.71
C MET G 17 -50.69 31.84 37.91
N PRO G 18 -49.87 32.79 38.39
CA PRO G 18 -50.39 34.15 38.56
C PRO G 18 -50.53 34.87 37.22
N GLY G 19 -51.35 35.92 37.19
CA GLY G 19 -51.45 36.75 36.00
C GLY G 19 -50.11 37.38 35.67
N GLU G 20 -49.89 37.69 34.40
CA GLU G 20 -48.64 38.31 33.94
C GLU G 20 -48.49 39.71 34.53
N PHE G 21 -49.62 40.30 34.93
CA PHE G 21 -49.70 41.64 35.57
C PHE G 21 -49.44 41.59 37.08
N GLU G 22 -49.21 40.40 37.64
CA GLU G 22 -48.80 40.25 39.02
C GLU G 22 -47.28 40.47 39.13
N PRO G 23 -46.77 40.86 40.33
CA PRO G 23 -45.33 41.19 40.50
C PRO G 23 -44.37 40.10 40.04
N GLN G 24 -43.27 40.52 39.41
CA GLN G 24 -42.28 39.60 38.84
C GLN G 24 -40.90 39.77 39.46
N GLU G 25 -40.24 38.64 39.70
CA GLU G 25 -38.87 38.65 40.20
C GLU G 25 -37.85 38.86 39.09
N LYS G 26 -38.07 38.20 37.95
CA LYS G 26 -37.11 38.18 36.86
C LYS G 26 -37.82 37.91 35.54
N VAL G 27 -37.13 38.19 34.44
CA VAL G 27 -37.59 37.79 33.12
C VAL G 27 -36.47 37.05 32.38
N TRP G 28 -36.87 36.10 31.53
CA TRP G 28 -35.97 35.21 30.80
C TRP G 28 -36.14 35.41 29.30
N MET G 29 -35.06 35.09 28.56
CA MET G 29 -35.00 35.22 27.11
C MET G 29 -33.92 34.29 26.61
N ILE G 30 -34.11 33.73 25.41
CA ILE G 30 -33.07 32.95 24.72
C ILE G 30 -32.45 33.81 23.60
N TRP G 31 -31.13 33.73 23.44
CA TRP G 31 -30.43 34.49 22.38
C TRP G 31 -30.60 33.80 21.01
N PRO G 32 -31.05 34.57 20.00
CA PRO G 32 -31.39 34.01 18.67
C PRO G 32 -30.20 33.91 17.78
N GLU G 33 -30.21 32.92 16.88
CA GLU G 33 -29.09 32.76 15.95
C GLU G 33 -29.32 31.85 14.74
N ARG G 34 -30.27 30.91 14.78
CA ARG G 34 -30.27 29.89 13.71
C ARG G 34 -30.51 30.49 12.31
N PRO G 35 -29.59 30.19 11.34
CA PRO G 35 -29.63 30.88 10.05
C PRO G 35 -30.70 30.44 9.07
N ASP G 36 -31.40 29.32 9.38
CA ASP G 36 -32.57 28.89 8.58
C ASP G 36 -33.89 29.49 9.13
N ASN G 37 -33.78 30.37 10.13
CA ASN G 37 -34.93 31.20 10.51
C ASN G 37 -34.56 32.67 10.37
N TRP G 38 -33.44 33.03 10.99
CA TRP G 38 -33.06 34.43 11.16
C TRP G 38 -32.09 34.87 10.06
N ARG G 39 -32.45 35.95 9.36
CA ARG G 39 -31.58 36.44 8.26
C ARG G 39 -30.21 36.90 8.77
N ASP G 40 -29.20 36.84 7.91
CA ASP G 40 -27.88 37.37 8.24
C ASP G 40 -27.28 36.72 9.49
N GLY G 41 -27.49 35.42 9.64
CA GLY G 41 -26.97 34.68 10.79
C GLY G 41 -27.44 35.24 12.13
N GLY G 42 -28.59 35.90 12.10
CA GLY G 42 -29.19 36.50 13.28
C GLY G 42 -28.69 37.86 13.71
N LYS G 43 -27.79 38.49 12.93
CA LYS G 43 -27.26 39.77 13.41
C LYS G 43 -28.36 40.82 13.63
N PRO G 44 -29.26 41.05 12.65
CA PRO G 44 -30.33 42.05 12.89
C PRO G 44 -31.22 41.69 14.08
N VAL G 45 -31.63 40.42 14.18
CA VAL G 45 -32.51 40.04 15.29
C VAL G 45 -31.82 40.12 16.64
N GLN G 46 -30.51 39.88 16.69
CA GLN G 46 -29.78 39.95 17.95
C GLN G 46 -29.83 41.37 18.48
N GLU G 47 -29.76 42.36 17.59
CA GLU G 47 -29.87 43.75 18.00
C GLU G 47 -31.27 44.00 18.59
N ALA G 48 -32.31 43.46 17.95
CA ALA G 48 -33.68 43.64 18.42
C ALA G 48 -33.89 42.97 19.78
N PHE G 49 -33.44 41.72 19.95
CA PHE G 49 -33.53 41.04 21.27
C PHE G 49 -32.79 41.87 22.35
N THR G 50 -31.61 42.39 22.01
CA THR G 50 -30.84 43.21 22.94
C THR G 50 -31.66 44.43 23.37
N ASN G 51 -32.32 45.09 22.42
CA ASN G 51 -33.17 46.25 22.73
C ASN G 51 -34.37 45.88 23.59
N VAL G 52 -34.92 44.70 23.36
CA VAL G 52 -36.04 44.21 24.19
C VAL G 52 -35.55 43.93 25.61
N ALA G 53 -34.44 43.18 25.72
CA ALA G 53 -33.80 42.90 27.02
C ALA G 53 -33.47 44.17 27.82
N LYS G 54 -32.88 45.16 27.15
CA LYS G 54 -32.56 46.42 27.78
C LYS G 54 -33.82 47.13 28.30
N ALA G 55 -34.88 47.13 27.49
CA ALA G 55 -36.13 47.80 27.89
C ALA G 55 -36.73 47.15 29.13
N ILE G 56 -36.71 45.81 29.14
CA ILE G 56 -37.27 45.06 30.27
C ILE G 56 -36.48 45.33 31.54
N SER G 57 -35.16 45.36 31.41
CA SER G 57 -34.26 45.55 32.56
C SER G 57 -34.50 46.83 33.35
N GLN G 58 -35.12 47.84 32.71
CA GLN G 58 -35.49 49.09 33.39
C GLN G 58 -36.52 48.84 34.49
N PHE G 59 -37.28 47.77 34.34
CA PHE G 59 -38.41 47.45 35.21
C PHE G 59 -38.19 46.21 36.09
N THR G 60 -37.46 45.23 35.54
CA THR G 60 -37.38 43.89 36.15
C THR G 60 -36.03 43.25 35.79
N PRO G 61 -35.35 42.62 36.78
CA PRO G 61 -34.07 41.94 36.45
C PRO G 61 -34.21 41.00 35.27
N MET G 62 -33.25 41.09 34.35
CA MET G 62 -33.34 40.45 33.05
C MET G 62 -32.23 39.40 32.87
N ASN G 63 -32.55 38.34 32.12
CA ASN G 63 -31.67 37.18 32.00
C ASN G 63 -31.74 36.64 30.59
N VAL G 64 -30.57 36.37 30.00
CA VAL G 64 -30.53 35.81 28.65
C VAL G 64 -29.71 34.53 28.68
N VAL G 65 -30.23 33.48 28.03
CA VAL G 65 -29.51 32.21 27.93
C VAL G 65 -29.08 31.99 26.48
N VAL G 66 -27.93 31.35 26.28
CA VAL G 66 -27.27 31.41 24.97
C VAL G 66 -26.40 30.19 24.72
N SER G 67 -26.32 29.78 23.44
CA SER G 67 -25.52 28.65 23.03
C SER G 67 -24.02 28.83 23.37
N GLN G 68 -23.30 27.70 23.38
CA GLN G 68 -21.87 27.71 23.53
C GLN G 68 -21.19 28.72 22.61
N GLN G 69 -21.54 28.64 21.30
CA GLN G 69 -20.82 29.47 20.30
C GLN G 69 -21.10 30.96 20.50
N GLN G 70 -22.35 31.31 20.83
CA GLN G 70 -22.74 32.74 20.92
C GLN G 70 -22.52 33.35 22.30
N PHE G 71 -22.13 32.53 23.29
CA PHE G 71 -21.96 33.05 24.65
C PHE G 71 -21.14 34.35 24.72
N GLN G 72 -19.91 34.30 24.19
CA GLN G 72 -19.02 35.46 24.34
C GLN G 72 -19.57 36.72 23.65
N ASN G 73 -20.09 36.55 22.43
CA ASN G 73 -20.72 37.67 21.72
C ASN G 73 -21.92 38.24 22.50
N CYS G 74 -22.79 37.34 22.95
CA CYS G 74 -23.98 37.70 23.71
C CYS G 74 -23.62 38.52 24.96
N ARG G 75 -22.64 38.03 25.71
CA ARG G 75 -22.20 38.74 26.93
C ARG G 75 -21.63 40.14 26.60
N ARG G 76 -20.92 40.25 25.47
CA ARG G 76 -20.42 41.55 25.04
C ARG G 76 -21.54 42.51 24.65
N GLN G 77 -22.55 42.00 23.95
CA GLN G 77 -23.63 42.84 23.43
C GLN G 77 -24.53 43.40 24.54
N LEU G 78 -24.77 42.60 25.56
CA LEU G 78 -25.75 42.97 26.60
C LEU G 78 -25.06 43.72 27.73
N PRO G 79 -25.73 44.76 28.28
CA PRO G 79 -25.16 45.47 29.44
C PRO G 79 -24.99 44.53 30.64
N PRO G 80 -24.01 44.84 31.52
CA PRO G 80 -23.66 43.92 32.61
C PRO G 80 -24.78 43.61 33.62
N GLU G 81 -25.74 44.52 33.78
CA GLU G 81 -26.88 44.27 34.67
C GLU G 81 -27.79 43.14 34.18
N ILE G 82 -27.64 42.76 32.91
CA ILE G 82 -28.36 41.59 32.37
C ILE G 82 -27.47 40.36 32.52
N THR G 83 -27.98 39.36 33.24
CA THR G 83 -27.23 38.13 33.53
C THR G 83 -27.28 37.20 32.31
N VAL G 84 -26.15 36.57 32.02
CA VAL G 84 -26.04 35.67 30.85
C VAL G 84 -25.60 34.28 31.28
N TYR G 85 -26.34 33.28 30.80
CA TYR G 85 -26.10 31.87 31.11
C TYR G 85 -25.89 31.12 29.81
N GLU G 86 -24.96 30.18 29.82
CA GLU G 86 -24.93 29.22 28.71
C GLU G 86 -26.11 28.25 28.81
N MET G 87 -26.77 27.99 27.68
CA MET G 87 -27.86 27.00 27.63
C MET G 87 -28.11 26.61 26.20
N SER G 88 -27.98 25.31 25.91
CA SER G 88 -28.27 24.82 24.57
C SER G 88 -29.75 25.03 24.25
N ASN G 89 -30.03 25.23 22.96
CA ASN G 89 -31.38 25.51 22.51
C ASN G 89 -31.42 25.25 21.01
N ASN G 90 -32.62 25.03 20.48
CA ASN G 90 -32.82 24.94 19.02
C ASN G 90 -33.28 26.25 18.37
N ASP G 91 -34.15 26.99 19.05
CA ASP G 91 -34.45 28.37 18.65
C ASP G 91 -34.80 29.20 19.90
N ALA G 92 -35.17 30.44 19.67
CA ALA G 92 -35.12 31.44 20.73
C ALA G 92 -36.49 31.92 21.21
N TRP G 93 -37.38 30.98 21.55
CA TRP G 93 -38.76 31.33 21.89
C TRP G 93 -39.16 30.88 23.29
N VAL G 94 -38.60 31.54 24.30
CA VAL G 94 -38.71 31.03 25.68
C VAL G 94 -40.12 31.15 26.28
N ARG G 95 -40.98 31.96 25.65
CA ARG G 95 -42.41 32.00 26.09
C ARG G 95 -42.99 30.59 25.94
N ASP G 96 -42.49 29.88 24.93
CA ASP G 96 -43.12 28.63 24.46
C ASP G 96 -42.39 27.37 24.87
N CYS G 97 -41.06 27.43 24.99
CA CYS G 97 -40.33 26.28 25.57
C CYS G 97 -39.86 26.50 27.02
N GLY G 98 -40.07 27.70 27.55
CA GLY G 98 -39.72 27.94 28.93
C GLY G 98 -40.69 27.29 29.92
N PRO G 99 -40.37 27.37 31.23
CA PRO G 99 -41.27 26.85 32.26
C PRO G 99 -42.41 27.86 32.46
N SER G 100 -43.59 27.38 32.82
CA SER G 100 -44.64 28.28 33.29
C SER G 100 -44.63 28.22 34.82
N PHE G 101 -44.27 29.34 35.46
CA PHE G 101 -44.11 29.32 36.91
C PHE G 101 -45.46 29.43 37.64
N VAL G 102 -45.57 28.68 38.73
CA VAL G 102 -46.74 28.72 39.60
C VAL G 102 -46.31 29.04 41.04
N ILE G 103 -47.15 29.74 41.79
CA ILE G 103 -46.81 30.10 43.16
C ILE G 103 -47.90 29.65 44.15
N ASN G 104 -47.53 29.42 45.40
CA ASN G 104 -48.54 29.16 46.43
C ASN G 104 -48.75 30.37 47.34
N ASP G 105 -49.54 30.19 48.40
CA ASP G 105 -49.80 31.24 49.40
C ASP G 105 -48.73 31.35 50.50
N HIS G 106 -47.65 30.59 50.37
CA HIS G 106 -46.69 30.42 51.47
C HIS G 106 -45.27 30.84 51.08
N GLY G 107 -45.13 31.63 50.01
CA GLY G 107 -43.82 32.06 49.54
C GLY G 107 -43.02 31.01 48.80
N GLU G 108 -43.70 29.99 48.28
CA GLU G 108 -43.05 28.98 47.43
C GLU G 108 -43.37 29.17 45.95
N ILE G 109 -42.49 28.68 45.09
CA ILE G 109 -42.65 28.77 43.67
C ILE G 109 -42.23 27.44 43.04
N ARG G 110 -42.99 26.98 42.05
CA ARG G 110 -42.63 25.77 41.29
C ARG G 110 -42.77 26.07 39.80
N GLY G 111 -42.23 25.20 38.96
CA GLY G 111 -42.33 25.36 37.51
C GLY G 111 -43.16 24.26 36.91
N VAL G 112 -43.91 24.59 35.85
CA VAL G 112 -44.53 23.55 35.02
C VAL G 112 -43.71 23.44 33.73
N ASP G 113 -43.27 22.23 33.46
CA ASP G 113 -42.41 21.89 32.35
C ASP G 113 -43.32 21.10 31.40
N TRP G 114 -43.88 21.77 30.40
CA TRP G 114 -44.76 21.10 29.44
C TRP G 114 -43.90 20.32 28.46
N THR G 115 -44.50 19.35 27.76
CA THR G 115 -43.76 18.79 26.61
C THR G 115 -43.76 19.82 25.47
N PHE G 116 -42.56 20.14 24.97
CA PHE G 116 -42.44 21.04 23.83
C PHE G 116 -42.17 20.24 22.55
N ASN G 117 -42.78 20.64 21.44
CA ASN G 117 -42.53 19.94 20.18
C ASN G 117 -42.36 20.83 18.95
N ALA G 118 -41.87 22.05 19.18
CA ALA G 118 -41.68 23.04 18.08
C ALA G 118 -42.97 23.31 17.30
N TRP G 119 -44.07 23.49 18.04
CA TRP G 119 -45.35 23.94 17.47
C TRP G 119 -45.89 22.96 16.42
N GLY G 120 -45.92 21.67 16.77
CA GLY G 120 -46.62 20.69 15.98
C GLY G 120 -45.78 19.49 15.60
N GLY G 121 -44.55 19.41 16.11
CA GLY G 121 -43.74 18.19 15.98
C GLY G 121 -43.54 17.80 14.54
N LEU G 122 -43.67 16.50 14.27
CA LEU G 122 -43.46 16.00 12.91
C LEU G 122 -44.71 16.14 12.02
N VAL G 123 -45.83 16.58 12.61
CA VAL G 123 -47.03 16.82 11.83
C VAL G 123 -46.91 18.18 11.12
N ASP G 124 -46.71 19.25 11.89
CA ASP G 124 -46.61 20.59 11.28
C ASP G 124 -45.70 21.55 12.06
N GLY G 125 -44.75 20.97 12.79
CA GLY G 125 -43.74 21.73 13.54
C GLY G 125 -42.83 22.57 12.66
N LEU G 126 -42.11 23.48 13.31
CA LEU G 126 -41.37 24.54 12.60
C LEU G 126 -39.92 24.24 12.28
N TYR G 127 -39.40 23.19 12.93
CA TYR G 127 -38.06 22.65 12.67
C TYR G 127 -37.89 21.33 13.37
N PHE G 128 -36.81 20.62 13.04
CA PHE G 128 -36.52 19.34 13.71
C PHE G 128 -35.01 19.20 13.84
N PRO G 129 -34.49 18.84 15.03
CA PRO G 129 -35.20 18.52 16.27
C PRO G 129 -35.39 19.69 17.24
N TRP G 130 -36.06 19.38 18.35
CA TRP G 130 -36.37 20.37 19.38
C TRP G 130 -35.96 19.82 20.76
N ASP G 131 -35.05 18.84 20.76
CA ASP G 131 -34.62 18.21 22.02
C ASP G 131 -33.95 19.16 23.02
N GLN G 132 -33.17 20.13 22.53
CA GLN G 132 -32.52 21.07 23.46
C GLN G 132 -33.51 22.11 23.94
N ASP G 133 -34.38 22.59 23.05
CA ASP G 133 -35.50 23.46 23.49
C ASP G 133 -36.27 22.81 24.63
N ASP G 134 -36.50 21.52 24.53
CA ASP G 134 -37.38 20.85 25.50
C ASP G 134 -36.71 20.69 26.86
N LEU G 135 -35.41 20.98 26.94
CA LEU G 135 -34.70 20.94 28.24
C LEU G 135 -34.56 22.32 28.92
N VAL G 136 -34.89 23.37 28.20
CA VAL G 136 -34.77 24.74 28.72
C VAL G 136 -35.56 24.93 30.02
N ALA G 137 -36.79 24.39 30.04
CA ALA G 137 -37.65 24.62 31.22
C ALA G 137 -36.99 24.07 32.46
N GLN G 138 -36.47 22.84 32.39
CA GLN G 138 -35.80 22.24 33.56
C GLN G 138 -34.53 23.02 33.93
N LYS G 139 -33.76 23.44 32.91
CA LYS G 139 -32.50 24.11 33.21
C LYS G 139 -32.73 25.43 33.91
N ILE G 140 -33.73 26.17 33.45
CA ILE G 140 -34.10 27.43 34.12
C ILE G 140 -34.58 27.17 35.57
N CYS G 141 -35.40 26.14 35.76
CA CYS G 141 -35.83 25.79 37.11
C CYS G 141 -34.63 25.43 37.99
N GLU G 142 -33.66 24.68 37.45
CA GLU G 142 -32.46 24.37 38.22
C GLU G 142 -31.72 25.64 38.67
N ILE G 143 -31.52 26.56 37.74
CA ILE G 143 -30.87 27.85 38.08
C ILE G 143 -31.59 28.50 39.26
N GLU G 144 -32.92 28.46 39.22
CA GLU G 144 -33.74 29.09 40.27
C GLU G 144 -33.94 28.26 41.54
N HIS G 145 -33.39 27.03 41.56
CA HIS G 145 -33.59 26.06 42.65
C HIS G 145 -35.07 25.78 42.81
N VAL G 146 -35.79 25.69 41.68
CA VAL G 146 -37.21 25.42 41.71
C VAL G 146 -37.60 24.03 41.22
N ASP G 147 -38.43 23.39 42.03
CA ASP G 147 -38.93 22.08 41.71
C ASP G 147 -39.97 22.22 40.61
N SER G 148 -40.13 21.18 39.80
CA SER G 148 -40.98 21.30 38.62
C SER G 148 -41.86 20.08 38.39
N TYR G 149 -43.02 20.33 37.78
CA TYR G 149 -43.93 19.28 37.30
C TYR G 149 -43.68 19.10 35.81
N ARG G 150 -43.42 17.86 35.40
CA ARG G 150 -43.30 17.58 33.98
C ARG G 150 -44.61 16.97 33.49
N THR G 151 -45.17 17.50 32.40
CA THR G 151 -46.44 16.97 31.90
C THR G 151 -46.15 15.95 30.81
N ASP G 152 -45.89 14.71 31.26
CA ASP G 152 -45.59 13.59 30.36
C ASP G 152 -46.68 13.43 29.33
N ASP G 153 -46.27 13.32 28.08
CA ASP G 153 -47.18 13.07 26.97
C ASP G 153 -48.25 14.16 26.77
N PHE G 154 -47.98 15.36 27.28
CA PHE G 154 -48.88 16.47 27.05
C PHE G 154 -48.10 17.66 26.57
N VAL G 155 -48.36 18.04 25.32
CA VAL G 155 -47.65 19.12 24.66
C VAL G 155 -48.38 20.45 24.87
N LEU G 156 -47.64 21.47 25.28
CA LEU G 156 -48.24 22.79 25.44
C LEU G 156 -47.14 23.84 25.36
N GLU G 157 -47.50 25.06 24.94
CA GLU G 157 -46.57 26.20 25.00
C GLU G 157 -47.20 27.33 25.83
N GLY G 158 -46.38 28.02 26.60
CA GLY G 158 -46.82 29.21 27.36
C GLY G 158 -47.59 30.25 26.54
N GLY G 159 -47.23 30.46 25.28
CA GLY G 159 -47.93 31.47 24.46
C GLY G 159 -49.32 31.08 23.94
N SER G 160 -49.72 29.83 24.21
CA SER G 160 -50.99 29.32 23.73
C SER G 160 -52.16 29.54 24.70
N PHE G 161 -51.87 30.08 25.87
CA PHE G 161 -52.92 30.37 26.86
C PHE G 161 -52.57 31.66 27.63
N HIS G 162 -53.59 32.26 28.24
CA HIS G 162 -53.38 33.41 29.11
C HIS G 162 -54.25 33.21 30.34
N VAL G 163 -53.76 33.64 31.50
CA VAL G 163 -54.47 33.43 32.77
C VAL G 163 -54.79 34.76 33.47
N ASP G 164 -55.83 34.78 34.29
CA ASP G 164 -56.09 35.98 35.10
C ASP G 164 -55.57 35.82 36.54
N GLY G 165 -55.15 34.60 36.88
CA GLY G 165 -54.63 34.28 38.21
C GLY G 165 -55.76 34.12 39.22
N GLN G 166 -57.01 34.12 38.72
CA GLN G 166 -58.20 34.02 39.57
C GLN G 166 -59.18 32.97 39.03
N GLY G 167 -58.62 31.91 38.44
CA GLY G 167 -59.38 30.73 38.06
C GLY G 167 -59.80 30.60 36.62
N THR G 168 -59.36 31.55 35.78
CA THR G 168 -59.71 31.54 34.36
C THR G 168 -58.47 31.41 33.47
N VAL G 169 -58.63 30.63 32.40
CA VAL G 169 -57.64 30.60 31.30
C VAL G 169 -58.37 30.88 29.99
N LEU G 170 -57.68 31.60 29.11
CA LEU G 170 -58.16 31.97 27.80
C LEU G 170 -57.22 31.32 26.78
N THR G 171 -57.79 30.66 25.77
CA THR G 171 -56.97 29.92 24.80
C THR G 171 -57.66 29.85 23.41
N THR G 172 -57.08 29.14 22.46
CA THR G 172 -57.70 29.00 21.13
C THR G 172 -57.89 27.53 20.74
N GLU G 173 -59.04 27.23 20.15
CA GLU G 173 -59.29 25.89 19.59
C GLU G 173 -58.32 25.58 18.46
N MET G 174 -58.05 26.57 17.60
CA MET G 174 -57.12 26.38 16.47
C MET G 174 -55.80 25.74 16.93
N CYS G 175 -55.28 26.19 18.06
CA CYS G 175 -53.99 25.69 18.53
C CYS G 175 -54.13 24.37 19.28
N LEU G 176 -54.91 24.39 20.37
CA LEU G 176 -54.87 23.23 21.27
C LEU G 176 -55.52 21.97 20.71
N LEU G 177 -56.46 22.14 19.78
CA LEU G 177 -57.17 20.99 19.21
C LEU G 177 -56.53 20.52 17.92
N SER G 178 -55.38 21.08 17.56
CA SER G 178 -54.75 20.71 16.30
C SER G 178 -54.07 19.33 16.31
N GLU G 179 -53.94 18.74 15.13
CA GLU G 179 -53.39 17.39 14.99
C GLU G 179 -51.97 17.24 15.53
N GLY G 180 -51.16 18.29 15.41
CA GLY G 180 -49.75 18.19 15.79
C GLY G 180 -49.45 18.40 17.25
N ARG G 181 -50.50 18.63 18.07
CA ARG G 181 -50.31 18.87 19.50
C ARG G 181 -50.63 17.60 20.32
N ASN G 182 -51.90 17.41 20.71
CA ASN G 182 -52.32 16.25 21.51
C ASN G 182 -53.51 15.54 20.87
N PRO G 183 -53.30 14.97 19.68
CA PRO G 183 -54.45 14.49 18.89
C PRO G 183 -55.22 13.33 19.52
N GLN G 184 -54.61 12.64 20.47
CA GLN G 184 -55.29 11.54 21.14
C GLN G 184 -56.23 12.00 22.26
N LEU G 185 -56.12 13.28 22.63
CA LEU G 185 -56.93 13.86 23.71
C LEU G 185 -58.17 14.57 23.21
N SER G 186 -59.26 14.41 23.95
CA SER G 186 -60.48 15.16 23.71
C SER G 186 -60.29 16.59 24.21
N LYS G 187 -61.18 17.48 23.78
CA LYS G 187 -61.23 18.85 24.28
C LYS G 187 -61.31 18.85 25.80
N GLU G 188 -62.16 17.97 26.35
CA GLU G 188 -62.35 17.88 27.79
C GLU G 188 -61.06 17.45 28.52
N ALA G 189 -60.34 16.49 27.96
CA ALA G 189 -59.06 16.06 28.54
C ALA G 189 -58.04 17.21 28.57
N ILE G 190 -58.02 18.00 27.50
CA ILE G 190 -57.11 19.15 27.43
C ILE G 190 -57.53 20.22 28.45
N GLU G 191 -58.83 20.48 28.56
CA GLU G 191 -59.35 21.37 29.62
C GLU G 191 -58.86 20.94 30.99
N GLN G 192 -58.90 19.64 31.27
CA GLN G 192 -58.53 19.15 32.58
C GLN G 192 -57.05 19.38 32.84
N LYS G 193 -56.20 19.19 31.82
CA LYS G 193 -54.77 19.48 31.97
C LYS G 193 -54.55 20.94 32.35
N LEU G 194 -55.25 21.84 31.67
CA LEU G 194 -55.09 23.28 31.94
C LEU G 194 -55.54 23.58 33.36
N CYS G 195 -56.69 23.01 33.73
CA CYS G 195 -57.22 23.22 35.07
C CYS G 195 -56.24 22.75 36.14
N ASP G 196 -55.69 21.56 35.94
CA ASP G 196 -54.82 20.92 36.94
C ASP G 196 -53.48 21.63 37.08
N TYR G 197 -52.95 22.10 35.95
CA TYR G 197 -51.57 22.61 35.94
C TYR G 197 -51.48 24.14 36.09
N LEU G 198 -52.54 24.85 35.69
CA LEU G 198 -52.62 26.29 35.90
C LEU G 198 -53.34 26.67 37.17
N ASN G 199 -54.08 25.71 37.72
CA ASN G 199 -55.04 25.92 38.80
C ASN G 199 -56.14 26.89 38.36
N VAL G 200 -56.94 26.41 37.41
CA VAL G 200 -58.08 27.18 36.92
C VAL G 200 -59.31 26.31 36.91
N GLU G 201 -60.48 26.94 36.84
CA GLU G 201 -61.73 26.19 36.83
C GLU G 201 -62.60 26.51 35.62
N LYS G 202 -62.23 27.52 34.84
CA LYS G 202 -62.98 27.87 33.63
C LYS G 202 -62.04 28.08 32.48
N VAL G 203 -62.30 27.38 31.39
CA VAL G 203 -61.51 27.50 30.16
C VAL G 203 -62.36 28.24 29.14
N LEU G 204 -61.88 29.41 28.73
CA LEU G 204 -62.55 30.22 27.73
C LEU G 204 -61.94 29.93 26.38
N TRP G 205 -62.75 29.39 25.47
CA TRP G 205 -62.23 28.98 24.16
C TRP G 205 -62.54 30.02 23.10
N LEU G 206 -61.50 30.69 22.61
CA LEU G 206 -61.62 31.41 21.34
C LEU G 206 -61.45 30.38 20.21
N GLY G 207 -61.81 30.75 18.99
CA GLY G 207 -61.79 29.81 17.87
C GLY G 207 -60.45 29.89 17.16
N ASP G 208 -60.40 30.71 16.11
CA ASP G 208 -59.18 30.86 15.31
C ASP G 208 -58.19 31.84 15.93
N GLY G 209 -56.90 31.53 15.78
CA GLY G 209 -55.84 32.51 15.97
C GLY G 209 -55.54 33.14 14.62
N ILE G 210 -54.45 33.91 14.55
CA ILE G 210 -54.14 34.66 13.33
C ILE G 210 -52.93 34.11 12.57
N ASP G 211 -52.27 33.10 13.14
CA ASP G 211 -51.08 32.51 12.52
C ASP G 211 -51.19 30.98 12.41
N PRO G 212 -52.14 30.50 11.58
CA PRO G 212 -52.38 29.05 11.51
C PRO G 212 -51.15 28.24 11.09
N GLU G 213 -50.29 28.82 10.26
CA GLU G 213 -49.12 28.08 9.76
C GLU G 213 -47.93 28.12 10.71
N GLU G 214 -47.90 29.08 11.62
CA GLU G 214 -46.73 29.29 12.46
C GLU G 214 -46.95 28.57 13.79
N THR G 215 -47.68 29.20 14.72
CA THR G 215 -47.89 28.55 16.02
C THR G 215 -49.23 27.81 16.08
N ASN G 216 -49.95 27.74 14.96
CA ASN G 216 -51.37 27.28 14.90
C ASN G 216 -52.31 28.17 15.72
N GLY G 217 -52.09 29.47 15.66
CA GLY G 217 -53.05 30.41 16.25
C GLY G 217 -52.94 30.66 17.74
N HIS G 218 -51.73 30.86 18.24
CA HIS G 218 -51.51 31.21 19.65
C HIS G 218 -52.37 32.40 20.10
N VAL G 219 -52.99 32.23 21.25
CA VAL G 219 -53.82 33.29 21.83
C VAL G 219 -53.06 34.60 22.08
N ASP G 220 -51.74 34.52 22.32
CA ASP G 220 -50.99 35.73 22.71
C ASP G 220 -50.79 36.73 21.56
N ASP G 221 -51.23 36.38 20.36
CA ASP G 221 -51.28 37.34 19.24
C ASP G 221 -52.69 37.93 19.08
N VAL G 222 -53.64 37.44 19.87
CA VAL G 222 -55.04 37.77 19.66
C VAL G 222 -55.66 38.53 20.85
N ALA G 223 -55.45 38.01 22.07
CA ALA G 223 -56.12 38.57 23.24
C ALA G 223 -55.35 38.20 24.49
N CYS G 224 -55.45 39.03 25.52
CA CYS G 224 -54.79 38.73 26.80
C CYS G 224 -55.53 39.37 27.95
N PHE G 225 -55.13 39.04 29.17
CA PHE G 225 -55.73 39.67 30.36
C PHE G 225 -54.89 40.86 30.75
N ILE G 226 -55.54 42.01 30.91
CA ILE G 226 -54.84 43.19 31.40
C ILE G 226 -54.92 43.29 32.93
N ALA G 227 -55.98 42.71 33.49
CA ALA G 227 -56.26 42.70 34.92
C ALA G 227 -57.39 41.69 35.14
N PRO G 228 -57.64 41.27 36.40
CA PRO G 228 -58.79 40.38 36.56
C PRO G 228 -60.08 41.02 36.01
N GLY G 229 -60.78 40.28 35.15
CA GLY G 229 -62.05 40.73 34.57
C GLY G 229 -61.93 41.67 33.37
N GLU G 230 -60.71 41.92 32.94
CA GLU G 230 -60.44 42.81 31.82
C GLU G 230 -59.49 42.13 30.83
N VAL G 231 -59.87 42.16 29.55
CA VAL G 231 -59.07 41.60 28.48
C VAL G 231 -58.82 42.67 27.44
N ALA G 232 -57.73 42.51 26.69
CA ALA G 232 -57.45 43.26 25.48
C ALA G 232 -57.70 42.32 24.31
N CYS G 233 -58.25 42.84 23.23
CA CYS G 233 -58.49 42.02 22.04
C CYS G 233 -58.14 42.80 20.80
N ILE G 234 -57.52 42.14 19.81
CA ILE G 234 -57.20 42.81 18.55
C ILE G 234 -58.45 43.19 17.78
N TYR G 235 -58.34 44.24 16.97
CA TYR G 235 -59.49 44.75 16.25
C TYR G 235 -59.08 45.40 14.95
N THR G 236 -59.89 45.17 13.92
CA THR G 236 -59.69 45.77 12.61
C THR G 236 -61.00 45.78 11.82
N GLU G 237 -61.24 46.86 11.08
CA GLU G 237 -62.37 46.94 10.16
C GLU G 237 -61.95 46.71 8.71
N ASP G 238 -60.65 46.49 8.50
CA ASP G 238 -60.13 46.15 7.19
C ASP G 238 -60.54 44.72 6.88
N GLN G 239 -61.55 44.58 6.02
CA GLN G 239 -62.10 43.27 5.67
C GLN G 239 -61.18 42.39 4.82
N ASN G 240 -60.16 42.99 4.23
CA ASN G 240 -59.16 42.26 3.44
C ASN G 240 -57.96 41.83 4.27
N SER G 241 -57.96 42.23 5.55
CA SER G 241 -56.89 41.90 6.46
C SER G 241 -56.84 40.40 6.73
N PRO G 242 -55.62 39.81 6.70
CA PRO G 242 -55.50 38.40 7.01
C PRO G 242 -56.04 38.06 8.41
N PHE G 243 -56.09 39.07 9.30
CA PHE G 243 -56.55 38.88 10.70
C PHE G 243 -58.07 39.08 10.90
N TYR G 244 -58.76 39.54 9.85
CA TYR G 244 -60.11 40.11 10.00
C TYR G 244 -61.14 39.20 10.65
N GLU G 245 -61.39 38.04 10.05
CA GLU G 245 -62.36 37.08 10.56
C GLU G 245 -62.04 36.58 11.98
N ALA G 246 -60.77 36.28 12.22
CA ALA G 246 -60.30 35.85 13.55
C ALA G 246 -60.50 36.95 14.60
N ALA G 247 -60.13 38.17 14.24
CA ALA G 247 -60.25 39.32 15.14
C ALA G 247 -61.71 39.61 15.46
N GLN G 248 -62.57 39.55 14.44
CA GLN G 248 -64.01 39.77 14.61
C GLN G 248 -64.67 38.70 15.49
N ASP G 249 -64.29 37.44 15.29
CA ASP G 249 -64.91 36.37 16.06
C ASP G 249 -64.46 36.37 17.51
N ALA G 250 -63.16 36.62 17.75
CA ALA G 250 -62.60 36.65 19.11
C ALA G 250 -63.29 37.74 19.94
N TYR G 251 -63.45 38.91 19.35
CA TYR G 251 -64.06 40.06 20.04
C TYR G 251 -65.52 39.76 20.39
N GLN G 252 -66.25 39.16 19.47
CA GLN G 252 -67.65 38.82 19.68
C GLN G 252 -67.83 37.74 20.74
N ARG G 253 -66.98 36.72 20.71
CA ARG G 253 -66.95 35.70 21.74
C ARG G 253 -66.70 36.32 23.10
N LEU G 254 -65.69 37.20 23.17
CA LEU G 254 -65.32 37.85 24.43
C LEU G 254 -66.43 38.73 24.99
N LEU G 255 -67.19 39.39 24.11
CA LEU G 255 -68.32 40.21 24.58
C LEU G 255 -69.41 39.38 25.28
N LYS G 256 -69.35 38.07 25.10
CA LYS G 256 -70.34 37.18 25.67
C LYS G 256 -69.78 36.34 26.82
N MET G 257 -68.51 36.53 27.17
CA MET G 257 -67.88 35.68 28.17
C MET G 257 -67.84 36.24 29.59
N THR G 258 -68.04 35.35 30.55
CA THR G 258 -67.82 35.69 31.95
C THR G 258 -66.65 34.83 32.45
N ASP G 259 -65.82 35.40 33.33
CA ASP G 259 -64.71 34.66 33.93
C ASP G 259 -65.17 33.70 35.05
N ALA G 260 -64.22 33.06 35.73
CA ALA G 260 -64.53 32.02 36.72
C ALA G 260 -65.28 32.58 37.89
N LYS G 261 -65.06 33.87 38.15
CA LYS G 261 -65.73 34.60 39.24
C LYS G 261 -67.07 35.23 38.83
N GLY G 262 -67.49 34.93 37.61
CA GLY G 262 -68.80 35.34 37.10
C GLY G 262 -68.83 36.76 36.58
N ARG G 263 -67.67 37.40 36.50
CA ARG G 263 -67.57 38.76 35.99
C ARG G 263 -67.69 38.78 34.47
N GLN G 264 -68.56 39.64 33.96
CA GLN G 264 -68.59 39.96 32.54
C GLN G 264 -67.25 40.59 32.14
N LEU G 265 -66.59 40.00 31.14
CA LEU G 265 -65.32 40.55 30.70
C LEU G 265 -65.51 41.92 30.09
N LYS G 266 -64.64 42.85 30.48
CA LYS G 266 -64.59 44.17 29.89
C LYS G 266 -63.53 44.10 28.82
N VAL G 267 -63.92 44.39 27.57
CA VAL G 267 -63.05 44.15 26.41
C VAL G 267 -62.46 45.47 25.86
N HIS G 268 -61.13 45.57 25.88
CA HIS G 268 -60.42 46.77 25.41
C HIS G 268 -59.84 46.47 24.03
N LYS G 269 -60.22 47.28 23.04
CA LYS G 269 -59.71 47.08 21.67
C LYS G 269 -58.25 47.51 21.54
N LEU G 270 -57.50 46.76 20.75
CA LEU G 270 -56.14 47.14 20.36
C LEU G 270 -56.05 47.04 18.84
N CYS G 271 -55.49 48.08 18.24
CA CYS G 271 -55.36 48.13 16.79
C CYS G 271 -54.38 47.08 16.26
N CYS G 272 -54.38 46.93 14.94
CA CYS G 272 -53.45 46.09 14.22
C CYS G 272 -52.69 46.99 13.26
N PRO G 273 -51.50 46.53 12.81
CA PRO G 273 -50.81 47.31 11.78
C PRO G 273 -51.66 47.45 10.52
N VAL G 274 -51.57 48.61 9.88
CA VAL G 274 -52.32 48.88 8.65
C VAL G 274 -51.75 48.06 7.48
N LYS G 275 -50.43 48.00 7.42
CA LYS G 275 -49.72 47.33 6.33
C LYS G 275 -49.16 45.98 6.77
N ASN G 276 -49.22 45.01 5.85
CA ASN G 276 -48.63 43.68 6.08
C ASN G 276 -47.12 43.80 6.20
N VAL G 277 -46.54 43.05 7.11
CA VAL G 277 -45.09 42.91 7.13
C VAL G 277 -44.80 41.67 6.29
N THR G 278 -43.85 41.78 5.37
CA THR G 278 -43.48 40.63 4.55
C THR G 278 -41.98 40.27 4.58
N ILE G 279 -41.70 38.98 4.46
CA ILE G 279 -40.36 38.52 4.12
C ILE G 279 -40.00 39.01 2.72
N LYS G 280 -38.78 39.57 2.60
CA LYS G 280 -38.21 39.93 1.31
C LYS G 280 -37.37 38.70 0.81
N GLY G 281 -37.12 38.54 -0.48
CA GLY G 281 -36.71 39.62 -1.34
C GLY G 281 -35.21 39.49 -1.09
N SER G 282 -34.59 40.57 -0.66
CA SER G 282 -33.18 40.55 -0.27
C SER G 282 -32.79 39.59 0.90
N PHE G 283 -33.74 39.06 1.70
CA PHE G 283 -33.34 38.39 2.97
C PHE G 283 -32.48 37.14 2.81
N LYS G 284 -31.39 37.05 3.58
CA LYS G 284 -30.42 35.97 3.44
C LYS G 284 -30.65 34.97 4.57
N ILE G 285 -31.51 34.00 4.29
CA ILE G 285 -31.96 32.99 5.24
C ILE G 285 -31.78 31.64 4.56
N ASP G 286 -31.19 30.68 5.28
CA ASP G 286 -30.93 29.36 4.72
C ASP G 286 -32.25 28.64 4.55
N PHE G 287 -32.36 27.83 3.48
CA PHE G 287 -33.45 26.87 3.34
C PHE G 287 -32.94 25.50 3.79
N VAL G 288 -33.72 24.85 4.67
CA VAL G 288 -33.42 23.50 5.16
C VAL G 288 -34.73 22.73 5.17
N GLU G 289 -34.76 21.60 4.50
CA GLU G 289 -35.98 20.79 4.47
C GLU G 289 -36.38 20.41 5.90
N GLY G 290 -37.62 20.68 6.27
CA GLY G 290 -38.04 20.42 7.64
C GLY G 290 -38.07 21.67 8.49
N THR G 291 -37.36 22.73 8.08
CA THR G 291 -37.48 24.03 8.73
C THR G 291 -38.46 24.91 7.95
N MET G 292 -39.39 25.54 8.67
CA MET G 292 -40.35 26.45 8.05
C MET G 292 -39.64 27.43 7.09
N PRO G 293 -39.97 27.36 5.78
CA PRO G 293 -39.35 28.29 4.82
C PRO G 293 -39.74 29.74 5.07
N ARG G 294 -38.81 30.63 4.78
CA ARG G 294 -39.09 32.07 4.81
C ARG G 294 -38.95 32.58 3.39
N GLU G 295 -40.08 32.70 2.71
CA GLU G 295 -40.09 32.97 1.26
C GLU G 295 -40.58 34.37 0.97
N ASP G 296 -40.16 34.91 -0.17
CA ASP G 296 -40.58 36.26 -0.59
C ASP G 296 -42.08 36.39 -0.57
N GLY G 297 -42.58 37.45 0.07
CA GLY G 297 -44.01 37.73 0.10
C GLY G 297 -44.75 37.10 1.26
N ASP G 298 -44.08 36.22 2.02
CA ASP G 298 -44.71 35.61 3.18
C ASP G 298 -45.18 36.72 4.09
N ILE G 299 -46.45 36.67 4.47
CA ILE G 299 -47.00 37.63 5.44
C ILE G 299 -46.59 37.24 6.86
N CYS G 300 -45.91 38.15 7.54
CA CYS G 300 -45.45 37.91 8.91
C CYS G 300 -46.54 38.34 9.89
N ILE G 301 -46.67 37.61 10.99
CA ILE G 301 -47.75 37.82 11.96
C ILE G 301 -47.43 38.95 12.93
N ALA G 302 -47.70 40.17 12.46
CA ALA G 302 -47.36 41.36 13.22
C ALA G 302 -48.57 41.80 14.02
N SER G 303 -48.57 41.41 15.29
CA SER G 303 -49.63 41.82 16.21
C SER G 303 -49.07 42.69 17.34
N TYR G 304 -49.75 43.79 17.63
CA TYR G 304 -49.37 44.61 18.78
C TYR G 304 -49.72 43.92 20.10
N MET G 305 -50.54 42.88 20.04
CA MET G 305 -50.97 42.18 21.26
C MET G 305 -49.83 41.39 21.90
N ASN G 306 -48.79 41.12 21.12
CA ASN G 306 -47.65 40.31 21.59
C ASN G 306 -46.68 41.15 22.44
N PHE G 307 -47.25 41.80 23.47
CA PHE G 307 -46.48 42.64 24.39
C PHE G 307 -46.24 41.92 25.71
N LEU G 308 -45.25 42.38 26.48
CA LEU G 308 -44.96 41.82 27.79
C LEU G 308 -45.38 42.81 28.87
N ILE G 309 -46.21 42.35 29.81
CA ILE G 309 -46.46 43.12 31.01
C ILE G 309 -45.39 42.74 32.03
N THR G 310 -44.69 43.73 32.57
CA THR G 310 -43.60 43.43 33.51
C THR G 310 -43.46 44.48 34.62
N ASN G 311 -44.04 44.18 35.79
CA ASN G 311 -44.01 45.13 36.90
C ASN G 311 -44.57 46.48 36.46
N ASP G 312 -43.79 47.56 36.61
CA ASP G 312 -44.28 48.91 36.30
C ASP G 312 -44.22 49.29 34.82
N GLY G 313 -43.78 48.36 33.98
CA GLY G 313 -43.62 48.62 32.55
C GLY G 313 -44.43 47.66 31.67
N VAL G 314 -44.71 48.10 30.46
CA VAL G 314 -45.28 47.25 29.42
C VAL G 314 -44.46 47.48 28.18
N ILE G 315 -43.94 46.39 27.62
CA ILE G 315 -43.03 46.44 26.47
C ILE G 315 -43.81 46.03 25.22
N VAL G 316 -43.97 46.98 24.31
CA VAL G 316 -44.93 46.84 23.20
C VAL G 316 -44.21 46.76 21.84
N PRO G 317 -44.63 45.83 20.97
CA PRO G 317 -44.03 45.78 19.62
C PRO G 317 -44.22 47.07 18.83
N GLN G 318 -43.22 47.39 18.01
CA GLN G 318 -43.30 48.50 17.07
C GLN G 318 -42.76 47.93 15.75
N TYR G 319 -43.53 48.09 14.68
CA TYR G 319 -43.26 47.37 13.42
C TYR G 319 -42.84 48.31 12.29
N GLY G 320 -42.78 49.60 12.60
CA GLY G 320 -42.53 50.64 11.58
C GLY G 320 -43.81 50.96 10.82
N ASP G 321 -44.95 50.62 11.40
CA ASP G 321 -46.25 50.83 10.78
C ASP G 321 -46.85 52.18 11.21
N GLU G 322 -47.76 52.71 10.38
CA GLU G 322 -48.44 53.95 10.73
C GLU G 322 -49.18 53.88 12.09
N ASN G 323 -49.61 52.68 12.48
CA ASN G 323 -50.32 52.47 13.75
C ASN G 323 -49.42 52.23 14.97
N ASP G 324 -48.11 52.39 14.82
CA ASP G 324 -47.18 52.13 15.93
C ASP G 324 -47.54 53.01 17.15
N ARG G 325 -47.79 54.29 16.89
CA ARG G 325 -48.07 55.27 17.94
C ARG G 325 -49.42 54.99 18.58
N LEU G 326 -50.42 54.71 17.74
CA LEU G 326 -51.75 54.37 18.23
C LEU G 326 -51.72 53.18 19.18
N ALA G 327 -50.92 52.16 18.83
CA ALA G 327 -50.76 50.96 19.66
C ALA G 327 -50.27 51.34 21.05
N LEU G 328 -49.28 52.22 21.12
CA LEU G 328 -48.73 52.65 22.41
C LEU G 328 -49.77 53.42 23.23
N GLU G 329 -50.54 54.27 22.54
CA GLU G 329 -51.62 55.02 23.17
C GLU G 329 -52.67 54.13 23.78
N GLN G 330 -53.12 53.16 23.00
CA GLN G 330 -54.13 52.19 23.45
C GLN G 330 -53.66 51.35 24.62
N VAL G 331 -52.43 50.86 24.56
CA VAL G 331 -51.86 50.08 25.67
C VAL G 331 -51.72 50.96 26.92
N GLN G 332 -51.32 52.22 26.76
CA GLN G 332 -51.25 53.14 27.88
C GLN G 332 -52.57 53.25 28.61
N THR G 333 -53.67 53.35 27.86
CA THR G 333 -54.98 53.51 28.50
C THR G 333 -55.41 52.23 29.22
N MET G 334 -54.93 51.07 28.74
CA MET G 334 -55.16 49.79 29.41
C MET G 334 -54.41 49.70 30.74
N PHE G 335 -53.23 50.31 30.79
CA PHE G 335 -52.38 50.29 31.97
C PHE G 335 -52.00 51.72 32.34
N PRO G 336 -52.97 52.48 32.85
CA PRO G 336 -52.74 53.93 33.03
C PRO G 336 -51.59 54.29 33.97
N ASP G 337 -51.26 53.39 34.90
CA ASP G 337 -50.21 53.67 35.87
C ASP G 337 -48.86 53.03 35.55
N LYS G 338 -48.76 52.40 34.39
CA LYS G 338 -47.50 51.83 33.96
C LYS G 338 -46.81 52.69 32.90
N LYS G 339 -45.51 52.44 32.72
CA LYS G 339 -44.72 53.08 31.67
C LYS G 339 -44.71 52.18 30.46
N ILE G 340 -45.21 52.70 29.34
CA ILE G 340 -45.34 51.94 28.10
C ILE G 340 -44.12 52.23 27.25
N VAL G 341 -43.39 51.18 26.88
CA VAL G 341 -42.17 51.32 26.11
C VAL G 341 -42.27 50.55 24.81
N GLY G 342 -42.25 51.27 23.69
CA GLY G 342 -42.19 50.62 22.38
C GLY G 342 -40.78 50.24 22.00
N VAL G 343 -40.63 49.08 21.37
CA VAL G 343 -39.31 48.63 20.87
C VAL G 343 -39.49 48.18 19.43
N ASN G 344 -38.57 48.58 18.55
CA ASN G 344 -38.61 48.20 17.15
C ASN G 344 -38.27 46.73 17.01
N THR G 345 -39.27 45.93 16.69
CA THR G 345 -39.15 44.47 16.72
C THR G 345 -39.56 43.78 15.42
N VAL G 346 -39.55 44.53 14.31
CA VAL G 346 -39.87 43.92 13.01
C VAL G 346 -38.91 42.75 12.72
N GLU G 347 -37.66 42.87 13.15
CA GLU G 347 -36.67 41.80 12.93
C GLU G 347 -37.05 40.50 13.66
N VAL G 348 -37.76 40.63 14.78
CA VAL G 348 -38.25 39.45 15.52
C VAL G 348 -39.45 38.84 14.78
N VAL G 349 -40.30 39.71 14.22
CA VAL G 349 -41.53 39.21 13.55
C VAL G 349 -41.26 38.39 12.28
N TYR G 350 -40.15 38.66 11.60
CA TYR G 350 -39.74 37.84 10.46
C TYR G 350 -39.60 36.38 10.83
N GLY G 351 -39.29 36.09 12.10
CA GLY G 351 -39.00 34.73 12.56
C GLY G 351 -40.22 34.05 13.19
N GLY G 352 -41.36 34.74 13.19
CA GLY G 352 -42.62 34.10 13.56
C GLY G 352 -43.33 34.55 14.81
N GLY G 353 -42.82 35.55 15.52
CA GLY G 353 -43.48 36.04 16.73
C GLY G 353 -42.91 37.35 17.19
N ASN G 354 -43.15 37.70 18.46
CA ASN G 354 -42.65 38.98 18.93
C ASN G 354 -42.30 39.02 20.44
N ILE G 355 -42.40 40.20 21.06
CA ILE G 355 -41.85 40.40 22.41
C ILE G 355 -42.40 39.39 23.43
N HIS G 356 -43.70 39.13 23.37
CA HIS G 356 -44.29 38.21 24.36
C HIS G 356 -43.78 36.76 24.18
O AGT G 357 -41.25 33.73 22.94
C AGT G 357 -41.79 34.82 22.59
CA AGT G 357 -43.30 35.07 22.33
N AGT G 357 -43.70 36.49 22.58
CB AGT G 357 -43.71 34.69 20.91
SG AGT G 357 -43.41 32.86 20.92
CZ AGT G 357 -44.67 32.32 19.73
NH2 AGT G 357 -45.88 33.14 19.91
NE AGT G 357 -44.18 32.45 18.37
CD AGT G 357 -43.16 31.40 18.20
CG AGT G 357 -42.91 31.22 16.71
CK AGT G 357 -41.68 30.35 16.49
CJ AGT G 357 -41.27 30.50 15.02
NB AGT G 357 -39.85 30.79 15.02
N ILE G 358 -40.74 36.06 22.95
CA ILE G 358 -39.33 35.81 23.29
C ILE G 358 -38.99 35.97 24.73
N THR G 359 -40.03 36.07 25.59
CA THR G 359 -39.82 36.28 27.01
C THR G 359 -40.63 35.29 27.84
N GLN G 360 -40.18 35.09 29.07
CA GLN G 360 -40.93 34.33 30.07
C GLN G 360 -40.68 34.97 31.42
N GLN G 361 -41.75 35.44 32.03
CA GLN G 361 -41.67 36.03 33.37
C GLN G 361 -41.52 34.98 34.48
N GLU G 362 -40.88 35.41 35.56
CA GLU G 362 -40.79 34.61 36.77
C GLU G 362 -41.45 35.44 37.88
N PRO G 363 -42.59 34.96 38.42
CA PRO G 363 -43.32 35.78 39.39
C PRO G 363 -42.61 35.85 40.75
N LYS G 364 -42.83 36.94 41.50
CA LYS G 364 -42.32 37.04 42.85
C LYS G 364 -43.03 36.02 43.72
N ARG G 365 -42.29 35.46 44.67
CA ARG G 365 -42.90 34.61 45.70
C ARG G 365 -43.71 35.51 46.63
N VAL G 366 -44.92 35.08 46.96
CA VAL G 366 -45.78 35.83 47.88
C VAL G 366 -45.99 34.97 49.13
N GLY G 367 -45.71 35.58 50.28
CA GLY G 367 -45.20 34.88 51.46
C GLY G 367 -46.14 34.03 52.25
N ALA H 2 -23.35 40.27 34.91
CA ALA H 2 -22.34 40.96 35.79
C ALA H 2 -21.30 41.72 34.96
N LYS H 3 -20.42 42.41 35.67
CA LYS H 3 -19.41 43.31 35.09
C LYS H 3 -17.98 42.79 35.25
N ARG H 4 -17.08 43.12 34.32
CA ARG H 4 -15.65 42.93 34.56
C ARG H 4 -15.15 44.17 35.32
N ILE H 5 -14.32 43.96 36.33
CA ILE H 5 -13.70 45.09 37.06
C ILE H 5 -12.36 45.38 36.38
N VAL H 6 -12.21 46.61 35.89
CA VAL H 6 -11.05 46.98 35.06
C VAL H 6 -10.29 48.17 35.64
N GLY H 7 -8.97 48.08 35.65
CA GLY H 7 -8.12 49.18 36.11
C GLY H 7 -7.81 49.21 37.59
N SER H 8 -8.27 48.19 38.32
CA SER H 8 -7.99 48.08 39.75
C SER H 8 -7.75 46.62 40.10
N THR H 9 -7.10 46.41 41.25
CA THR H 9 -6.81 45.06 41.75
C THR H 9 -7.67 44.78 43.00
N PRO H 10 -7.92 43.50 43.29
CA PRO H 10 -8.59 43.18 44.56
C PRO H 10 -7.97 43.93 45.73
N LYS H 11 -6.63 43.91 45.85
CA LYS H 11 -5.96 44.62 46.95
C LYS H 11 -6.39 46.10 47.03
N GLN H 12 -6.38 46.78 45.89
CA GLN H 12 -6.71 48.21 45.84
C GLN H 12 -8.16 48.48 46.20
N ASP H 13 -9.01 47.51 45.87
CA ASP H 13 -10.45 47.65 46.08
C ASP H 13 -10.93 47.11 47.45
N GLY H 14 -9.98 46.60 48.23
CA GLY H 14 -10.27 46.11 49.58
C GLY H 14 -10.86 44.71 49.65
N PHE H 15 -10.60 43.90 48.62
CA PHE H 15 -11.05 42.50 48.59
C PHE H 15 -9.87 41.56 48.85
N ARG H 16 -10.14 40.43 49.48
CA ARG H 16 -9.09 39.46 49.82
C ARG H 16 -9.64 38.06 49.58
N MET H 17 -8.78 37.14 49.18
CA MET H 17 -9.19 35.75 49.18
C MET H 17 -9.15 35.19 50.60
N PRO H 18 -10.32 34.77 51.11
CA PRO H 18 -10.37 34.23 52.47
C PRO H 18 -9.77 32.83 52.52
N GLY H 19 -9.34 32.38 53.71
CA GLY H 19 -8.88 31.01 53.86
C GLY H 19 -9.99 30.02 53.50
N GLU H 20 -9.60 28.82 53.07
CA GLU H 20 -10.60 27.81 52.70
C GLU H 20 -11.37 27.34 53.95
N PHE H 21 -10.80 27.59 55.12
CA PHE H 21 -11.40 27.26 56.40
C PHE H 21 -12.37 28.36 56.92
N GLU H 22 -12.54 29.43 56.14
CA GLU H 22 -13.54 30.45 56.45
C GLU H 22 -14.90 30.01 55.88
N PRO H 23 -16.02 30.53 56.44
CA PRO H 23 -17.36 30.07 56.05
C PRO H 23 -17.63 30.16 54.55
N GLN H 24 -18.33 29.14 54.04
CA GLN H 24 -18.60 29.02 52.62
C GLN H 24 -20.11 29.01 52.34
N GLU H 25 -20.49 29.73 51.29
CA GLU H 25 -21.86 29.77 50.82
C GLU H 25 -22.21 28.53 50.00
N LYS H 26 -21.30 28.13 49.13
CA LYS H 26 -21.54 26.99 48.25
C LYS H 26 -20.25 26.43 47.70
N VAL H 27 -20.34 25.25 47.08
CA VAL H 27 -19.19 24.63 46.45
C VAL H 27 -19.54 24.24 45.00
N TRP H 28 -18.53 24.31 44.12
CA TRP H 28 -18.68 24.04 42.68
C TRP H 28 -17.86 22.82 42.27
N MET H 29 -18.31 22.18 41.18
CA MET H 29 -17.64 21.02 40.63
C MET H 29 -18.05 20.91 39.16
N ILE H 30 -17.15 20.41 38.32
CA ILE H 30 -17.48 20.08 36.91
C ILE H 30 -17.66 18.56 36.76
N TRP H 31 -18.63 18.15 35.96
CA TRP H 31 -18.88 16.72 35.74
C TRP H 31 -17.86 16.16 34.75
N PRO H 32 -17.20 15.02 35.10
CA PRO H 32 -16.11 14.45 34.29
C PRO H 32 -16.62 13.52 33.20
N GLU H 33 -15.89 13.45 32.08
CA GLU H 33 -16.32 12.58 30.98
C GLU H 33 -15.27 12.27 29.90
N ARG H 34 -14.29 13.15 29.68
CA ARG H 34 -13.45 12.96 28.43
C ARG H 34 -12.72 11.62 28.45
N PRO H 35 -12.88 10.80 27.38
CA PRO H 35 -12.44 9.42 27.37
C PRO H 35 -10.92 9.24 27.14
N ASP H 36 -10.23 10.34 26.78
CA ASP H 36 -8.76 10.33 26.71
C ASP H 36 -8.10 10.70 28.03
N ASN H 37 -8.90 10.87 29.08
CA ASN H 37 -8.34 10.93 30.43
C ASN H 37 -9.00 9.85 31.32
N TRP H 38 -10.32 9.84 31.32
CA TRP H 38 -11.10 8.99 32.20
C TRP H 38 -11.45 7.65 31.55
N ARG H 39 -11.06 6.56 32.19
CA ARG H 39 -11.38 5.21 31.69
C ARG H 39 -12.88 4.96 31.60
N ASP H 40 -13.25 4.10 30.65
CA ASP H 40 -14.66 3.66 30.51
C ASP H 40 -15.59 4.86 30.30
N GLY H 41 -15.12 5.84 29.51
CA GLY H 41 -15.95 7.00 29.16
C GLY H 41 -16.40 7.80 30.37
N GLY H 42 -15.61 7.70 31.44
CA GLY H 42 -15.91 8.38 32.70
C GLY H 42 -16.90 7.72 33.64
N LYS H 43 -17.38 6.51 33.34
CA LYS H 43 -18.40 5.93 34.25
C LYS H 43 -17.89 5.74 35.70
N PRO H 44 -16.72 5.11 35.88
CA PRO H 44 -16.21 4.97 37.25
C PRO H 44 -15.98 6.30 37.95
N VAL H 45 -15.36 7.25 37.28
CA VAL H 45 -15.06 8.54 37.92
C VAL H 45 -16.34 9.35 38.18
N GLN H 46 -17.37 9.16 37.33
CA GLN H 46 -18.63 9.86 37.57
C GLN H 46 -19.25 9.45 38.89
N GLU H 47 -19.11 8.16 39.23
CA GLU H 47 -19.58 7.66 40.52
C GLU H 47 -18.78 8.29 41.67
N ALA H 48 -17.45 8.40 41.50
CA ALA H 48 -16.61 9.03 42.54
C ALA H 48 -16.96 10.50 42.74
N PHE H 49 -17.12 11.25 41.65
CA PHE H 49 -17.51 12.69 41.75
C PHE H 49 -18.88 12.83 42.42
N THR H 50 -19.82 11.94 42.07
CA THR H 50 -21.13 11.92 42.73
C THR H 50 -20.96 11.76 44.23
N ASN H 51 -20.13 10.81 44.64
CA ASN H 51 -19.89 10.55 46.07
C ASN H 51 -19.25 11.75 46.80
N VAL H 52 -18.32 12.41 46.13
CA VAL H 52 -17.71 13.65 46.65
C VAL H 52 -18.75 14.75 46.79
N ALA H 53 -19.54 14.97 45.74
CA ALA H 53 -20.59 15.98 45.75
C ALA H 53 -21.58 15.71 46.89
N LYS H 54 -22.00 14.45 47.05
CA LYS H 54 -22.92 14.07 48.11
C LYS H 54 -22.31 14.34 49.48
N ALA H 55 -21.03 14.02 49.65
CA ALA H 55 -20.38 14.23 50.96
C ALA H 55 -20.34 15.71 51.31
N ILE H 56 -20.01 16.54 50.32
CA ILE H 56 -19.94 17.99 50.50
C ILE H 56 -21.31 18.57 50.85
N SER H 57 -22.35 18.09 50.17
CA SER H 57 -23.71 18.61 50.35
C SER H 57 -24.23 18.48 51.79
N GLN H 58 -23.68 17.56 52.58
CA GLN H 58 -24.06 17.42 54.02
C GLN H 58 -23.69 18.67 54.80
N PHE H 59 -22.69 19.40 54.30
CA PHE H 59 -22.10 20.55 55.02
C PHE H 59 -22.41 21.88 54.36
N THR H 60 -22.52 21.87 53.02
CA THR H 60 -22.53 23.10 52.22
C THR H 60 -23.26 22.87 50.91
N PRO H 61 -24.13 23.83 50.50
CA PRO H 61 -24.85 23.68 49.24
C PRO H 61 -23.89 23.38 48.09
N MET H 62 -24.28 22.40 47.29
CA MET H 62 -23.38 21.84 46.28
C MET H 62 -23.93 22.09 44.87
N ASN H 63 -23.01 22.32 43.93
CA ASN H 63 -23.35 22.63 42.55
C ASN H 63 -22.43 21.89 41.59
N VAL H 64 -23.03 21.33 40.54
CA VAL H 64 -22.27 20.64 39.49
C VAL H 64 -22.63 21.24 38.14
N VAL H 65 -21.61 21.51 37.32
CA VAL H 65 -21.82 22.02 35.97
C VAL H 65 -21.39 20.94 34.98
N VAL H 66 -22.05 20.89 33.82
CA VAL H 66 -21.95 19.71 32.97
C VAL H 66 -22.22 20.04 31.50
N SER H 67 -21.57 19.29 30.61
CA SER H 67 -21.76 19.48 29.15
C SER H 67 -23.20 19.24 28.71
N GLN H 68 -23.50 19.73 27.50
CA GLN H 68 -24.78 19.47 26.85
C GLN H 68 -25.11 17.97 26.87
N GLN H 69 -24.15 17.13 26.46
CA GLN H 69 -24.43 15.70 26.28
C GLN H 69 -24.70 15.02 27.61
N GLN H 70 -23.94 15.38 28.65
CA GLN H 70 -24.06 14.68 29.94
C GLN H 70 -25.09 15.29 30.89
N PHE H 71 -25.68 16.41 30.51
CA PHE H 71 -26.64 17.06 31.42
C PHE H 71 -27.71 16.12 31.99
N GLN H 72 -28.43 15.42 31.10
CA GLN H 72 -29.54 14.59 31.61
C GLN H 72 -29.06 13.45 32.50
N ASN H 73 -27.99 12.77 32.09
CA ASN H 73 -27.40 11.74 32.97
C ASN H 73 -26.94 12.30 34.34
N CYS H 74 -26.20 13.41 34.31
CA CYS H 74 -25.68 14.08 35.49
C CYS H 74 -26.83 14.42 36.47
N ARG H 75 -27.91 15.01 35.93
CA ARG H 75 -29.07 15.38 36.77
C ARG H 75 -29.71 14.15 37.40
N ARG H 76 -29.76 13.04 36.65
CA ARG H 76 -30.32 11.83 37.21
C ARG H 76 -29.44 11.24 38.30
N GLN H 77 -28.12 11.28 38.09
CA GLN H 77 -27.21 10.63 39.07
C GLN H 77 -27.16 11.35 40.40
N LEU H 78 -27.27 12.68 40.36
CA LEU H 78 -27.07 13.51 41.57
C LEU H 78 -28.39 13.71 42.28
N PRO H 79 -28.38 13.66 43.62
CA PRO H 79 -29.63 13.94 44.37
C PRO H 79 -30.11 15.38 44.10
N PRO H 80 -31.44 15.61 44.22
CA PRO H 80 -32.04 16.89 43.84
C PRO H 80 -31.51 18.11 44.60
N GLU H 81 -31.01 17.91 45.83
CA GLU H 81 -30.48 19.05 46.60
C GLU H 81 -29.19 19.62 46.00
N ILE H 82 -28.58 18.88 45.09
CA ILE H 82 -27.41 19.37 44.35
C ILE H 82 -27.93 19.99 43.07
N THR H 83 -27.60 21.26 42.87
CA THR H 83 -28.02 22.03 41.69
C THR H 83 -27.15 21.69 40.48
N VAL H 84 -27.80 21.54 39.33
CA VAL H 84 -27.05 21.19 38.08
C VAL H 84 -27.24 22.26 37.01
N TYR H 85 -26.11 22.75 36.48
CA TYR H 85 -26.10 23.75 35.40
C TYR H 85 -25.44 23.17 34.14
N GLU H 86 -25.96 23.48 32.97
CA GLU H 86 -25.20 23.20 31.76
C GLU H 86 -24.02 24.20 31.68
N MET H 87 -22.84 23.68 31.34
CA MET H 87 -21.68 24.54 31.10
C MET H 87 -20.67 23.75 30.31
N SER H 88 -20.32 24.27 29.14
CA SER H 88 -19.22 23.67 28.35
C SER H 88 -17.90 23.68 29.10
N ASN H 89 -17.09 22.67 28.82
CA ASN H 89 -15.82 22.52 29.51
C ASN H 89 -15.00 21.54 28.71
N ASN H 90 -13.69 21.55 28.96
CA ASN H 90 -12.76 20.59 28.34
C ASN H 90 -12.37 19.44 29.26
N ASP H 91 -12.22 19.70 30.56
CA ASP H 91 -12.11 18.64 31.56
C ASP H 91 -12.64 19.18 32.89
N ALA H 92 -12.54 18.37 33.93
CA ALA H 92 -13.39 18.55 35.11
C ALA H 92 -12.61 18.97 36.37
N TRP H 93 -11.79 20.01 36.23
CA TRP H 93 -10.90 20.42 37.35
C TRP H 93 -11.18 21.85 37.81
N VAL H 94 -12.31 22.06 38.47
CA VAL H 94 -12.78 23.42 38.74
C VAL H 94 -11.94 24.17 39.79
N ARG H 95 -11.13 23.44 40.58
CA ARG H 95 -10.17 24.08 41.47
C ARG H 95 -9.24 24.98 40.64
N ASP H 96 -8.96 24.53 39.41
CA ASP H 96 -7.90 25.11 38.60
C ASP H 96 -8.39 26.04 37.49
N CYS H 97 -9.57 25.76 36.93
CA CYS H 97 -10.14 26.67 35.93
C CYS H 97 -11.30 27.49 36.50
N GLY H 98 -11.70 27.21 37.74
CA GLY H 98 -12.76 28.01 38.37
C GLY H 98 -12.28 29.40 38.74
N PRO H 99 -13.22 30.25 39.21
CA PRO H 99 -12.85 31.57 39.71
C PRO H 99 -12.30 31.42 41.12
N SER H 100 -11.36 32.27 41.52
CA SER H 100 -10.95 32.36 42.92
C SER H 100 -11.72 33.53 43.50
N PHE H 101 -12.65 33.24 44.41
CA PHE H 101 -13.48 34.30 44.98
C PHE H 101 -12.76 35.10 46.05
N VAL H 102 -13.00 36.41 46.03
CA VAL H 102 -12.46 37.35 47.03
C VAL H 102 -13.62 38.11 47.64
N ILE H 103 -13.49 38.42 48.93
CA ILE H 103 -14.55 39.13 49.62
C ILE H 103 -13.95 40.36 50.29
N ASN H 104 -14.82 41.32 50.60
CA ASN H 104 -14.37 42.52 51.29
C ASN H 104 -14.81 42.67 52.76
N ASP H 105 -15.64 41.78 53.26
CA ASP H 105 -16.15 41.96 54.65
C ASP H 105 -16.97 43.26 54.92
N HIS H 106 -17.45 43.88 53.83
CA HIS H 106 -18.59 44.78 53.87
C HIS H 106 -19.76 44.15 53.08
N GLY H 107 -19.80 42.81 53.03
CA GLY H 107 -20.93 42.09 52.45
C GLY H 107 -20.81 41.81 50.97
N GLU H 108 -19.60 41.98 50.43
CA GLU H 108 -19.41 41.98 48.97
C GLU H 108 -18.50 40.87 48.54
N ILE H 109 -18.73 40.33 47.34
CA ILE H 109 -17.89 39.29 46.80
C ILE H 109 -17.58 39.56 45.31
N ARG H 110 -16.35 39.26 44.90
CA ARG H 110 -15.94 39.36 43.51
C ARG H 110 -15.18 38.09 43.15
N GLY H 111 -14.96 37.86 41.86
CA GLY H 111 -14.21 36.67 41.42
C GLY H 111 -12.92 37.10 40.73
N VAL H 112 -11.86 36.32 40.91
CA VAL H 112 -10.65 36.50 40.10
C VAL H 112 -10.67 35.39 39.05
N ASP H 113 -10.57 35.83 37.80
CA ASP H 113 -10.66 34.98 36.63
C ASP H 113 -9.24 34.97 36.07
N TRP H 114 -8.47 33.95 36.42
CA TRP H 114 -7.05 33.86 35.95
C TRP H 114 -7.06 33.35 34.51
N THR H 115 -5.99 33.59 33.76
CA THR H 115 -5.89 32.88 32.47
C THR H 115 -5.58 31.41 32.74
N PHE H 116 -6.39 30.52 32.18
CA PHE H 116 -6.18 29.08 32.31
C PHE H 116 -5.54 28.56 31.03
N ASN H 117 -4.58 27.64 31.14
CA ASN H 117 -4.00 27.02 29.92
C ASN H 117 -3.75 25.53 30.00
N ALA H 118 -4.57 24.83 30.78
CA ALA H 118 -4.45 23.37 30.92
C ALA H 118 -3.06 22.96 31.42
N TRP H 119 -2.59 23.68 32.45
CA TRP H 119 -1.35 23.31 33.16
C TRP H 119 -0.14 23.24 32.23
N GLY H 120 0.05 24.30 31.45
CA GLY H 120 1.29 24.47 30.69
C GLY H 120 1.11 24.74 29.20
N GLY H 121 -0.16 24.85 28.78
CA GLY H 121 -0.49 25.23 27.41
C GLY H 121 0.21 24.37 26.38
N LEU H 122 0.79 25.02 25.36
CA LEU H 122 1.44 24.28 24.29
C LEU H 122 2.87 23.82 24.62
N VAL H 123 3.38 24.26 25.77
CA VAL H 123 4.70 23.84 26.18
C VAL H 123 4.59 22.45 26.82
N ASP H 124 3.78 22.33 27.88
CA ASP H 124 3.63 21.03 28.57
C ASP H 124 2.25 20.81 29.19
N GLY H 125 1.23 21.43 28.57
CA GLY H 125 -0.15 21.30 29.02
C GLY H 125 -0.70 19.90 28.80
N LEU H 126 -1.86 19.62 29.41
CA LEU H 126 -2.35 18.22 29.51
C LEU H 126 -3.35 17.81 28.44
N TYR H 127 -3.81 18.80 27.68
CA TYR H 127 -4.67 18.59 26.52
C TYR H 127 -4.80 19.89 25.74
N PHE H 128 -5.34 19.79 24.54
CA PHE H 128 -5.56 20.97 23.70
C PHE H 128 -6.83 20.73 22.92
N PRO H 129 -7.77 21.72 22.91
CA PRO H 129 -7.74 23.06 23.50
C PRO H 129 -8.36 23.13 24.91
N TRP H 130 -8.34 24.33 25.48
CA TRP H 130 -8.82 24.59 26.84
C TRP H 130 -9.70 25.85 26.83
N ASP H 131 -10.22 26.21 25.65
CA ASP H 131 -11.01 27.44 25.47
C ASP H 131 -12.30 27.42 26.28
N GLN H 132 -12.93 26.25 26.40
CA GLN H 132 -14.17 26.21 27.20
C GLN H 132 -13.87 26.21 28.70
N ASP H 133 -12.84 25.49 29.11
CA ASP H 133 -12.38 25.56 30.51
C ASP H 133 -12.14 27.02 30.90
N ASP H 134 -11.52 27.77 30.00
CA ASP H 134 -11.12 29.15 30.33
C ASP H 134 -12.32 30.11 30.51
N LEU H 135 -13.52 29.69 30.07
CA LEU H 135 -14.74 30.47 30.25
C LEU H 135 -15.54 30.08 31.51
N VAL H 136 -15.14 29.00 32.18
CA VAL H 136 -15.89 28.51 33.35
C VAL H 136 -15.95 29.58 34.45
N ALA H 137 -14.81 30.25 34.68
CA ALA H 137 -14.76 31.20 35.76
C ALA H 137 -15.80 32.30 35.56
N GLN H 138 -15.88 32.85 34.35
CA GLN H 138 -16.82 33.93 34.07
C GLN H 138 -18.26 33.42 34.16
N LYS H 139 -18.51 32.23 33.63
CA LYS H 139 -19.88 31.69 33.68
C LYS H 139 -20.36 31.45 35.10
N ILE H 140 -19.49 30.92 35.95
CA ILE H 140 -19.83 30.75 37.38
C ILE H 140 -20.10 32.11 38.04
N CYS H 141 -19.23 33.09 37.76
CA CYS H 141 -19.47 34.44 38.27
C CYS H 141 -20.81 35.02 37.80
N GLU H 142 -21.15 34.84 36.52
CA GLU H 142 -22.45 35.28 36.02
C GLU H 142 -23.63 34.65 36.78
N ILE H 143 -23.59 33.34 36.94
CA ILE H 143 -24.60 32.62 37.76
C ILE H 143 -24.79 33.30 39.14
N GLU H 144 -23.67 33.66 39.76
CA GLU H 144 -23.66 34.24 41.10
C GLU H 144 -23.89 35.76 41.13
N HIS H 145 -24.07 36.37 39.95
CA HIS H 145 -24.20 37.83 39.79
C HIS H 145 -22.96 38.53 40.36
N VAL H 146 -21.80 37.92 40.16
CA VAL H 146 -20.54 38.40 40.75
C VAL H 146 -19.64 39.05 39.69
N ASP H 147 -19.20 40.27 39.97
CA ASP H 147 -18.23 40.98 39.09
C ASP H 147 -16.86 40.36 39.25
N SER H 148 -16.03 40.43 38.20
CA SER H 148 -14.79 39.67 38.20
C SER H 148 -13.63 40.46 37.63
N TYR H 149 -12.43 40.13 38.10
CA TYR H 149 -11.17 40.66 37.58
C TYR H 149 -10.60 39.58 36.66
N ARG H 150 -10.31 39.93 35.42
CA ARG H 150 -9.61 39.02 34.51
C ARG H 150 -8.12 39.36 34.48
N THR H 151 -7.26 38.38 34.72
CA THR H 151 -5.81 38.61 34.72
C THR H 151 -5.24 38.36 33.34
N ASP H 152 -5.33 39.39 32.51
CA ASP H 152 -4.84 39.33 31.13
C ASP H 152 -3.38 38.92 31.11
N ASP H 153 -3.08 37.91 30.28
CA ASP H 153 -1.70 37.47 30.06
C ASP H 153 -1.00 36.96 31.31
N PHE H 154 -1.77 36.56 32.34
CA PHE H 154 -1.20 35.96 33.52
C PHE H 154 -1.94 34.66 33.78
N VAL H 155 -1.21 33.56 33.67
CA VAL H 155 -1.76 32.21 33.85
C VAL H 155 -1.62 31.75 35.29
N LEU H 156 -2.73 31.26 35.87
CA LEU H 156 -2.66 30.74 37.23
C LEU H 156 -3.78 29.72 37.43
N GLU H 157 -3.58 28.76 38.32
CA GLU H 157 -4.68 27.85 38.75
C GLU H 157 -4.89 27.99 40.27
N GLY H 158 -6.14 27.95 40.69
CA GLY H 158 -6.45 27.86 42.14
C GLY H 158 -5.66 26.83 42.95
N GLY H 159 -5.37 25.65 42.39
CA GLY H 159 -4.67 24.58 43.09
C GLY H 159 -3.19 24.84 43.31
N SER H 160 -2.69 25.91 42.69
CA SER H 160 -1.25 26.19 42.73
C SER H 160 -0.81 27.06 43.91
N PHE H 161 -1.78 27.50 44.70
CA PHE H 161 -1.48 28.36 45.83
C PHE H 161 -2.47 28.09 46.95
N HIS H 162 -2.08 28.45 48.18
CA HIS H 162 -2.98 28.37 49.32
C HIS H 162 -2.82 29.63 50.13
N VAL H 163 -3.94 30.14 50.68
CA VAL H 163 -3.92 31.41 51.43
C VAL H 163 -4.32 31.15 52.89
N ASP H 164 -3.75 31.90 53.83
CA ASP H 164 -4.20 31.80 55.22
C ASP H 164 -5.30 32.82 55.54
N GLY H 165 -5.60 33.68 54.57
CA GLY H 165 -6.60 34.74 54.73
C GLY H 165 -6.11 35.95 55.54
N GLN H 166 -4.84 35.90 55.95
CA GLN H 166 -4.21 36.92 56.81
C GLN H 166 -2.86 37.41 56.27
N GLY H 167 -2.80 37.53 54.94
CA GLY H 167 -1.69 38.18 54.25
C GLY H 167 -0.62 37.27 53.71
N THR H 168 -0.84 35.95 53.80
CA THR H 168 0.17 34.98 53.36
C THR H 168 -0.36 34.07 52.26
N VAL H 169 0.48 33.86 51.27
CA VAL H 169 0.20 32.82 50.25
C VAL H 169 1.36 31.83 50.23
N LEU H 170 1.03 30.55 50.07
CA LEU H 170 1.98 29.47 50.03
C LEU H 170 1.91 28.86 48.63
N THR H 171 3.06 28.71 47.98
CA THR H 171 3.06 28.17 46.61
C THR H 171 4.33 27.36 46.33
N THR H 172 4.50 26.88 45.09
CA THR H 172 5.71 26.16 44.72
C THR H 172 6.43 26.81 43.53
N GLU H 173 7.75 26.84 43.62
CA GLU H 173 8.59 27.27 42.50
C GLU H 173 8.43 26.38 41.29
N MET H 174 8.32 25.06 41.53
CA MET H 174 8.22 24.12 40.43
C MET H 174 7.06 24.49 39.50
N CYS H 175 5.95 24.93 40.08
CA CYS H 175 4.78 25.26 39.25
C CYS H 175 4.88 26.66 38.64
N LEU H 176 4.95 27.67 39.50
CA LEU H 176 4.80 29.05 39.06
C LEU H 176 5.94 29.57 38.18
N LEU H 177 7.12 29.00 38.35
CA LEU H 177 8.30 29.44 37.60
C LEU H 177 8.57 28.61 36.36
N SER H 178 7.65 27.70 36.03
CA SER H 178 7.85 26.79 34.91
C SER H 178 7.63 27.46 33.56
N GLU H 179 8.23 26.86 32.52
CA GLU H 179 8.20 27.44 31.18
C GLU H 179 6.80 27.58 30.57
N GLY H 180 5.87 26.68 30.93
CA GLY H 180 4.58 26.66 30.30
C GLY H 180 3.55 27.57 30.97
N ARG H 181 3.97 28.28 32.02
CA ARG H 181 3.04 29.18 32.73
C ARG H 181 3.20 30.65 32.31
N ASN H 182 4.13 31.38 32.93
CA ASN H 182 4.39 32.80 32.67
C ASN H 182 5.87 33.02 32.46
N PRO H 183 6.43 32.42 31.39
CA PRO H 183 7.88 32.38 31.28
C PRO H 183 8.53 33.75 31.08
N GLN H 184 7.78 34.75 30.64
CA GLN H 184 8.33 36.11 30.44
C GLN H 184 8.47 36.86 31.76
N LEU H 185 7.83 36.35 32.81
CA LEU H 185 7.80 37.05 34.10
C LEU H 185 8.91 36.60 35.07
N SER H 186 9.53 37.57 35.76
CA SER H 186 10.41 37.26 36.88
C SER H 186 9.62 36.74 38.08
N LYS H 187 10.35 36.12 39.02
CA LYS H 187 9.77 35.65 40.29
C LYS H 187 9.09 36.84 40.98
N GLU H 188 9.75 37.98 40.96
CA GLU H 188 9.23 39.19 41.62
C GLU H 188 7.94 39.68 40.95
N ALA H 189 7.89 39.63 39.62
CA ALA H 189 6.66 39.99 38.89
C ALA H 189 5.48 39.07 39.25
N ILE H 190 5.76 37.78 39.38
CA ILE H 190 4.74 36.79 39.77
C ILE H 190 4.27 37.03 41.21
N GLU H 191 5.21 37.29 42.10
CA GLU H 191 4.88 37.65 43.48
C GLU H 191 3.92 38.85 43.53
N GLN H 192 4.20 39.86 42.72
CA GLN H 192 3.36 41.07 42.67
C GLN H 192 1.93 40.75 42.27
N LYS H 193 1.76 39.91 41.24
CA LYS H 193 0.42 39.49 40.85
C LYS H 193 -0.31 38.78 41.98
N LEU H 194 0.38 37.90 42.69
CA LEU H 194 -0.24 37.16 43.79
C LEU H 194 -0.66 38.14 44.88
N CYS H 195 0.22 39.07 45.20
CA CYS H 195 -0.09 40.09 46.22
C CYS H 195 -1.31 40.92 45.82
N ASP H 196 -1.33 41.39 44.57
CA ASP H 196 -2.38 42.27 44.07
C ASP H 196 -3.74 41.58 44.00
N TYR H 197 -3.74 40.31 43.59
CA TYR H 197 -5.00 39.61 43.31
C TYR H 197 -5.57 38.80 44.46
N LEU H 198 -4.69 38.34 45.36
CA LEU H 198 -5.14 37.61 46.54
C LEU H 198 -5.27 38.54 47.75
N ASN H 199 -4.67 39.72 47.64
CA ASN H 199 -4.48 40.65 48.77
C ASN H 199 -3.58 40.02 49.83
N VAL H 200 -2.34 39.76 49.43
CA VAL H 200 -1.34 39.22 50.35
C VAL H 200 -0.11 40.12 50.37
N GLU H 201 0.72 39.97 51.41
CA GLU H 201 1.98 40.70 51.50
C GLU H 201 3.21 39.81 51.54
N LYS H 202 3.00 38.52 51.79
CA LYS H 202 4.13 37.60 51.91
C LYS H 202 3.88 36.34 51.09
N VAL H 203 4.81 36.05 50.20
CA VAL H 203 4.76 34.85 49.36
C VAL H 203 5.79 33.84 49.88
N LEU H 204 5.29 32.71 50.37
CA LEU H 204 6.12 31.63 50.89
C LEU H 204 6.36 30.61 49.78
N TRP H 205 7.62 30.47 49.37
CA TRP H 205 7.95 29.59 48.24
C TRP H 205 8.49 28.25 48.72
N LEU H 206 7.69 27.21 48.51
CA LEU H 206 8.20 25.85 48.54
C LEU H 206 8.92 25.64 47.21
N GLY H 207 9.74 24.59 47.12
CA GLY H 207 10.50 24.30 45.90
C GLY H 207 9.71 23.36 45.01
N ASP H 208 10.00 22.06 45.13
CA ASP H 208 9.33 21.03 44.31
C ASP H 208 7.95 20.65 44.85
N GLY H 209 7.02 20.41 43.92
CA GLY H 209 5.80 19.67 44.21
C GLY H 209 6.07 18.21 43.93
N ILE H 210 5.01 17.39 43.94
CA ILE H 210 5.17 15.95 43.82
C ILE H 210 4.69 15.41 42.47
N ASP H 211 4.13 16.27 41.62
CA ASP H 211 3.62 15.84 40.31
C ASP H 211 4.17 16.73 39.17
N PRO H 212 5.49 16.62 38.93
CA PRO H 212 6.10 17.52 37.95
C PRO H 212 5.49 17.39 36.54
N GLU H 213 5.06 16.20 36.17
CA GLU H 213 4.53 15.97 34.81
C GLU H 213 3.07 16.35 34.66
N GLU H 214 2.34 16.38 35.78
CA GLU H 214 0.90 16.63 35.73
C GLU H 214 0.61 18.12 35.85
N THR H 215 0.53 18.64 37.07
CA THR H 215 0.24 20.08 37.25
C THR H 215 1.52 20.90 37.38
N ASN H 216 2.69 20.26 37.25
CA ASN H 216 4.00 20.87 37.56
C ASN H 216 4.15 21.20 39.04
N GLY H 217 3.65 20.31 39.90
CA GLY H 217 3.90 20.44 41.34
C GLY H 217 2.99 21.37 42.12
N HIS H 218 1.69 21.33 41.84
CA HIS H 218 0.72 22.11 42.63
C HIS H 218 0.90 21.95 44.14
N VAL H 219 0.88 23.08 44.83
CA VAL H 219 1.03 23.08 46.28
C VAL H 219 -0.07 22.25 46.98
N ASP H 220 -1.24 22.11 46.34
CA ASP H 220 -2.38 21.49 47.07
C ASP H 220 -2.27 19.98 47.26
N ASP H 221 -1.22 19.40 46.68
CA ASP H 221 -0.87 17.99 46.95
C ASP H 221 0.20 17.88 48.02
N VAL H 222 0.76 19.03 48.44
CA VAL H 222 1.93 19.06 49.33
C VAL H 222 1.64 19.61 50.72
N ALA H 223 1.01 20.77 50.77
CA ALA H 223 0.84 21.51 52.02
C ALA H 223 -0.34 22.47 51.89
N CYS H 224 -1.01 22.75 53.00
CA CYS H 224 -2.08 23.73 52.97
C CYS H 224 -2.18 24.41 54.33
N PHE H 225 -3.02 25.45 54.43
CA PHE H 225 -3.31 26.08 55.71
C PHE H 225 -4.52 25.43 56.39
N ILE H 226 -4.35 25.06 57.66
CA ILE H 226 -5.47 24.52 58.42
C ILE H 226 -6.18 25.59 59.22
N ALA H 227 -5.45 26.65 59.53
CA ALA H 227 -5.96 27.81 60.26
C ALA H 227 -4.87 28.88 60.14
N PRO H 228 -5.17 30.14 60.49
CA PRO H 228 -4.05 31.10 60.47
C PRO H 228 -2.89 30.64 61.35
N GLY H 229 -1.69 30.64 60.77
CA GLY H 229 -0.47 30.25 61.48
C GLY H 229 -0.18 28.75 61.57
N GLU H 230 -1.05 27.90 60.99
CA GLU H 230 -0.89 26.45 61.07
C GLU H 230 -1.00 25.82 59.70
N VAL H 231 -0.09 24.88 59.41
CA VAL H 231 -0.06 24.19 58.13
C VAL H 231 0.00 22.68 58.28
N ALA H 232 -0.53 21.97 57.29
CA ALA H 232 -0.31 20.54 57.19
C ALA H 232 0.72 20.31 56.09
N CYS H 233 1.55 19.28 56.27
CA CYS H 233 2.55 18.95 55.26
C CYS H 233 2.64 17.43 55.11
N ILE H 234 2.71 16.97 53.87
CA ILE H 234 2.91 15.56 53.61
C ILE H 234 4.24 15.10 54.22
N TYR H 235 4.27 13.85 54.64
CA TYR H 235 5.44 13.31 55.31
C TYR H 235 5.56 11.83 55.01
N THR H 236 6.78 11.39 54.71
CA THR H 236 7.07 9.96 54.57
C THR H 236 8.53 9.69 54.92
N GLU H 237 8.78 8.49 55.47
CA GLU H 237 10.14 8.04 55.77
C GLU H 237 10.64 7.01 54.75
N ASP H 238 9.77 6.62 53.83
CA ASP H 238 10.10 5.70 52.76
C ASP H 238 10.95 6.43 51.71
N GLN H 239 12.26 6.20 51.74
CA GLN H 239 13.16 6.83 50.76
C GLN H 239 12.91 6.31 49.34
N ASN H 240 12.04 5.30 49.23
CA ASN H 240 11.70 4.69 47.94
C ASN H 240 10.44 5.31 47.31
N SER H 241 9.74 6.11 48.10
CA SER H 241 8.58 6.86 47.63
C SER H 241 8.98 7.85 46.54
N PRO H 242 8.12 8.03 45.51
CA PRO H 242 8.32 9.15 44.56
C PRO H 242 8.23 10.52 45.25
N PHE H 243 7.53 10.57 46.39
CA PHE H 243 7.24 11.84 47.08
C PHE H 243 8.35 12.25 48.05
N TYR H 244 9.30 11.34 48.31
CA TYR H 244 10.25 11.49 49.44
C TYR H 244 11.02 12.78 49.47
N GLU H 245 11.81 13.06 48.44
CA GLU H 245 12.65 14.26 48.44
C GLU H 245 11.85 15.56 48.55
N ALA H 246 10.79 15.67 47.76
CA ALA H 246 9.94 16.85 47.77
C ALA H 246 9.23 17.07 49.12
N ALA H 247 8.70 15.99 49.70
CA ALA H 247 8.06 16.06 51.02
C ALA H 247 9.06 16.55 52.07
N GLN H 248 10.25 15.95 52.06
CA GLN H 248 11.31 16.23 53.04
C GLN H 248 11.75 17.68 52.96
N ASP H 249 11.95 18.18 51.73
CA ASP H 249 12.31 19.60 51.55
C ASP H 249 11.21 20.59 51.93
N ALA H 250 9.95 20.27 51.61
CA ALA H 250 8.83 21.12 51.99
C ALA H 250 8.70 21.22 53.51
N TYR H 251 8.87 20.08 54.18
CA TYR H 251 8.77 20.04 55.64
C TYR H 251 9.87 20.93 56.24
N GLN H 252 11.11 20.77 55.79
CA GLN H 252 12.23 21.58 56.29
C GLN H 252 12.06 23.06 56.00
N ARG H 253 11.51 23.39 54.83
CA ARG H 253 11.26 24.78 54.46
C ARG H 253 10.24 25.42 55.38
N LEU H 254 9.15 24.68 55.64
CA LEU H 254 8.03 25.20 56.42
C LEU H 254 8.44 25.46 57.86
N LEU H 255 9.36 24.64 58.36
CA LEU H 255 9.86 24.76 59.74
C LEU H 255 10.72 26.01 59.93
N LYS H 256 11.18 26.59 58.82
CA LYS H 256 11.95 27.83 58.86
C LYS H 256 11.14 29.07 58.44
N MET H 257 9.83 28.90 58.27
CA MET H 257 8.97 29.96 57.71
C MET H 257 8.06 30.65 58.71
N THR H 258 7.96 31.97 58.58
CA THR H 258 6.98 32.75 59.32
C THR H 258 5.96 33.37 58.35
N ASP H 259 4.71 33.49 58.80
CA ASP H 259 3.67 34.08 57.96
C ASP H 259 3.76 35.61 57.98
N ALA H 260 2.77 36.28 57.36
CA ALA H 260 2.78 37.74 57.24
C ALA H 260 2.60 38.43 58.60
N LYS H 261 2.17 37.67 59.61
CA LYS H 261 2.10 38.22 60.98
C LYS H 261 3.28 37.76 61.86
N GLY H 262 4.29 37.17 61.24
CA GLY H 262 5.52 36.78 61.92
C GLY H 262 5.43 35.54 62.79
N ARG H 263 4.27 34.87 62.75
CA ARG H 263 4.04 33.61 63.43
C ARG H 263 4.91 32.49 62.85
N GLN H 264 5.65 31.82 63.72
CA GLN H 264 6.35 30.61 63.31
C GLN H 264 5.27 29.59 62.95
N LEU H 265 5.37 28.99 61.77
CA LEU H 265 4.37 28.06 61.31
C LEU H 265 4.37 26.79 62.16
N LYS H 266 3.21 26.42 62.69
CA LYS H 266 3.07 25.13 63.32
C LYS H 266 2.82 24.12 62.21
N VAL H 267 3.63 23.07 62.15
CA VAL H 267 3.54 22.11 61.05
C VAL H 267 2.97 20.77 61.52
N HIS H 268 1.83 20.41 60.94
CA HIS H 268 1.17 19.12 61.17
C HIS H 268 1.50 18.13 60.06
N LYS H 269 2.04 16.97 60.44
CA LYS H 269 2.35 15.91 59.48
C LYS H 269 1.07 15.24 58.96
N LEU H 270 1.11 14.84 57.69
CA LEU H 270 0.08 13.98 57.12
C LEU H 270 0.77 12.84 56.36
N CYS H 271 0.31 11.61 56.57
CA CYS H 271 0.94 10.44 55.99
C CYS H 271 0.70 10.46 54.48
N CYS H 272 1.39 9.56 53.77
CA CYS H 272 1.15 9.32 52.34
C CYS H 272 0.75 7.87 52.19
N PRO H 273 0.07 7.53 51.08
CA PRO H 273 -0.18 6.10 50.93
C PRO H 273 1.11 5.28 50.89
N VAL H 274 1.08 4.08 51.48
CA VAL H 274 2.23 3.17 51.55
C VAL H 274 2.55 2.59 50.16
N LYS H 275 1.50 2.31 49.40
CA LYS H 275 1.68 1.75 48.06
C LYS H 275 1.35 2.78 46.98
N ASN H 276 2.19 2.81 45.95
CA ASN H 276 1.90 3.58 44.74
C ASN H 276 0.54 3.18 44.15
N VAL H 277 -0.26 4.17 43.76
CA VAL H 277 -1.42 3.94 42.90
C VAL H 277 -0.91 4.03 41.45
N THR H 278 -1.27 3.04 40.63
CA THR H 278 -0.79 3.06 39.24
C THR H 278 -1.92 2.87 38.24
N ILE H 279 -1.72 3.43 37.05
CA ILE H 279 -2.52 3.11 35.88
C ILE H 279 -2.28 1.64 35.48
N LYS H 280 -3.37 0.91 35.25
CA LYS H 280 -3.32 -0.50 34.89
C LYS H 280 -3.50 -0.70 33.38
N GLY H 281 -3.05 -1.89 32.96
CA GLY H 281 -3.30 -2.53 31.67
C GLY H 281 -4.19 -2.00 30.57
N SER H 282 -5.39 -2.57 30.37
CA SER H 282 -6.39 -2.99 31.34
C SER H 282 -7.38 -1.80 31.34
N PHE H 283 -6.93 -0.63 31.80
CA PHE H 283 -7.80 0.54 31.78
C PHE H 283 -8.08 0.92 30.34
N LYS H 284 -9.35 1.22 30.08
CA LYS H 284 -9.81 1.55 28.75
C LYS H 284 -9.85 3.08 28.57
N ILE H 285 -8.71 3.66 28.15
CA ILE H 285 -8.54 5.10 28.04
C ILE H 285 -8.03 5.38 26.62
N ASP H 286 -8.64 6.35 25.94
CA ASP H 286 -8.25 6.72 24.59
C ASP H 286 -6.86 7.36 24.60
N PHE H 287 -6.06 7.06 23.58
CA PHE H 287 -4.85 7.83 23.32
C PHE H 287 -5.11 8.87 22.24
N VAL H 288 -4.75 10.11 22.55
CA VAL H 288 -4.88 11.23 21.61
C VAL H 288 -3.59 12.03 21.68
N GLU H 289 -2.93 12.22 20.54
CA GLU H 289 -1.69 13.00 20.53
C GLU H 289 -1.99 14.41 21.06
N GLY H 290 -1.23 14.85 22.05
CA GLY H 290 -1.51 16.15 22.68
C GLY H 290 -2.21 16.03 24.01
N THR H 291 -2.88 14.89 24.27
CA THR H 291 -3.48 14.63 25.59
C THR H 291 -2.51 13.76 26.40
N MET H 292 -2.33 14.13 27.67
CA MET H 292 -1.43 13.38 28.54
C MET H 292 -1.74 11.87 28.53
N PRO H 293 -0.79 11.05 28.05
CA PRO H 293 -1.07 9.60 28.03
C PRO H 293 -1.27 9.00 29.42
N ARG H 294 -2.14 8.00 29.49
CA ARG H 294 -2.30 7.19 30.72
C ARG H 294 -1.82 5.77 30.40
N GLU H 295 -0.57 5.49 30.76
CA GLU H 295 0.06 4.24 30.34
C GLU H 295 0.26 3.30 31.51
N ASP H 296 0.29 2.01 31.20
CA ASP H 296 0.54 1.00 32.24
C ASP H 296 1.75 1.33 33.10
N GLY H 297 1.56 1.27 34.41
CA GLY H 297 2.65 1.51 35.35
C GLY H 297 2.84 2.96 35.75
N ASP H 298 2.15 3.89 35.08
CA ASP H 298 2.18 5.30 35.46
C ASP H 298 1.84 5.43 36.94
N ILE H 299 2.71 6.08 37.70
CA ILE H 299 2.45 6.37 39.11
C ILE H 299 1.51 7.57 39.23
N CYS H 300 0.36 7.36 39.85
CA CYS H 300 -0.65 8.39 40.02
C CYS H 300 -0.36 9.15 41.31
N ILE H 301 -0.64 10.45 41.31
CA ILE H 301 -0.27 11.31 42.45
C ILE H 301 -1.30 11.28 43.55
N ALA H 302 -1.18 10.26 44.39
CA ALA H 302 -2.18 10.00 45.39
C ALA H 302 -1.69 10.66 46.66
N SER H 303 -2.20 11.86 46.90
CA SER H 303 -1.90 12.57 48.15
C SER H 303 -3.13 12.75 49.02
N TYR H 304 -3.00 12.43 50.32
CA TYR H 304 -4.12 12.73 51.23
C TYR H 304 -4.33 14.23 51.47
N MET H 305 -3.35 15.04 51.06
CA MET H 305 -3.40 16.49 51.27
C MET H 305 -4.47 17.16 50.40
N ASN H 306 -4.87 16.47 49.34
CA ASN H 306 -5.80 17.03 48.38
C ASN H 306 -7.24 16.89 48.89
N PHE H 307 -7.45 17.42 50.10
CA PHE H 307 -8.76 17.42 50.76
C PHE H 307 -9.44 18.78 50.68
N LEU H 308 -10.75 18.82 50.87
CA LEU H 308 -11.51 20.07 50.88
C LEU H 308 -11.95 20.38 52.30
N ILE H 309 -11.60 21.57 52.78
CA ILE H 309 -12.21 22.10 54.00
C ILE H 309 -13.50 22.82 53.60
N THR H 310 -14.62 22.42 54.20
CA THR H 310 -15.90 23.05 53.86
C THR H 310 -16.85 23.21 55.06
N ASN H 311 -16.88 24.41 55.63
CA ASN H 311 -17.70 24.67 56.83
C ASN H 311 -17.37 23.66 57.92
N ASP H 312 -18.37 22.92 58.40
CA ASP H 312 -18.17 21.98 59.51
C ASP H 312 -17.60 20.62 59.13
N GLY H 313 -17.26 20.47 57.84
CA GLY H 313 -16.73 19.21 57.35
C GLY H 313 -15.39 19.32 56.67
N VAL H 314 -14.68 18.20 56.61
CA VAL H 314 -13.47 18.09 55.80
C VAL H 314 -13.60 16.80 55.00
N ILE H 315 -13.46 16.92 53.68
CA ILE H 315 -13.65 15.80 52.74
C ILE H 315 -12.28 15.30 52.28
N VAL H 316 -11.94 14.08 52.70
CA VAL H 316 -10.55 13.59 52.58
C VAL H 316 -10.44 12.40 51.62
N PRO H 317 -9.42 12.41 50.74
CA PRO H 317 -9.21 11.27 49.82
C PRO H 317 -9.02 9.93 50.54
N GLN H 318 -9.58 8.88 49.93
CA GLN H 318 -9.32 7.52 50.38
C GLN H 318 -8.95 6.75 49.12
N TYR H 319 -7.81 6.07 49.16
CA TYR H 319 -7.20 5.47 47.95
C TYR H 319 -7.25 3.94 47.96
N GLY H 320 -7.82 3.37 49.02
CA GLY H 320 -7.77 1.92 49.21
C GLY H 320 -6.42 1.48 49.74
N ASP H 321 -5.69 2.40 50.39
CA ASP H 321 -4.35 2.14 50.91
C ASP H 321 -4.41 1.80 52.38
N GLU H 322 -3.38 1.11 52.87
CA GLU H 322 -3.32 0.79 54.29
C GLU H 322 -3.37 2.04 55.19
N ASN H 323 -2.90 3.18 54.67
CA ASN H 323 -2.89 4.44 55.41
C ASN H 323 -4.18 5.28 55.32
N ASP H 324 -5.22 4.74 54.70
CA ASP H 324 -6.50 5.47 54.58
C ASP H 324 -7.06 5.92 55.94
N ARG H 325 -7.14 4.99 56.90
CA ARG H 325 -7.67 5.34 58.21
C ARG H 325 -6.74 6.31 58.95
N LEU H 326 -5.43 6.07 58.88
CA LEU H 326 -4.46 7.01 59.49
C LEU H 326 -4.66 8.43 58.99
N ALA H 327 -4.85 8.60 57.68
CA ALA H 327 -5.07 9.92 57.11
C ALA H 327 -6.28 10.61 57.73
N LEU H 328 -7.39 9.89 57.84
CA LEU H 328 -8.58 10.42 58.50
C LEU H 328 -8.33 10.83 59.95
N GLU H 329 -7.59 10.01 60.70
CA GLU H 329 -7.21 10.30 62.08
C GLU H 329 -6.38 11.58 62.18
N GLN H 330 -5.42 11.72 61.28
CA GLN H 330 -4.52 12.86 61.31
C GLN H 330 -5.26 14.16 60.96
N VAL H 331 -6.14 14.10 59.96
CA VAL H 331 -6.94 15.26 59.60
C VAL H 331 -7.92 15.63 60.72
N GLN H 332 -8.50 14.62 61.37
CA GLN H 332 -9.38 14.88 62.52
C GLN H 332 -8.65 15.70 63.59
N THR H 333 -7.39 15.38 63.84
CA THR H 333 -6.66 16.09 64.90
C THR H 333 -6.35 17.54 64.50
N MET H 334 -6.19 17.77 63.19
CA MET H 334 -5.99 19.12 62.64
C MET H 334 -7.25 19.97 62.76
N PHE H 335 -8.41 19.33 62.66
CA PHE H 335 -9.70 20.01 62.73
C PHE H 335 -10.56 19.30 63.76
N PRO H 336 -10.23 19.47 65.06
CA PRO H 336 -10.87 18.68 66.11
C PRO H 336 -12.38 18.87 66.20
N ASP H 337 -12.88 20.02 65.76
CA ASP H 337 -14.31 20.31 65.85
C ASP H 337 -15.09 20.11 64.54
N LYS H 338 -14.43 19.58 63.53
CA LYS H 338 -15.11 19.30 62.28
C LYS H 338 -15.38 17.80 62.11
N LYS H 339 -16.33 17.49 61.24
CA LYS H 339 -16.62 16.10 60.85
C LYS H 339 -15.76 15.74 59.67
N ILE H 340 -14.95 14.70 59.82
CA ILE H 340 -14.03 14.26 58.76
C ILE H 340 -14.66 13.11 57.99
N VAL H 341 -14.80 13.31 56.67
CA VAL H 341 -15.48 12.33 55.82
C VAL H 341 -14.52 11.85 54.75
N GLY H 342 -14.16 10.57 54.77
CA GLY H 342 -13.37 9.97 53.71
C GLY H 342 -14.26 9.54 52.55
N VAL H 343 -13.80 9.73 51.31
CA VAL H 343 -14.54 9.27 50.11
C VAL H 343 -13.55 8.51 49.23
N ASN H 344 -13.97 7.35 48.72
CA ASN H 344 -13.13 6.57 47.84
C ASN H 344 -12.97 7.27 46.49
N THR H 345 -11.76 7.77 46.26
CA THR H 345 -11.48 8.64 45.14
C THR H 345 -10.28 8.19 44.30
N VAL H 346 -9.94 6.90 44.40
CA VAL H 346 -8.90 6.37 43.51
C VAL H 346 -9.24 6.63 42.02
N GLU H 347 -10.53 6.56 41.65
CA GLU H 347 -10.93 6.78 40.26
C GLU H 347 -10.62 8.21 39.80
N VAL H 348 -10.59 9.15 40.75
CA VAL H 348 -10.28 10.55 40.41
C VAL H 348 -8.76 10.67 40.21
N VAL H 349 -8.00 9.99 41.07
CA VAL H 349 -6.53 10.09 41.05
C VAL H 349 -5.91 9.55 39.75
N TYR H 350 -6.58 8.58 39.12
CA TYR H 350 -6.13 8.12 37.80
C TYR H 350 -6.03 9.25 36.77
N GLY H 351 -6.88 10.28 36.95
CA GLY H 351 -6.97 11.41 36.00
C GLY H 351 -6.12 12.61 36.37
N GLY H 352 -5.33 12.48 37.44
CA GLY H 352 -4.29 13.48 37.73
C GLY H 352 -4.45 14.33 39.00
N GLY H 353 -5.50 14.07 39.79
CA GLY H 353 -5.67 14.86 41.03
C GLY H 353 -6.76 14.27 41.91
N ASN H 354 -7.29 15.10 42.78
CA ASN H 354 -8.27 14.57 43.72
C ASN H 354 -9.30 15.59 44.24
N ILE H 355 -9.84 15.35 45.44
CA ILE H 355 -11.00 16.07 45.88
C ILE H 355 -10.82 17.59 45.83
N HIS H 356 -9.68 18.07 46.32
CA HIS H 356 -9.44 19.49 46.33
C HIS H 356 -9.45 20.08 44.90
O AGT H 357 -10.10 20.52 40.71
C AGT H 357 -9.92 19.86 41.76
CA AGT H 357 -8.59 19.76 42.51
N AGT H 357 -8.59 19.08 43.84
CB AGT H 357 -7.82 18.86 41.61
SG AGT H 357 -7.19 20.04 40.38
CZ AGT H 357 -5.56 19.37 40.76
NH2 AGT H 357 -5.79 18.57 42.03
NE AGT H 357 -5.05 18.54 39.65
CD AGT H 357 -5.54 18.90 38.31
CG AGT H 357 -4.93 17.89 37.33
CK AGT H 357 -5.68 18.07 36.03
CJ AGT H 357 -5.02 17.36 34.90
NB AGT H 357 -5.34 15.95 34.97
N ILE H 358 -11.08 18.95 42.31
CA ILE H 358 -12.34 18.90 41.52
C ILE H 358 -13.39 19.82 42.13
N THR H 359 -12.97 20.64 43.10
CA THR H 359 -13.91 21.52 43.79
C THR H 359 -13.41 22.95 43.79
N GLN H 360 -14.35 23.90 43.86
CA GLN H 360 -14.07 25.29 44.13
C GLN H 360 -15.08 25.89 45.09
N GLN H 361 -14.59 26.30 46.27
CA GLN H 361 -15.48 26.90 47.27
C GLN H 361 -15.91 28.31 46.87
N GLU H 362 -17.07 28.71 47.36
CA GLU H 362 -17.52 30.09 47.24
C GLU H 362 -17.77 30.61 48.65
N PRO H 363 -16.93 31.54 49.11
CA PRO H 363 -17.05 32.01 50.51
C PRO H 363 -18.33 32.79 50.79
N LYS H 364 -18.82 32.73 52.04
CA LYS H 364 -19.91 33.59 52.48
C LYS H 364 -19.43 35.04 52.47
N ARG H 365 -20.34 35.93 52.09
CA ARG H 365 -20.15 37.39 52.01
C ARG H 365 -19.91 38.16 53.32
N VAL H 366 -19.49 37.51 54.40
CA VAL H 366 -19.34 38.19 55.73
C VAL H 366 -19.64 39.71 55.73
#